data_9L7P
#
_entry.id   9L7P
#
loop_
_entity.id
_entity.type
_entity.pdbx_description
1 polymer 'AAA family ATPase'
2 polymer 'Retron St85 family RNA-directed DNA polymerase'
3 polymer 'TIGR02646 family protein'
4 polymer 'RNA (40-MER)'
5 polymer 'DNA (73-MER)'
6 non-polymer "ADENOSINE-5'-TRIPHOSPHATE"
7 non-polymer 'ZINC ION'
8 non-polymer 'MAGNESIUM ION'
#
loop_
_entity_poly.entity_id
_entity_poly.type
_entity_poly.pdbx_seq_one_letter_code
_entity_poly.pdbx_strand_id
1 'polypeptide(L)'
;MTKQYERKAKGGNLLSAFELYQRNSDKAPGLGEMLVGEWFEMCRDYIQDGHVDESGIFRPDNAFYLRRLTLKDFRRFSLL
EIKLEEDLTVIIGNNGKGKTSILYAIAKTLSWFVANILKEGGSGQRLSEMTDIKNDAEDRYSDVSSTFFFGKGLKSVPIR
LSRSALGTAERRDSEVKPAKDLADIWRVINEVNTINLPTFALYNVERSQPFNRNIKDNTGRREERFDAYSQTLGGAGRFD
HFVEWYIYLHKRTVSDISSSIKELEQQVNDLQRTVDGGMVSVKSLLEQMKFKLSEAIERNDAAVSSRVLTESVQKSIVEK
AICSVVPSISNIWVEMITGSDLVKVTNDGHDVTIDQLSDGQRVFLSLVADLARRMVMLNPLLENPLEGRGIVLIDEIELH
LHPKWQQEVILNLRSAFPNIQFIITTHSPIVLSTIEKRCIREFEPNDDGDQSFLDSPDMQTKGSENAQILEQVMNVHSTP
PGIAESHWLGNFELLLLDNSGELDNHSQVLYDQIKAHFGIDSIELKKADSLIRINKMKNKLNKIRAEKGK
;
A,B,C,D
2 'polypeptide(L)'
;MSVIRGLAAVLRQSDSDISAFLVTAPRKYKVYKIPKRTTGFRVIAQPAKGLKDIQRAFVQLYSLPVHDASMAYMKGKGIR
DNAAAHAGNQYLLKADLEDFFNSITPAIFWRCIEMSSAQTPQFEPQDKLFIEKILFWQPIKRRKTKLILSVGAPSSPVIS
NFCMYEFDNRIHAACKKVEITYTRYADDLTFSSNIPDVLKAVPSTLEVLLKDLFGSALRLNHSKTVFSSKAHNRHVTGIT
INNEETLSLGRDRKRFIKHLINQYKYGLLDNEDKAYLIGLLAFASHIEPSFITRMNEKYSLELMERLRGQR
;
E,F
3 'polypeptide(L)'
;MRELARLERPEILDQYIAGQNDWMEIDQSAVWPKLTEMQGGFCAYCECRLNRCHIEHFRPRGKFPALTFIWNNLFGSCGD
SRKSGGWSRCGIYKDNGAGAYNADDLIKPDEENPDDYLLFLTTGEVVPAIGLTGRALKKAQETIRVFNLNGDIKLFGSRR
TAVQAIMPNVEYLYTLLEEFDEDDWNEMLRDELEKIESDEYKTALKHAWTFNQEFA
;
H
4 'polyribonucleotide'
;ACUCUUUAGCGUUGGACGGUUACGUCUAGUCGGGUGAUUAGCCAGACUCUAACUUAUUGAACGUAUUAAGGGUUGCGAAA
GUGUCGCAACCCGAGAUCGUUCCUCUCUCGGGUUGCGACACUUUCGCUUCCUCAAGUAAAGAGU
;
I,K
5 'polydeoxyribonucleotide'
;(DT)(DT)(DG)(DA)(DG)(DG)(DA)(DA)(DG)(DC)(DG)(DA)(DA)(DA)(DG)(DT)(DG)(DT)(DC)(DG)
(DC)(DA)(DA)(DC)(DC)(DC)(DG)(DA)(DG)(DA)(DG)(DA)(DG)(DG)(DA)(DA)(DC)(DG)(DA)(DT)
(DC)(DT)(DC)(DG)(DG)(DG)(DT)(DT)(DG)(DC)(DG)(DA)(DC)(DA)(DC)(DT)(DT)(DT)(DC)(DG)
(DC)(DA)(DA)(DC)(DC)(DC)(DT)(DT)(DA)(DA)(DT)(DA)(DC)(DG)(DT)(DT)(DC)(DA)
;
J,L
#
# COMPACT_ATOMS: atom_id res chain seq x y z
N GLY A 12 35.90 -33.48 10.74
CA GLY A 12 35.77 -34.38 9.60
C GLY A 12 34.54 -34.05 8.78
N ASN A 13 33.98 -35.04 8.08
CA ASN A 13 32.75 -34.89 7.30
C ASN A 13 31.54 -34.76 8.25
N LEU A 14 30.85 -33.61 8.23
CA LEU A 14 29.69 -33.34 9.10
C LEU A 14 28.49 -34.24 8.79
N LEU A 15 28.26 -34.58 7.51
CA LEU A 15 27.14 -35.42 7.11
C LEU A 15 27.31 -36.88 7.54
N SER A 16 28.55 -37.39 7.57
CA SER A 16 28.86 -38.72 8.12
C SER A 16 28.59 -38.80 9.62
N ALA A 17 29.03 -37.80 10.41
CA ALA A 17 28.78 -37.79 11.85
C ALA A 17 27.28 -37.76 12.16
N PHE A 18 26.51 -36.92 11.46
CA PHE A 18 25.07 -36.84 11.67
C PHE A 18 24.33 -38.13 11.29
N GLU A 19 24.76 -38.81 10.21
CA GLU A 19 24.23 -40.15 9.83
C GLU A 19 24.45 -41.19 10.93
N LEU A 20 25.66 -41.30 11.49
CA LEU A 20 25.93 -42.26 12.56
C LEU A 20 25.11 -41.96 13.82
N TYR A 21 25.03 -40.69 14.22
CA TYR A 21 24.15 -40.28 15.33
C TYR A 21 22.68 -40.65 15.07
N GLN A 22 22.09 -40.12 14.01
CA GLN A 22 20.67 -40.34 13.81
C GLN A 22 20.39 -41.78 13.94
N ARG A 23 20.92 -42.56 13.02
CA ARG A 23 20.73 -43.98 13.08
C ARG A 23 21.46 -44.41 14.30
N ASN A 24 21.22 -45.63 14.76
CA ASN A 24 21.84 -46.13 15.98
C ASN A 24 21.01 -45.64 17.14
N SER A 25 19.81 -45.19 16.86
CA SER A 25 18.94 -44.68 17.91
C SER A 25 17.72 -44.05 17.29
N VAL A 36 26.01 -43.20 21.63
CA VAL A 36 25.85 -42.18 20.57
C VAL A 36 26.60 -40.88 20.87
N GLY A 37 27.13 -40.75 22.10
CA GLY A 37 27.62 -39.48 22.64
C GLY A 37 28.76 -38.86 21.85
N GLU A 38 29.69 -39.66 21.32
CA GLU A 38 30.76 -39.16 20.45
C GLU A 38 30.21 -38.49 19.18
N TRP A 39 29.26 -39.15 18.50
CA TRP A 39 28.70 -38.61 17.26
C TRP A 39 27.87 -37.35 17.49
N PHE A 40 27.15 -37.24 18.61
CA PHE A 40 26.48 -35.99 19.00
C PHE A 40 27.49 -34.88 19.29
N GLU A 41 28.52 -35.16 20.10
CA GLU A 41 29.50 -34.16 20.53
C GLU A 41 30.27 -33.57 19.34
N MET A 42 30.67 -34.41 18.37
CA MET A 42 31.30 -33.94 17.13
C MET A 42 30.41 -32.99 16.33
N CYS A 43 29.10 -33.22 16.27
CA CYS A 43 28.19 -32.32 15.58
C CYS A 43 28.06 -30.96 16.27
N ARG A 44 28.04 -30.91 17.61
CA ARG A 44 27.91 -29.65 18.34
C ARG A 44 29.19 -28.82 18.39
N ASP A 45 30.36 -29.44 18.45
CA ASP A 45 31.64 -28.72 18.45
C ASP A 45 31.96 -28.01 17.13
N TYR A 46 31.68 -28.64 15.98
CA TYR A 46 31.95 -28.06 14.65
C TYR A 46 31.21 -26.72 14.43
N ILE A 47 30.05 -26.55 15.09
CA ILE A 47 29.22 -25.36 15.01
C ILE A 47 29.68 -24.26 15.98
N GLN A 48 30.27 -24.60 17.12
CA GLN A 48 30.50 -23.68 18.25
C GLN A 48 31.94 -23.18 18.43
N ASP A 49 32.96 -23.85 17.88
CA ASP A 49 34.35 -23.43 18.06
C ASP A 49 34.73 -22.11 17.37
N GLY A 50 35.64 -21.36 18.01
CA GLY A 50 36.21 -20.10 17.53
C GLY A 50 37.27 -19.55 18.50
N HIS A 51 37.87 -18.41 18.18
CA HIS A 51 38.90 -17.76 19.04
C HIS A 51 38.84 -16.23 18.98
N VAL A 52 39.59 -15.58 19.87
CA VAL A 52 39.60 -14.11 20.01
C VAL A 52 40.85 -13.53 19.34
N ASP A 53 40.64 -12.56 18.46
CA ASP A 53 41.70 -11.87 17.72
C ASP A 53 42.55 -10.96 18.63
N GLU A 54 43.71 -10.51 18.17
CA GLU A 54 44.58 -9.60 18.94
C GLU A 54 43.97 -8.20 19.20
N SER A 55 42.99 -7.79 18.37
CA SER A 55 42.15 -6.60 18.59
C SER A 55 40.93 -6.86 19.48
N GLY A 56 40.72 -8.09 19.98
CA GLY A 56 39.63 -8.41 20.91
C GLY A 56 38.28 -8.74 20.27
N ILE A 57 38.27 -9.17 19.00
CA ILE A 57 37.06 -9.51 18.23
C ILE A 57 36.96 -11.04 18.09
N PHE A 58 35.78 -11.62 18.31
CA PHE A 58 35.58 -13.06 18.15
C PHE A 58 35.48 -13.47 16.67
N ARG A 59 36.18 -14.53 16.26
CA ARG A 59 36.07 -15.04 14.90
C ARG A 59 35.81 -16.56 14.91
N PRO A 60 34.72 -17.06 14.31
CA PRO A 60 34.33 -18.47 14.29
C PRO A 60 35.25 -19.28 13.37
N ASP A 61 35.42 -20.58 13.62
CA ASP A 61 36.27 -21.44 12.79
C ASP A 61 35.68 -21.79 11.42
N ASN A 62 34.36 -21.71 11.22
CA ASN A 62 33.68 -22.05 9.98
C ASN A 62 32.74 -20.92 9.51
N ALA A 63 33.12 -20.21 8.44
CA ALA A 63 32.32 -19.13 7.87
C ALA A 63 31.18 -19.63 6.97
N PHE A 64 30.14 -18.82 6.76
CA PHE A 64 29.01 -19.11 5.88
C PHE A 64 28.76 -17.93 4.92
N TYR A 65 28.78 -18.14 3.60
CA TYR A 65 28.51 -17.08 2.61
C TYR A 65 28.16 -17.64 1.21
N LEU A 66 27.57 -16.80 0.36
CA LEU A 66 27.21 -17.09 -1.04
C LEU A 66 28.38 -16.84 -1.99
N ARG A 67 28.61 -17.69 -3.01
CA ARG A 67 29.75 -17.57 -3.95
C ARG A 67 29.41 -17.16 -5.39
N ARG A 68 28.36 -17.72 -5.98
CA ARG A 68 27.95 -17.40 -7.35
C ARG A 68 26.46 -17.41 -7.69
N LEU A 69 26.06 -16.69 -8.73
CA LEU A 69 24.69 -16.59 -9.22
C LEU A 69 24.67 -16.74 -10.75
N THR A 70 23.62 -17.34 -11.33
CA THR A 70 23.43 -17.42 -12.79
C THR A 70 21.95 -17.36 -13.18
N LEU A 71 21.62 -16.66 -14.27
CA LEU A 71 20.24 -16.45 -14.73
C LEU A 71 20.09 -16.84 -16.21
N LYS A 72 19.02 -17.55 -16.58
CA LYS A 72 18.73 -17.97 -17.96
C LYS A 72 17.28 -17.67 -18.36
N ASP A 73 17.08 -17.01 -19.50
CA ASP A 73 15.77 -16.65 -20.06
C ASP A 73 14.81 -15.99 -19.05
N PHE A 74 15.38 -15.20 -18.14
CA PHE A 74 14.59 -14.56 -17.09
C PHE A 74 13.80 -13.41 -17.65
N ARG A 75 13.90 -12.22 -17.10
CA ARG A 75 13.21 -11.10 -17.67
C ARG A 75 14.19 -10.23 -18.40
N ARG A 76 14.30 -10.36 -19.70
CA ARG A 76 15.24 -9.56 -20.50
C ARG A 76 16.68 -10.02 -20.50
N PHE A 77 17.03 -10.99 -19.67
CA PHE A 77 18.40 -11.55 -19.72
C PHE A 77 18.42 -12.93 -20.38
N SER A 78 19.26 -13.11 -21.40
CA SER A 78 19.44 -14.40 -22.09
C SER A 78 20.30 -15.37 -21.29
N LEU A 79 21.50 -14.96 -20.88
CA LEU A 79 22.41 -15.72 -20.01
C LEU A 79 23.40 -14.77 -19.32
N LEU A 80 23.45 -14.77 -17.98
CA LEU A 80 24.30 -13.86 -17.19
C LEU A 80 24.95 -14.57 -15.97
N GLU A 81 26.21 -14.26 -15.65
CA GLU A 81 26.95 -14.80 -14.49
C GLU A 81 27.65 -13.70 -13.66
N ILE A 82 27.67 -13.83 -12.33
CA ILE A 82 28.25 -12.84 -11.38
C ILE A 82 29.10 -13.54 -10.30
N LYS A 83 30.25 -12.95 -9.94
CA LYS A 83 31.11 -13.37 -8.80
C LYS A 83 31.03 -12.36 -7.65
N LEU A 84 30.85 -12.82 -6.40
CA LEU A 84 30.59 -11.99 -5.23
C LEU A 84 31.77 -12.00 -4.24
N GLU A 85 32.08 -10.86 -3.62
CA GLU A 85 33.14 -10.74 -2.59
C GLU A 85 32.68 -11.29 -1.23
N GLU A 86 33.63 -11.74 -0.40
CA GLU A 86 33.34 -12.28 0.93
C GLU A 86 32.97 -11.21 1.97
N ASP A 87 33.38 -9.94 1.78
CA ASP A 87 33.17 -8.84 2.72
C ASP A 87 32.12 -7.82 2.25
N LEU A 88 32.25 -7.25 1.06
CA LEU A 88 31.40 -6.15 0.56
C LEU A 88 31.37 -6.10 -0.96
N THR A 89 30.18 -5.97 -1.57
CA THR A 89 30.02 -5.81 -3.04
C THR A 89 29.11 -4.63 -3.38
N VAL A 90 29.44 -3.85 -4.42
CA VAL A 90 28.66 -2.67 -4.86
C VAL A 90 28.38 -2.74 -6.36
N ILE A 91 27.13 -2.47 -6.77
CA ILE A 91 26.70 -2.45 -8.19
C ILE A 91 26.43 -1.01 -8.63
N ILE A 92 26.96 -0.58 -9.77
CA ILE A 92 26.78 0.80 -10.29
C ILE A 92 26.35 0.82 -11.77
N GLY A 93 25.72 1.91 -12.19
CA GLY A 93 25.14 2.11 -13.52
C GLY A 93 23.81 2.87 -13.44
N ASN A 94 23.33 3.46 -14.54
CA ASN A 94 22.17 4.36 -14.52
C ASN A 94 20.79 3.72 -14.82
N ASN A 95 20.73 2.45 -15.21
CA ASN A 95 19.46 1.73 -15.41
C ASN A 95 18.91 1.14 -14.09
N GLY A 96 17.73 1.59 -13.63
CA GLY A 96 17.18 1.21 -12.32
C GLY A 96 16.53 -0.17 -12.25
N LYS A 97 15.75 -0.55 -13.27
CA LYS A 97 15.04 -1.85 -13.30
C LYS A 97 15.98 -3.04 -13.45
N GLY A 98 17.08 -2.89 -14.18
CA GLY A 98 18.10 -3.93 -14.30
C GLY A 98 18.72 -4.28 -12.96
N LYS A 99 19.23 -3.28 -12.22
CA LYS A 99 19.81 -3.48 -10.88
C LYS A 99 18.81 -4.06 -9.89
N THR A 100 17.57 -3.58 -9.89
CA THR A 100 16.53 -4.05 -8.96
C THR A 100 16.17 -5.52 -9.17
N SER A 101 16.19 -6.01 -10.42
CA SER A 101 15.84 -7.41 -10.72
C SER A 101 16.83 -8.43 -10.15
N ILE A 102 18.08 -8.06 -9.89
CA ILE A 102 19.07 -8.96 -9.29
C ILE A 102 18.73 -9.24 -7.82
N LEU A 103 18.45 -8.21 -7.02
CA LEU A 103 18.12 -8.40 -5.60
C LEU A 103 16.82 -9.20 -5.39
N TYR A 104 15.85 -9.06 -6.29
CA TYR A 104 14.62 -9.86 -6.27
C TYR A 104 14.89 -11.37 -6.43
N ALA A 105 15.85 -11.76 -7.27
CA ALA A 105 16.21 -13.17 -7.48
C ALA A 105 16.96 -13.81 -6.30
N ILE A 106 17.80 -13.04 -5.59
CA ILE A 106 18.49 -13.53 -4.39
C ILE A 106 17.47 -13.73 -3.24
N ALA A 107 16.56 -12.80 -3.01
CA ALA A 107 15.61 -12.89 -1.90
C ALA A 107 14.63 -14.07 -2.03
N LYS A 108 14.26 -14.50 -3.24
CA LYS A 108 13.48 -15.74 -3.45
C LYS A 108 14.21 -16.97 -2.91
N THR A 109 15.51 -17.07 -3.18
CA THR A 109 16.32 -18.25 -2.81
C THR A 109 16.50 -18.41 -1.30
N LEU A 110 16.71 -17.34 -0.55
CA LEU A 110 16.91 -17.42 0.91
C LEU A 110 15.66 -17.91 1.67
N SER A 111 14.46 -17.75 1.12
CA SER A 111 13.21 -18.16 1.80
C SER A 111 13.12 -19.66 2.12
N TRP A 112 13.84 -20.52 1.39
CA TRP A 112 13.85 -21.96 1.62
C TRP A 112 14.62 -22.36 2.88
N PHE A 113 15.66 -21.63 3.30
CA PHE A 113 16.31 -21.89 4.58
C PHE A 113 15.41 -21.49 5.75
N VAL A 114 14.77 -20.33 5.69
CA VAL A 114 13.93 -19.82 6.79
C VAL A 114 12.76 -20.75 7.09
N ALA A 115 12.09 -21.28 6.06
CA ALA A 115 10.95 -22.17 6.25
C ALA A 115 11.29 -23.49 6.95
N ASN A 116 12.48 -24.05 6.72
CA ASN A 116 12.90 -25.34 7.26
C ASN A 116 13.48 -25.27 8.68
N ILE A 117 13.99 -24.12 9.13
CA ILE A 117 14.41 -23.94 10.53
C ILE A 117 13.21 -23.92 11.47
N LEU A 118 12.07 -23.38 11.05
CA LEU A 118 10.89 -23.20 11.92
C LEU A 118 10.07 -24.48 12.14
N LYS A 119 9.87 -25.31 11.11
CA LYS A 119 9.01 -26.51 11.18
C LYS A 119 9.44 -27.61 10.21
N GLU A 120 9.18 -28.86 10.55
CA GLU A 120 9.50 -30.01 9.68
C GLU A 120 8.64 -30.02 8.41
N GLY A 121 9.24 -30.33 7.25
CA GLY A 121 8.59 -30.14 5.95
C GLY A 121 8.62 -28.66 5.54
N GLY A 122 7.47 -28.04 5.29
CA GLY A 122 7.39 -26.63 4.91
C GLY A 122 7.85 -26.34 3.47
N SER A 123 7.62 -25.12 3.01
CA SER A 123 7.82 -24.73 1.60
C SER A 123 8.17 -23.24 1.43
N GLY A 124 9.00 -22.92 0.45
CA GLY A 124 9.39 -21.55 0.10
C GLY A 124 8.50 -20.91 -0.97
N GLN A 125 8.97 -19.84 -1.60
CA GLN A 125 8.30 -19.18 -2.72
C GLN A 125 8.74 -19.75 -4.08
N ARG A 126 8.03 -19.39 -5.16
CA ARG A 126 8.23 -19.93 -6.53
C ARG A 126 8.09 -18.87 -7.62
N LEU A 127 8.64 -19.14 -8.81
CA LEU A 127 8.59 -18.24 -9.98
C LEU A 127 7.18 -18.13 -10.60
N SER A 128 6.88 -17.04 -11.32
CA SER A 128 5.56 -16.76 -11.89
C SER A 128 5.52 -16.91 -13.42
N GLU A 129 4.57 -17.67 -13.93
CA GLU A 129 4.56 -18.11 -15.34
C GLU A 129 4.18 -17.00 -16.32
N MET A 130 3.48 -15.94 -15.89
CA MET A 130 3.05 -14.84 -16.77
C MET A 130 3.91 -13.56 -16.69
N THR A 131 4.99 -13.54 -15.90
CA THR A 131 5.86 -12.35 -15.76
C THR A 131 7.35 -12.65 -15.89
N ASP A 132 7.82 -13.83 -15.47
CA ASP A 132 9.26 -14.04 -15.28
C ASP A 132 9.96 -14.67 -16.48
N ILE A 133 9.25 -15.48 -17.27
CA ILE A 133 9.78 -16.12 -18.48
C ILE A 133 9.96 -15.09 -19.61
N LYS A 134 11.14 -15.06 -20.24
CA LYS A 134 11.43 -14.16 -21.38
C LYS A 134 10.45 -14.36 -22.53
N ASN A 135 9.94 -13.27 -23.09
CA ASN A 135 8.75 -13.26 -23.95
C ASN A 135 8.88 -14.04 -25.27
N ASP A 136 10.09 -14.27 -25.76
CA ASP A 136 10.36 -14.78 -27.11
C ASP A 136 11.45 -15.89 -27.17
N ALA A 137 11.79 -16.49 -26.03
CA ALA A 137 12.74 -17.61 -25.99
C ALA A 137 12.09 -18.91 -26.47
N GLU A 138 12.64 -19.55 -27.50
CA GLU A 138 12.05 -20.76 -28.10
C GLU A 138 12.18 -22.03 -27.24
N ASP A 139 12.96 -22.02 -26.16
CA ASP A 139 12.99 -23.10 -25.17
C ASP A 139 11.72 -23.16 -24.29
N ARG A 140 11.04 -22.04 -24.08
CA ARG A 140 9.81 -21.91 -23.27
C ARG A 140 9.93 -22.33 -21.80
N TYR A 141 11.12 -22.24 -21.22
CA TYR A 141 11.36 -22.43 -19.78
C TYR A 141 12.45 -21.50 -19.25
N SER A 142 12.54 -21.30 -17.94
CA SER A 142 13.53 -20.43 -17.28
C SER A 142 14.07 -21.05 -15.98
N ASP A 143 15.35 -20.81 -15.68
CA ASP A 143 16.08 -21.33 -14.52
C ASP A 143 16.85 -20.23 -13.76
N VAL A 144 16.98 -20.37 -12.44
CA VAL A 144 17.85 -19.57 -11.56
C VAL A 144 18.70 -20.50 -10.71
N SER A 145 20.01 -20.28 -10.62
CA SER A 145 20.98 -21.21 -10.00
C SER A 145 21.97 -20.53 -9.05
N SER A 146 22.32 -21.19 -7.93
CA SER A 146 23.13 -20.63 -6.83
C SER A 146 24.11 -21.64 -6.22
N THR A 147 25.12 -21.18 -5.45
CA THR A 147 26.09 -22.05 -4.73
C THR A 147 26.64 -21.39 -3.46
N PHE A 148 26.48 -22.03 -2.30
CA PHE A 148 26.96 -21.58 -0.98
C PHE A 148 28.18 -22.37 -0.48
N PHE A 149 28.85 -21.88 0.56
CA PHE A 149 30.01 -22.48 1.25
C PHE A 149 29.83 -22.48 2.77
N PHE A 150 30.27 -23.53 3.49
CA PHE A 150 30.18 -23.64 4.95
C PHE A 150 31.42 -24.29 5.60
N GLY A 151 32.62 -23.83 5.24
CA GLY A 151 33.87 -24.31 5.82
C GLY A 151 34.40 -25.61 5.19
N LYS A 152 35.59 -26.02 5.61
CA LYS A 152 36.39 -27.08 4.96
C LYS A 152 35.72 -28.45 4.91
N GLY A 153 34.81 -28.75 5.84
CA GLY A 153 34.08 -30.02 5.90
C GLY A 153 32.80 -30.09 5.05
N LEU A 154 32.36 -29.00 4.42
CA LEU A 154 31.10 -28.93 3.65
C LEU A 154 31.18 -27.81 2.59
N LYS A 155 32.12 -27.93 1.65
CA LYS A 155 32.57 -26.82 0.78
C LYS A 155 31.66 -26.43 -0.39
N SER A 156 30.53 -27.10 -0.62
CA SER A 156 29.60 -26.74 -1.71
C SER A 156 28.17 -27.20 -1.44
N VAL A 157 27.18 -26.33 -1.66
CA VAL A 157 25.74 -26.60 -1.55
C VAL A 157 25.01 -25.91 -2.71
N PRO A 158 24.64 -26.62 -3.79
CA PRO A 158 23.93 -26.06 -4.95
C PRO A 158 22.39 -26.10 -4.83
N ILE A 159 21.69 -25.20 -5.55
CA ILE A 159 20.21 -25.11 -5.59
C ILE A 159 19.75 -24.67 -7.01
N ARG A 160 18.58 -25.13 -7.49
CA ARG A 160 17.93 -24.60 -8.71
C ARG A 160 16.43 -24.41 -8.55
N LEU A 161 15.89 -23.29 -9.05
CA LEU A 161 14.45 -23.04 -9.21
C LEU A 161 14.08 -22.93 -10.70
N SER A 162 12.95 -23.50 -11.11
CA SER A 162 12.57 -23.63 -12.53
C SER A 162 11.06 -23.52 -12.78
N ARG A 163 10.64 -23.11 -13.99
CA ARG A 163 9.25 -23.23 -14.48
C ARG A 163 9.15 -23.22 -16.01
N SER A 164 8.03 -23.66 -16.58
CA SER A 164 7.79 -23.70 -18.03
C SER A 164 6.34 -23.35 -18.43
N ALA A 165 6.13 -22.95 -19.69
CA ALA A 165 4.81 -22.58 -20.23
C ALA A 165 3.82 -23.75 -20.24
N LEU A 166 2.51 -23.49 -20.19
CA LEU A 166 1.49 -24.56 -20.24
C LEU A 166 1.24 -25.10 -21.66
N GLY A 167 0.98 -26.40 -21.77
CA GLY A 167 0.73 -27.10 -23.04
C GLY A 167 1.97 -27.73 -23.72
N THR A 168 3.12 -27.82 -23.06
CA THR A 168 4.35 -28.42 -23.63
C THR A 168 4.43 -29.95 -23.52
N ALA A 169 5.28 -30.57 -24.33
CA ALA A 169 5.54 -32.01 -24.32
C ALA A 169 6.21 -32.54 -23.05
N GLU A 170 7.00 -31.71 -22.36
CA GLU A 170 7.73 -32.04 -21.14
C GLU A 170 7.62 -30.94 -20.08
N ARG A 171 8.11 -31.28 -18.88
CA ARG A 171 8.08 -30.37 -17.75
C ARG A 171 9.39 -30.19 -16.99
N ARG A 172 9.68 -28.98 -16.50
CA ARG A 172 10.85 -28.69 -15.65
C ARG A 172 10.43 -28.55 -14.18
N ASP A 173 11.12 -29.22 -13.26
CA ASP A 173 10.95 -29.09 -11.80
C ASP A 173 12.14 -28.41 -11.12
N SER A 174 11.97 -27.98 -9.87
CA SER A 174 13.07 -27.45 -9.04
C SER A 174 13.94 -28.57 -8.45
N GLU A 175 15.10 -28.22 -7.89
CA GLU A 175 15.99 -29.15 -7.18
C GLU A 175 16.49 -28.54 -5.88
N VAL A 176 16.05 -29.03 -4.72
CA VAL A 176 16.22 -28.35 -3.42
C VAL A 176 16.71 -29.24 -2.27
N LYS A 177 16.86 -30.56 -2.44
CA LYS A 177 17.23 -31.46 -1.34
C LYS A 177 18.52 -31.06 -0.58
N PRO A 178 19.63 -30.67 -1.23
CA PRO A 178 20.84 -30.25 -0.51
C PRO A 178 20.63 -29.08 0.46
N ALA A 179 19.65 -28.20 0.22
CA ALA A 179 19.33 -27.09 1.12
C ALA A 179 18.52 -27.53 2.34
N LYS A 180 17.56 -28.44 2.18
CA LYS A 180 16.78 -29.01 3.29
C LYS A 180 17.68 -29.74 4.29
N ASP A 181 18.65 -30.49 3.80
CA ASP A 181 19.56 -31.29 4.64
C ASP A 181 20.36 -30.45 5.65
N LEU A 182 20.88 -29.29 5.26
CA LEU A 182 21.65 -28.44 6.17
C LEU A 182 20.78 -27.80 7.26
N ALA A 183 19.59 -27.32 6.92
CA ALA A 183 18.69 -26.70 7.88
C ALA A 183 18.18 -27.68 8.96
N ASP A 184 18.05 -28.96 8.64
CA ASP A 184 17.66 -29.99 9.63
C ASP A 184 18.72 -30.21 10.72
N ILE A 185 20.01 -30.08 10.42
CA ILE A 185 21.06 -30.21 11.44
C ILE A 185 20.92 -29.11 12.49
N TRP A 186 20.76 -27.85 12.07
CA TRP A 186 20.53 -26.72 12.98
C TRP A 186 19.27 -26.92 13.82
N ARG A 187 18.20 -27.48 13.28
CA ARG A 187 16.96 -27.60 14.05
C ARG A 187 16.99 -28.76 15.02
N VAL A 188 17.58 -29.87 14.63
CA VAL A 188 17.62 -31.05 15.51
C VAL A 188 18.58 -30.88 16.69
N ILE A 189 19.80 -30.38 16.49
CA ILE A 189 20.76 -30.22 17.59
C ILE A 189 20.27 -29.21 18.63
N ASN A 190 19.66 -28.10 18.21
CA ASN A 190 19.22 -27.04 19.11
C ASN A 190 18.13 -27.49 20.11
N GLU A 191 17.28 -28.46 19.78
CA GLU A 191 16.26 -28.95 20.71
C GLU A 191 16.83 -29.81 21.85
N VAL A 192 17.99 -30.41 21.66
CA VAL A 192 18.69 -31.17 22.71
C VAL A 192 19.51 -30.24 23.61
N ASN A 193 20.30 -29.34 23.01
CA ASN A 193 21.16 -28.42 23.75
C ASN A 193 21.41 -27.14 22.93
N THR A 194 21.08 -25.97 23.47
CA THR A 194 21.00 -24.66 22.79
C THR A 194 22.23 -24.26 21.98
N ILE A 195 22.03 -23.61 20.83
CA ILE A 195 23.07 -23.03 19.95
C ILE A 195 22.67 -21.64 19.41
N ASN A 196 23.62 -20.92 18.82
CA ASN A 196 23.40 -19.69 18.05
C ASN A 196 22.84 -19.99 16.64
N LEU A 197 22.13 -19.06 16.02
CA LEU A 197 21.48 -19.22 14.70
C LEU A 197 21.73 -18.01 13.77
N PRO A 198 21.71 -18.17 12.43
CA PRO A 198 21.97 -17.10 11.47
C PRO A 198 20.81 -16.13 11.24
N THR A 199 21.09 -14.94 10.67
CA THR A 199 20.14 -13.86 10.34
C THR A 199 20.05 -13.57 8.83
N PHE A 200 18.85 -13.31 8.29
CA PHE A 200 18.62 -12.91 6.89
C PHE A 200 17.64 -11.73 6.80
N ALA A 201 17.92 -10.69 6.01
CA ALA A 201 17.08 -9.48 5.93
C ALA A 201 17.16 -8.71 4.59
N LEU A 202 16.12 -7.93 4.27
CA LEU A 202 16.01 -7.09 3.07
C LEU A 202 15.40 -5.71 3.40
N TYR A 203 16.06 -4.61 3.03
CA TYR A 203 15.54 -3.26 3.17
C TYR A 203 15.43 -2.53 1.82
N ASN A 204 14.22 -2.09 1.47
CA ASN A 204 13.84 -1.60 0.15
C ASN A 204 13.60 -0.08 0.14
N VAL A 205 13.30 0.52 -1.02
CA VAL A 205 12.95 1.96 -1.11
C VAL A 205 11.65 2.30 -0.36
N GLU A 206 10.79 1.32 -0.13
CA GLU A 206 9.49 1.48 0.54
C GLU A 206 9.59 1.72 2.06
N ARG A 207 10.79 1.76 2.63
CA ARG A 207 11.00 2.00 4.07
C ARG A 207 10.63 3.42 4.52
N SER A 208 10.63 4.41 3.63
CA SER A 208 10.30 5.81 3.95
C SER A 208 8.78 6.07 3.94
N GLN A 209 8.16 6.07 5.11
CA GLN A 209 6.73 6.25 5.32
C GLN A 209 6.46 6.90 6.69
N PRO A 210 5.29 7.55 6.92
CA PRO A 210 5.01 8.25 8.16
C PRO A 210 4.78 7.31 9.36
N PHE A 211 4.93 7.84 10.57
CA PHE A 211 4.84 7.11 11.84
C PHE A 211 3.54 7.41 12.59
N ASN A 212 2.78 6.37 12.94
CA ASN A 212 1.53 6.48 13.68
C ASN A 212 1.78 6.55 15.21
N ARG A 213 1.51 7.70 15.81
CA ARG A 213 1.68 7.99 17.24
C ARG A 213 0.68 7.27 18.14
N ASN A 214 -0.45 6.77 17.66
CA ASN A 214 -1.36 6.08 18.58
C ASN A 214 -1.04 4.60 18.75
N ILE A 215 -0.06 4.30 19.57
CA ILE A 215 0.35 2.90 19.82
C ILE A 215 -0.52 2.28 20.88
N LYS A 216 -1.78 2.09 20.56
CA LYS A 216 -2.73 1.57 21.53
C LYS A 216 -2.79 0.08 21.51
N ASP A 217 -2.35 -0.48 20.42
CA ASP A 217 -2.48 -1.93 20.23
C ASP A 217 -1.60 -2.74 21.21
N ASN A 218 -2.16 -3.82 21.75
CA ASN A 218 -1.52 -4.72 22.71
C ASN A 218 -1.83 -6.19 22.36
N THR A 219 -0.87 -7.09 22.51
CA THR A 219 -0.98 -8.54 22.25
C THR A 219 0.10 -9.30 23.02
N GLY A 220 -0.04 -10.60 23.30
CA GLY A 220 1.04 -11.27 24.06
C GLY A 220 2.04 -12.12 23.28
N ARG A 221 2.53 -11.66 22.13
CA ARG A 221 3.39 -12.52 21.31
C ARG A 221 4.79 -12.04 21.04
N ARG A 222 5.14 -10.83 21.40
CA ARG A 222 6.43 -10.29 21.05
C ARG A 222 7.48 -10.64 22.05
N GLU A 223 7.47 -11.85 22.56
CA GLU A 223 8.41 -12.20 23.60
C GLU A 223 8.77 -13.65 23.50
N GLU A 224 9.19 -14.09 22.32
CA GLU A 224 9.53 -15.48 22.10
C GLU A 224 10.72 -15.54 21.16
N ARG A 225 11.63 -16.48 21.35
CA ARG A 225 12.83 -16.47 20.56
C ARG A 225 12.58 -16.52 19.08
N PHE A 226 11.48 -17.10 18.62
CA PHE A 226 11.29 -17.26 17.18
C PHE A 226 10.37 -16.27 16.54
N ASP A 227 10.17 -15.12 17.14
CA ASP A 227 9.41 -14.08 16.50
C ASP A 227 10.44 -13.26 15.77
N ALA A 228 11.71 -13.54 16.00
CA ALA A 228 12.78 -12.85 15.26
C ALA A 228 12.78 -13.11 13.75
N TYR A 229 12.29 -14.27 13.28
CA TYR A 229 12.15 -14.58 11.86
C TYR A 229 10.85 -14.03 11.21
N SER A 230 9.95 -13.43 11.98
CA SER A 230 8.68 -12.91 11.44
C SER A 230 8.89 -11.69 10.53
N GLN A 231 8.22 -11.67 9.37
CA GLN A 231 8.23 -10.60 8.35
C GLN A 231 9.61 -10.24 7.76
N THR A 232 10.66 -11.03 7.99
CA THR A 232 12.06 -10.61 7.84
C THR A 232 12.50 -10.33 6.38
N LEU A 233 11.82 -10.91 5.39
CA LEU A 233 12.06 -10.69 3.96
C LEU A 233 10.96 -9.84 3.27
N GLY A 234 10.18 -9.07 4.04
CA GLY A 234 9.04 -8.29 3.51
C GLY A 234 9.41 -6.99 2.79
N GLY A 235 10.55 -6.37 3.10
CA GLY A 235 11.08 -5.19 2.40
C GLY A 235 11.10 -3.87 3.20
N ALA A 236 10.50 -3.79 4.38
CA ALA A 236 10.45 -2.55 5.17
C ALA A 236 10.76 -2.69 6.67
N GLY A 237 10.68 -3.86 7.26
CA GLY A 237 10.89 -3.98 8.70
C GLY A 237 9.69 -3.56 9.54
N ARG A 238 9.62 -4.00 10.80
CA ARG A 238 8.49 -3.68 11.64
C ARG A 238 8.88 -2.83 12.82
N PHE A 239 8.92 -1.51 12.62
CA PHE A 239 9.30 -0.57 13.68
C PHE A 239 8.22 -0.42 14.77
N ASP A 240 6.95 -0.67 14.44
CA ASP A 240 5.86 -0.79 15.41
C ASP A 240 6.08 -1.92 16.43
N HIS A 241 6.64 -3.06 16.03
CA HIS A 241 6.97 -4.14 16.97
C HIS A 241 8.12 -3.80 17.90
N PHE A 242 9.07 -2.96 17.48
CA PHE A 242 10.17 -2.55 18.36
C PHE A 242 9.68 -1.72 19.54
N VAL A 243 8.77 -0.77 19.32
CA VAL A 243 8.27 0.09 20.40
C VAL A 243 7.49 -0.70 21.45
N GLU A 244 6.65 -1.67 21.06
CA GLU A 244 5.98 -2.55 22.02
C GLU A 244 6.97 -3.37 22.85
N TRP A 245 8.02 -3.92 22.23
CA TRP A 245 9.02 -4.72 22.93
C TRP A 245 9.85 -3.89 23.91
N TYR A 246 10.22 -2.67 23.55
CA TYR A 246 11.10 -1.84 24.37
C TYR A 246 10.45 -1.35 25.67
N ILE A 247 9.18 -0.92 25.66
CA ILE A 247 8.52 -0.49 26.91
C ILE A 247 8.17 -1.64 27.85
N TYR A 248 8.00 -2.86 27.32
CA TYR A 248 7.82 -4.07 28.13
C TYR A 248 9.03 -4.39 29.01
N LEU A 249 10.26 -4.22 28.50
CA LEU A 249 11.48 -4.35 29.30
C LEU A 249 11.52 -3.34 30.47
N HIS A 250 10.97 -2.14 30.31
CA HIS A 250 10.92 -1.14 31.38
C HIS A 250 10.00 -1.58 32.51
N LYS A 251 8.76 -1.92 32.23
CA LYS A 251 7.84 -2.30 33.29
C LYS A 251 8.19 -3.55 34.07
N ARG A 252 9.06 -4.41 33.55
CA ARG A 252 9.49 -5.57 34.33
C ARG A 252 10.80 -5.36 35.04
N THR A 253 11.69 -4.45 34.39
CA THR A 253 12.91 -4.15 35.18
C THR A 253 12.68 -3.18 36.33
N VAL A 254 11.64 -2.34 36.29
CA VAL A 254 11.39 -1.32 37.34
C VAL A 254 11.01 -1.92 38.70
N SER A 255 10.42 -3.12 38.73
CA SER A 255 10.03 -3.82 39.96
C SER A 255 10.04 -5.34 39.79
N ASP A 256 10.87 -6.04 40.56
CA ASP A 256 11.16 -7.47 40.40
C ASP A 256 9.91 -8.36 40.48
N ILE A 257 9.56 -9.00 39.36
CA ILE A 257 8.35 -9.81 39.22
C ILE A 257 8.35 -11.13 40.01
N SER A 258 9.50 -11.57 40.55
CA SER A 258 9.52 -12.74 41.45
C SER A 258 8.70 -12.49 42.73
N SER A 259 8.50 -11.22 43.10
CA SER A 259 7.58 -10.80 44.15
C SER A 259 6.14 -11.30 43.92
N SER A 260 5.66 -11.34 42.68
CA SER A 260 4.30 -11.83 42.37
C SER A 260 4.09 -13.31 42.70
N ILE A 261 5.16 -14.12 42.66
CA ILE A 261 5.09 -15.54 43.05
C ILE A 261 4.82 -15.64 44.56
N LYS A 262 5.66 -15.02 45.39
CA LYS A 262 5.46 -15.03 46.86
C LYS A 262 4.19 -14.30 47.30
N GLU A 263 3.71 -13.32 46.55
CA GLU A 263 2.39 -12.70 46.78
C GLU A 263 1.23 -13.68 46.51
N LEU A 264 1.22 -14.37 45.37
CA LEU A 264 0.22 -15.41 45.08
C LEU A 264 0.30 -16.60 46.06
N GLU A 265 1.50 -16.95 46.52
CA GLU A 265 1.67 -17.97 47.57
C GLU A 265 0.92 -17.64 48.87
N GLN A 266 0.57 -16.37 49.16
CA GLN A 266 -0.18 -16.05 50.38
C GLN A 266 -1.54 -16.74 50.40
N GLN A 267 -2.49 -16.34 49.54
CA GLN A 267 -3.82 -16.96 49.53
C GLN A 267 -3.72 -18.46 49.23
N VAL A 268 -2.84 -18.88 48.32
CA VAL A 268 -2.66 -20.30 48.00
C VAL A 268 -2.26 -21.13 49.23
N ASN A 269 -1.38 -20.61 50.11
CA ASN A 269 -0.93 -21.33 51.30
C ASN A 269 -1.82 -21.09 52.53
N ASP A 270 -2.50 -19.95 52.67
CA ASP A 270 -3.22 -19.57 53.90
C ASP A 270 -4.76 -19.56 53.81
N LEU A 271 -5.38 -19.61 52.63
CA LEU A 271 -6.80 -20.01 52.50
C LEU A 271 -7.00 -21.49 52.85
N GLN A 272 -5.99 -22.30 52.58
CA GLN A 272 -6.10 -23.72 52.86
C GLN A 272 -6.68 -24.00 54.25
N ARG A 273 -6.11 -23.39 55.28
CA ARG A 273 -6.52 -23.67 56.69
C ARG A 273 -7.83 -23.06 57.18
N THR A 274 -8.56 -22.44 56.26
CA THR A 274 -9.79 -21.77 56.61
C THR A 274 -10.85 -21.96 55.53
N VAL A 275 -10.67 -22.93 54.65
CA VAL A 275 -11.69 -23.23 53.61
C VAL A 275 -12.70 -24.21 54.23
N ASP A 276 -13.44 -23.69 55.28
CA ASP A 276 -14.34 -24.59 56.01
C ASP A 276 -15.66 -24.86 55.27
N GLY A 277 -16.43 -25.84 55.77
CA GLY A 277 -17.76 -26.22 55.26
C GLY A 277 -17.76 -27.15 54.05
N GLY A 278 -16.59 -27.41 53.44
CA GLY A 278 -16.42 -28.36 52.33
C GLY A 278 -17.09 -27.97 51.01
N MET A 279 -17.66 -26.76 50.92
CA MET A 279 -18.45 -26.28 49.79
C MET A 279 -17.62 -26.21 48.49
N VAL A 280 -18.13 -26.84 47.43
CA VAL A 280 -17.47 -26.97 46.13
C VAL A 280 -17.17 -25.62 45.48
N SER A 281 -18.10 -24.65 45.58
CA SER A 281 -17.89 -23.32 44.99
C SER A 281 -16.66 -22.63 45.59
N VAL A 282 -16.62 -22.35 46.90
CA VAL A 282 -15.48 -21.67 47.53
C VAL A 282 -14.17 -22.47 47.39
N LYS A 283 -14.17 -23.81 47.56
CA LYS A 283 -12.93 -24.58 47.42
C LYS A 283 -12.44 -24.69 45.96
N SER A 284 -13.31 -24.49 44.96
CA SER A 284 -12.86 -24.30 43.58
C SER A 284 -12.09 -22.98 43.40
N LEU A 285 -12.39 -21.92 44.16
CA LEU A 285 -11.63 -20.67 44.11
C LEU A 285 -10.18 -20.88 44.58
N LEU A 286 -9.98 -21.68 45.63
CA LEU A 286 -8.65 -22.12 46.08
C LEU A 286 -7.95 -23.00 45.02
N GLU A 287 -8.65 -24.01 44.49
CA GLU A 287 -8.12 -24.87 43.42
C GLU A 287 -7.67 -24.06 42.19
N GLN A 288 -8.45 -23.07 41.77
CA GLN A 288 -8.10 -22.19 40.66
C GLN A 288 -6.85 -21.35 40.94
N MET A 289 -6.72 -20.70 42.11
CA MET A 289 -5.49 -19.94 42.42
C MET A 289 -4.25 -20.84 42.54
N LYS A 290 -4.39 -22.05 43.10
CA LYS A 290 -3.28 -23.01 43.22
C LYS A 290 -2.85 -23.58 41.86
N PHE A 291 -3.81 -23.90 40.99
CA PHE A 291 -3.57 -24.23 39.59
C PHE A 291 -2.83 -23.10 38.86
N LYS A 292 -3.41 -21.90 38.83
CA LYS A 292 -2.84 -20.71 38.16
C LYS A 292 -1.41 -20.44 38.61
N LEU A 293 -1.13 -20.50 39.91
CA LEU A 293 0.23 -20.30 40.43
C LEU A 293 1.21 -21.37 39.91
N SER A 294 0.80 -22.64 39.84
CA SER A 294 1.67 -23.69 39.30
C SER A 294 1.98 -23.51 37.81
N GLU A 295 0.98 -23.11 37.01
CA GLU A 295 1.16 -22.82 35.59
C GLU A 295 2.00 -21.54 35.35
N ALA A 296 1.96 -20.58 36.28
CA ALA A 296 2.83 -19.41 36.25
C ALA A 296 4.30 -19.78 36.55
N ILE A 297 4.55 -20.53 37.64
CA ILE A 297 5.91 -20.95 38.03
C ILE A 297 6.55 -21.83 36.95
N GLU A 298 5.77 -22.61 36.20
CA GLU A 298 6.30 -23.45 35.11
C GLU A 298 7.06 -22.64 34.04
N ARG A 299 6.69 -21.38 33.80
CA ARG A 299 7.46 -20.48 32.90
C ARG A 299 8.78 -20.03 33.51
N ASN A 300 8.80 -19.71 34.81
CA ASN A 300 10.04 -19.39 35.53
C ASN A 300 11.00 -20.58 35.58
N ASP A 301 10.49 -21.81 35.70
CA ASP A 301 11.29 -23.04 35.55
C ASP A 301 11.79 -23.22 34.11
N ALA A 302 10.92 -23.08 33.11
CA ALA A 302 11.28 -23.30 31.70
C ALA A 302 12.34 -22.31 31.19
N ALA A 303 12.34 -21.06 31.68
CA ALA A 303 13.35 -20.05 31.31
C ALA A 303 14.79 -20.45 31.70
N VAL A 304 14.98 -21.32 32.70
CA VAL A 304 16.31 -21.84 33.11
C VAL A 304 16.90 -22.80 32.08
N SER A 305 16.08 -23.39 31.19
CA SER A 305 16.54 -24.35 30.16
C SER A 305 17.38 -23.72 29.02
N SER A 306 17.57 -22.41 29.02
CA SER A 306 18.41 -21.66 28.08
C SER A 306 19.14 -20.50 28.78
N ARG A 307 20.26 -20.03 28.23
CA ARG A 307 21.04 -18.93 28.84
C ARG A 307 20.47 -17.56 28.49
N VAL A 308 19.20 -17.40 28.73
CA VAL A 308 18.49 -16.14 28.44
C VAL A 308 19.05 -15.02 29.32
N LEU A 309 19.56 -13.95 28.71
CA LEU A 309 20.10 -12.79 29.43
C LEU A 309 19.02 -12.08 30.25
N THR A 310 19.36 -11.54 31.43
CA THR A 310 18.42 -10.76 32.24
C THR A 310 18.01 -9.48 31.51
N GLU A 311 16.78 -9.03 31.71
CA GLU A 311 16.18 -7.90 31.00
C GLU A 311 16.97 -6.59 31.18
N SER A 312 17.62 -6.42 32.33
CA SER A 312 18.55 -5.33 32.60
C SER A 312 19.78 -5.30 31.67
N VAL A 313 20.26 -6.47 31.23
CA VAL A 313 21.38 -6.57 30.29
C VAL A 313 20.90 -6.42 28.85
N GLN A 314 19.76 -7.02 28.50
CA GLN A 314 19.18 -6.84 27.17
C GLN A 314 18.91 -5.35 26.87
N LYS A 315 18.30 -4.62 27.81
CA LYS A 315 18.02 -3.18 27.65
C LYS A 315 19.30 -2.34 27.48
N SER A 316 20.35 -2.67 28.22
CA SER A 316 21.63 -1.93 28.18
C SER A 316 22.37 -2.02 26.85
N ILE A 317 22.40 -3.18 26.20
CA ILE A 317 23.17 -3.39 24.97
C ILE A 317 22.60 -2.58 23.79
N VAL A 318 21.28 -2.56 23.62
CA VAL A 318 20.64 -1.86 22.49
C VAL A 318 20.87 -0.35 22.53
N GLU A 319 20.83 0.26 23.71
CA GLU A 319 20.98 1.71 23.87
C GLU A 319 22.38 2.22 23.49
N LYS A 320 23.45 1.45 23.75
CA LYS A 320 24.81 1.80 23.31
C LYS A 320 24.97 1.70 21.79
N ALA A 321 24.36 0.71 21.15
CA ALA A 321 24.45 0.54 19.71
C ALA A 321 23.79 1.70 18.94
N ILE A 322 22.53 2.03 19.28
CA ILE A 322 21.77 3.10 18.62
C ILE A 322 22.49 4.44 18.74
N CYS A 323 22.99 4.76 19.94
CA CYS A 323 23.67 6.02 20.21
C CYS A 323 25.05 6.15 19.54
N SER A 324 25.75 5.03 19.33
CA SER A 324 27.07 5.05 18.69
C SER A 324 27.03 5.25 17.17
N VAL A 325 26.03 4.71 16.48
CA VAL A 325 25.94 4.75 15.01
C VAL A 325 25.30 6.01 14.44
N VAL A 326 24.19 6.50 15.00
CA VAL A 326 23.49 7.71 14.51
C VAL A 326 24.20 8.98 14.99
N PRO A 327 24.62 9.93 14.13
CA PRO A 327 25.50 11.03 14.54
C PRO A 327 24.96 12.06 15.56
N SER A 328 23.65 12.31 15.64
CA SER A 328 23.10 13.43 16.43
C SER A 328 22.40 13.05 17.75
N ILE A 329 22.26 11.76 18.07
CA ILE A 329 21.50 11.29 19.24
C ILE A 329 22.47 10.87 20.36
N SER A 330 22.30 11.38 21.58
CA SER A 330 23.21 11.14 22.71
C SER A 330 22.59 10.48 23.93
N ASN A 331 21.26 10.35 24.01
CA ASN A 331 20.57 9.61 25.08
C ASN A 331 19.16 9.17 24.64
N ILE A 332 18.60 8.13 25.26
CA ILE A 332 17.23 7.63 25.02
C ILE A 332 16.66 7.00 26.30
N TRP A 333 15.37 7.18 26.60
CA TRP A 333 14.72 6.59 27.77
C TRP A 333 13.19 6.55 27.64
N VAL A 334 12.54 5.77 28.53
CA VAL A 334 11.08 5.65 28.66
C VAL A 334 10.62 6.38 29.92
N GLU A 335 9.51 7.11 29.86
CA GLU A 335 8.91 7.72 31.05
C GLU A 335 7.37 7.78 31.01
N MET A 336 6.76 7.90 32.18
CA MET A 336 5.32 7.86 32.40
C MET A 336 4.74 9.28 32.47
N ILE A 337 3.74 9.57 31.64
CA ILE A 337 3.02 10.85 31.59
C ILE A 337 1.84 10.78 32.60
N THR A 338 0.67 11.31 32.28
CA THR A 338 -0.51 11.28 33.18
C THR A 338 -1.17 9.90 33.23
N GLY A 339 -1.19 9.16 32.12
CA GLY A 339 -1.91 7.89 31.99
C GLY A 339 -1.29 6.84 31.06
N SER A 340 -0.11 7.10 30.50
CA SER A 340 0.60 6.15 29.61
C SER A 340 2.10 6.46 29.54
N ASP A 341 2.90 5.47 29.11
CA ASP A 341 4.34 5.62 28.88
C ASP A 341 4.66 6.14 27.47
N LEU A 342 5.76 6.88 27.32
CA LEU A 342 6.30 7.39 26.05
C LEU A 342 7.82 7.27 25.99
N VAL A 343 8.37 7.33 24.79
CA VAL A 343 9.82 7.32 24.53
C VAL A 343 10.31 8.74 24.24
N LYS A 344 11.43 9.14 24.85
CA LYS A 344 12.10 10.42 24.62
C LYS A 344 13.55 10.23 24.20
N VAL A 345 14.07 11.20 23.46
CA VAL A 345 15.47 11.28 23.03
C VAL A 345 16.02 12.67 23.26
N THR A 346 17.35 12.79 23.37
CA THR A 346 18.04 14.08 23.32
C THR A 346 18.70 14.22 21.96
N ASN A 347 18.35 15.26 21.22
CA ASN A 347 18.78 15.49 19.84
C ASN A 347 19.26 16.95 19.68
N ASP A 348 20.46 17.16 19.14
CA ASP A 348 21.12 18.48 19.11
C ASP A 348 21.16 19.20 20.48
N GLY A 349 21.12 18.46 21.60
CA GLY A 349 21.18 19.01 22.95
C GLY A 349 19.84 19.40 23.58
N HIS A 350 18.71 19.12 22.95
CA HIS A 350 17.35 19.39 23.45
C HIS A 350 16.48 18.12 23.46
N ASP A 351 15.44 18.06 24.28
CA ASP A 351 14.65 16.84 24.52
C ASP A 351 13.29 16.84 23.81
N VAL A 352 13.00 15.77 23.05
CA VAL A 352 11.87 15.68 22.11
C VAL A 352 11.26 14.26 22.04
N THR A 353 10.03 14.15 21.53
CA THR A 353 9.39 12.87 21.19
C THR A 353 9.72 12.42 19.75
N ILE A 354 9.52 11.14 19.44
CA ILE A 354 9.93 10.54 18.15
C ILE A 354 9.26 11.20 16.93
N ASP A 355 8.02 11.64 17.06
CA ASP A 355 7.26 12.32 16.02
C ASP A 355 7.69 13.78 15.75
N GLN A 356 8.74 14.28 16.41
CA GLN A 356 9.33 15.61 16.16
C GLN A 356 10.69 15.57 15.44
N LEU A 357 11.24 14.39 15.12
CA LEU A 357 12.47 14.23 14.34
C LEU A 357 12.23 14.49 12.84
N SER A 358 13.23 14.99 12.10
CA SER A 358 13.13 15.16 10.64
C SER A 358 13.24 13.83 9.89
N ASP A 359 12.86 13.81 8.60
CA ASP A 359 12.79 12.55 7.84
C ASP A 359 14.13 11.85 7.67
N GLY A 360 15.21 12.57 7.42
CA GLY A 360 16.54 11.97 7.33
C GLY A 360 17.01 11.35 8.64
N GLN A 361 16.57 11.86 9.79
CA GLN A 361 16.87 11.29 11.10
C GLN A 361 15.97 10.11 11.43
N ARG A 362 14.70 10.17 11.11
CA ARG A 362 13.83 9.07 11.46
C ARG A 362 14.10 7.87 10.62
N VAL A 363 14.23 8.01 9.32
CA VAL A 363 14.40 6.85 8.43
C VAL A 363 15.68 6.07 8.75
N PHE A 364 16.79 6.74 9.04
CA PHE A 364 18.02 6.04 9.41
C PHE A 364 17.94 5.35 10.78
N LEU A 365 17.19 5.86 11.74
CA LEU A 365 17.05 5.14 12.99
C LEU A 365 16.15 3.94 12.83
N SER A 366 15.16 4.04 11.97
CA SER A 366 14.26 2.90 11.72
C SER A 366 14.99 1.66 11.20
N LEU A 367 16.14 1.82 10.54
CA LEU A 367 16.99 0.72 10.08
C LEU A 367 17.77 0.08 11.24
N VAL A 368 18.52 0.87 12.02
CA VAL A 368 19.46 0.36 13.02
C VAL A 368 18.76 -0.35 14.18
N ALA A 369 17.62 0.15 14.66
CA ALA A 369 16.90 -0.46 15.78
C ALA A 369 16.34 -1.86 15.45
N ASP A 370 15.76 -2.05 14.27
CA ASP A 370 15.21 -3.34 13.84
C ASP A 370 16.28 -4.42 13.72
N LEU A 371 17.43 -4.12 13.12
CA LEU A 371 18.54 -5.08 12.99
C LEU A 371 19.17 -5.42 14.35
N ALA A 372 19.29 -4.47 15.27
CA ALA A 372 19.84 -4.73 16.60
C ALA A 372 18.96 -5.65 17.46
N ARG A 373 17.65 -5.55 17.45
CA ARG A 373 16.82 -6.47 18.22
C ARG A 373 16.95 -7.91 17.81
N ARG A 374 16.86 -8.21 16.54
CA ARG A 374 16.89 -9.58 16.13
C ARG A 374 18.19 -10.29 16.52
N MET A 375 19.33 -9.63 16.41
CA MET A 375 20.60 -10.26 16.80
C MET A 375 20.74 -10.51 18.30
N VAL A 376 20.23 -9.64 19.18
CA VAL A 376 20.26 -9.92 20.63
C VAL A 376 19.31 -11.05 21.04
N MET A 377 18.21 -11.27 20.31
CA MET A 377 17.35 -12.44 20.54
C MET A 377 17.95 -13.77 20.05
N LEU A 378 18.64 -13.79 18.90
CA LEU A 378 19.15 -15.03 18.31
C LEU A 378 20.47 -15.54 18.90
N ASN A 379 21.34 -14.65 19.45
CA ASN A 379 22.63 -15.12 19.96
C ASN A 379 22.81 -14.93 21.46
N PRO A 380 22.16 -15.78 22.32
CA PRO A 380 22.22 -15.64 23.77
C PRO A 380 23.51 -16.10 24.45
N LEU A 381 24.30 -17.00 23.84
CA LEU A 381 25.51 -17.56 24.45
C LEU A 381 26.79 -16.70 24.27
N LEU A 382 26.82 -15.71 23.37
CA LEU A 382 27.99 -14.85 23.17
C LEU A 382 28.18 -13.83 24.31
N GLU A 383 29.36 -13.21 24.38
CA GLU A 383 29.65 -12.08 25.27
C GLU A 383 29.14 -10.75 24.69
N ASN A 384 29.24 -10.57 23.37
CA ASN A 384 28.74 -9.40 22.64
C ASN A 384 27.85 -9.88 21.47
N PRO A 385 26.53 -9.92 21.62
CA PRO A 385 25.62 -10.50 20.63
C PRO A 385 25.75 -10.00 19.19
N LEU A 386 26.26 -8.78 18.96
CA LEU A 386 26.37 -8.20 17.62
C LEU A 386 27.48 -8.83 16.74
N GLU A 387 28.27 -9.78 17.24
CA GLU A 387 29.37 -10.43 16.51
C GLU A 387 28.98 -11.74 15.77
N GLY A 388 27.69 -12.07 15.69
CA GLY A 388 27.16 -13.24 14.95
C GLY A 388 27.22 -13.17 13.41
N ARG A 389 26.63 -14.19 12.76
CA ARG A 389 26.68 -14.31 11.29
C ARG A 389 25.36 -14.23 10.52
N GLY A 390 25.43 -13.92 9.23
CA GLY A 390 24.24 -13.70 8.41
C GLY A 390 24.49 -12.95 7.10
N ILE A 391 23.43 -12.61 6.36
CA ILE A 391 23.48 -11.91 5.06
C ILE A 391 22.44 -10.78 5.02
N VAL A 392 22.80 -9.58 4.56
CA VAL A 392 21.90 -8.40 4.56
C VAL A 392 21.91 -7.67 3.21
N LEU A 393 20.72 -7.34 2.67
CA LEU A 393 20.53 -6.64 1.39
C LEU A 393 19.94 -5.24 1.59
N ILE A 394 20.54 -4.19 1.02
CA ILE A 394 20.04 -2.80 1.13
C ILE A 394 19.95 -2.17 -0.27
N ASP A 395 18.95 -1.37 -0.56
CA ASP A 395 18.80 -0.83 -1.89
C ASP A 395 19.45 0.53 -2.05
N GLU A 396 18.72 1.63 -2.21
CA GLU A 396 19.41 2.93 -2.29
C GLU A 396 20.08 3.27 -0.94
N ILE A 397 21.41 3.30 -0.88
CA ILE A 397 22.12 3.50 0.39
C ILE A 397 22.11 4.96 0.88
N GLU A 398 22.24 5.94 -0.02
CA GLU A 398 22.15 7.36 0.34
C GLU A 398 20.79 7.96 -0.08
N LEU A 399 20.01 8.39 0.90
CA LEU A 399 18.64 8.86 0.72
C LEU A 399 18.32 9.78 1.89
N HIS A 400 17.99 11.04 1.63
CA HIS A 400 17.85 12.11 2.64
C HIS A 400 19.13 12.44 3.44
N LEU A 401 20.33 12.10 2.96
CA LEU A 401 21.61 12.37 3.66
C LEU A 401 22.42 13.50 3.00
N HIS A 402 22.80 14.54 3.75
CA HIS A 402 23.66 15.62 3.25
C HIS A 402 25.12 15.18 3.06
N PRO A 403 25.93 15.88 2.25
CA PRO A 403 27.29 15.44 1.88
C PRO A 403 28.22 15.03 3.03
N LYS A 404 28.16 15.69 4.20
CA LYS A 404 29.04 15.35 5.32
C LYS A 404 28.81 13.94 5.87
N TRP A 405 27.58 13.45 5.96
CA TRP A 405 27.31 12.08 6.39
C TRP A 405 27.67 11.03 5.34
N GLN A 406 27.64 11.38 4.05
CA GLN A 406 28.01 10.43 2.98
C GLN A 406 29.48 10.02 3.03
N GLN A 407 30.37 10.80 3.67
CA GLN A 407 31.77 10.43 3.87
C GLN A 407 32.01 9.39 4.97
N GLU A 408 31.02 9.01 5.78
CA GLU A 408 31.28 8.18 6.97
C GLU A 408 30.24 7.08 7.28
N VAL A 409 29.13 7.00 6.55
CA VAL A 409 28.10 5.97 6.77
C VAL A 409 28.63 4.52 6.65
N ILE A 410 29.53 4.25 5.70
CA ILE A 410 30.09 2.89 5.48
C ILE A 410 30.97 2.44 6.66
N LEU A 411 31.84 3.32 7.15
CA LEU A 411 32.76 3.02 8.24
C LEU A 411 32.02 2.79 9.56
N ASN A 412 30.96 3.54 9.83
CA ASN A 412 30.16 3.35 11.04
C ASN A 412 29.46 1.99 11.06
N LEU A 413 28.78 1.58 9.98
CA LEU A 413 28.12 0.28 9.94
C LEU A 413 29.11 -0.88 10.05
N ARG A 414 30.20 -0.83 9.29
CA ARG A 414 31.18 -1.92 9.25
C ARG A 414 31.98 -2.06 10.55
N SER A 415 32.09 -1.00 11.34
CA SER A 415 32.64 -1.06 12.70
C SER A 415 31.68 -1.69 13.71
N ALA A 416 30.37 -1.54 13.55
CA ALA A 416 29.38 -2.06 14.51
C ALA A 416 29.01 -3.54 14.34
N PHE A 417 29.07 -4.10 13.12
CA PHE A 417 28.65 -5.48 12.82
C PHE A 417 29.78 -6.28 12.12
N PRO A 418 30.79 -6.80 12.83
CA PRO A 418 32.05 -7.24 12.23
C PRO A 418 32.04 -8.46 11.29
N ASN A 419 31.05 -9.36 11.35
CA ASN A 419 31.07 -10.64 10.63
C ASN A 419 29.93 -10.84 9.60
N ILE A 420 29.08 -9.85 9.34
CA ILE A 420 28.00 -9.91 8.33
C ILE A 420 28.52 -9.64 6.91
N GLN A 421 27.89 -10.21 5.88
CA GLN A 421 28.13 -9.91 4.46
C GLN A 421 27.07 -8.95 3.91
N PHE A 422 27.48 -7.86 3.24
CA PHE A 422 26.58 -6.83 2.71
C PHE A 422 26.60 -6.78 1.17
N ILE A 423 25.45 -6.50 0.56
CA ILE A 423 25.30 -6.21 -0.88
C ILE A 423 24.46 -4.94 -1.04
N ILE A 424 24.94 -3.92 -1.77
CA ILE A 424 24.34 -2.56 -1.81
C ILE A 424 24.34 -1.91 -3.22
N THR A 425 23.56 -0.85 -3.41
CA THR A 425 23.46 -0.07 -4.67
C THR A 425 23.58 1.45 -4.43
N THR A 426 24.20 2.21 -5.33
CA THR A 426 24.38 3.67 -5.19
C THR A 426 24.64 4.38 -6.53
N HIS A 427 24.54 5.71 -6.57
CA HIS A 427 25.13 6.53 -7.65
C HIS A 427 25.82 7.84 -7.18
N SER A 428 26.11 8.00 -5.89
CA SER A 428 26.91 9.16 -5.40
C SER A 428 28.41 8.97 -5.62
N PRO A 429 29.16 9.96 -6.14
CA PRO A 429 30.61 9.87 -6.28
C PRO A 429 31.34 9.97 -4.96
N ILE A 430 30.76 10.60 -3.93
CA ILE A 430 31.41 10.78 -2.62
C ILE A 430 31.53 9.44 -1.88
N VAL A 431 30.52 8.57 -1.98
CA VAL A 431 30.56 7.23 -1.37
C VAL A 431 31.64 6.35 -2.00
N LEU A 432 31.82 6.40 -3.32
CA LEU A 432 32.85 5.61 -4.02
C LEU A 432 34.27 5.96 -3.62
N SER A 433 34.56 7.19 -3.16
CA SER A 433 35.91 7.57 -2.69
C SER A 433 36.41 6.75 -1.49
N THR A 434 35.53 5.97 -0.84
CA THR A 434 35.78 5.25 0.42
C THR A 434 35.99 3.74 0.24
N ILE A 435 35.91 3.17 -0.97
CA ILE A 435 36.00 1.71 -1.22
C ILE A 435 37.08 1.31 -2.25
N GLU A 436 37.62 0.10 -2.12
CA GLU A 436 38.62 -0.50 -3.03
C GLU A 436 38.03 -0.90 -4.39
N LYS A 437 38.77 -0.76 -5.49
CA LYS A 437 38.22 -1.08 -6.83
C LYS A 437 37.82 -2.54 -7.07
N ARG A 438 38.31 -3.49 -6.30
CA ARG A 438 37.91 -4.88 -6.46
C ARG A 438 36.47 -5.17 -6.07
N CYS A 439 35.84 -4.30 -5.30
CA CYS A 439 34.46 -4.45 -4.84
C CYS A 439 33.40 -3.96 -5.84
N ILE A 440 33.80 -3.38 -6.98
CA ILE A 440 32.91 -2.64 -7.88
C ILE A 440 32.51 -3.48 -9.08
N ARG A 441 31.22 -3.55 -9.40
CA ARG A 441 30.66 -4.20 -10.60
C ARG A 441 29.90 -3.19 -11.46
N GLU A 442 30.27 -3.02 -12.73
CA GLU A 442 29.68 -2.02 -13.64
C GLU A 442 28.62 -2.62 -14.57
N PHE A 443 27.43 -2.03 -14.59
CA PHE A 443 26.30 -2.51 -15.38
C PHE A 443 26.03 -1.58 -16.57
N GLU A 444 26.02 -2.13 -17.79
CA GLU A 444 25.90 -1.37 -19.04
C GLU A 444 25.23 -2.22 -20.15
N PRO A 445 23.89 -2.32 -20.15
CA PRO A 445 23.15 -3.12 -21.13
C PRO A 445 23.45 -2.78 -22.59
N ASN A 446 23.42 -3.79 -23.45
CA ASN A 446 23.31 -3.57 -24.90
C ASN A 446 21.91 -3.05 -25.27
N ASP A 447 21.70 -2.77 -26.56
CA ASP A 447 20.39 -2.37 -27.06
C ASP A 447 19.36 -3.52 -26.88
N ASP A 448 18.14 -3.19 -26.49
CA ASP A 448 17.11 -4.16 -26.03
C ASP A 448 17.51 -5.05 -24.83
N GLY A 449 18.53 -4.66 -24.04
CA GLY A 449 19.00 -5.42 -22.87
C GLY A 449 20.19 -6.35 -23.17
N ASP A 450 20.36 -7.40 -22.37
CA ASP A 450 21.49 -8.36 -22.40
C ASP A 450 22.90 -7.81 -22.08
N GLN A 451 23.62 -8.61 -21.31
CA GLN A 451 25.09 -8.63 -21.14
C GLN A 451 25.50 -10.07 -20.79
N SER A 452 26.76 -10.44 -21.00
CA SER A 452 27.28 -11.75 -20.54
C SER A 452 28.04 -11.67 -19.21
N PHE A 453 28.70 -10.55 -18.91
CA PHE A 453 29.57 -10.37 -17.73
C PHE A 453 29.53 -8.93 -17.18
N LEU A 454 29.85 -8.74 -15.90
CA LEU A 454 30.00 -7.44 -15.25
C LEU A 454 31.48 -7.15 -14.95
N ASP A 455 31.98 -5.97 -15.35
CA ASP A 455 33.39 -5.55 -15.26
C ASP A 455 33.69 -4.63 -14.06
N SER A 456 34.97 -4.27 -13.89
CA SER A 456 35.47 -3.32 -12.89
C SER A 456 36.34 -2.21 -13.53
N PRO A 457 36.42 -1.00 -12.94
CA PRO A 457 37.11 0.14 -13.57
C PRO A 457 38.64 0.05 -13.54
N ASP A 458 39.31 0.94 -14.29
CA ASP A 458 40.78 1.05 -14.31
C ASP A 458 41.39 1.78 -13.11
N MET A 459 40.96 3.01 -12.82
CA MET A 459 41.58 3.85 -11.79
C MET A 459 41.30 3.37 -10.36
N GLN A 460 42.21 3.65 -9.43
CA GLN A 460 41.99 3.42 -8.00
C GLN A 460 41.05 4.46 -7.39
N THR A 461 39.94 4.05 -6.79
CA THR A 461 38.98 4.96 -6.15
C THR A 461 39.32 5.30 -4.70
N LYS A 462 39.87 4.38 -3.90
CA LYS A 462 40.07 4.59 -2.47
C LYS A 462 41.08 5.72 -2.19
N GLY A 463 40.60 6.84 -1.64
CA GLY A 463 41.44 8.00 -1.31
C GLY A 463 41.73 8.97 -2.46
N SER A 464 41.08 8.84 -3.62
CA SER A 464 41.23 9.76 -4.76
C SER A 464 40.33 11.01 -4.65
N GLU A 465 40.65 12.08 -5.39
CA GLU A 465 39.90 13.34 -5.43
C GLU A 465 38.60 13.24 -6.26
N ASN A 466 37.54 13.92 -5.83
CA ASN A 466 36.20 13.78 -6.45
C ASN A 466 36.12 14.24 -7.91
N ALA A 467 36.86 15.27 -8.30
CA ALA A 467 36.79 15.81 -9.66
C ALA A 467 37.25 14.81 -10.74
N GLN A 468 38.13 13.85 -10.41
CA GLN A 468 38.54 12.79 -11.32
C GLN A 468 37.48 11.68 -11.47
N ILE A 469 36.76 11.34 -10.40
CA ILE A 469 35.78 10.24 -10.42
C ILE A 469 34.59 10.59 -11.33
N LEU A 470 34.07 11.82 -11.27
CA LEU A 470 33.00 12.27 -12.18
C LEU A 470 33.42 12.20 -13.67
N GLU A 471 34.66 12.57 -13.99
CA GLU A 471 35.17 12.53 -15.35
C GLU A 471 35.42 11.10 -15.84
N GLN A 472 36.18 10.30 -15.09
CA GLN A 472 36.66 9.01 -15.59
C GLN A 472 35.72 7.83 -15.33
N VAL A 473 35.00 7.81 -14.21
CA VAL A 473 34.08 6.70 -13.87
C VAL A 473 32.64 6.95 -14.37
N MET A 474 32.24 8.21 -14.58
CA MET A 474 30.84 8.57 -14.91
C MET A 474 30.66 9.45 -16.16
N ASN A 475 31.73 9.91 -16.80
CA ASN A 475 31.71 10.70 -18.05
C ASN A 475 30.89 12.01 -17.98
N VAL A 476 31.09 12.83 -16.94
CA VAL A 476 30.46 14.17 -16.83
C VAL A 476 31.46 15.27 -16.46
N HIS A 477 31.35 16.45 -17.09
CA HIS A 477 32.29 17.56 -16.94
C HIS A 477 32.15 18.28 -15.59
N SER A 478 33.19 19.03 -15.15
CA SER A 478 33.16 19.77 -13.89
C SER A 478 32.45 21.13 -13.92
N THR A 479 32.07 21.64 -15.10
CA THR A 479 31.38 22.94 -15.27
C THR A 479 30.20 22.84 -16.25
N PRO A 480 29.03 23.46 -15.99
CA PRO A 480 27.84 23.31 -16.83
C PRO A 480 28.04 23.77 -18.28
N PRO A 481 27.87 22.91 -19.30
CA PRO A 481 28.13 23.26 -20.69
C PRO A 481 27.08 24.20 -21.32
N GLY A 482 25.89 24.30 -20.71
CA GLY A 482 24.78 25.13 -21.21
C GLY A 482 24.83 26.62 -20.81
N ILE A 483 25.86 27.07 -20.09
CA ILE A 483 25.99 28.45 -19.60
C ILE A 483 27.13 29.17 -20.33
N ALA A 484 26.85 30.31 -20.94
CA ALA A 484 27.82 31.03 -21.77
C ALA A 484 29.07 31.49 -21.00
N GLU A 485 28.88 31.99 -19.78
CA GLU A 485 29.97 32.43 -18.89
C GLU A 485 30.97 31.32 -18.56
N SER A 486 30.62 30.04 -18.73
CA SER A 486 31.51 28.93 -18.39
C SER A 486 32.68 28.77 -19.37
N HIS A 487 32.50 29.16 -20.63
CA HIS A 487 33.45 28.84 -21.70
C HIS A 487 34.60 29.85 -21.82
N TRP A 488 34.39 31.12 -21.47
CA TRP A 488 35.20 32.19 -22.04
C TRP A 488 36.62 32.32 -21.46
N LEU A 489 36.95 31.67 -20.34
CA LEU A 489 38.35 31.52 -19.93
C LEU A 489 39.17 30.65 -20.91
N GLY A 490 38.53 29.67 -21.55
CA GLY A 490 39.17 28.84 -22.58
C GLY A 490 39.40 29.59 -23.90
N ASN A 491 38.50 30.50 -24.27
CA ASN A 491 38.63 31.32 -25.48
C ASN A 491 39.81 32.30 -25.38
N PHE A 492 40.06 32.86 -24.19
CA PHE A 492 41.20 33.75 -23.94
C PHE A 492 42.55 33.11 -24.28
N GLU A 493 42.76 31.84 -23.91
CA GLU A 493 44.01 31.12 -24.18
C GLU A 493 44.29 30.99 -25.69
N LEU A 494 43.26 30.79 -26.52
CA LEU A 494 43.42 30.72 -27.97
C LEU A 494 43.79 32.10 -28.55
N LEU A 495 43.17 33.19 -28.07
CA LEU A 495 43.52 34.54 -28.51
C LEU A 495 44.96 34.92 -28.12
N LEU A 496 45.43 34.52 -26.94
CA LEU A 496 46.81 34.75 -26.50
C LEU A 496 47.81 33.92 -27.30
N LEU A 497 47.40 32.76 -27.79
CA LEU A 497 48.29 31.93 -28.60
C LEU A 497 48.46 32.34 -30.05
N ASP A 498 47.39 32.70 -30.73
CA ASP A 498 47.45 33.01 -32.16
C ASP A 498 48.49 34.05 -32.50
N ASN A 499 48.42 35.22 -31.66
CA ASN A 499 49.46 36.26 -31.95
C ASN A 499 50.72 35.97 -31.14
N SER A 500 51.01 34.71 -30.87
CA SER A 500 52.30 34.19 -30.37
C SER A 500 52.67 34.57 -28.93
N GLY A 501 51.67 34.75 -28.06
CA GLY A 501 51.89 35.06 -26.63
C GLY A 501 51.98 36.55 -26.32
N GLU A 502 51.35 37.42 -27.11
CA GLU A 502 51.38 38.87 -26.93
C GLU A 502 49.98 39.49 -26.95
N LEU A 503 49.66 40.41 -26.04
CA LEU A 503 48.32 40.96 -25.88
C LEU A 503 47.91 41.90 -27.03
N ASP A 504 46.60 41.99 -27.24
CA ASP A 504 45.92 42.86 -28.20
C ASP A 504 44.50 43.20 -27.68
N ASN A 505 43.76 44.10 -28.30
CA ASN A 505 42.44 44.54 -27.85
C ASN A 505 41.47 43.38 -27.60
N HIS A 506 41.49 42.36 -28.44
CA HIS A 506 40.64 41.16 -28.30
C HIS A 506 40.94 40.40 -27.00
N SER A 507 42.19 40.36 -26.55
CA SER A 507 42.55 39.80 -25.24
C SER A 507 42.10 40.73 -24.10
N GLN A 508 42.24 42.05 -24.27
CA GLN A 508 41.90 43.02 -23.23
C GLN A 508 40.41 43.03 -22.88
N VAL A 509 39.51 42.92 -23.87
CA VAL A 509 38.06 42.89 -23.58
C VAL A 509 37.66 41.64 -22.79
N LEU A 510 38.24 40.47 -23.09
CA LEU A 510 38.03 39.26 -22.30
C LEU A 510 38.57 39.43 -20.87
N TYR A 511 39.79 39.95 -20.72
CA TYR A 511 40.40 40.15 -19.41
C TYR A 511 39.55 41.05 -18.49
N ASP A 512 38.99 42.12 -19.04
CA ASP A 512 38.08 42.98 -18.29
C ASP A 512 36.73 42.31 -17.97
N GLN A 513 36.15 41.55 -18.90
CA GLN A 513 34.89 40.84 -18.63
C GLN A 513 35.03 39.76 -17.55
N ILE A 514 36.12 39.00 -17.55
CA ILE A 514 36.41 38.01 -16.51
C ILE A 514 36.50 38.69 -15.14
N LYS A 515 37.30 39.77 -15.03
CA LYS A 515 37.46 40.53 -13.80
C LYS A 515 36.16 41.18 -13.32
N ALA A 516 35.28 41.61 -14.22
CA ALA A 516 34.00 42.21 -13.88
C ALA A 516 33.01 41.19 -13.28
N HIS A 517 32.93 39.97 -13.81
CA HIS A 517 31.96 38.96 -13.35
C HIS A 517 32.45 38.15 -12.14
N PHE A 518 33.67 37.59 -12.19
CA PHE A 518 34.17 36.73 -11.11
C PHE A 518 34.80 37.47 -9.93
N GLY A 519 35.14 38.76 -10.08
CA GLY A 519 35.82 39.55 -9.05
C GLY A 519 37.34 39.36 -9.03
N ILE A 520 38.03 40.24 -8.29
CA ILE A 520 39.49 40.45 -8.41
C ILE A 520 40.36 39.31 -7.83
N ASP A 521 40.02 38.76 -6.67
CA ASP A 521 40.84 37.74 -6.00
C ASP A 521 40.50 36.29 -6.41
N SER A 522 39.49 36.08 -7.24
CA SER A 522 38.99 34.76 -7.65
C SER A 522 39.97 33.97 -8.51
N ILE A 523 39.90 32.64 -8.42
CA ILE A 523 40.87 31.72 -9.04
C ILE A 523 40.95 31.85 -10.57
N GLU A 524 39.86 32.15 -11.27
CA GLU A 524 39.88 32.42 -12.72
C GLU A 524 40.88 33.51 -13.10
N LEU A 525 40.95 34.61 -12.36
CA LEU A 525 41.86 35.71 -12.69
C LEU A 525 43.31 35.39 -12.28
N LYS A 526 43.52 34.73 -11.13
CA LYS A 526 44.86 34.25 -10.75
C LYS A 526 45.46 33.32 -11.80
N LYS A 527 44.64 32.42 -12.35
CA LYS A 527 45.08 31.47 -13.39
C LYS A 527 45.36 32.17 -14.71
N ALA A 528 44.52 33.13 -15.11
CA ALA A 528 44.74 33.91 -16.34
C ALA A 528 46.03 34.75 -16.30
N ASP A 529 46.33 35.40 -15.17
CA ASP A 529 47.58 36.17 -15.00
C ASP A 529 48.83 35.30 -15.19
N SER A 530 48.79 34.04 -14.75
CA SER A 530 49.92 33.12 -14.88
C SER A 530 50.28 32.84 -16.34
N LEU A 531 49.30 32.69 -17.24
CA LEU A 531 49.54 32.45 -18.67
C LEU A 531 50.35 33.58 -19.30
N ILE A 532 49.98 34.84 -19.07
CA ILE A 532 50.71 36.00 -19.58
C ILE A 532 52.14 35.98 -19.05
N ARG A 533 52.30 35.80 -17.73
CA ARG A 533 53.59 35.97 -17.06
C ARG A 533 54.61 34.87 -17.42
N ILE A 534 54.19 33.65 -17.75
CA ILE A 534 55.10 32.64 -18.30
C ILE A 534 55.31 32.79 -19.81
N ASN A 535 54.24 32.92 -20.59
CA ASN A 535 54.34 32.78 -22.05
C ASN A 535 54.90 34.02 -22.75
N LYS A 536 54.89 35.18 -22.08
CA LYS A 536 55.69 36.34 -22.50
C LYS A 536 57.15 36.13 -22.14
N MET A 537 57.59 36.60 -20.97
CA MET A 537 59.00 36.86 -20.70
C MET A 537 59.88 35.61 -20.82
N LYS A 538 59.62 34.55 -20.06
CA LYS A 538 60.54 33.41 -19.97
C LYS A 538 60.65 32.62 -21.28
N ASN A 539 59.60 32.61 -22.09
CA ASN A 539 59.61 32.03 -23.43
C ASN A 539 60.31 32.96 -24.46
N LYS A 540 59.86 34.21 -24.59
CA LYS A 540 60.35 35.17 -25.59
C LYS A 540 61.85 35.48 -25.41
N LEU A 541 62.27 35.85 -24.21
CA LEU A 541 63.66 36.24 -23.95
C LEU A 541 64.63 35.09 -24.20
N ASN A 542 64.30 33.86 -23.80
CA ASN A 542 65.13 32.69 -24.06
C ASN A 542 65.31 32.46 -25.57
N LYS A 543 64.22 32.45 -26.36
CA LYS A 543 64.31 32.22 -27.80
C LYS A 543 65.07 33.33 -28.53
N ILE A 544 64.78 34.60 -28.21
CA ILE A 544 65.43 35.76 -28.83
C ILE A 544 66.93 35.83 -28.49
N ARG A 545 67.31 35.50 -27.25
CA ARG A 545 68.72 35.52 -26.86
C ARG A 545 69.47 34.37 -27.51
N ALA A 546 68.91 33.18 -27.44
CA ALA A 546 69.50 32.02 -28.12
C ALA A 546 69.70 32.26 -29.63
N GLU A 547 68.76 32.96 -30.29
CA GLU A 547 68.98 33.51 -31.63
C GLU A 547 70.00 34.65 -31.59
N THR B 2 -20.19 60.86 1.26
CA THR B 2 -19.45 60.20 0.16
C THR B 2 -18.25 60.97 -0.38
N LYS B 3 -18.19 62.32 -0.35
CA LYS B 3 -17.17 63.11 -1.07
C LYS B 3 -15.72 62.68 -0.79
N GLN B 4 -15.41 62.19 0.41
CA GLN B 4 -14.09 61.61 0.73
C GLN B 4 -13.76 60.42 -0.17
N TYR B 5 -14.67 59.45 -0.31
CA TYR B 5 -14.47 58.27 -1.15
C TYR B 5 -14.34 58.65 -2.62
N GLU B 6 -15.05 59.68 -3.08
CA GLU B 6 -14.97 60.15 -4.46
C GLU B 6 -13.62 60.82 -4.76
N ARG B 7 -13.09 61.65 -3.84
CA ARG B 7 -11.74 62.23 -3.97
C ARG B 7 -10.65 61.17 -3.97
N LYS B 8 -10.79 60.09 -3.18
CA LYS B 8 -9.89 58.93 -3.19
C LYS B 8 -10.00 58.13 -4.49
N ALA B 9 -11.21 57.77 -4.92
CA ALA B 9 -11.42 56.92 -6.10
C ALA B 9 -10.84 57.54 -7.38
N LYS B 10 -11.05 58.84 -7.61
CA LYS B 10 -10.47 59.56 -8.75
C LYS B 10 -8.93 59.64 -8.74
N GLY B 11 -8.28 59.33 -7.62
CA GLY B 11 -6.82 59.19 -7.53
C GLY B 11 -6.28 57.79 -7.87
N GLY B 12 -7.14 56.81 -8.12
CA GLY B 12 -6.76 55.43 -8.48
C GLY B 12 -6.74 54.40 -7.34
N ASN B 13 -7.31 54.69 -6.17
CA ASN B 13 -7.48 53.72 -5.08
C ASN B 13 -8.54 52.65 -5.42
N LEU B 14 -8.22 51.36 -5.26
CA LEU B 14 -9.14 50.27 -5.62
C LEU B 14 -10.28 50.05 -4.63
N LEU B 15 -10.05 50.18 -3.33
CA LEU B 15 -11.06 49.88 -2.31
C LEU B 15 -12.18 50.94 -2.27
N SER B 16 -11.87 52.22 -2.49
CA SER B 16 -12.88 53.28 -2.56
C SER B 16 -13.81 53.11 -3.76
N ALA B 17 -13.29 52.72 -4.93
CA ALA B 17 -14.11 52.45 -6.10
C ALA B 17 -15.11 51.30 -5.86
N PHE B 18 -14.65 50.18 -5.30
CA PHE B 18 -15.53 49.05 -5.03
C PHE B 18 -16.62 49.38 -3.98
N GLU B 19 -16.30 50.17 -2.96
CA GLU B 19 -17.28 50.61 -1.97
C GLU B 19 -18.37 51.52 -2.59
N LEU B 20 -18.02 52.46 -3.45
CA LEU B 20 -19.01 53.29 -4.15
C LEU B 20 -19.88 52.47 -5.11
N TYR B 21 -19.32 51.47 -5.78
CA TYR B 21 -20.07 50.54 -6.63
C TYR B 21 -21.13 49.79 -5.82
N GLN B 22 -20.77 49.14 -4.71
CA GLN B 22 -21.73 48.39 -3.90
C GLN B 22 -22.81 49.29 -3.29
N ARG B 23 -22.57 50.53 -2.94
CA ARG B 23 -23.67 51.36 -2.42
C ARG B 23 -24.69 51.69 -3.48
N ASN B 24 -24.25 51.78 -4.72
CA ASN B 24 -25.13 52.21 -5.82
C ASN B 24 -25.65 51.04 -6.70
N SER B 25 -25.37 49.80 -6.31
CA SER B 25 -25.87 48.58 -6.98
C SER B 25 -27.34 48.26 -6.68
N ASP B 26 -28.00 49.04 -5.82
CA ASP B 26 -29.41 48.83 -5.44
C ASP B 26 -30.37 49.10 -6.62
N VAL B 36 -24.08 54.03 -12.03
CA VAL B 36 -23.23 53.02 -11.38
C VAL B 36 -22.19 52.42 -12.32
N GLY B 37 -22.37 52.57 -13.63
CA GLY B 37 -21.50 51.97 -14.66
C GLY B 37 -20.04 52.42 -14.55
N GLU B 38 -19.79 53.68 -14.18
CA GLU B 38 -18.43 54.22 -14.05
C GLU B 38 -17.58 53.45 -13.05
N TRP B 39 -18.14 53.11 -11.90
CA TRP B 39 -17.39 52.43 -10.85
C TRP B 39 -17.12 50.96 -11.20
N PHE B 40 -18.08 50.27 -11.83
CA PHE B 40 -17.88 48.89 -12.26
C PHE B 40 -16.77 48.76 -13.30
N GLU B 41 -16.77 49.60 -14.34
CA GLU B 41 -15.74 49.54 -15.38
C GLU B 41 -14.35 49.87 -14.82
N MET B 42 -14.26 50.84 -13.90
CA MET B 42 -13.00 51.21 -13.28
C MET B 42 -12.39 50.09 -12.41
N CYS B 43 -13.20 49.26 -11.76
CA CYS B 43 -12.71 48.03 -11.13
C CYS B 43 -12.21 47.01 -12.15
N ARG B 44 -12.97 46.70 -13.20
CA ARG B 44 -12.59 45.64 -14.15
C ARG B 44 -11.29 45.96 -14.89
N ASP B 45 -11.06 47.21 -15.27
CA ASP B 45 -9.82 47.61 -15.97
C ASP B 45 -8.55 47.52 -15.10
N TYR B 46 -8.63 47.75 -13.79
CA TYR B 46 -7.46 47.59 -12.91
C TYR B 46 -6.95 46.15 -12.89
N ILE B 47 -7.88 45.18 -12.92
CA ILE B 47 -7.57 43.74 -12.94
C ILE B 47 -7.10 43.28 -14.32
N GLN B 48 -7.69 43.79 -15.41
CA GLN B 48 -7.61 43.18 -16.73
C GLN B 48 -6.57 43.80 -17.69
N ASP B 49 -6.02 44.98 -17.43
CA ASP B 49 -5.05 45.64 -18.33
C ASP B 49 -3.62 45.08 -18.31
N GLY B 50 -2.93 45.20 -19.44
CA GLY B 50 -1.53 44.83 -19.66
C GLY B 50 -1.08 45.08 -21.10
N HIS B 51 0.17 44.77 -21.46
CA HIS B 51 0.66 44.89 -22.84
C HIS B 51 1.77 43.88 -23.18
N VAL B 52 2.04 43.66 -24.47
CA VAL B 52 3.11 42.78 -24.94
C VAL B 52 4.46 43.51 -24.93
N ASP B 53 5.51 42.89 -24.38
CA ASP B 53 6.87 43.44 -24.39
C ASP B 53 7.60 43.22 -25.73
N GLU B 54 8.82 43.76 -25.85
CA GLU B 54 9.57 43.70 -27.12
C GLU B 54 9.96 42.32 -27.59
N SER B 55 10.02 41.39 -26.68
CA SER B 55 10.32 39.97 -26.98
C SER B 55 9.07 39.11 -27.15
N GLY B 56 7.88 39.69 -27.12
CA GLY B 56 6.63 38.99 -27.41
C GLY B 56 5.99 38.29 -26.21
N ILE B 57 6.29 38.71 -24.97
CA ILE B 57 5.66 38.16 -23.75
C ILE B 57 4.65 39.17 -23.19
N PHE B 58 3.46 38.72 -22.79
CA PHE B 58 2.48 39.60 -22.15
C PHE B 58 2.90 39.96 -20.72
N ARG B 59 2.79 41.21 -20.33
CA ARG B 59 3.10 41.61 -18.96
C ARG B 59 1.97 42.46 -18.37
N PRO B 60 1.35 42.05 -17.25
CA PRO B 60 0.23 42.74 -16.63
C PRO B 60 0.67 44.10 -16.06
N ASP B 61 -0.24 45.05 -15.95
CA ASP B 61 0.09 46.35 -15.35
C ASP B 61 0.23 46.29 -13.82
N ASN B 62 -0.45 45.36 -13.15
CA ASN B 62 -0.37 45.16 -11.70
C ASN B 62 0.09 43.74 -11.35
N ALA B 63 1.25 43.60 -10.71
CA ALA B 63 1.80 42.32 -10.27
C ALA B 63 1.20 41.83 -8.94
N PHE B 64 1.51 40.61 -8.50
CA PHE B 64 1.04 40.02 -7.24
C PHE B 64 2.07 39.07 -6.62
N TYR B 65 2.57 39.34 -5.40
CA TYR B 65 3.59 38.53 -4.72
C TYR B 65 3.68 38.81 -3.21
N LEU B 66 4.47 38.02 -2.49
CA LEU B 66 4.73 38.12 -1.04
C LEU B 66 6.00 38.95 -0.73
N ARG B 67 5.98 39.88 0.21
CA ARG B 67 7.16 40.65 0.48
C ARG B 67 8.00 40.22 1.71
N ARG B 68 7.35 39.92 2.83
CA ARG B 68 8.03 39.51 4.05
C ARG B 68 7.32 38.52 4.95
N LEU B 69 8.05 37.86 5.82
CA LEU B 69 7.58 36.81 6.73
C LEU B 69 8.25 36.94 8.11
N THR B 70 7.56 36.62 9.21
CA THR B 70 8.10 36.68 10.58
C THR B 70 7.60 35.53 11.46
N LEU B 71 8.46 34.98 12.32
CA LEU B 71 8.14 33.83 13.18
C LEU B 71 8.51 34.09 14.65
N LYS B 72 7.66 33.71 15.61
CA LYS B 72 7.90 33.84 17.06
C LYS B 72 7.49 32.58 17.83
N ASP B 73 8.36 32.07 18.69
CA ASP B 73 8.14 30.89 19.55
C ASP B 73 7.56 29.66 18.81
N PHE B 74 7.91 29.51 17.53
CA PHE B 74 7.41 28.48 16.65
C PHE B 74 8.50 27.44 16.42
N ARG B 75 8.25 26.18 16.78
CA ARG B 75 9.24 25.09 16.73
C ARG B 75 10.60 25.54 17.28
N ARG B 76 11.70 25.42 16.57
CA ARG B 76 13.01 25.74 17.16
C ARG B 76 13.43 27.18 17.12
N PHE B 77 12.58 28.10 16.70
CA PHE B 77 12.96 29.51 16.52
C PHE B 77 12.50 30.44 17.65
N SER B 78 13.36 31.34 18.11
CA SER B 78 13.00 32.39 19.07
C SER B 78 12.30 33.59 18.43
N LEU B 79 12.95 34.25 17.46
CA LEU B 79 12.39 35.37 16.68
C LEU B 79 13.20 35.55 15.37
N LEU B 80 12.56 35.55 14.20
CA LEU B 80 13.24 35.52 12.89
C LEU B 80 12.52 36.33 11.81
N GLU B 81 13.24 36.92 10.85
CA GLU B 81 12.70 37.56 9.63
C GLU B 81 13.31 37.07 8.32
N ILE B 82 12.52 37.06 7.24
CA ILE B 82 12.93 36.68 5.88
C ILE B 82 12.50 37.75 4.86
N LYS B 83 13.33 38.05 3.85
CA LYS B 83 13.01 38.91 2.68
C LYS B 83 13.16 38.14 1.37
N LEU B 84 12.13 38.13 0.52
CA LEU B 84 12.02 37.26 -0.65
C LEU B 84 12.20 37.99 -1.99
N GLU B 85 12.82 37.35 -2.97
CA GLU B 85 12.86 37.82 -4.37
C GLU B 85 11.51 37.62 -5.06
N GLU B 86 11.16 38.44 -6.05
CA GLU B 86 9.90 38.29 -6.79
C GLU B 86 9.94 37.32 -7.99
N ASP B 87 11.09 36.72 -8.32
CA ASP B 87 11.22 35.69 -9.37
C ASP B 87 11.58 34.30 -8.81
N LEU B 88 12.72 34.13 -8.13
CA LEU B 88 13.20 32.84 -7.63
C LEU B 88 13.94 32.98 -6.29
N THR B 89 13.73 32.09 -5.33
CA THR B 89 14.48 32.06 -4.05
C THR B 89 14.81 30.64 -3.63
N VAL B 90 16.03 30.39 -3.15
CA VAL B 90 16.54 29.06 -2.79
C VAL B 90 17.15 29.05 -1.39
N ILE B 91 16.79 28.07 -0.55
CA ILE B 91 17.23 27.94 0.85
C ILE B 91 18.10 26.69 1.02
N ILE B 92 19.28 26.79 1.65
CA ILE B 92 20.25 25.68 1.79
C ILE B 92 20.71 25.45 3.24
N GLY B 93 21.08 24.21 3.59
CA GLY B 93 21.63 23.84 4.90
C GLY B 93 21.61 22.33 5.18
N ASN B 94 22.20 21.91 6.29
CA ASN B 94 22.21 20.50 6.74
C ASN B 94 20.84 20.00 7.23
N ASN B 95 20.72 18.70 7.52
CA ASN B 95 19.58 18.13 8.22
C ASN B 95 19.46 18.73 9.63
N GLY B 96 18.26 19.15 10.04
CA GLY B 96 17.97 19.72 11.35
C GLY B 96 17.97 21.26 11.43
N LYS B 97 18.52 21.98 10.44
CA LYS B 97 18.21 23.40 10.22
C LYS B 97 16.83 23.48 9.59
N GLY B 98 15.88 24.25 10.13
CA GLY B 98 14.44 24.06 9.88
C GLY B 98 13.87 24.49 8.51
N LYS B 99 14.30 23.86 7.41
CA LYS B 99 13.89 24.16 6.02
C LYS B 99 12.46 23.72 5.72
N THR B 100 12.02 22.51 6.11
CA THR B 100 10.62 22.10 5.93
C THR B 100 9.67 22.96 6.74
N SER B 101 10.02 23.30 7.99
CA SER B 101 9.16 24.09 8.86
C SER B 101 8.78 25.47 8.29
N ILE B 102 9.63 26.08 7.45
CA ILE B 102 9.32 27.34 6.77
C ILE B 102 8.23 27.16 5.68
N LEU B 103 8.30 26.14 4.83
CA LEU B 103 7.28 25.95 3.78
C LEU B 103 5.92 25.53 4.34
N TYR B 104 5.89 24.78 5.43
CA TYR B 104 4.66 24.41 6.15
C TYR B 104 3.91 25.63 6.71
N ALA B 105 4.61 26.65 7.19
CA ALA B 105 4.00 27.88 7.69
C ALA B 105 3.40 28.77 6.58
N ILE B 106 4.04 28.88 5.42
CA ILE B 106 3.51 29.61 4.26
C ILE B 106 2.23 28.94 3.73
N ALA B 107 2.21 27.61 3.60
CA ALA B 107 1.08 26.91 3.01
C ALA B 107 -0.24 27.07 3.80
N LYS B 108 -0.22 27.15 5.13
CA LYS B 108 -1.42 27.40 5.93
C LYS B 108 -2.01 28.80 5.73
N THR B 109 -1.18 29.80 5.45
CA THR B 109 -1.64 31.18 5.21
C THR B 109 -2.43 31.30 3.90
N LEU B 110 -2.03 30.61 2.83
CA LEU B 110 -2.74 30.65 1.55
C LEU B 110 -4.14 30.01 1.60
N SER B 111 -4.40 29.09 2.54
CA SER B 111 -5.69 28.40 2.61
C SER B 111 -6.88 29.33 2.90
N TRP B 112 -6.66 30.49 3.52
CA TRP B 112 -7.69 31.49 3.77
C TRP B 112 -8.10 32.28 2.52
N PHE B 113 -7.27 32.38 1.48
CA PHE B 113 -7.70 32.95 0.20
C PHE B 113 -8.59 31.98 -0.56
N VAL B 114 -8.16 30.72 -0.73
CA VAL B 114 -8.88 29.73 -1.57
C VAL B 114 -10.31 29.52 -1.09
N ALA B 115 -10.51 29.32 0.23
CA ALA B 115 -11.85 29.07 0.77
C ALA B 115 -12.85 30.21 0.52
N ASN B 116 -12.39 31.45 0.41
CA ASN B 116 -13.26 32.62 0.19
C ASN B 116 -13.48 32.98 -1.28
N ILE B 117 -12.74 32.39 -2.23
CA ILE B 117 -13.08 32.47 -3.66
C ILE B 117 -14.25 31.52 -3.97
N LEU B 118 -14.33 30.37 -3.31
CA LEU B 118 -15.37 29.35 -3.58
C LEU B 118 -16.73 29.65 -2.93
N LYS B 119 -16.78 30.21 -1.73
CA LYS B 119 -18.03 30.52 -0.98
C LYS B 119 -17.88 31.78 -0.14
N GLU B 120 -18.96 32.51 0.06
CA GLU B 120 -19.00 33.62 1.03
C GLU B 120 -18.91 33.09 2.47
N GLY B 121 -18.06 33.70 3.30
CA GLY B 121 -17.88 33.28 4.70
C GLY B 121 -17.24 31.89 4.85
N GLY B 122 -16.11 31.65 4.21
CA GLY B 122 -15.34 30.41 4.33
C GLY B 122 -14.44 30.36 5.58
N SER B 123 -13.67 29.28 5.73
CA SER B 123 -12.74 29.07 6.84
C SER B 123 -11.50 28.28 6.41
N GLY B 124 -10.33 28.58 6.98
CA GLY B 124 -9.05 27.93 6.65
C GLY B 124 -8.56 26.94 7.71
N GLN B 125 -7.31 26.51 7.60
CA GLN B 125 -6.66 25.58 8.54
C GLN B 125 -6.16 26.23 9.84
N ARG B 126 -5.81 25.29 10.81
CA ARG B 126 -5.29 25.78 12.07
C ARG B 126 -3.92 25.31 12.50
N LEU B 127 -3.32 26.03 13.50
CA LEU B 127 -2.11 25.51 14.15
C LEU B 127 -2.44 24.47 15.24
N SER B 128 -1.53 23.54 15.53
CA SER B 128 -1.74 22.46 16.50
C SER B 128 -1.41 22.86 17.94
N GLU B 129 -2.22 22.40 18.91
CA GLU B 129 -1.98 22.57 20.35
C GLU B 129 -0.77 21.78 20.87
N MET B 130 -0.41 20.69 20.20
CA MET B 130 0.37 19.60 20.81
C MET B 130 1.83 19.52 20.40
N THR B 131 2.16 20.20 19.25
CA THR B 131 3.48 20.08 18.66
C THR B 131 4.18 21.37 18.20
N ASP B 132 3.49 22.34 17.70
CA ASP B 132 4.07 23.51 17.02
C ASP B 132 4.59 24.62 17.96
N ILE B 133 4.18 24.65 19.23
CA ILE B 133 4.67 25.61 20.24
C ILE B 133 6.01 25.15 20.82
N LYS B 134 7.00 26.04 20.94
CA LYS B 134 8.36 25.72 21.42
C LYS B 134 8.39 25.06 22.80
N ASN B 135 9.17 23.98 22.97
CA ASN B 135 9.10 23.12 24.17
C ASN B 135 9.50 23.80 25.49
N ASP B 136 10.26 24.90 25.48
CA ASP B 136 10.80 25.54 26.70
C ASP B 136 10.57 27.06 26.78
N ALA B 137 9.71 27.63 25.95
CA ALA B 137 9.30 29.03 26.05
C ALA B 137 8.42 29.28 27.28
N GLU B 138 8.60 30.42 27.95
CA GLU B 138 7.90 30.78 29.20
C GLU B 138 6.44 31.23 28.99
N ASP B 139 6.13 31.84 27.84
CA ASP B 139 4.85 32.53 27.60
C ASP B 139 3.68 31.61 27.19
N ARG B 140 4.15 30.43 26.53
CA ARG B 140 3.17 29.42 26.14
C ARG B 140 2.16 29.86 25.11
N TYR B 141 2.49 30.65 24.20
CA TYR B 141 1.75 30.98 22.97
C TYR B 141 2.69 31.24 21.78
N SER B 142 2.17 31.22 20.55
CA SER B 142 2.98 31.41 19.33
C SER B 142 2.20 32.15 18.22
N ASP B 143 2.91 32.90 17.36
CA ASP B 143 2.39 33.77 16.29
C ASP B 143 3.13 33.61 14.95
N VAL B 144 2.43 33.77 13.82
CA VAL B 144 3.01 33.83 12.46
C VAL B 144 2.42 35.01 11.67
N SER B 145 3.25 35.82 11.00
CA SER B 145 2.83 37.09 10.36
C SER B 145 3.39 37.29 8.95
N SER B 146 2.62 37.88 8.02
CA SER B 146 2.96 38.03 6.59
C SER B 146 2.47 39.36 5.98
N THR B 147 2.95 39.74 4.78
CA THR B 147 2.51 40.95 4.05
C THR B 147 2.61 40.81 2.53
N PHE B 148 1.51 40.96 1.79
CA PHE B 148 1.43 40.85 0.32
C PHE B 148 1.37 42.20 -0.40
N PHE B 149 1.57 42.22 -1.73
CA PHE B 149 1.52 43.42 -2.60
C PHE B 149 0.61 43.22 -3.82
N PHE B 150 -0.12 44.24 -4.28
CA PHE B 150 -0.99 44.17 -5.46
C PHE B 150 -1.02 45.46 -6.31
N GLY B 151 0.14 46.04 -6.59
CA GLY B 151 0.29 47.24 -7.42
C GLY B 151 0.17 48.56 -6.67
N LYS B 152 0.50 49.68 -7.32
CA LYS B 152 0.59 51.01 -6.69
C LYS B 152 -0.73 51.57 -6.15
N GLY B 153 -1.87 50.97 -6.48
CA GLY B 153 -3.19 51.27 -5.89
C GLY B 153 -3.54 50.49 -4.62
N LEU B 154 -2.74 49.50 -4.21
CA LEU B 154 -2.96 48.67 -3.01
C LEU B 154 -1.63 48.07 -2.52
N LYS B 155 -0.82 48.87 -1.82
CA LYS B 155 0.58 48.55 -1.53
C LYS B 155 0.85 47.56 -0.39
N SER B 156 -0.09 47.32 0.53
CA SER B 156 0.14 46.48 1.72
C SER B 156 -1.11 45.77 2.23
N VAL B 157 -1.00 44.48 2.57
CA VAL B 157 -2.08 43.62 3.07
C VAL B 157 -1.57 42.68 4.17
N PRO B 158 -1.87 42.93 5.47
CA PRO B 158 -1.36 42.15 6.61
C PRO B 158 -2.28 41.01 7.10
N ILE B 159 -1.70 39.93 7.65
CA ILE B 159 -2.42 38.78 8.24
C ILE B 159 -1.66 38.26 9.47
N ARG B 160 -2.39 37.68 10.44
CA ARG B 160 -1.77 37.04 11.60
C ARG B 160 -2.48 35.80 12.12
N LEU B 161 -1.79 34.69 12.25
CA LEU B 161 -2.29 33.43 12.82
C LEU B 161 -1.64 33.16 14.19
N SER B 162 -2.41 32.68 15.18
CA SER B 162 -1.93 32.40 16.54
C SER B 162 -2.63 31.27 17.29
N ARG B 163 -2.04 30.76 18.38
CA ARG B 163 -2.67 29.71 19.22
C ARG B 163 -2.03 29.63 20.59
N SER B 164 -2.74 29.16 21.62
CA SER B 164 -2.21 29.08 22.98
C SER B 164 -2.21 27.67 23.54
N ALA B 165 -1.26 27.34 24.41
CA ALA B 165 -1.13 25.95 24.89
C ALA B 165 -2.29 25.44 25.76
N LEU B 166 -2.40 24.12 25.88
CA LEU B 166 -3.42 23.45 26.72
C LEU B 166 -3.32 23.82 28.20
N GLY B 167 -4.45 23.95 28.87
CA GLY B 167 -4.50 24.27 30.31
C GLY B 167 -4.20 25.73 30.68
N THR B 168 -3.87 26.60 29.71
CA THR B 168 -3.67 28.04 29.95
C THR B 168 -5.00 28.76 30.23
N ALA B 169 -4.94 29.87 30.96
CA ALA B 169 -6.12 30.61 31.43
C ALA B 169 -6.74 31.58 30.41
N GLU B 170 -5.95 32.08 29.45
CA GLU B 170 -6.35 33.09 28.45
C GLU B 170 -5.82 32.73 27.07
N ARG B 171 -6.58 33.02 26.00
CA ARG B 171 -6.21 32.67 24.62
C ARG B 171 -5.79 33.87 23.78
N ARG B 172 -4.76 33.71 22.94
CA ARG B 172 -4.48 34.60 21.79
C ARG B 172 -5.59 34.48 20.75
N ASP B 173 -5.68 35.46 19.87
CA ASP B 173 -6.76 35.63 18.90
C ASP B 173 -6.19 35.92 17.50
N SER B 174 -6.73 35.32 16.43
CA SER B 174 -6.26 35.52 15.05
C SER B 174 -6.84 36.79 14.41
N GLU B 175 -6.19 37.34 13.38
CA GLU B 175 -6.63 38.57 12.70
C GLU B 175 -6.60 38.41 11.18
N VAL B 176 -7.75 38.11 10.58
CA VAL B 176 -7.86 37.62 9.19
C VAL B 176 -8.75 38.47 8.26
N LYS B 177 -9.37 39.55 8.73
CA LYS B 177 -10.29 40.37 7.92
C LYS B 177 -9.70 40.91 6.60
N PRO B 178 -8.47 41.47 6.53
CA PRO B 178 -7.93 42.00 5.29
C PRO B 178 -7.86 41.01 4.12
N ALA B 179 -7.68 39.71 4.38
CA ALA B 179 -7.69 38.68 3.34
C ALA B 179 -9.09 38.42 2.77
N LYS B 180 -10.13 38.45 3.61
CA LYS B 180 -11.52 38.29 3.15
C LYS B 180 -11.93 39.41 2.21
N ASP B 181 -11.55 40.64 2.51
CA ASP B 181 -11.89 41.80 1.68
C ASP B 181 -11.31 41.74 0.25
N LEU B 182 -10.09 41.23 0.06
CA LEU B 182 -9.51 41.07 -1.27
C LEU B 182 -10.09 39.87 -2.02
N ALA B 183 -10.46 38.79 -1.35
CA ALA B 183 -11.09 37.64 -2.01
C ALA B 183 -12.49 37.97 -2.55
N ASP B 184 -13.25 38.79 -1.84
CA ASP B 184 -14.59 39.20 -2.26
C ASP B 184 -14.63 39.96 -3.59
N ILE B 185 -13.68 40.85 -3.87
CA ILE B 185 -13.68 41.59 -5.13
C ILE B 185 -13.37 40.67 -6.33
N TRP B 186 -12.48 39.68 -6.21
CA TRP B 186 -12.29 38.67 -7.27
C TRP B 186 -13.56 37.85 -7.51
N ARG B 187 -14.29 37.43 -6.50
CA ARG B 187 -15.48 36.62 -6.74
C ARG B 187 -16.67 37.41 -7.25
N VAL B 188 -16.95 38.54 -6.65
CA VAL B 188 -18.15 39.29 -7.06
C VAL B 188 -18.07 39.78 -8.50
N ILE B 189 -16.95 40.37 -8.93
CA ILE B 189 -16.83 40.90 -10.29
C ILE B 189 -16.98 39.82 -11.36
N ASN B 190 -16.50 38.61 -11.09
CA ASN B 190 -16.59 37.48 -12.01
C ASN B 190 -18.04 37.05 -12.31
N GLU B 191 -18.98 37.20 -11.38
CA GLU B 191 -20.37 36.76 -11.61
C GLU B 191 -21.13 37.62 -12.62
N VAL B 192 -20.71 38.87 -12.82
CA VAL B 192 -21.28 39.77 -13.84
C VAL B 192 -20.61 39.58 -15.21
N ASN B 193 -19.29 39.42 -15.28
CA ASN B 193 -18.56 39.19 -16.52
C ASN B 193 -17.26 38.40 -16.28
N THR B 194 -16.72 37.70 -17.29
CA THR B 194 -15.58 36.79 -17.11
C THR B 194 -14.24 37.51 -16.93
N ILE B 195 -13.35 36.96 -16.09
CA ILE B 195 -11.98 37.42 -15.82
C ILE B 195 -11.02 36.23 -15.60
N ASN B 196 -9.70 36.47 -15.65
CA ASN B 196 -8.67 35.49 -15.29
C ASN B 196 -8.41 35.46 -13.77
N LEU B 197 -7.95 34.33 -13.21
CA LEU B 197 -7.78 34.14 -11.75
C LEU B 197 -6.40 33.59 -11.34
N PRO B 198 -5.93 33.79 -10.09
CA PRO B 198 -4.63 33.30 -9.60
C PRO B 198 -4.55 31.78 -9.36
N THR B 199 -3.33 31.23 -9.41
CA THR B 199 -3.00 29.81 -9.14
C THR B 199 -2.18 29.63 -7.85
N PHE B 200 -2.51 28.65 -6.99
CA PHE B 200 -1.76 28.29 -5.78
C PHE B 200 -1.52 26.77 -5.68
N ALA B 201 -0.29 26.31 -5.40
CA ALA B 201 0.03 24.86 -5.30
C ALA B 201 1.24 24.53 -4.40
N LEU B 202 1.28 23.30 -3.87
CA LEU B 202 2.39 22.75 -3.06
C LEU B 202 2.76 21.33 -3.50
N TYR B 203 4.05 21.03 -3.70
CA TYR B 203 4.54 19.67 -3.98
C TYR B 203 5.48 19.18 -2.88
N ASN B 204 5.11 18.08 -2.23
CA ASN B 204 5.74 17.55 -1.02
C ASN B 204 6.58 16.28 -1.31
N VAL B 205 7.21 15.66 -0.32
CA VAL B 205 7.98 14.41 -0.48
C VAL B 205 7.09 13.16 -0.67
N GLU B 206 5.85 13.21 -0.20
CA GLU B 206 4.85 12.15 -0.43
C GLU B 206 4.43 11.99 -1.89
N ARG B 207 4.86 12.86 -2.81
CA ARG B 207 4.66 12.71 -4.25
C ARG B 207 5.26 11.42 -4.80
N SER B 208 6.28 10.87 -4.13
CA SER B 208 7.02 9.68 -4.56
C SER B 208 6.34 8.34 -4.26
N GLN B 209 5.33 8.30 -3.39
CA GLN B 209 4.74 7.03 -2.93
C GLN B 209 3.89 6.34 -4.03
N PRO B 210 3.96 5.00 -4.18
CA PRO B 210 3.06 4.24 -5.07
C PRO B 210 1.58 4.49 -4.78
N ARG B 222 -18.39 16.38 -17.16
CA ARG B 222 -17.86 15.92 -15.88
C ARG B 222 -16.66 16.77 -15.46
N GLU B 223 -16.27 17.73 -16.27
CA GLU B 223 -15.22 18.67 -15.87
C GLU B 223 -15.80 20.09 -15.70
N GLU B 224 -15.56 20.75 -14.58
CA GLU B 224 -16.04 22.12 -14.30
C GLU B 224 -14.88 23.06 -13.93
N ARG B 225 -14.99 24.35 -14.23
CA ARG B 225 -13.87 25.31 -14.09
C ARG B 225 -13.28 25.33 -12.67
N PHE B 226 -14.11 25.25 -11.63
CA PHE B 226 -13.64 25.27 -10.24
C PHE B 226 -13.13 23.93 -9.70
N ASP B 227 -12.99 22.90 -10.54
CA ASP B 227 -12.23 21.69 -10.18
C ASP B 227 -10.72 21.97 -10.06
N ALA B 228 -10.23 23.08 -10.63
CA ALA B 228 -8.82 23.47 -10.58
C ALA B 228 -8.27 23.67 -9.15
N TYR B 229 -9.11 24.14 -8.22
CA TYR B 229 -8.74 24.35 -6.81
C TYR B 229 -8.90 23.10 -5.92
N SER B 230 -9.35 21.97 -6.45
CA SER B 230 -9.50 20.74 -5.67
C SER B 230 -8.14 20.12 -5.28
N GLN B 231 -7.96 19.83 -3.98
CA GLN B 231 -6.75 19.23 -3.37
C GLN B 231 -5.42 19.96 -3.66
N THR B 232 -5.45 21.24 -4.06
CA THR B 232 -4.28 21.92 -4.62
C THR B 232 -3.14 22.15 -3.63
N LEU B 233 -3.44 22.18 -2.32
CA LEU B 233 -2.45 22.25 -1.23
C LEU B 233 -2.25 20.90 -0.52
N GLY B 234 -2.74 19.80 -1.08
CA GLY B 234 -2.65 18.44 -0.54
C GLY B 234 -1.94 17.47 -1.48
N GLY B 235 -2.44 16.23 -1.60
CA GLY B 235 -1.88 15.22 -2.50
C GLY B 235 -2.08 15.57 -3.98
N ALA B 236 -0.97 15.70 -4.72
CA ALA B 236 -0.95 16.08 -6.13
C ALA B 236 0.23 15.43 -6.88
N GLY B 237 0.18 15.41 -8.21
CA GLY B 237 1.24 14.85 -9.05
C GLY B 237 1.23 13.32 -9.18
N ARG B 238 0.07 12.67 -8.99
CA ARG B 238 -0.10 11.23 -9.22
C ARG B 238 -0.08 10.88 -10.72
N PHE B 239 0.63 9.81 -11.06
CA PHE B 239 0.83 9.36 -12.44
C PHE B 239 -0.43 8.75 -13.08
N ASP B 240 -1.17 7.93 -12.33
CA ASP B 240 -2.33 7.19 -12.87
C ASP B 240 -3.46 8.12 -13.33
N HIS B 241 -3.71 9.21 -12.60
CA HIS B 241 -4.73 10.21 -12.97
C HIS B 241 -4.41 10.93 -14.28
N PHE B 242 -3.13 11.07 -14.64
CA PHE B 242 -2.75 11.64 -15.93
C PHE B 242 -3.05 10.68 -17.09
N VAL B 243 -2.62 9.43 -16.97
CA VAL B 243 -2.74 8.44 -18.06
C VAL B 243 -4.21 8.19 -18.42
N GLU B 244 -5.10 8.16 -17.44
CA GLU B 244 -6.52 7.95 -17.69
C GLU B 244 -7.18 9.12 -18.43
N TRP B 245 -6.86 10.36 -18.06
CA TRP B 245 -7.39 11.57 -18.73
C TRP B 245 -6.89 11.69 -20.16
N TYR B 246 -5.63 11.40 -20.42
CA TYR B 246 -5.05 11.53 -21.76
C TYR B 246 -5.63 10.54 -22.77
N ILE B 247 -5.85 9.28 -22.37
CA ILE B 247 -6.52 8.29 -23.22
C ILE B 247 -7.99 8.63 -23.44
N TYR B 248 -8.71 9.09 -22.41
CA TYR B 248 -10.09 9.57 -22.54
C TYR B 248 -10.22 10.70 -23.56
N LEU B 249 -9.34 11.70 -23.47
CA LEU B 249 -9.36 12.86 -24.36
C LEU B 249 -9.08 12.50 -25.82
N HIS B 250 -8.27 11.46 -26.09
CA HIS B 250 -7.98 10.98 -27.44
C HIS B 250 -9.19 10.37 -28.14
N LYS B 251 -9.95 9.50 -27.47
CA LYS B 251 -11.11 8.81 -28.07
C LYS B 251 -12.25 9.76 -28.41
N ARG B 252 -12.46 10.79 -27.60
CA ARG B 252 -13.58 11.74 -27.73
C ARG B 252 -13.43 12.69 -28.93
N THR B 253 -12.21 12.97 -29.33
CA THR B 253 -11.95 13.91 -30.43
C THR B 253 -11.04 13.34 -31.47
N VAL B 254 -11.55 12.43 -32.28
CA VAL B 254 -10.74 11.81 -33.31
C VAL B 254 -11.18 12.33 -34.63
N SER B 255 -12.49 12.38 -34.84
CA SER B 255 -13.01 12.95 -36.06
C SER B 255 -13.51 14.34 -35.75
N ASP B 256 -12.90 15.35 -36.35
CA ASP B 256 -13.33 16.70 -36.11
C ASP B 256 -13.45 16.92 -34.62
N SER B 306 -18.39 30.67 -16.43
CA SER B 306 -17.74 29.57 -17.14
C SER B 306 -17.72 29.77 -18.66
N ARG B 307 -16.52 29.83 -19.24
CA ARG B 307 -16.24 29.69 -20.68
C ARG B 307 -15.01 28.80 -20.86
N VAL B 308 -14.99 27.97 -21.88
CA VAL B 308 -14.02 26.87 -22.00
C VAL B 308 -13.46 26.78 -23.42
N LEU B 309 -12.15 26.54 -23.55
CA LEU B 309 -11.50 26.27 -24.83
C LEU B 309 -11.82 24.85 -25.35
N THR B 310 -12.00 24.69 -26.66
CA THR B 310 -12.30 23.39 -27.27
C THR B 310 -11.20 22.35 -27.02
N GLU B 311 -11.59 21.09 -26.82
CA GLU B 311 -10.71 20.02 -26.31
C GLU B 311 -9.46 19.76 -27.16
N SER B 312 -9.52 19.96 -28.47
CA SER B 312 -8.35 19.86 -29.35
C SER B 312 -7.27 20.88 -29.04
N VAL B 313 -7.63 22.09 -28.58
CA VAL B 313 -6.66 23.12 -28.15
C VAL B 313 -6.05 22.75 -26.81
N GLN B 314 -6.84 22.25 -25.86
CA GLN B 314 -6.35 21.78 -24.56
C GLN B 314 -5.28 20.70 -24.73
N LYS B 315 -5.54 19.69 -25.56
CA LYS B 315 -4.60 18.60 -25.85
C LYS B 315 -3.30 19.12 -26.47
N SER B 316 -3.39 20.08 -27.39
CA SER B 316 -2.21 20.67 -28.06
C SER B 316 -1.29 21.46 -27.12
N ILE B 317 -1.84 22.23 -26.18
CA ILE B 317 -1.05 23.04 -25.23
C ILE B 317 -0.27 22.17 -24.24
N VAL B 318 -0.87 21.11 -23.68
CA VAL B 318 -0.19 20.25 -22.71
C VAL B 318 1.01 19.52 -23.34
N GLU B 319 0.88 19.02 -24.57
CA GLU B 319 1.95 18.23 -25.21
C GLU B 319 3.24 19.02 -25.42
N LYS B 320 3.17 20.29 -25.85
CA LYS B 320 4.39 21.10 -26.05
C LYS B 320 5.06 21.51 -24.74
N ALA B 321 4.33 21.59 -23.62
CA ALA B 321 4.92 21.87 -22.32
C ALA B 321 5.81 20.72 -21.85
N ILE B 322 5.36 19.47 -21.97
CA ILE B 322 6.16 18.30 -21.60
C ILE B 322 7.42 18.20 -22.45
N CYS B 323 7.29 18.34 -23.78
CA CYS B 323 8.43 18.25 -24.70
C CYS B 323 9.48 19.36 -24.50
N SER B 324 9.08 20.52 -23.97
CA SER B 324 10.00 21.62 -23.69
C SER B 324 10.76 21.43 -22.38
N VAL B 325 10.08 21.06 -21.28
CA VAL B 325 10.69 21.06 -19.93
C VAL B 325 11.43 19.77 -19.56
N VAL B 326 10.91 18.58 -19.90
CA VAL B 326 11.49 17.30 -19.44
C VAL B 326 12.83 16.99 -20.15
N PRO B 327 13.88 16.52 -19.46
CA PRO B 327 15.27 16.55 -19.97
C PRO B 327 15.62 15.89 -21.31
N SER B 328 14.93 14.84 -21.79
CA SER B 328 15.22 14.30 -23.14
C SER B 328 14.05 13.67 -23.92
N ILE B 329 12.86 13.50 -23.31
CA ILE B 329 11.65 13.10 -24.06
C ILE B 329 11.40 14.11 -25.18
N SER B 330 11.33 13.65 -26.43
CA SER B 330 11.24 14.51 -27.62
C SER B 330 9.87 14.52 -28.30
N ASN B 331 9.04 13.50 -28.09
CA ASN B 331 7.66 13.41 -28.61
C ASN B 331 6.85 12.41 -27.76
N ILE B 332 5.51 12.53 -27.76
CA ILE B 332 4.57 11.64 -27.05
C ILE B 332 3.26 11.46 -27.84
N TRP B 333 2.67 10.26 -27.84
CA TRP B 333 1.39 9.99 -28.51
C TRP B 333 0.67 8.73 -27.99
N VAL B 334 -0.61 8.58 -28.34
CA VAL B 334 -1.48 7.43 -28.01
C VAL B 334 -1.70 6.58 -29.26
N GLU B 335 -1.65 5.25 -29.15
CA GLU B 335 -1.97 4.33 -30.26
C GLU B 335 -2.60 3.02 -29.76
N MET B 336 -3.36 2.32 -30.62
CA MET B 336 -4.14 1.13 -30.22
C MET B 336 -4.36 0.07 -31.31
N ILE B 337 -3.51 -0.01 -32.35
CA ILE B 337 -3.67 -1.00 -33.43
C ILE B 337 -3.40 -2.45 -32.99
N THR B 338 -2.73 -2.66 -31.86
CA THR B 338 -2.44 -3.98 -31.30
C THR B 338 -3.66 -4.63 -30.63
N GLY B 339 -4.81 -3.94 -30.58
CA GLY B 339 -6.01 -4.39 -29.88
C GLY B 339 -6.06 -4.02 -28.41
N SER B 340 -5.11 -3.21 -27.93
CA SER B 340 -5.00 -2.70 -26.56
C SER B 340 -4.43 -1.29 -26.56
N ASP B 341 -4.80 -0.46 -25.58
CA ASP B 341 -4.51 0.99 -25.58
C ASP B 341 -3.15 1.29 -24.93
N LEU B 342 -2.25 2.02 -25.60
CA LEU B 342 -0.89 2.30 -25.10
C LEU B 342 -0.45 3.76 -25.31
N VAL B 343 0.50 4.21 -24.49
CA VAL B 343 1.20 5.50 -24.61
C VAL B 343 2.64 5.27 -25.02
N LYS B 344 3.11 6.00 -26.02
CA LYS B 344 4.45 5.91 -26.61
C LYS B 344 5.23 7.19 -26.41
N VAL B 345 6.54 7.11 -26.24
CA VAL B 345 7.45 8.28 -26.17
C VAL B 345 8.71 8.05 -27.00
N THR B 346 9.29 9.12 -27.54
CA THR B 346 10.63 9.07 -28.15
C THR B 346 11.67 9.55 -27.15
N ASN B 347 12.57 8.67 -26.73
CA ASN B 347 13.58 8.90 -25.70
C ASN B 347 14.99 8.65 -26.26
N ASP B 348 15.85 9.66 -26.29
CA ASP B 348 17.21 9.60 -26.85
C ASP B 348 17.27 9.03 -28.29
N GLY B 349 16.22 9.25 -29.08
CA GLY B 349 16.09 8.76 -30.46
C GLY B 349 15.43 7.38 -30.61
N HIS B 350 15.25 6.61 -29.53
CA HIS B 350 14.49 5.35 -29.54
C HIS B 350 13.01 5.58 -29.25
N ASP B 351 12.13 4.71 -29.74
CA ASP B 351 10.70 4.74 -29.42
C ASP B 351 10.33 3.59 -28.47
N VAL B 352 9.70 3.89 -27.33
CA VAL B 352 9.43 2.94 -26.24
C VAL B 352 8.06 3.21 -25.59
N THR B 353 7.54 2.23 -24.85
CA THR B 353 6.33 2.40 -24.03
C THR B 353 6.64 3.11 -22.71
N ILE B 354 5.67 3.84 -22.17
CA ILE B 354 5.86 4.70 -20.99
C ILE B 354 6.33 3.95 -19.74
N ASP B 355 5.93 2.68 -19.57
CA ASP B 355 6.27 1.83 -18.43
C ASP B 355 7.72 1.31 -18.42
N GLN B 356 8.50 1.52 -19.48
CA GLN B 356 9.93 1.17 -19.50
C GLN B 356 10.82 2.24 -18.86
N LEU B 357 10.30 3.45 -18.61
CA LEU B 357 11.05 4.54 -18.00
C LEU B 357 11.40 4.25 -16.52
N SER B 358 12.52 4.80 -16.07
CA SER B 358 12.96 4.75 -14.67
C SER B 358 12.00 5.48 -13.72
N ASP B 359 11.89 5.04 -12.47
CA ASP B 359 11.02 5.65 -11.47
C ASP B 359 11.38 7.12 -11.14
N GLY B 360 12.63 7.52 -11.34
CA GLY B 360 13.02 8.93 -11.22
C GLY B 360 12.43 9.83 -12.31
N GLN B 361 12.16 9.30 -13.51
CA GLN B 361 11.59 10.07 -14.62
C GLN B 361 10.07 10.15 -14.57
N ARG B 362 9.40 9.08 -14.19
CA ARG B 362 7.97 9.14 -14.10
C ARG B 362 7.48 10.20 -13.11
N VAL B 363 8.07 10.29 -11.93
CA VAL B 363 7.72 11.32 -10.94
C VAL B 363 7.84 12.73 -11.54
N PHE B 364 8.97 13.10 -12.12
CA PHE B 364 9.18 14.45 -12.63
C PHE B 364 8.25 14.80 -13.80
N LEU B 365 7.99 13.86 -14.72
CA LEU B 365 7.02 14.05 -15.80
C LEU B 365 5.59 14.28 -15.28
N SER B 366 5.21 13.64 -14.17
CA SER B 366 3.88 13.82 -13.58
C SER B 366 3.67 15.19 -12.97
N LEU B 367 4.72 15.81 -12.42
CA LEU B 367 4.66 17.14 -11.83
C LEU B 367 4.36 18.22 -12.89
N VAL B 368 5.08 18.22 -14.00
CA VAL B 368 4.86 19.19 -15.09
C VAL B 368 3.46 19.06 -15.70
N ALA B 369 2.95 17.85 -15.87
CA ALA B 369 1.62 17.62 -16.43
C ALA B 369 0.50 18.13 -15.50
N ASP B 370 0.60 17.92 -14.19
CA ASP B 370 -0.37 18.42 -13.22
C ASP B 370 -0.45 19.96 -13.22
N LEU B 371 0.70 20.66 -13.20
CA LEU B 371 0.74 22.11 -13.21
C LEU B 371 0.16 22.70 -14.50
N ALA B 372 0.50 22.15 -15.66
CA ALA B 372 0.03 22.67 -16.94
C ALA B 372 -1.49 22.54 -17.10
N ARG B 373 -2.13 21.55 -16.53
CA ARG B 373 -3.58 21.38 -16.73
C ARG B 373 -4.44 22.34 -15.94
N ARG B 374 -3.83 22.90 -14.80
CA ARG B 374 -4.64 23.82 -14.04
C ARG B 374 -4.69 25.20 -14.68
N MET B 375 -3.67 25.69 -15.25
CA MET B 375 -3.65 27.00 -15.91
C MET B 375 -4.49 27.08 -17.19
N VAL B 376 -4.65 25.99 -17.93
CA VAL B 376 -5.53 25.95 -19.11
C VAL B 376 -7.01 26.13 -18.73
N MET B 377 -7.46 25.73 -17.54
CA MET B 377 -8.82 25.99 -17.06
C MET B 377 -9.01 27.39 -16.47
N LEU B 378 -8.00 27.96 -15.82
CA LEU B 378 -8.14 29.24 -15.13
C LEU B 378 -8.03 30.47 -16.04
N ASN B 379 -7.33 30.42 -17.15
CA ASN B 379 -7.14 31.59 -18.00
C ASN B 379 -7.69 31.46 -19.41
N PRO B 380 -9.00 31.49 -19.61
CA PRO B 380 -9.64 31.29 -20.92
C PRO B 380 -9.52 32.45 -21.91
N LEU B 381 -9.11 33.65 -21.49
CA LEU B 381 -9.05 34.84 -22.36
C LEU B 381 -7.63 35.28 -22.79
N LEU B 382 -6.56 34.64 -22.29
CA LEU B 382 -5.21 34.92 -22.77
C LEU B 382 -4.94 34.23 -24.12
N GLU B 383 -4.07 34.83 -24.93
CA GLU B 383 -3.63 34.24 -26.19
C GLU B 383 -2.72 33.00 -25.98
N ASN B 384 -1.95 32.98 -24.89
CA ASN B 384 -1.16 31.83 -24.43
C ASN B 384 -1.43 31.57 -22.93
N PRO B 385 -2.27 30.59 -22.55
CA PRO B 385 -2.68 30.36 -21.17
C PRO B 385 -1.56 30.16 -20.12
N LEU B 386 -0.32 29.85 -20.51
CA LEU B 386 0.80 29.63 -19.59
C LEU B 386 1.48 30.91 -19.06
N GLU B 387 1.00 32.10 -19.41
CA GLU B 387 1.56 33.38 -18.95
C GLU B 387 0.80 34.04 -17.76
N GLY B 388 -0.12 33.33 -17.11
CA GLY B 388 -0.89 33.84 -15.96
C GLY B 388 -0.11 33.97 -14.64
N ARG B 389 -0.78 34.51 -13.61
CA ARG B 389 -0.13 34.77 -12.32
C ARG B 389 -0.40 33.79 -11.18
N GLY B 390 0.56 33.64 -10.27
CA GLY B 390 0.42 32.64 -9.19
C GLY B 390 1.68 32.42 -8.34
N ILE B 391 1.60 31.52 -7.35
CA ILE B 391 2.70 31.18 -6.41
C ILE B 391 2.84 29.65 -6.30
N VAL B 392 4.06 29.11 -6.37
CA VAL B 392 4.33 27.66 -6.36
C VAL B 392 5.45 27.29 -5.39
N LEU B 393 5.23 26.26 -4.55
CA LEU B 393 6.16 25.77 -3.52
C LEU B 393 6.66 24.35 -3.83
N ILE B 394 7.97 24.11 -3.79
CA ILE B 394 8.53 22.76 -4.03
C ILE B 394 9.60 22.36 -3.04
N ASP B 395 9.59 21.13 -2.57
CA ASP B 395 10.53 20.67 -1.58
C ASP B 395 11.40 19.59 -2.11
N GLU B 396 12.69 19.63 -1.86
CA GLU B 396 13.66 18.66 -2.37
C GLU B 396 14.21 18.98 -3.75
N ILE B 397 13.51 18.77 -4.86
CA ILE B 397 14.12 18.99 -6.18
C ILE B 397 15.06 17.89 -6.58
N GLU B 398 16.15 17.65 -5.87
CA GLU B 398 17.06 16.61 -6.39
C GLU B 398 16.66 15.13 -6.13
N LEU B 399 15.44 14.87 -5.65
CA LEU B 399 15.00 13.51 -5.26
C LEU B 399 14.97 12.53 -6.46
N HIS B 400 15.70 11.41 -6.36
CA HIS B 400 15.82 10.34 -7.38
C HIS B 400 16.45 10.73 -8.74
N LEU B 401 17.29 11.78 -8.82
CA LEU B 401 17.94 12.19 -10.07
C LEU B 401 19.44 11.86 -10.12
N HIS B 402 19.88 11.19 -11.19
CA HIS B 402 21.28 10.88 -11.49
C HIS B 402 22.11 12.16 -11.76
N PRO B 403 23.41 12.21 -11.39
CA PRO B 403 24.25 13.42 -11.56
C PRO B 403 24.24 14.06 -12.95
N LYS B 404 24.09 13.30 -14.03
CA LYS B 404 23.98 13.85 -15.40
C LYS B 404 22.80 14.81 -15.56
N TRP B 405 21.64 14.46 -15.00
CA TRP B 405 20.41 15.25 -15.12
C TRP B 405 20.35 16.43 -14.14
N GLN B 406 21.02 16.37 -13.00
CA GLN B 406 20.94 17.43 -11.99
C GLN B 406 21.40 18.80 -12.52
N GLN B 407 22.35 18.84 -13.45
CA GLN B 407 22.87 20.10 -13.99
C GLN B 407 22.02 20.74 -15.09
N GLU B 408 20.80 20.26 -15.37
CA GLU B 408 19.97 20.82 -16.46
C GLU B 408 18.45 20.87 -16.21
N VAL B 409 17.96 20.83 -14.96
CA VAL B 409 16.52 21.00 -14.68
C VAL B 409 16.07 22.47 -14.49
N ILE B 410 16.81 23.31 -13.75
CA ILE B 410 16.32 24.65 -13.38
C ILE B 410 16.26 25.63 -14.57
N LEU B 411 17.21 25.58 -15.51
CA LEU B 411 17.24 26.54 -16.63
C LEU B 411 16.08 26.37 -17.64
N ASN B 412 15.46 25.20 -17.70
CA ASN B 412 14.26 24.98 -18.52
C ASN B 412 13.02 25.58 -17.84
N LEU B 413 12.81 25.25 -16.56
CA LEU B 413 11.56 25.48 -15.84
C LEU B 413 11.17 26.96 -15.77
N ARG B 414 12.14 27.85 -15.59
CA ARG B 414 11.91 29.30 -15.51
C ARG B 414 11.61 29.96 -16.86
N SER B 415 11.93 29.29 -17.97
CA SER B 415 11.65 29.80 -19.33
C SER B 415 10.22 29.49 -19.80
N ALA B 416 9.64 28.36 -19.37
CA ALA B 416 8.30 27.94 -19.76
C ALA B 416 7.16 28.69 -19.04
N PHE B 417 7.36 29.15 -17.80
CA PHE B 417 6.34 29.80 -16.96
C PHE B 417 6.81 31.19 -16.49
N PRO B 418 6.73 32.24 -17.34
CA PRO B 418 7.49 33.48 -17.11
C PRO B 418 6.97 34.44 -16.03
N ASN B 419 5.73 34.30 -15.53
CA ASN B 419 5.15 35.22 -14.53
C ASN B 419 4.88 34.62 -13.13
N ILE B 420 5.25 33.37 -12.86
CA ILE B 420 5.08 32.69 -11.57
C ILE B 420 6.21 33.06 -10.58
N GLN B 421 5.95 33.06 -9.26
CA GLN B 421 6.98 33.15 -8.22
C GLN B 421 7.29 31.77 -7.62
N PHE B 422 8.56 31.34 -7.61
CA PHE B 422 8.99 30.03 -7.12
C PHE B 422 9.78 30.11 -5.81
N ILE B 423 9.53 29.20 -4.86
CA ILE B 423 10.32 29.01 -3.64
C ILE B 423 10.76 27.55 -3.53
N ILE B 424 12.06 27.27 -3.29
CA ILE B 424 12.68 25.94 -3.49
C ILE B 424 13.70 25.60 -2.37
N THR B 425 13.93 24.31 -2.10
CA THR B 425 14.90 23.78 -1.11
C THR B 425 15.79 22.68 -1.71
N THR B 426 17.08 22.60 -1.33
CA THR B 426 18.05 21.60 -1.82
C THR B 426 19.27 21.42 -0.90
N HIS B 427 20.08 20.38 -1.09
CA HIS B 427 21.47 20.34 -0.61
C HIS B 427 22.50 19.78 -1.63
N SER B 428 22.18 19.65 -2.92
CA SER B 428 23.16 19.25 -3.95
C SER B 428 24.15 20.36 -4.30
N PRO B 429 25.46 20.13 -4.35
CA PRO B 429 26.42 21.13 -4.81
C PRO B 429 26.40 21.34 -6.34
N ILE B 430 25.90 20.38 -7.13
CA ILE B 430 25.86 20.49 -8.60
C ILE B 430 24.82 21.53 -9.03
N VAL B 431 23.64 21.51 -8.42
CA VAL B 431 22.52 22.39 -8.78
C VAL B 431 22.84 23.87 -8.55
N LEU B 432 23.62 24.22 -7.53
CA LEU B 432 23.98 25.62 -7.27
C LEU B 432 24.85 26.25 -8.39
N SER B 433 25.59 25.45 -9.16
CA SER B 433 26.48 25.96 -10.21
C SER B 433 25.74 26.62 -11.38
N THR B 434 24.41 26.51 -11.46
CA THR B 434 23.58 27.09 -12.53
C THR B 434 22.66 28.23 -12.10
N ILE B 435 22.83 28.82 -10.89
CA ILE B 435 22.04 29.97 -10.43
C ILE B 435 22.90 31.10 -9.84
N GLU B 436 22.41 32.33 -9.91
CA GLU B 436 23.12 33.57 -9.53
C GLU B 436 23.02 33.93 -8.04
N LYS B 437 24.06 34.53 -7.44
CA LYS B 437 24.16 34.63 -5.97
C LYS B 437 23.12 35.50 -5.25
N ARG B 438 22.38 36.37 -5.91
CA ARG B 438 21.35 37.14 -5.23
C ARG B 438 20.09 36.36 -4.83
N CYS B 439 19.91 35.15 -5.35
CA CYS B 439 18.76 34.28 -5.05
C CYS B 439 18.95 33.37 -3.84
N ILE B 440 20.11 33.35 -3.20
CA ILE B 440 20.51 32.34 -2.20
C ILE B 440 20.44 32.91 -0.78
N ARG B 441 19.93 32.14 0.19
CA ARG B 441 19.90 32.45 1.63
C ARG B 441 20.48 31.31 2.47
N GLU B 442 21.26 31.60 3.51
CA GLU B 442 21.95 30.59 4.33
C GLU B 442 22.07 30.93 5.83
N PHE B 443 22.24 29.91 6.67
CA PHE B 443 22.43 30.00 8.12
C PHE B 443 23.90 30.21 8.54
N GLU B 444 24.15 30.76 9.73
CA GLU B 444 25.49 30.92 10.30
C GLU B 444 26.19 29.59 10.66
N PRO B 445 27.54 29.59 10.84
CA PRO B 445 28.31 28.39 11.18
C PRO B 445 27.83 27.64 12.43
N ASN B 446 27.41 28.37 13.47
CA ASN B 446 26.76 27.83 14.65
C ASN B 446 25.62 28.75 15.11
N ASP B 447 24.49 28.18 15.53
CA ASP B 447 23.27 28.89 15.89
C ASP B 447 22.38 27.99 16.77
N ASP B 448 21.96 28.46 17.94
CA ASP B 448 21.04 27.73 18.83
C ASP B 448 19.55 27.91 18.47
N GLY B 449 19.22 28.82 17.55
CA GLY B 449 17.87 29.26 17.22
C GLY B 449 17.62 30.77 17.43
N ASP B 450 18.69 31.55 17.57
CA ASP B 450 18.67 32.96 18.03
C ASP B 450 19.22 33.97 17.00
N GLN B 451 19.61 33.55 15.80
CA GLN B 451 19.90 34.45 14.68
C GLN B 451 18.64 35.24 14.29
N SER B 452 18.72 36.56 14.11
CA SER B 452 17.55 37.41 13.81
C SER B 452 17.23 37.60 12.33
N PHE B 453 18.21 37.54 11.43
CA PHE B 453 18.04 37.87 10.01
C PHE B 453 19.00 37.04 9.13
N LEU B 454 18.58 36.64 7.92
CA LEU B 454 19.37 35.81 6.99
C LEU B 454 20.13 36.65 5.94
N ASP B 455 21.13 36.05 5.30
CA ASP B 455 22.01 36.71 4.33
C ASP B 455 22.49 35.78 3.19
N SER B 456 23.04 36.36 2.12
CA SER B 456 23.65 35.67 0.98
C SER B 456 25.16 35.40 1.11
N PRO B 457 25.72 34.42 0.38
CA PRO B 457 27.15 34.08 0.40
C PRO B 457 28.03 35.10 -0.34
N ASP B 458 29.36 35.01 -0.16
CA ASP B 458 30.34 35.92 -0.76
C ASP B 458 30.70 35.62 -2.22
N MET B 459 31.06 34.37 -2.56
CA MET B 459 31.59 34.03 -3.89
C MET B 459 30.51 33.97 -4.98
N GLN B 460 30.88 34.19 -6.24
CA GLN B 460 29.98 34.00 -7.38
C GLN B 460 29.84 32.53 -7.74
N THR B 461 28.61 31.98 -7.72
CA THR B 461 28.32 30.57 -8.01
C THR B 461 28.07 30.28 -9.49
N LYS B 462 27.59 31.24 -10.27
CA LYS B 462 27.16 31.05 -11.68
C LYS B 462 28.32 30.61 -12.59
N GLY B 463 28.37 29.34 -12.97
CA GLY B 463 29.39 28.80 -13.87
C GLY B 463 30.76 28.49 -13.22
N SER B 464 30.88 28.51 -11.89
CA SER B 464 32.14 28.21 -11.17
C SER B 464 32.43 26.72 -11.04
N GLU B 465 33.69 26.34 -10.75
CA GLU B 465 34.11 24.93 -10.60
C GLU B 465 33.44 24.20 -9.43
N ASN B 466 33.00 22.96 -9.65
CA ASN B 466 32.34 22.12 -8.66
C ASN B 466 33.14 21.95 -7.34
N ALA B 467 34.44 21.71 -7.43
CA ALA B 467 35.27 21.48 -6.25
C ALA B 467 35.53 22.73 -5.39
N GLN B 468 35.34 23.95 -5.93
CA GLN B 468 35.42 25.17 -5.14
C GLN B 468 34.16 25.39 -4.31
N ILE B 469 32.97 25.18 -4.89
CA ILE B 469 31.69 25.41 -4.21
C ILE B 469 31.56 24.55 -2.95
N LEU B 470 31.88 23.27 -3.06
CA LEU B 470 31.79 22.30 -1.96
C LEU B 470 32.68 22.67 -0.77
N GLU B 471 33.82 23.33 -1.02
CA GLU B 471 34.74 23.73 0.03
C GLU B 471 34.45 25.14 0.58
N GLN B 472 34.09 26.10 -0.28
CA GLN B 472 33.87 27.50 0.10
C GLN B 472 32.50 27.79 0.71
N VAL B 473 31.41 27.16 0.27
CA VAL B 473 30.05 27.44 0.76
C VAL B 473 29.41 26.30 1.56
N MET B 474 29.94 25.08 1.47
CA MET B 474 29.43 23.91 2.21
C MET B 474 30.40 23.32 3.25
N ASN B 475 31.63 23.85 3.37
CA ASN B 475 32.57 23.53 4.45
C ASN B 475 33.04 22.05 4.52
N VAL B 476 33.33 21.42 3.38
CA VAL B 476 33.77 20.00 3.29
C VAL B 476 35.07 19.87 2.49
N HIS B 477 36.03 19.03 2.93
CA HIS B 477 37.31 18.79 2.25
C HIS B 477 37.18 18.05 0.91
N SER B 478 38.17 18.18 0.03
CA SER B 478 38.20 17.53 -1.29
C SER B 478 38.53 16.04 -1.28
N THR B 479 38.99 15.43 -0.31
CA THR B 479 39.29 13.99 -0.16
C THR B 479 39.02 13.57 1.30
N PRO B 480 38.75 12.39 1.70
CA PRO B 480 38.20 12.00 2.99
C PRO B 480 39.29 11.89 4.06
N PRO B 481 39.23 12.69 5.14
CA PRO B 481 40.34 12.78 6.10
C PRO B 481 40.52 11.54 6.98
N GLY B 482 39.51 10.67 7.06
CA GLY B 482 39.54 9.43 7.85
C GLY B 482 40.25 8.24 7.19
N ILE B 483 40.73 8.37 5.95
CA ILE B 483 41.39 7.28 5.21
C ILE B 483 42.90 7.48 5.21
N ALA B 484 43.66 6.48 5.67
CA ALA B 484 45.10 6.60 5.93
C ALA B 484 45.94 6.93 4.69
N GLU B 485 45.65 6.30 3.54
CA GLU B 485 46.40 6.52 2.30
C GLU B 485 46.27 7.94 1.75
N SER B 486 45.31 8.73 2.21
CA SER B 486 45.11 10.11 1.71
C SER B 486 46.18 11.10 2.19
N HIS B 487 46.96 10.76 3.22
CA HIS B 487 47.96 11.64 3.83
C HIS B 487 49.41 11.42 3.35
N TRP B 488 49.67 10.43 2.50
CA TRP B 488 51.05 9.99 2.19
C TRP B 488 51.94 11.03 1.49
N LEU B 489 51.43 11.87 0.59
CA LEU B 489 52.30 12.86 -0.10
C LEU B 489 52.89 13.92 0.85
N GLY B 490 52.15 14.32 1.89
CA GLY B 490 52.66 15.24 2.90
C GLY B 490 53.84 14.65 3.70
N ASN B 491 53.74 13.37 4.05
CA ASN B 491 54.84 12.65 4.71
C ASN B 491 56.06 12.52 3.79
N PHE B 492 55.85 12.24 2.49
CA PHE B 492 56.94 12.14 1.53
C PHE B 492 57.71 13.45 1.34
N GLU B 493 57.03 14.60 1.20
CA GLU B 493 57.70 15.89 1.06
C GLU B 493 58.55 16.23 2.29
N LEU B 494 57.98 16.09 3.50
CA LEU B 494 58.70 16.32 4.75
C LEU B 494 59.93 15.40 4.90
N LEU B 495 59.77 14.11 4.60
CA LEU B 495 60.84 13.11 4.73
C LEU B 495 61.99 13.36 3.74
N LEU B 496 61.73 13.87 2.54
CA LEU B 496 62.75 14.24 1.57
C LEU B 496 63.53 15.50 1.99
N LEU B 497 62.84 16.49 2.58
CA LEU B 497 63.46 17.73 3.05
C LEU B 497 64.37 17.54 4.27
N ASP B 498 64.05 16.60 5.17
CA ASP B 498 64.85 16.29 6.35
C ASP B 498 66.29 15.89 6.00
N ASN B 499 66.48 14.97 5.05
CA ASN B 499 67.80 14.54 4.56
C ASN B 499 68.37 15.47 3.46
N SER B 500 68.10 16.77 3.53
CA SER B 500 68.65 17.80 2.63
C SER B 500 68.37 17.60 1.13
N GLY B 501 67.28 16.91 0.77
CA GLY B 501 66.91 16.67 -0.62
C GLY B 501 67.53 15.42 -1.27
N GLU B 502 68.16 14.55 -0.49
CA GLU B 502 68.67 13.25 -0.96
C GLU B 502 67.75 12.09 -0.53
N LEU B 503 67.50 11.16 -1.47
CA LEU B 503 66.72 9.95 -1.20
C LEU B 503 67.53 8.99 -0.31
N ASP B 504 66.83 8.18 0.48
CA ASP B 504 67.39 7.16 1.38
C ASP B 504 66.49 5.92 1.40
N ASN B 505 66.93 4.85 2.06
CA ASN B 505 66.16 3.61 2.17
C ASN B 505 64.70 3.84 2.65
N HIS B 506 64.47 4.69 3.66
CA HIS B 506 63.12 5.00 4.13
C HIS B 506 62.26 5.68 3.07
N SER B 507 62.74 6.75 2.45
CA SER B 507 61.97 7.50 1.44
C SER B 507 61.81 6.71 0.14
N GLN B 508 62.78 5.89 -0.25
CA GLN B 508 62.63 4.93 -1.34
C GLN B 508 61.50 3.93 -1.06
N VAL B 509 61.46 3.34 0.14
CA VAL B 509 60.39 2.42 0.52
C VAL B 509 59.02 3.10 0.48
N LEU B 510 58.89 4.33 0.97
CA LEU B 510 57.64 5.09 0.90
C LEU B 510 57.22 5.37 -0.56
N TYR B 511 58.14 5.77 -1.43
CA TYR B 511 57.89 6.01 -2.85
C TYR B 511 57.36 4.76 -3.57
N ASP B 512 57.86 3.57 -3.22
CA ASP B 512 57.34 2.31 -3.74
C ASP B 512 55.91 1.97 -3.30
N GLN B 513 55.46 2.42 -2.12
CA GLN B 513 54.06 2.19 -1.71
C GLN B 513 53.09 2.96 -2.61
N ILE B 514 53.38 4.25 -2.83
CA ILE B 514 52.56 5.15 -3.66
C ILE B 514 52.43 4.57 -5.07
N LYS B 515 53.55 4.20 -5.68
CA LYS B 515 53.58 3.63 -7.04
C LYS B 515 52.73 2.36 -7.15
N ALA B 516 52.85 1.44 -6.20
CA ALA B 516 52.10 0.19 -6.22
C ALA B 516 50.60 0.36 -5.96
N HIS B 517 50.19 1.32 -5.12
CA HIS B 517 48.77 1.56 -4.78
C HIS B 517 48.03 2.32 -5.89
N PHE B 518 48.55 3.47 -6.32
CA PHE B 518 47.87 4.33 -7.29
C PHE B 518 48.14 3.97 -8.75
N GLY B 519 49.26 3.31 -9.06
CA GLY B 519 49.59 2.84 -10.42
C GLY B 519 50.33 3.85 -11.30
N ILE B 520 50.85 3.36 -12.42
CA ILE B 520 51.94 3.98 -13.19
C ILE B 520 51.59 5.29 -13.92
N ASP B 521 50.32 5.53 -14.24
CA ASP B 521 49.86 6.75 -14.93
C ASP B 521 49.21 7.80 -13.99
N SER B 522 49.16 7.52 -12.69
CA SER B 522 48.39 8.32 -11.71
C SER B 522 48.92 9.74 -11.52
N ILE B 523 48.02 10.67 -11.19
CA ILE B 523 48.37 12.06 -10.87
C ILE B 523 49.32 12.12 -9.68
N GLU B 524 49.11 11.30 -8.65
CA GLU B 524 49.96 11.24 -7.46
C GLU B 524 51.41 10.98 -7.83
N LEU B 525 51.67 10.00 -8.71
CA LEU B 525 53.02 9.67 -9.14
C LEU B 525 53.64 10.76 -10.01
N LYS B 526 52.86 11.35 -10.94
CA LYS B 526 53.31 12.48 -11.77
C LYS B 526 53.66 13.72 -10.93
N LYS B 527 52.93 13.96 -9.85
CA LYS B 527 53.20 15.05 -8.92
C LYS B 527 54.45 14.79 -8.07
N ALA B 528 54.62 13.57 -7.55
CA ALA B 528 55.80 13.21 -6.76
C ALA B 528 57.12 13.31 -7.54
N ASP B 529 57.13 12.95 -8.83
CA ASP B 529 58.30 13.08 -9.70
C ASP B 529 58.80 14.54 -9.82
N SER B 530 57.89 15.51 -9.98
CA SER B 530 58.22 16.93 -10.08
C SER B 530 58.99 17.43 -8.85
N LEU B 531 58.58 17.03 -7.64
CA LEU B 531 59.29 17.40 -6.41
C LEU B 531 60.74 16.92 -6.43
N ILE B 532 61.00 15.69 -6.87
CA ILE B 532 62.36 15.15 -6.94
C ILE B 532 63.21 15.98 -7.91
N ARG B 533 62.70 16.30 -9.07
CA ARG B 533 63.53 17.03 -10.00
C ARG B 533 63.88 18.42 -9.50
N ILE B 534 62.88 19.27 -9.26
CA ILE B 534 63.21 20.66 -8.93
C ILE B 534 64.07 20.77 -7.68
N ASN B 535 63.89 19.87 -6.70
CA ASN B 535 64.71 19.85 -5.49
C ASN B 535 66.18 19.49 -5.80
N LYS B 536 66.42 18.58 -6.75
CA LYS B 536 67.78 18.21 -7.18
C LYS B 536 68.55 19.39 -7.78
N MET B 537 67.91 20.15 -8.67
CA MET B 537 68.51 21.36 -9.24
C MET B 537 68.73 22.45 -8.19
N LYS B 538 67.80 22.63 -7.24
CA LYS B 538 67.94 23.56 -6.12
C LYS B 538 69.17 23.22 -5.25
N ASN B 539 69.43 21.94 -4.98
CA ASN B 539 70.63 21.50 -4.27
C ASN B 539 71.92 21.73 -5.10
N LYS B 540 71.93 21.39 -6.40
CA LYS B 540 73.07 21.64 -7.30
C LYS B 540 73.49 23.12 -7.31
N LEU B 541 72.53 24.03 -7.45
CA LEU B 541 72.80 25.47 -7.49
C LEU B 541 73.39 25.97 -6.16
N ASN B 542 72.98 25.39 -5.04
CA ASN B 542 73.59 25.75 -3.78
C ASN B 542 75.04 25.35 -3.78
N LYS B 543 75.32 24.09 -4.15
CA LYS B 543 76.71 23.60 -4.16
C LYS B 543 77.63 24.42 -5.07
N ILE B 544 77.13 24.93 -6.19
CA ILE B 544 77.86 25.89 -7.05
C ILE B 544 78.14 27.19 -6.29
N ARG B 545 77.15 27.71 -5.54
CA ARG B 545 77.32 28.81 -4.57
C ARG B 545 78.01 28.29 -3.31
N THR C 2 9.47 -57.38 -29.66
CA THR C 2 9.14 -56.27 -30.60
C THR C 2 8.19 -56.65 -31.72
N LYS C 3 8.39 -57.74 -32.48
CA LYS C 3 7.52 -58.12 -33.64
C LYS C 3 6.02 -58.13 -33.31
N GLN C 4 5.66 -58.45 -32.08
CA GLN C 4 4.30 -58.42 -31.55
C GLN C 4 3.61 -57.07 -31.73
N TYR C 5 4.29 -55.95 -31.50
CA TYR C 5 3.71 -54.63 -31.73
C TYR C 5 3.45 -54.36 -33.20
N GLU C 6 4.29 -54.83 -34.11
CA GLU C 6 4.08 -54.64 -35.54
C GLU C 6 2.88 -55.42 -36.06
N ARG C 7 2.69 -56.67 -35.62
CA ARG C 7 1.53 -57.49 -36.00
C ARG C 7 0.22 -56.91 -35.47
N LYS C 8 0.23 -56.20 -34.34
CA LYS C 8 -0.93 -55.42 -33.85
C LYS C 8 -1.13 -54.10 -34.61
N ALA C 9 -0.07 -53.31 -34.79
CA ALA C 9 -0.15 -52.00 -35.42
C ALA C 9 -0.66 -52.06 -36.87
N LYS C 10 -0.14 -52.99 -37.68
CA LYS C 10 -0.59 -53.19 -39.07
C LYS C 10 -2.06 -53.65 -39.17
N GLY C 11 -2.65 -54.15 -38.10
CA GLY C 11 -4.07 -54.48 -38.00
C GLY C 11 -5.00 -53.32 -37.62
N GLY C 12 -4.47 -52.13 -37.32
CA GLY C 12 -5.26 -50.93 -37.03
C GLY C 12 -5.44 -50.55 -35.55
N ASN C 13 -4.75 -51.21 -34.62
CA ASN C 13 -4.75 -50.88 -33.20
C ASN C 13 -4.00 -49.55 -32.91
N LEU C 14 -4.57 -48.62 -32.15
CA LEU C 14 -3.98 -47.30 -31.93
C LEU C 14 -2.79 -47.30 -30.95
N LEU C 15 -2.91 -47.92 -29.77
CA LEU C 15 -1.89 -47.83 -28.72
C LEU C 15 -0.56 -48.47 -29.10
N SER C 16 -0.54 -49.50 -29.94
CA SER C 16 0.72 -50.08 -30.44
C SER C 16 1.47 -49.18 -31.43
N ALA C 17 0.79 -48.32 -32.18
CA ALA C 17 1.48 -47.43 -33.13
C ALA C 17 2.27 -46.32 -32.41
N PHE C 18 1.69 -45.70 -31.38
CA PHE C 18 2.37 -44.66 -30.60
C PHE C 18 3.56 -45.20 -29.80
N GLU C 19 3.45 -46.43 -29.30
CA GLU C 19 4.52 -47.16 -28.64
C GLU C 19 5.76 -47.36 -29.54
N LEU C 20 5.57 -47.72 -30.81
CA LEU C 20 6.68 -47.81 -31.77
C LEU C 20 7.27 -46.43 -32.11
N TYR C 21 6.44 -45.40 -32.27
CA TYR C 21 6.92 -44.06 -32.57
C TYR C 21 7.89 -43.54 -31.50
N GLN C 22 7.51 -43.58 -30.23
CA GLN C 22 8.39 -43.11 -29.16
C GLN C 22 9.67 -43.96 -29.02
N ARG C 23 9.56 -45.29 -29.12
CA ARG C 23 10.70 -46.21 -28.99
C ARG C 23 11.74 -46.05 -30.10
N ASN C 24 11.31 -45.83 -31.35
CA ASN C 24 12.22 -45.65 -32.49
C ASN C 24 12.71 -44.21 -32.66
N SER C 25 11.95 -43.21 -32.22
CA SER C 25 12.42 -41.81 -32.22
C SER C 25 13.52 -41.56 -31.17
N ASP C 26 13.45 -42.24 -30.02
CA ASP C 26 14.43 -42.17 -28.94
C ASP C 26 15.83 -42.62 -29.38
N GLY C 37 9.47 -42.37 -40.24
CA GLY C 37 8.27 -41.55 -40.18
C GLY C 37 6.96 -42.32 -40.43
N GLU C 38 7.04 -43.62 -40.73
CA GLU C 38 5.89 -44.49 -41.01
C GLU C 38 4.84 -44.48 -39.89
N TRP C 39 5.27 -44.49 -38.63
CA TRP C 39 4.39 -44.60 -37.48
C TRP C 39 3.74 -43.27 -37.06
N PHE C 40 4.31 -42.12 -37.43
CA PHE C 40 3.73 -40.82 -37.12
C PHE C 40 2.46 -40.54 -37.94
N GLU C 41 2.47 -40.86 -39.23
CA GLU C 41 1.32 -40.63 -40.11
C GLU C 41 0.11 -41.49 -39.72
N MET C 42 0.32 -42.74 -39.29
CA MET C 42 -0.75 -43.59 -38.76
C MET C 42 -1.42 -42.99 -37.52
N CYS C 43 -0.67 -42.34 -36.64
CA CYS C 43 -1.26 -41.67 -35.48
C CYS C 43 -2.06 -40.43 -35.88
N ARG C 44 -1.53 -39.58 -36.75
CA ARG C 44 -2.20 -38.32 -37.12
C ARG C 44 -3.44 -38.52 -37.99
N ASP C 45 -3.45 -39.47 -38.92
CA ASP C 45 -4.61 -39.70 -39.77
C ASP C 45 -5.81 -40.31 -39.04
N TYR C 46 -5.61 -41.19 -38.05
CA TYR C 46 -6.72 -41.74 -37.24
C TYR C 46 -7.56 -40.63 -36.59
N ILE C 47 -6.92 -39.54 -36.19
CA ILE C 47 -7.53 -38.39 -35.51
C ILE C 47 -8.24 -37.43 -36.48
N GLN C 48 -7.82 -37.35 -37.75
CA GLN C 48 -8.21 -36.28 -38.69
C GLN C 48 -9.17 -36.70 -39.82
N ASP C 49 -9.30 -37.97 -40.18
CA ASP C 49 -10.16 -38.40 -41.28
C ASP C 49 -11.68 -38.26 -41.03
N GLY C 50 -12.41 -37.88 -42.08
CA GLY C 50 -13.86 -37.72 -42.10
C GLY C 50 -14.39 -37.33 -43.49
N HIS C 51 -15.70 -37.18 -43.66
CA HIS C 51 -16.33 -36.81 -44.94
C HIS C 51 -17.61 -35.99 -44.76
N VAL C 52 -18.15 -35.44 -45.85
CA VAL C 52 -19.36 -34.60 -45.84
C VAL C 52 -20.59 -35.40 -46.27
N ASP C 53 -21.64 -35.42 -45.45
CA ASP C 53 -22.87 -36.17 -45.75
C ASP C 53 -23.79 -35.47 -46.76
N GLU C 54 -24.89 -36.11 -47.12
CA GLU C 54 -25.86 -35.63 -48.13
C GLU C 54 -26.59 -34.34 -47.74
N SER C 55 -26.55 -33.93 -46.47
CA SER C 55 -27.10 -32.66 -45.97
C SER C 55 -26.03 -31.57 -45.82
N GLY C 56 -24.77 -31.85 -46.18
CA GLY C 56 -23.68 -30.89 -46.11
C GLY C 56 -23.01 -30.80 -44.74
N ILE C 57 -23.16 -31.81 -43.87
CA ILE C 57 -22.58 -31.81 -42.52
C ILE C 57 -21.35 -32.72 -42.46
N PHE C 58 -20.24 -32.23 -41.90
CA PHE C 58 -19.01 -33.01 -41.76
C PHE C 58 -19.13 -34.06 -40.64
N ARG C 59 -18.76 -35.31 -40.90
CA ARG C 59 -18.81 -36.35 -39.87
C ARG C 59 -17.52 -37.12 -39.76
N PRO C 60 -16.84 -37.12 -38.60
CA PRO C 60 -15.57 -37.80 -38.36
C PRO C 60 -15.74 -39.32 -38.40
N ASP C 61 -14.69 -40.06 -38.78
CA ASP C 61 -14.76 -41.53 -38.81
C ASP C 61 -14.84 -42.19 -37.41
N ASN C 62 -14.21 -41.58 -36.40
CA ASN C 62 -14.15 -42.11 -35.05
C ASN C 62 -14.84 -41.16 -34.05
N ALA C 63 -15.91 -41.62 -33.41
CA ALA C 63 -16.66 -40.85 -32.40
C ALA C 63 -16.06 -40.98 -31.00
N PHE C 64 -16.46 -40.11 -30.06
CA PHE C 64 -16.05 -40.16 -28.65
C PHE C 64 -17.24 -39.91 -27.72
N TYR C 65 -17.57 -40.84 -26.82
CA TYR C 65 -18.70 -40.73 -25.88
C TYR C 65 -18.64 -41.73 -24.70
N LEU C 66 -19.51 -41.55 -23.70
CA LEU C 66 -19.64 -42.36 -22.47
C LEU C 66 -20.66 -43.51 -22.63
N ARG C 67 -20.38 -44.74 -22.24
CA ARG C 67 -21.36 -45.82 -22.44
C ARG C 67 -22.19 -46.22 -21.22
N ARG C 68 -21.50 -46.33 -20.04
CA ARG C 68 -22.14 -46.79 -18.79
C ARG C 68 -21.62 -46.21 -17.46
N LEU C 69 -22.48 -46.14 -16.40
CA LEU C 69 -22.09 -45.62 -15.08
C LEU C 69 -22.58 -46.55 -13.94
N THR C 70 -21.89 -46.59 -12.78
CA THR C 70 -22.30 -47.39 -11.60
C THR C 70 -21.91 -46.73 -10.27
N LEU C 71 -22.75 -46.84 -9.24
CA LEU C 71 -22.58 -46.20 -7.92
C LEU C 71 -22.80 -47.19 -6.77
N LYS C 72 -21.94 -47.20 -5.73
CA LYS C 72 -22.02 -48.08 -4.55
C LYS C 72 -21.85 -47.30 -3.25
N ASP C 73 -22.82 -47.35 -2.34
CA ASP C 73 -22.88 -46.56 -1.09
C ASP C 73 -22.50 -45.08 -1.28
N PHE C 74 -23.17 -44.38 -2.18
CA PHE C 74 -22.92 -42.98 -2.49
C PHE C 74 -24.18 -42.15 -2.22
N ARG C 75 -24.11 -41.16 -1.33
CA ARG C 75 -25.28 -40.38 -0.88
C ARG C 75 -26.48 -41.29 -0.60
N ARG C 76 -27.61 -41.15 -1.24
CA ARG C 76 -28.75 -41.98 -0.92
C ARG C 76 -28.86 -43.31 -1.63
N PHE C 77 -27.87 -43.69 -2.43
CA PHE C 77 -27.94 -44.91 -3.24
C PHE C 77 -27.10 -46.05 -2.66
N SER C 78 -27.71 -47.21 -2.46
CA SER C 78 -26.99 -48.43 -2.02
C SER C 78 -26.24 -49.10 -3.17
N LEU C 79 -26.91 -49.37 -4.29
CA LEU C 79 -26.32 -49.84 -5.56
C LEU C 79 -27.18 -49.38 -6.75
N LEU C 80 -26.59 -48.87 -7.83
CA LEU C 80 -27.33 -48.40 -9.01
C LEU C 80 -26.55 -48.58 -10.33
N GLU C 81 -27.24 -48.84 -11.44
CA GLU C 81 -26.68 -48.84 -12.80
C GLU C 81 -27.55 -48.07 -13.80
N ILE C 82 -26.94 -47.44 -14.81
CA ILE C 82 -27.61 -46.69 -15.87
C ILE C 82 -26.83 -46.76 -17.19
N LYS C 83 -27.53 -46.83 -18.32
CA LYS C 83 -26.99 -46.87 -19.70
C LYS C 83 -27.44 -45.64 -20.49
N LEU C 84 -26.54 -45.03 -21.27
CA LEU C 84 -26.75 -43.73 -21.93
C LEU C 84 -26.78 -43.83 -23.46
N GLU C 85 -27.50 -42.92 -24.10
CA GLU C 85 -27.62 -42.82 -25.56
C GLU C 85 -26.49 -41.98 -26.19
N GLU C 86 -26.18 -42.22 -27.45
CA GLU C 86 -25.09 -41.55 -28.16
C GLU C 86 -25.38 -40.07 -28.52
N ASP C 87 -26.66 -39.67 -28.65
CA ASP C 87 -27.06 -38.33 -29.07
C ASP C 87 -27.67 -37.47 -27.94
N LEU C 88 -28.72 -37.92 -27.25
CA LEU C 88 -29.44 -37.16 -26.22
C LEU C 88 -29.97 -38.06 -25.09
N THR C 89 -29.99 -37.61 -23.84
CA THR C 89 -30.66 -38.32 -22.73
C THR C 89 -31.30 -37.34 -21.75
N VAL C 90 -32.53 -37.61 -21.30
CA VAL C 90 -33.30 -36.73 -20.40
C VAL C 90 -33.80 -37.49 -19.17
N ILE C 91 -33.64 -36.91 -17.99
CA ILE C 91 -34.04 -37.50 -16.69
C ILE C 91 -35.17 -36.69 -16.04
N ILE C 92 -36.20 -37.35 -15.50
CA ILE C 92 -37.43 -36.73 -14.96
C ILE C 92 -37.74 -37.18 -13.51
N GLY C 93 -38.24 -36.26 -12.67
CA GLY C 93 -38.62 -36.60 -11.30
C GLY C 93 -39.09 -35.44 -10.42
N ASN C 94 -39.33 -35.67 -9.14
CA ASN C 94 -39.78 -34.63 -8.19
C ASN C 94 -38.67 -34.25 -7.20
N ASN C 95 -38.97 -33.54 -6.13
CA ASN C 95 -37.92 -33.11 -5.18
C ASN C 95 -37.45 -34.34 -4.46
N GLY C 96 -36.14 -34.43 -4.20
CA GLY C 96 -35.57 -35.53 -3.45
C GLY C 96 -35.36 -36.86 -4.09
N LYS C 97 -34.85 -36.93 -5.31
CA LYS C 97 -34.73 -38.21 -5.99
C LYS C 97 -33.37 -38.46 -6.56
N GLY C 98 -32.43 -37.57 -6.35
CA GLY C 98 -31.07 -37.77 -6.80
C GLY C 98 -30.65 -37.17 -8.10
N LYS C 99 -31.38 -36.21 -8.63
CA LYS C 99 -31.01 -35.73 -9.97
C LYS C 99 -29.69 -34.95 -9.98
N THR C 100 -29.50 -33.96 -9.12
CA THR C 100 -28.23 -33.22 -9.01
C THR C 100 -27.06 -34.13 -8.64
N SER C 101 -27.23 -35.08 -7.74
CA SER C 101 -26.15 -35.96 -7.30
C SER C 101 -25.54 -36.82 -8.42
N ILE C 102 -26.28 -37.13 -9.50
CA ILE C 102 -25.73 -37.85 -10.65
C ILE C 102 -24.76 -36.97 -11.46
N LEU C 103 -25.14 -35.73 -11.80
CA LEU C 103 -24.27 -34.84 -12.59
C LEU C 103 -23.00 -34.44 -11.83
N TYR C 104 -23.05 -34.30 -10.52
CA TYR C 104 -21.88 -34.08 -9.67
C TYR C 104 -20.83 -35.20 -9.79
N ALA C 105 -21.24 -36.47 -9.87
CA ALA C 105 -20.32 -37.61 -9.99
C ALA C 105 -19.63 -37.68 -11.36
N ILE C 106 -20.32 -37.32 -12.44
CA ILE C 106 -19.73 -37.30 -13.79
C ILE C 106 -18.73 -36.16 -13.91
N ALA C 107 -19.06 -34.96 -13.46
CA ALA C 107 -18.18 -33.79 -13.59
C ALA C 107 -16.81 -33.99 -12.93
N LYS C 108 -16.74 -34.59 -11.74
CA LYS C 108 -15.45 -34.89 -11.09
C LYS C 108 -14.60 -35.89 -11.88
N THR C 109 -15.22 -36.85 -12.56
CA THR C 109 -14.52 -37.84 -13.38
C THR C 109 -13.87 -37.22 -14.62
N LEU C 110 -14.50 -36.24 -15.28
CA LEU C 110 -13.94 -35.57 -16.46
C LEU C 110 -12.71 -34.71 -16.14
N SER C 111 -12.55 -34.22 -14.92
CA SER C 111 -11.46 -33.31 -14.53
C SER C 111 -10.05 -33.92 -14.66
N TRP C 112 -9.91 -35.24 -14.66
CA TRP C 112 -8.63 -35.92 -14.85
C TRP C 112 -8.14 -35.91 -16.30
N PHE C 113 -9.00 -35.76 -17.31
CA PHE C 113 -8.56 -35.50 -18.68
C PHE C 113 -8.01 -34.08 -18.84
N VAL C 114 -8.78 -33.07 -18.43
CA VAL C 114 -8.42 -31.66 -18.61
C VAL C 114 -7.09 -31.32 -17.94
N ALA C 115 -6.82 -31.86 -16.76
CA ALA C 115 -5.56 -31.62 -16.06
C ALA C 115 -4.32 -32.17 -16.79
N ASN C 116 -4.46 -33.19 -17.63
CA ASN C 116 -3.34 -33.83 -18.34
C ASN C 116 -3.17 -33.37 -19.80
N ILE C 117 -4.07 -32.57 -20.36
CA ILE C 117 -3.83 -31.84 -21.61
C ILE C 117 -2.96 -30.59 -21.37
N LEU C 118 -3.09 -29.93 -20.21
CA LEU C 118 -2.34 -28.71 -19.88
C LEU C 118 -0.89 -28.93 -19.41
N LYS C 119 -0.59 -30.03 -18.72
CA LYS C 119 0.71 -30.27 -18.05
C LYS C 119 0.97 -31.77 -17.93
N GLU C 120 2.23 -32.19 -18.00
CA GLU C 120 2.64 -33.58 -17.79
C GLU C 120 2.48 -34.02 -16.33
N GLY C 121 1.70 -35.07 -16.06
CA GLY C 121 1.55 -35.63 -14.71
C GLY C 121 0.73 -34.76 -13.74
N GLY C 122 -0.32 -34.09 -14.21
CA GLY C 122 -1.21 -33.25 -13.41
C GLY C 122 -2.14 -34.00 -12.46
N SER C 123 -2.98 -33.27 -11.71
CA SER C 123 -3.82 -33.81 -10.64
C SER C 123 -5.28 -33.36 -10.74
N GLY C 124 -6.24 -34.27 -10.58
CA GLY C 124 -7.67 -33.98 -10.61
C GLY C 124 -8.31 -33.77 -9.24
N GLN C 125 -9.64 -33.75 -9.20
CA GLN C 125 -10.45 -33.50 -8.00
C GLN C 125 -10.74 -34.76 -7.16
N ARG C 126 -11.14 -34.60 -5.89
CA ARG C 126 -11.40 -35.68 -4.90
C ARG C 126 -12.87 -35.72 -4.43
N LEU C 127 -13.28 -36.84 -3.82
CA LEU C 127 -14.53 -36.94 -3.04
C LEU C 127 -14.31 -36.49 -1.58
N SER C 128 -15.28 -35.84 -0.94
CA SER C 128 -15.18 -35.39 0.46
C SER C 128 -15.42 -36.52 1.45
N GLU C 129 -14.54 -36.67 2.45
CA GLU C 129 -14.69 -37.72 3.47
C GLU C 129 -15.69 -37.38 4.58
N MET C 130 -16.33 -36.20 4.53
CA MET C 130 -17.26 -35.74 5.57
C MET C 130 -18.75 -35.87 5.21
N THR C 131 -19.14 -35.82 3.94
CA THR C 131 -20.56 -35.70 3.54
C THR C 131 -21.03 -36.61 2.40
N ASP C 132 -20.15 -37.20 1.60
CA ASP C 132 -20.55 -38.01 0.44
C ASP C 132 -20.76 -39.50 0.75
N ILE C 133 -20.23 -40.01 1.87
CA ILE C 133 -20.46 -41.39 2.34
C ILE C 133 -21.88 -41.55 2.89
N LYS C 134 -22.59 -42.65 2.57
CA LYS C 134 -23.95 -42.90 3.06
C LYS C 134 -24.02 -43.00 4.59
N ASN C 135 -25.03 -42.40 5.23
CA ASN C 135 -25.05 -42.24 6.70
C ASN C 135 -25.10 -43.54 7.52
N ASP C 136 -25.67 -44.62 7.01
CA ASP C 136 -25.89 -45.87 7.76
C ASP C 136 -25.24 -47.12 7.14
N ALA C 137 -24.37 -46.95 6.14
CA ALA C 137 -23.61 -48.05 5.54
C ALA C 137 -22.61 -48.66 6.54
N GLU C 138 -22.56 -49.99 6.64
CA GLU C 138 -21.81 -50.70 7.67
C GLU C 138 -20.28 -50.76 7.45
N ASP C 139 -19.81 -50.66 6.21
CA ASP C 139 -18.40 -50.82 5.82
C ASP C 139 -17.64 -49.49 5.62
N ARG C 140 -18.42 -48.34 5.75
CA ARG C 140 -17.76 -47.02 5.73
C ARG C 140 -16.80 -46.63 4.62
N TYR C 141 -17.00 -47.02 3.43
CA TYR C 141 -16.33 -46.53 2.22
C TYR C 141 -17.25 -46.47 1.00
N SER C 142 -16.87 -45.72 -0.04
CA SER C 142 -17.70 -45.46 -1.23
C SER C 142 -16.90 -45.51 -2.54
N ASP C 143 -17.51 -45.93 -3.65
CA ASP C 143 -16.89 -46.14 -4.98
C ASP C 143 -17.74 -45.61 -6.15
N VAL C 144 -17.10 -45.08 -7.20
CA VAL C 144 -17.74 -44.62 -8.46
C VAL C 144 -16.97 -45.12 -9.69
N SER C 145 -17.64 -45.68 -10.71
CA SER C 145 -17.02 -46.37 -11.87
C SER C 145 -17.62 -46.02 -13.24
N SER C 146 -16.81 -45.98 -14.30
CA SER C 146 -17.18 -45.45 -15.65
C SER C 146 -16.57 -46.23 -16.82
N THR C 147 -17.02 -46.02 -18.07
CA THR C 147 -16.42 -46.61 -19.29
C THR C 147 -16.65 -45.77 -20.57
N PHE C 148 -15.58 -45.37 -21.26
CA PHE C 148 -15.62 -44.54 -22.48
C PHE C 148 -15.28 -45.32 -23.76
N PHE C 149 -15.61 -44.78 -24.95
CA PHE C 149 -15.37 -45.36 -26.28
C PHE C 149 -14.68 -44.36 -27.24
N PHE C 150 -13.76 -44.81 -28.11
CA PHE C 150 -13.09 -43.94 -29.09
C PHE C 150 -12.82 -44.62 -30.46
N GLY C 151 -13.85 -45.22 -31.05
CA GLY C 151 -13.78 -45.91 -32.33
C GLY C 151 -13.14 -47.30 -32.27
N LYS C 152 -13.14 -48.04 -33.38
CA LYS C 152 -12.69 -49.45 -33.41
C LYS C 152 -11.20 -49.69 -33.16
N GLY C 153 -10.38 -48.65 -33.04
CA GLY C 153 -8.98 -48.75 -32.62
C GLY C 153 -8.80 -49.01 -31.13
N LEU C 154 -9.75 -48.60 -30.27
CA LEU C 154 -9.83 -48.98 -28.84
C LEU C 154 -11.27 -48.83 -28.31
N LYS C 155 -11.91 -49.95 -27.99
CA LYS C 155 -13.34 -50.01 -27.68
C LYS C 155 -13.70 -49.88 -26.18
N SER C 156 -12.72 -49.78 -25.29
CA SER C 156 -12.97 -49.58 -23.85
C SER C 156 -11.85 -48.81 -23.13
N VAL C 157 -12.20 -47.95 -22.17
CA VAL C 157 -11.30 -47.20 -21.29
C VAL C 157 -11.95 -47.06 -19.89
N PRO C 158 -11.51 -47.80 -18.86
CA PRO C 158 -12.12 -47.80 -17.53
C PRO C 158 -11.45 -46.85 -16.52
N ILE C 159 -12.19 -46.36 -15.51
CA ILE C 159 -11.72 -45.48 -14.42
C ILE C 159 -12.48 -45.79 -13.12
N ARG C 160 -11.87 -45.67 -11.93
CA ARG C 160 -12.54 -45.71 -10.61
C ARG C 160 -12.03 -44.65 -9.63
N LEU C 161 -12.92 -43.99 -8.89
CA LEU C 161 -12.62 -43.09 -7.77
C LEU C 161 -13.19 -43.64 -6.44
N SER C 162 -12.48 -43.48 -5.32
CA SER C 162 -12.92 -43.99 -4.02
C SER C 162 -12.40 -43.27 -2.77
N ARG C 163 -13.08 -43.38 -1.62
CA ARG C 163 -12.58 -42.79 -0.35
C ARG C 163 -13.20 -43.39 0.88
N SER C 164 -12.49 -43.42 2.00
CA SER C 164 -12.99 -43.97 3.28
C SER C 164 -13.40 -42.94 4.31
N ALA C 165 -14.36 -43.26 5.18
CA ALA C 165 -14.89 -42.26 6.11
C ALA C 165 -13.85 -41.70 7.12
N LEU C 166 -14.09 -40.48 7.58
CA LEU C 166 -13.26 -39.77 8.57
C LEU C 166 -13.08 -40.58 9.86
N GLY C 167 -11.83 -40.72 10.33
CA GLY C 167 -11.48 -41.40 11.58
C GLY C 167 -11.40 -42.94 11.51
N THR C 168 -11.68 -43.56 10.37
CA THR C 168 -11.52 -45.02 10.17
C THR C 168 -10.07 -45.44 9.89
N ALA C 169 -9.73 -46.69 10.18
CA ALA C 169 -8.35 -47.20 10.20
C ALA C 169 -7.78 -47.71 8.86
N GLU C 170 -8.60 -47.91 7.83
CA GLU C 170 -8.20 -48.51 6.54
C GLU C 170 -8.63 -47.64 5.36
N ARG C 171 -7.73 -47.42 4.39
CA ARG C 171 -7.90 -46.47 3.29
C ARG C 171 -8.05 -47.19 1.94
N ARG C 172 -9.08 -46.86 1.15
CA ARG C 172 -9.25 -47.30 -0.26
C ARG C 172 -8.45 -46.43 -1.23
N ASP C 173 -8.11 -46.99 -2.39
CA ASP C 173 -7.30 -46.34 -3.43
C ASP C 173 -8.07 -46.12 -4.73
N SER C 174 -7.73 -45.06 -5.48
CA SER C 174 -8.28 -44.81 -6.82
C SER C 174 -7.47 -45.50 -7.93
N GLU C 175 -8.01 -45.61 -9.14
CA GLU C 175 -7.32 -46.23 -10.30
C GLU C 175 -7.46 -45.36 -11.55
N VAL C 176 -6.48 -44.48 -11.80
CA VAL C 176 -6.61 -43.40 -12.80
C VAL C 176 -5.68 -43.51 -14.01
N LYS C 177 -4.75 -44.46 -14.06
CA LYS C 177 -3.72 -44.52 -15.12
C LYS C 177 -4.26 -44.56 -16.56
N PRO C 178 -5.29 -45.33 -16.93
CA PRO C 178 -5.80 -45.35 -18.30
C PRO C 178 -6.20 -43.98 -18.87
N ALA C 179 -6.55 -43.00 -18.05
CA ALA C 179 -6.86 -41.64 -18.51
C ALA C 179 -5.60 -40.84 -18.88
N LYS C 180 -4.47 -41.06 -18.20
CA LYS C 180 -3.18 -40.43 -18.54
C LYS C 180 -2.64 -40.95 -19.87
N ASP C 181 -2.78 -42.24 -20.14
CA ASP C 181 -2.31 -42.86 -21.37
C ASP C 181 -2.93 -42.26 -22.64
N LEU C 182 -4.23 -41.98 -22.66
CA LEU C 182 -4.88 -41.38 -23.83
C LEU C 182 -4.57 -39.88 -23.97
N ALA C 183 -4.62 -39.12 -22.88
CA ALA C 183 -4.39 -37.67 -22.92
C ALA C 183 -2.99 -37.28 -23.39
N ASP C 184 -1.97 -38.12 -23.17
CA ASP C 184 -0.63 -37.90 -23.72
C ASP C 184 -0.56 -37.92 -25.24
N ILE C 185 -1.39 -38.69 -25.94
CA ILE C 185 -1.36 -38.75 -27.40
C ILE C 185 -1.81 -37.40 -27.98
N TRP C 186 -2.94 -36.86 -27.51
CA TRP C 186 -3.41 -35.54 -27.92
C TRP C 186 -2.39 -34.43 -27.61
N ARG C 187 -1.73 -34.46 -26.46
CA ARG C 187 -0.74 -33.45 -26.07
C ARG C 187 0.54 -33.51 -26.88
N VAL C 188 1.10 -34.70 -27.15
CA VAL C 188 2.39 -34.82 -27.85
C VAL C 188 2.29 -34.66 -29.37
N ILE C 189 1.25 -35.19 -30.04
CA ILE C 189 1.11 -35.03 -31.49
C ILE C 189 0.87 -33.56 -31.87
N ASN C 190 0.14 -32.80 -31.05
CA ASN C 190 -0.18 -31.40 -31.31
C ASN C 190 1.04 -30.47 -31.31
N GLU C 191 2.14 -30.82 -30.71
CA GLU C 191 3.26 -29.91 -30.69
C GLU C 191 4.03 -29.93 -31.98
N VAL C 192 4.03 -31.04 -32.70
CA VAL C 192 4.63 -31.10 -34.03
C VAL C 192 3.46 -31.16 -34.94
N ASN C 193 3.21 -30.15 -35.76
CA ASN C 193 2.00 -30.09 -36.59
C ASN C 193 0.85 -29.67 -35.68
N THR C 194 -0.38 -29.68 -36.15
CA THR C 194 -1.49 -29.20 -35.34
C THR C 194 -2.74 -30.05 -35.50
N ILE C 195 -3.58 -30.07 -34.49
CA ILE C 195 -4.85 -30.81 -34.55
C ILE C 195 -5.99 -30.05 -33.86
N ASN C 196 -7.24 -30.43 -34.13
CA ASN C 196 -8.42 -29.97 -33.40
C ASN C 196 -8.59 -30.72 -32.07
N LEU C 197 -9.13 -30.10 -31.01
CA LEU C 197 -9.19 -30.66 -29.65
C LEU C 197 -10.63 -30.69 -29.09
N PRO C 198 -10.98 -31.62 -28.17
CA PRO C 198 -12.32 -31.77 -27.62
C PRO C 198 -12.69 -30.75 -26.52
N THR C 199 -13.99 -30.57 -26.28
CA THR C 199 -14.58 -29.60 -25.33
C THR C 199 -15.38 -30.28 -24.21
N PHE C 200 -15.29 -29.77 -22.97
CA PHE C 200 -16.02 -30.24 -21.79
C PHE C 200 -16.57 -29.06 -20.96
N ALA C 201 -17.83 -29.09 -20.53
CA ALA C 201 -18.45 -28.01 -19.75
C ALA C 201 -19.62 -28.47 -18.83
N LEU C 202 -19.84 -27.74 -17.74
CA LEU C 202 -20.93 -27.93 -16.77
C LEU C 202 -21.63 -26.60 -16.48
N TYR C 203 -22.97 -26.56 -16.52
CA TYR C 203 -23.79 -25.43 -16.09
C TYR C 203 -24.83 -25.86 -15.05
N ASN C 204 -24.89 -25.21 -13.89
CA ASN C 204 -25.89 -25.50 -12.85
C ASN C 204 -26.61 -24.23 -12.36
N VAL C 205 -27.21 -24.24 -11.18
CA VAL C 205 -28.02 -23.09 -10.75
C VAL C 205 -27.23 -21.91 -10.22
N GLU C 206 -25.92 -21.93 -10.34
CA GLU C 206 -25.18 -20.76 -9.94
C GLU C 206 -25.00 -19.80 -11.11
N ARG C 207 -25.67 -20.03 -12.24
CA ARG C 207 -25.61 -19.08 -13.34
C ARG C 207 -26.31 -17.76 -13.10
N SER C 208 -27.46 -17.81 -12.32
CA SER C 208 -28.18 -16.56 -12.09
C SER C 208 -27.44 -15.64 -11.12
N GLN C 209 -26.92 -14.53 -11.63
CA GLN C 209 -26.21 -13.51 -10.85
C GLN C 209 -26.34 -12.12 -11.52
N PRO C 210 -26.12 -11.02 -10.79
CA PRO C 210 -26.15 -9.66 -11.33
C PRO C 210 -24.91 -9.32 -12.18
N PHE C 211 -24.97 -8.21 -12.90
CA PHE C 211 -23.95 -7.73 -13.84
C PHE C 211 -23.44 -6.33 -13.45
N ASN C 212 -22.14 -6.07 -13.63
CA ASN C 212 -21.52 -4.76 -13.45
C ASN C 212 -20.30 -4.56 -14.38
N ARG C 213 -19.96 -3.30 -14.65
CA ARG C 213 -18.88 -3.01 -15.59
C ARG C 213 -17.52 -2.83 -14.95
N ASN C 214 -17.48 -2.38 -13.71
CA ASN C 214 -16.22 -2.09 -13.07
C ASN C 214 -15.53 -3.35 -12.59
N ILE C 215 -14.93 -4.09 -13.52
CA ILE C 215 -14.27 -5.33 -13.17
C ILE C 215 -13.30 -5.82 -14.22
N LYS C 216 -12.20 -6.43 -13.79
CA LYS C 216 -11.27 -7.07 -14.74
C LYS C 216 -10.32 -8.02 -14.00
N ASP C 217 -9.75 -9.00 -14.72
CA ASP C 217 -8.77 -9.95 -14.17
C ASP C 217 -7.35 -9.62 -14.66
N ASN C 218 -6.41 -9.52 -13.73
CA ASN C 218 -4.99 -9.33 -14.02
C ASN C 218 -4.21 -10.65 -14.17
N THR C 219 -4.91 -11.78 -14.23
CA THR C 219 -4.34 -13.14 -14.37
C THR C 219 -4.60 -13.68 -15.78
N GLY C 220 -3.57 -14.18 -16.45
CA GLY C 220 -3.68 -14.74 -17.80
C GLY C 220 -3.85 -13.71 -18.92
N ARG C 221 -4.09 -14.17 -20.15
CA ARG C 221 -4.26 -13.30 -21.29
C ARG C 221 -5.44 -13.86 -22.02
N ARG C 222 -6.33 -13.04 -22.55
CA ARG C 222 -7.55 -13.54 -23.12
C ARG C 222 -7.54 -13.81 -24.60
N GLU C 223 -6.38 -13.91 -25.22
CA GLU C 223 -6.32 -14.11 -26.66
C GLU C 223 -5.43 -15.27 -27.05
N GLU C 224 -5.04 -16.09 -26.09
CA GLU C 224 -4.17 -17.24 -26.35
C GLU C 224 -4.86 -18.59 -26.17
N ARG C 225 -4.60 -19.56 -27.05
CA ARG C 225 -5.45 -20.75 -27.29
C ARG C 225 -5.83 -21.52 -26.02
N PHE C 226 -4.91 -21.76 -25.10
CA PHE C 226 -5.16 -22.55 -23.90
C PHE C 226 -5.95 -21.83 -22.81
N ASP C 227 -6.32 -20.55 -22.96
CA ASP C 227 -7.27 -19.90 -22.04
C ASP C 227 -8.68 -20.54 -22.11
N ALA C 228 -9.00 -21.26 -23.19
CA ALA C 228 -10.31 -21.88 -23.38
C ALA C 228 -10.68 -22.94 -22.33
N TYR C 229 -9.70 -23.62 -21.73
CA TYR C 229 -9.93 -24.59 -20.66
C TYR C 229 -10.05 -23.97 -19.25
N SER C 230 -9.80 -22.68 -19.08
CA SER C 230 -9.78 -22.04 -17.76
C SER C 230 -11.17 -22.05 -17.09
N GLN C 231 -11.26 -22.63 -15.89
CA GLN C 231 -12.47 -22.68 -15.06
C GLN C 231 -13.72 -23.30 -15.73
N THR C 232 -13.53 -24.23 -16.66
CA THR C 232 -14.60 -24.77 -17.52
C THR C 232 -15.57 -25.73 -16.83
N LEU C 233 -15.22 -26.30 -15.68
CA LEU C 233 -16.07 -27.21 -14.88
C LEU C 233 -16.50 -26.59 -13.54
N GLY C 234 -16.53 -25.26 -13.43
CA GLY C 234 -16.79 -24.55 -12.18
C GLY C 234 -18.25 -24.35 -11.78
N GLY C 235 -19.21 -24.53 -12.69
CA GLY C 235 -20.66 -24.45 -12.42
C GLY C 235 -21.36 -23.27 -13.08
N ALA C 236 -20.68 -22.15 -13.28
CA ALA C 236 -21.14 -21.00 -14.06
C ALA C 236 -20.03 -20.49 -14.97
N GLY C 237 -20.36 -20.03 -16.18
CA GLY C 237 -19.37 -19.57 -17.16
C GLY C 237 -18.83 -18.17 -16.86
N ARG C 238 -17.63 -17.90 -17.35
CA ARG C 238 -17.03 -16.60 -17.20
C ARG C 238 -17.48 -15.63 -18.29
N PHE C 239 -18.70 -15.13 -18.20
CA PHE C 239 -19.25 -14.14 -19.15
C PHE C 239 -18.51 -12.80 -19.12
N ASP C 240 -17.86 -12.46 -18.01
CA ASP C 240 -16.95 -11.32 -17.92
C ASP C 240 -15.68 -11.45 -18.78
N HIS C 241 -15.26 -12.65 -19.18
CA HIS C 241 -14.21 -12.84 -20.18
C HIS C 241 -14.72 -12.71 -21.62
N PHE C 242 -15.99 -12.98 -21.91
CA PHE C 242 -16.54 -12.83 -23.26
C PHE C 242 -16.54 -11.37 -23.72
N VAL C 243 -16.99 -10.44 -22.86
CA VAL C 243 -17.04 -9.01 -23.19
C VAL C 243 -15.64 -8.46 -23.50
N GLU C 244 -14.64 -8.80 -22.70
CA GLU C 244 -13.27 -8.36 -22.92
C GLU C 244 -12.67 -8.86 -24.24
N TRP C 245 -12.95 -10.11 -24.62
CA TRP C 245 -12.49 -10.69 -25.88
C TRP C 245 -13.19 -10.09 -27.10
N TYR C 246 -14.49 -9.84 -27.05
CA TYR C 246 -15.23 -9.26 -28.16
C TYR C 246 -14.82 -7.81 -28.46
N ILE C 247 -14.46 -7.02 -27.44
CA ILE C 247 -13.91 -5.67 -27.63
C ILE C 247 -12.51 -5.70 -28.25
N TYR C 248 -11.65 -6.66 -27.91
CA TYR C 248 -10.34 -6.82 -28.53
C TYR C 248 -10.41 -7.10 -30.04
N LEU C 249 -11.38 -7.90 -30.50
CA LEU C 249 -11.60 -8.14 -31.94
C LEU C 249 -11.93 -6.85 -32.68
N HIS C 250 -12.73 -5.96 -32.09
CA HIS C 250 -13.16 -4.70 -32.72
C HIS C 250 -11.99 -3.77 -33.00
N LYS C 251 -11.15 -3.49 -32.01
CA LYS C 251 -10.01 -2.58 -32.14
C LYS C 251 -8.96 -3.02 -33.17
N ARG C 252 -8.99 -4.25 -33.63
CA ARG C 252 -8.06 -4.66 -34.65
C ARG C 252 -8.72 -4.53 -35.98
N THR C 253 -9.89 -5.09 -36.12
CA THR C 253 -10.55 -5.07 -37.43
C THR C 253 -10.91 -3.67 -37.94
N VAL C 254 -11.07 -2.69 -37.06
CA VAL C 254 -11.32 -1.28 -37.44
C VAL C 254 -10.14 -0.60 -38.15
N SER C 255 -8.93 -1.17 -38.03
CA SER C 255 -7.73 -0.64 -38.71
C SER C 255 -7.63 -1.13 -40.18
N ASP C 256 -8.73 -1.08 -40.91
CA ASP C 256 -8.84 -1.51 -42.30
C ASP C 256 -7.98 -0.66 -43.27
N SER C 306 -2.78 -24.67 -43.26
CA SER C 306 -3.22 -23.29 -43.21
C SER C 306 -4.63 -23.22 -42.72
N ARG C 307 -5.49 -22.47 -43.40
CA ARG C 307 -6.91 -22.47 -43.06
C ARG C 307 -7.24 -21.76 -41.75
N VAL C 308 -6.28 -21.11 -41.12
CA VAL C 308 -6.61 -20.36 -39.93
C VAL C 308 -7.54 -19.25 -40.37
N LEU C 309 -8.19 -18.57 -39.43
CA LEU C 309 -9.14 -17.53 -39.79
C LEU C 309 -8.76 -16.13 -39.31
N THR C 310 -9.11 -15.12 -40.07
CA THR C 310 -8.84 -13.73 -39.64
C THR C 310 -9.89 -13.25 -38.63
N GLU C 311 -9.56 -12.24 -37.84
CA GLU C 311 -10.46 -11.71 -36.79
C GLU C 311 -11.81 -11.24 -37.35
N SER C 312 -11.85 -10.74 -38.59
CA SER C 312 -13.07 -10.38 -39.29
C SER C 312 -14.01 -11.57 -39.53
N VAL C 313 -13.49 -12.76 -39.81
CA VAL C 313 -14.31 -13.98 -39.96
C VAL C 313 -14.74 -14.52 -38.59
N GLN C 314 -13.82 -14.58 -37.63
CA GLN C 314 -14.14 -15.03 -36.27
C GLN C 314 -15.26 -14.18 -35.64
N LYS C 315 -15.22 -12.86 -35.80
CA LYS C 315 -16.25 -11.94 -35.30
C LYS C 315 -17.62 -12.20 -35.92
N SER C 316 -17.66 -12.51 -37.21
CA SER C 316 -18.93 -12.75 -37.93
C SER C 316 -19.63 -14.06 -37.55
N ILE C 317 -18.88 -15.15 -37.30
CA ILE C 317 -19.45 -16.44 -36.93
C ILE C 317 -20.25 -16.36 -35.61
N VAL C 318 -19.69 -15.70 -34.60
CA VAL C 318 -20.30 -15.60 -33.26
C VAL C 318 -21.60 -14.79 -33.27
N GLU C 319 -21.64 -13.65 -33.98
CA GLU C 319 -22.81 -12.79 -34.03
C GLU C 319 -24.02 -13.47 -34.67
N LYS C 320 -23.79 -14.32 -35.68
CA LYS C 320 -24.86 -15.06 -36.35
C LYS C 320 -25.52 -16.10 -35.46
N ALA C 321 -24.75 -16.83 -34.66
CA ALA C 321 -25.30 -17.84 -33.76
C ALA C 321 -26.18 -17.23 -32.65
N ILE C 322 -25.79 -16.09 -32.09
CA ILE C 322 -26.55 -15.43 -31.02
C ILE C 322 -27.93 -14.98 -31.53
N CYS C 323 -28.00 -14.33 -32.69
CA CYS C 323 -29.28 -13.86 -33.25
C CYS C 323 -30.19 -15.01 -33.70
N SER C 324 -29.63 -16.17 -34.04
CA SER C 324 -30.39 -17.33 -34.49
C SER C 324 -31.09 -18.08 -33.35
N VAL C 325 -30.47 -18.23 -32.18
CA VAL C 325 -30.99 -19.03 -31.07
C VAL C 325 -31.92 -18.25 -30.13
N VAL C 326 -31.55 -17.06 -29.67
CA VAL C 326 -32.36 -16.30 -28.69
C VAL C 326 -33.59 -15.68 -29.37
N PRO C 327 -34.84 -15.90 -28.90
CA PRO C 327 -36.04 -15.51 -29.66
C PRO C 327 -36.24 -14.02 -29.95
N SER C 328 -35.71 -13.10 -29.14
CA SER C 328 -36.11 -11.67 -29.15
C SER C 328 -34.96 -10.66 -29.29
N ILE C 329 -33.76 -11.10 -29.65
CA ILE C 329 -32.61 -10.24 -29.97
C ILE C 329 -32.36 -10.33 -31.47
N SER C 330 -32.13 -9.21 -32.15
CA SER C 330 -31.96 -9.20 -33.62
C SER C 330 -30.68 -8.53 -34.14
N ASN C 331 -29.95 -7.77 -33.33
CA ASN C 331 -28.64 -7.21 -33.69
C ASN C 331 -27.81 -6.83 -32.45
N ILE C 332 -26.48 -6.76 -32.58
CA ILE C 332 -25.52 -6.43 -31.51
C ILE C 332 -24.28 -5.69 -32.07
N TRP C 333 -23.70 -4.74 -31.33
CA TRP C 333 -22.47 -4.03 -31.73
C TRP C 333 -21.74 -3.36 -30.56
N VAL C 334 -20.49 -2.94 -30.80
CA VAL C 334 -19.65 -2.13 -29.88
C VAL C 334 -19.61 -0.68 -30.37
N GLU C 335 -19.66 0.31 -29.48
CA GLU C 335 -19.41 1.72 -29.82
C GLU C 335 -18.66 2.48 -28.72
N MET C 336 -17.92 3.52 -29.09
CA MET C 336 -16.98 4.20 -28.19
C MET C 336 -16.77 5.69 -28.47
N ILE C 337 -17.77 6.36 -29.04
CA ILE C 337 -17.70 7.78 -29.43
C ILE C 337 -17.67 8.75 -28.24
N THR C 338 -18.25 8.39 -27.09
CA THR C 338 -18.42 9.29 -25.93
C THR C 338 -17.18 9.45 -25.04
N GLY C 339 -16.19 8.60 -25.19
CA GLY C 339 -15.04 8.63 -24.31
C GLY C 339 -14.83 7.28 -23.68
N SER C 340 -15.86 6.44 -23.67
CA SER C 340 -15.76 5.09 -23.08
C SER C 340 -16.38 3.98 -23.94
N ASP C 341 -16.10 2.70 -23.66
CA ASP C 341 -16.57 1.57 -24.50
C ASP C 341 -17.85 0.86 -24.07
N LEU C 342 -18.84 0.72 -24.95
CA LEU C 342 -20.11 0.11 -24.53
C LEU C 342 -20.59 -0.94 -25.54
N VAL C 343 -21.36 -1.92 -25.07
CA VAL C 343 -22.02 -2.94 -25.89
C VAL C 343 -23.53 -2.69 -25.95
N LYS C 344 -24.10 -2.69 -27.16
CA LYS C 344 -25.50 -2.37 -27.44
C LYS C 344 -26.21 -3.53 -28.14
N VAL C 345 -27.51 -3.71 -27.89
CA VAL C 345 -28.35 -4.70 -28.56
C VAL C 345 -29.68 -4.11 -29.00
N THR C 346 -30.28 -4.67 -30.06
CA THR C 346 -31.66 -4.36 -30.46
C THR C 346 -32.59 -5.45 -29.96
N ASN C 347 -33.66 -5.07 -29.27
CA ASN C 347 -34.54 -5.96 -28.53
C ASN C 347 -35.98 -5.41 -28.56
N ASP C 348 -36.94 -6.19 -29.06
CA ASP C 348 -38.31 -5.72 -29.33
C ASP C 348 -38.39 -4.46 -30.24
N GLY C 349 -37.41 -4.28 -31.13
CA GLY C 349 -37.30 -3.09 -31.98
C GLY C 349 -36.75 -1.82 -31.29
N HIS C 350 -36.51 -1.86 -29.98
CA HIS C 350 -35.85 -0.80 -29.22
C HIS C 350 -34.36 -1.07 -29.02
N ASP C 351 -33.60 -0.06 -28.59
CA ASP C 351 -32.14 -0.08 -28.44
C ASP C 351 -31.74 0.10 -26.97
N VAL C 352 -30.97 -0.83 -26.40
CA VAL C 352 -30.63 -0.87 -24.97
C VAL C 352 -29.20 -1.37 -24.70
N THR C 353 -28.66 -1.03 -23.52
CA THR C 353 -27.44 -1.65 -22.96
C THR C 353 -27.77 -2.93 -22.16
N ILE C 354 -26.80 -3.82 -22.00
CA ILE C 354 -27.02 -5.17 -21.43
C ILE C 354 -27.61 -5.14 -20.02
N ASP C 355 -27.31 -4.12 -19.21
CA ASP C 355 -27.81 -3.97 -17.85
C ASP C 355 -29.31 -3.62 -17.75
N GLN C 356 -29.98 -3.31 -18.85
CA GLN C 356 -31.42 -3.00 -18.87
C GLN C 356 -32.31 -4.23 -19.20
N LEU C 357 -31.74 -5.36 -19.61
CA LEU C 357 -32.46 -6.59 -19.93
C LEU C 357 -33.07 -7.27 -18.68
N SER C 358 -34.16 -8.02 -18.84
CA SER C 358 -34.74 -8.80 -17.73
C SER C 358 -33.94 -10.07 -17.42
N ASP C 359 -34.13 -10.66 -16.23
CA ASP C 359 -33.35 -11.83 -15.81
C ASP C 359 -33.56 -13.06 -16.71
N GLY C 360 -34.79 -13.31 -17.17
CA GLY C 360 -35.06 -14.38 -18.14
C GLY C 360 -34.33 -14.20 -19.47
N GLN C 361 -34.09 -12.95 -19.91
CA GLN C 361 -33.35 -12.66 -21.14
C GLN C 361 -31.84 -12.76 -20.94
N ARG C 362 -31.31 -12.26 -19.84
CA ARG C 362 -29.86 -12.26 -19.63
C ARG C 362 -29.30 -13.64 -19.39
N VAL C 363 -30.02 -14.48 -18.67
CA VAL C 363 -29.57 -15.85 -18.43
C VAL C 363 -29.46 -16.67 -19.72
N PHE C 364 -30.44 -16.61 -20.62
CA PHE C 364 -30.41 -17.38 -21.86
C PHE C 364 -29.29 -16.92 -22.80
N LEU C 365 -29.08 -15.61 -22.96
CA LEU C 365 -27.95 -15.07 -23.72
C LEU C 365 -26.60 -15.52 -23.16
N SER C 366 -26.42 -15.45 -21.83
CA SER C 366 -25.17 -15.78 -21.16
C SER C 366 -24.70 -17.22 -21.43
N LEU C 367 -25.62 -18.19 -21.46
CA LEU C 367 -25.33 -19.59 -21.79
C LEU C 367 -24.85 -19.76 -23.24
N VAL C 368 -25.58 -19.22 -24.22
CA VAL C 368 -25.27 -19.42 -25.64
C VAL C 368 -23.97 -18.73 -26.05
N ALA C 369 -23.67 -17.55 -25.52
CA ALA C 369 -22.47 -16.80 -25.87
C ALA C 369 -21.16 -17.47 -25.40
N ASP C 370 -21.08 -18.02 -24.19
CA ASP C 370 -19.83 -18.61 -23.69
C ASP C 370 -19.42 -19.89 -24.41
N LEU C 371 -20.38 -20.76 -24.77
CA LEU C 371 -20.10 -21.99 -25.48
C LEU C 371 -19.54 -21.74 -26.88
N ALA C 372 -20.08 -20.77 -27.62
CA ALA C 372 -19.59 -20.43 -28.95
C ALA C 372 -18.13 -19.92 -28.95
N ARG C 373 -17.69 -19.14 -27.99
CA ARG C 373 -16.30 -18.73 -27.95
C ARG C 373 -15.32 -19.88 -27.77
N ARG C 374 -15.64 -20.88 -26.98
CA ARG C 374 -14.73 -21.97 -26.77
C ARG C 374 -14.66 -22.84 -28.01
N MET C 375 -15.77 -23.13 -28.66
CA MET C 375 -15.78 -23.89 -29.91
C MET C 375 -14.90 -23.27 -31.00
N VAL C 376 -14.95 -21.94 -31.16
CA VAL C 376 -14.19 -21.22 -32.20
C VAL C 376 -12.68 -21.22 -31.95
N MET C 377 -12.22 -21.14 -30.70
CA MET C 377 -10.78 -21.17 -30.40
C MET C 377 -10.14 -22.56 -30.52
N LEU C 378 -10.87 -23.64 -30.25
CA LEU C 378 -10.29 -24.99 -30.19
C LEU C 378 -10.23 -25.72 -31.54
N ASN C 379 -11.02 -25.27 -32.54
CA ASN C 379 -11.02 -25.89 -33.85
C ASN C 379 -10.63 -24.93 -34.93
N PRO C 380 -9.33 -24.71 -35.15
CA PRO C 380 -8.84 -23.72 -36.11
C PRO C 380 -8.83 -24.17 -37.59
N LEU C 381 -8.97 -25.46 -37.91
CA LEU C 381 -8.81 -25.99 -39.29
C LEU C 381 -10.12 -26.38 -39.99
N LEU C 382 -11.27 -26.45 -39.32
CA LEU C 382 -12.56 -26.74 -39.96
C LEU C 382 -13.10 -25.52 -40.74
N GLU C 383 -14.02 -25.76 -41.66
CA GLU C 383 -14.73 -24.69 -42.39
C GLU C 383 -15.84 -24.04 -41.53
N ASN C 384 -16.56 -24.83 -40.73
CA ASN C 384 -17.57 -24.36 -39.79
C ASN C 384 -17.22 -24.83 -38.36
N PRO C 385 -16.59 -23.99 -37.53
CA PRO C 385 -16.05 -24.42 -36.23
C PRO C 385 -17.06 -25.03 -35.25
N LEU C 386 -18.37 -24.82 -35.42
CA LEU C 386 -19.40 -25.30 -34.49
C LEU C 386 -19.73 -26.80 -34.62
N GLU C 387 -18.89 -27.59 -35.33
CA GLU C 387 -19.13 -29.01 -35.61
C GLU C 387 -18.12 -29.99 -34.98
N GLY C 388 -17.27 -29.55 -34.04
CA GLY C 388 -16.30 -30.41 -33.34
C GLY C 388 -16.89 -31.38 -32.30
N ARG C 389 -16.02 -32.23 -31.73
CA ARG C 389 -16.45 -33.19 -30.72
C ARG C 389 -16.48 -32.64 -29.29
N GLY C 390 -17.28 -33.25 -28.39
CA GLY C 390 -17.34 -32.84 -26.97
C GLY C 390 -18.51 -33.40 -26.16
N ILE C 391 -18.56 -33.10 -24.86
CA ILE C 391 -19.63 -33.50 -23.92
C ILE C 391 -20.11 -32.28 -23.10
N VAL C 392 -21.42 -32.08 -22.93
CA VAL C 392 -22.00 -30.91 -22.20
C VAL C 392 -23.10 -31.31 -21.21
N LEU C 393 -23.06 -30.81 -19.97
CA LEU C 393 -24.00 -31.12 -18.89
C LEU C 393 -24.81 -29.87 -18.48
N ILE C 394 -26.14 -29.96 -18.39
CA ILE C 394 -27.02 -28.82 -18.00
C ILE C 394 -28.15 -29.15 -17.03
N ASP C 395 -28.19 -28.51 -15.85
CA ASP C 395 -29.21 -28.78 -14.82
C ASP C 395 -30.29 -27.73 -14.68
N GLU C 396 -31.56 -28.12 -14.73
CA GLU C 396 -32.69 -27.18 -14.70
C GLU C 396 -32.69 -26.30 -15.93
N ILE C 397 -33.16 -26.82 -17.04
CA ILE C 397 -33.21 -26.14 -18.34
C ILE C 397 -34.33 -25.10 -18.47
N GLU C 398 -35.27 -25.04 -17.59
CA GLU C 398 -36.42 -24.09 -17.64
C GLU C 398 -36.41 -22.98 -16.60
N LEU C 399 -35.35 -22.88 -15.84
CA LEU C 399 -35.13 -21.77 -14.91
C LEU C 399 -35.41 -20.40 -15.57
N HIS C 400 -36.36 -19.62 -15.02
CA HIS C 400 -36.80 -18.30 -15.49
C HIS C 400 -37.49 -18.22 -16.87
N LEU C 401 -37.88 -19.32 -17.52
CA LEU C 401 -38.49 -19.28 -18.86
C LEU C 401 -40.02 -19.36 -18.85
N HIS C 402 -40.68 -18.46 -19.58
CA HIS C 402 -42.13 -18.45 -19.81
C HIS C 402 -42.62 -19.70 -20.58
N PRO C 403 -43.82 -20.24 -20.32
CA PRO C 403 -44.30 -21.50 -20.93
C PRO C 403 -44.29 -21.58 -22.47
N LYS C 404 -44.36 -20.46 -23.21
CA LYS C 404 -44.28 -20.52 -24.68
C LYS C 404 -42.84 -20.71 -25.20
N TRP C 405 -41.83 -20.25 -24.47
CA TRP C 405 -40.44 -20.57 -24.80
C TRP C 405 -40.03 -21.96 -24.32
N GLN C 406 -40.58 -22.47 -23.20
CA GLN C 406 -40.20 -23.77 -22.65
C GLN C 406 -40.33 -24.91 -23.65
N GLN C 407 -41.39 -24.93 -24.47
CA GLN C 407 -41.71 -26.07 -25.32
C GLN C 407 -40.86 -26.21 -26.60
N GLU C 408 -39.84 -25.37 -26.81
CA GLU C 408 -39.04 -25.38 -28.05
C GLU C 408 -37.52 -25.18 -27.88
N VAL C 409 -36.98 -25.09 -26.66
CA VAL C 409 -35.55 -24.82 -26.44
C VAL C 409 -34.65 -25.92 -26.99
N ILE C 410 -34.97 -27.20 -26.72
CA ILE C 410 -34.05 -28.32 -26.97
C ILE C 410 -33.76 -28.50 -28.47
N LEU C 411 -34.77 -28.39 -29.33
CA LEU C 411 -34.60 -28.62 -30.75
C LEU C 411 -33.77 -27.53 -31.45
N ASN C 412 -33.76 -26.29 -30.95
CA ASN C 412 -32.87 -25.25 -31.47
C ASN C 412 -31.39 -25.55 -31.18
N LEU C 413 -31.07 -25.97 -29.96
CA LEU C 413 -29.70 -26.32 -29.60
C LEU C 413 -29.17 -27.50 -30.41
N ARG C 414 -29.96 -28.57 -30.60
CA ARG C 414 -29.58 -29.71 -31.44
C ARG C 414 -29.41 -29.38 -32.92
N SER C 415 -30.05 -28.33 -33.41
CA SER C 415 -29.83 -27.83 -34.77
C SER C 415 -28.52 -27.04 -34.90
N ALA C 416 -28.22 -26.16 -33.94
CA ALA C 416 -27.02 -25.33 -34.00
C ALA C 416 -25.70 -26.07 -33.70
N PHE C 417 -25.72 -27.14 -32.92
CA PHE C 417 -24.54 -27.93 -32.53
C PHE C 417 -24.74 -29.43 -32.84
N PRO C 418 -24.40 -29.92 -34.05
CA PRO C 418 -24.83 -31.24 -34.52
C PRO C 418 -24.02 -32.46 -34.02
N ASN C 419 -22.79 -32.34 -33.52
CA ASN C 419 -21.94 -33.49 -33.15
C ASN C 419 -21.68 -33.69 -31.63
N ILE C 420 -22.23 -32.86 -30.75
CA ILE C 420 -22.05 -32.94 -29.28
C ILE C 420 -23.04 -33.93 -28.62
N GLN C 421 -22.65 -34.59 -27.52
CA GLN C 421 -23.54 -35.38 -26.66
C GLN C 421 -24.09 -34.53 -25.50
N PHE C 422 -25.42 -34.43 -25.35
CA PHE C 422 -26.08 -33.65 -24.29
C PHE C 422 -26.75 -34.53 -23.23
N ILE C 423 -26.56 -34.19 -21.95
CA ILE C 423 -27.24 -34.82 -20.80
C ILE C 423 -27.98 -33.75 -19.99
N ILE C 424 -29.30 -33.88 -19.79
CA ILE C 424 -30.20 -32.81 -19.31
C ILE C 424 -31.20 -33.35 -18.25
N THR C 425 -31.64 -32.51 -17.31
CA THR C 425 -32.67 -32.86 -16.31
C THR C 425 -33.79 -31.80 -16.18
N THR C 426 -34.97 -32.19 -15.71
CA THR C 426 -36.10 -31.26 -15.45
C THR C 426 -37.14 -31.88 -14.51
N HIS C 427 -38.04 -31.07 -13.98
CA HIS C 427 -39.21 -31.52 -13.19
C HIS C 427 -40.56 -31.03 -13.75
N SER C 428 -40.66 -30.63 -15.02
CA SER C 428 -41.94 -30.23 -15.64
C SER C 428 -42.28 -30.98 -16.94
N PRO C 429 -43.56 -31.29 -17.21
CA PRO C 429 -43.96 -32.20 -18.29
C PRO C 429 -44.03 -31.57 -19.69
N ILE C 430 -44.12 -30.24 -19.82
CA ILE C 430 -44.28 -29.58 -21.14
C ILE C 430 -43.03 -29.76 -22.01
N VAL C 431 -41.83 -29.71 -21.42
CA VAL C 431 -40.54 -29.81 -22.13
C VAL C 431 -40.42 -31.10 -22.93
N LEU C 432 -41.01 -32.21 -22.48
CA LEU C 432 -40.94 -33.50 -23.16
C LEU C 432 -41.76 -33.59 -24.45
N SER C 433 -42.70 -32.67 -24.68
CA SER C 433 -43.81 -32.88 -25.64
C SER C 433 -43.43 -33.12 -27.11
N THR C 434 -42.17 -32.96 -27.50
CA THR C 434 -41.66 -33.25 -28.85
C THR C 434 -40.58 -34.35 -28.90
N ILE C 435 -40.14 -34.90 -27.77
CA ILE C 435 -39.03 -35.86 -27.68
C ILE C 435 -39.47 -37.29 -27.99
N GLU C 436 -38.60 -38.10 -28.61
CA GLU C 436 -38.91 -39.51 -28.89
C GLU C 436 -38.83 -40.32 -27.60
N LYS C 437 -39.26 -41.58 -27.56
CA LYS C 437 -39.31 -42.32 -26.28
C LYS C 437 -38.12 -43.17 -25.86
N ARG C 438 -37.05 -43.20 -26.63
CA ARG C 438 -35.87 -43.94 -26.25
C ARG C 438 -34.88 -43.02 -25.57
N CYS C 439 -35.10 -41.71 -25.62
CA CYS C 439 -34.25 -40.73 -24.96
C CYS C 439 -34.58 -40.46 -23.48
N ILE C 440 -35.67 -41.02 -22.96
CA ILE C 440 -36.25 -40.68 -21.65
C ILE C 440 -35.91 -41.74 -20.60
N ARG C 441 -35.55 -41.32 -19.38
CA ARG C 441 -35.39 -42.16 -18.19
C ARG C 441 -36.18 -41.60 -17.01
N GLU C 442 -36.79 -42.43 -16.19
CA GLU C 442 -37.62 -41.97 -15.07
C GLU C 442 -37.57 -42.87 -13.83
N PHE C 443 -37.70 -42.28 -12.64
CA PHE C 443 -37.73 -42.98 -11.35
C PHE C 443 -39.14 -43.49 -10.99
N GLU C 444 -39.22 -44.55 -10.21
CA GLU C 444 -40.46 -44.99 -9.55
C GLU C 444 -40.97 -43.98 -8.49
N PRO C 445 -42.26 -43.59 -8.52
CA PRO C 445 -42.92 -42.95 -7.39
C PRO C 445 -42.85 -43.75 -6.08
N ASN C 446 -42.70 -45.07 -6.19
CA ASN C 446 -42.61 -46.02 -5.07
C ASN C 446 -41.22 -46.17 -4.43
N ASP C 447 -40.14 -45.66 -5.06
CA ASP C 447 -38.75 -45.89 -4.61
C ASP C 447 -38.40 -45.32 -3.22
N ASP C 448 -37.47 -45.98 -2.52
CA ASP C 448 -36.83 -45.51 -1.28
C ASP C 448 -35.33 -45.90 -1.23
N GLY C 449 -34.64 -45.89 -2.38
CA GLY C 449 -33.26 -46.40 -2.53
C GLY C 449 -33.23 -47.89 -2.90
N ASP C 450 -34.34 -48.43 -3.41
CA ASP C 450 -34.52 -49.83 -3.80
C ASP C 450 -34.34 -50.03 -5.30
N GLN C 451 -34.78 -49.09 -6.15
CA GLN C 451 -34.70 -49.22 -7.60
C GLN C 451 -33.23 -49.28 -8.04
N SER C 452 -32.81 -50.44 -8.56
CA SER C 452 -31.40 -50.74 -8.88
C SER C 452 -31.06 -50.56 -10.36
N PHE C 453 -32.01 -50.15 -11.19
CA PHE C 453 -31.83 -49.84 -12.62
C PHE C 453 -32.84 -48.77 -13.09
N LEU C 454 -32.39 -47.68 -13.72
CA LEU C 454 -33.26 -46.65 -14.31
C LEU C 454 -33.78 -47.07 -15.69
N ASP C 455 -35.02 -46.74 -16.03
CA ASP C 455 -35.72 -47.30 -17.20
C ASP C 455 -36.61 -46.27 -17.93
N SER C 456 -36.96 -46.58 -19.18
CA SER C 456 -37.80 -45.74 -20.06
C SER C 456 -39.32 -45.98 -19.87
N PRO C 457 -40.18 -45.00 -20.22
CA PRO C 457 -41.63 -45.10 -20.04
C PRO C 457 -42.26 -46.20 -20.91
N GLU D 6 -59.57 22.14 21.39
CA GLU D 6 -60.23 20.96 22.02
C GLU D 6 -61.12 20.17 21.05
N ARG D 7 -62.11 20.81 20.41
CA ARG D 7 -63.22 20.16 19.66
C ARG D 7 -62.80 18.98 18.78
N LYS D 8 -61.83 19.18 17.89
CA LYS D 8 -61.42 18.15 16.90
C LYS D 8 -60.77 16.92 17.54
N ALA D 9 -60.01 17.10 18.63
CA ALA D 9 -59.40 15.98 19.37
C ALA D 9 -60.49 15.12 20.03
N LYS D 10 -61.46 15.76 20.73
CA LYS D 10 -62.61 15.05 21.34
C LYS D 10 -63.55 14.43 20.30
N GLY D 11 -63.53 14.92 19.07
CA GLY D 11 -64.18 14.31 17.90
C GLY D 11 -63.44 13.11 17.30
N GLY D 12 -62.24 12.77 17.80
CA GLY D 12 -61.47 11.58 17.38
C GLY D 12 -60.28 11.84 16.45
N ASN D 13 -59.94 13.08 16.11
CA ASN D 13 -58.73 13.37 15.33
C ASN D 13 -57.46 13.08 16.15
N LEU D 14 -56.69 12.05 15.76
CA LEU D 14 -55.46 11.63 16.46
C LEU D 14 -54.39 12.74 16.48
N LEU D 15 -54.19 13.46 15.36
CA LEU D 15 -53.16 14.49 15.27
C LEU D 15 -53.43 15.63 16.25
N SER D 16 -54.69 16.07 16.37
CA SER D 16 -55.08 17.08 17.35
C SER D 16 -54.87 16.61 18.79
N ALA D 17 -55.16 15.35 19.10
CA ALA D 17 -54.89 14.81 20.43
C ALA D 17 -53.39 14.82 20.77
N PHE D 18 -52.52 14.37 19.85
CA PHE D 18 -51.07 14.38 20.04
C PHE D 18 -50.51 15.82 20.13
N GLU D 19 -51.04 16.75 19.31
CA GLU D 19 -50.73 18.17 19.39
C GLU D 19 -51.02 18.75 20.80
N LEU D 20 -52.20 18.48 21.36
CA LEU D 20 -52.52 18.93 22.72
C LEU D 20 -51.63 18.28 23.77
N TYR D 21 -51.33 16.98 23.67
CA TYR D 21 -50.39 16.33 24.59
C TYR D 21 -49.01 17.00 24.57
N GLN D 22 -48.44 17.31 23.41
CA GLN D 22 -47.15 18.02 23.33
C GLN D 22 -47.25 19.49 23.77
N ARG D 23 -48.38 20.12 23.53
CA ARG D 23 -48.58 21.51 23.96
C ARG D 23 -48.54 21.60 25.47
N ASN D 24 -49.40 20.80 26.10
CA ASN D 24 -49.46 20.80 27.56
C ASN D 24 -48.13 20.35 28.20
N SER D 25 -47.59 19.20 27.79
CA SER D 25 -46.36 18.64 28.39
C SER D 25 -45.12 19.45 27.99
N GLY D 37 -53.79 15.56 31.55
CA GLY D 37 -52.99 14.44 31.05
C GLY D 37 -53.75 13.43 30.19
N GLU D 38 -55.07 13.60 30.05
CA GLU D 38 -55.97 12.70 29.31
C GLU D 38 -55.54 12.49 27.85
N TRP D 39 -54.88 13.48 27.25
CA TRP D 39 -54.46 13.45 25.86
C TRP D 39 -53.45 12.34 25.56
N PHE D 40 -52.66 11.90 26.56
CA PHE D 40 -51.76 10.75 26.38
C PHE D 40 -52.55 9.45 26.18
N GLU D 41 -53.47 9.14 27.09
CA GLU D 41 -54.28 7.92 27.02
C GLU D 41 -55.25 7.96 25.82
N MET D 42 -55.78 9.12 25.48
CA MET D 42 -56.59 9.31 24.27
C MET D 42 -55.82 8.97 22.98
N CYS D 43 -54.52 9.25 22.90
CA CYS D 43 -53.69 8.77 21.80
C CYS D 43 -53.47 7.25 21.86
N ARG D 44 -53.03 6.75 23.02
CA ARG D 44 -52.60 5.35 23.17
C ARG D 44 -53.72 4.35 22.86
N ASP D 45 -54.94 4.67 23.25
CA ASP D 45 -56.10 3.80 23.00
C ASP D 45 -56.57 3.77 21.53
N TYR D 46 -56.04 4.62 20.67
CA TYR D 46 -56.37 4.50 19.27
C TYR D 46 -55.50 3.42 18.75
N ILE D 47 -54.23 3.42 19.15
CA ILE D 47 -53.28 2.45 18.66
C ILE D 47 -53.57 1.05 19.13
N GLN D 48 -53.75 0.83 20.42
CA GLN D 48 -53.93 -0.54 20.93
C GLN D 48 -55.29 -0.88 21.47
N ASP D 49 -56.22 -1.32 20.63
CA ASP D 49 -57.52 -1.75 21.12
C ASP D 49 -58.28 -2.60 20.11
N GLY D 50 -58.79 -3.77 20.54
CA GLY D 50 -59.48 -4.68 19.62
C GLY D 50 -60.32 -5.76 20.24
N HIS D 51 -60.68 -6.79 19.47
CA HIS D 51 -61.60 -7.83 19.99
C HIS D 51 -61.33 -9.19 19.34
N VAL D 52 -61.98 -10.25 19.82
CA VAL D 52 -61.83 -11.62 19.32
C VAL D 52 -63.08 -12.04 18.53
N ASP D 53 -62.90 -12.51 17.29
CA ASP D 53 -64.02 -12.93 16.42
C ASP D 53 -64.60 -14.30 16.79
N GLU D 54 -65.70 -14.71 16.15
CA GLU D 54 -66.36 -15.99 16.41
C GLU D 54 -65.55 -17.22 15.97
N SER D 55 -64.41 -17.04 15.30
CA SER D 55 -63.44 -18.10 14.98
C SER D 55 -62.25 -18.14 15.97
N GLY D 56 -62.17 -17.19 16.91
CA GLY D 56 -61.13 -17.14 17.93
C GLY D 56 -59.86 -16.38 17.53
N ILE D 57 -59.91 -15.49 16.53
CA ILE D 57 -58.75 -14.70 16.08
C ILE D 57 -58.88 -13.24 16.52
N PHE D 58 -57.80 -12.64 17.02
CA PHE D 58 -57.78 -11.24 17.43
C PHE D 58 -57.78 -10.28 16.24
N ARG D 59 -58.56 -9.21 16.33
CA ARG D 59 -58.66 -8.25 15.23
C ARG D 59 -58.66 -6.79 15.66
N PRO D 60 -57.59 -6.02 15.40
CA PRO D 60 -57.50 -4.60 15.73
C PRO D 60 -58.72 -3.81 15.24
N ASP D 61 -59.05 -2.69 15.88
CA ASP D 61 -60.12 -1.78 15.42
C ASP D 61 -59.67 -0.76 14.34
N ASN D 62 -58.36 -0.50 14.17
CA ASN D 62 -57.82 0.42 13.15
C ASN D 62 -56.79 -0.27 12.24
N ALA D 63 -57.15 -0.48 10.97
CA ALA D 63 -56.30 -1.11 9.97
C ALA D 63 -55.38 -0.13 9.25
N PHE D 64 -54.26 -0.61 8.69
CA PHE D 64 -53.28 0.17 7.94
C PHE D 64 -52.90 -0.52 6.63
N TYR D 65 -52.99 0.17 5.48
CA TYR D 65 -52.56 -0.35 4.17
C TYR D 65 -52.42 0.72 3.08
N LEU D 66 -51.73 0.36 1.99
CA LEU D 66 -51.59 1.12 0.74
C LEU D 66 -52.86 1.00 -0.11
N ARG D 67 -53.29 2.07 -0.78
CA ARG D 67 -54.58 2.09 -1.51
C ARG D 67 -54.52 2.43 -3.01
N ARG D 68 -53.50 3.20 -3.41
CA ARG D 68 -53.26 3.49 -4.84
C ARG D 68 -51.81 3.84 -5.23
N LEU D 69 -51.41 3.57 -6.46
CA LEU D 69 -50.08 3.87 -7.00
C LEU D 69 -50.19 4.52 -8.39
N THR D 70 -49.31 5.47 -8.72
CA THR D 70 -49.23 6.13 -10.05
C THR D 70 -47.78 6.35 -10.49
N LEU D 71 -47.48 6.15 -11.78
CA LEU D 71 -46.12 6.26 -12.35
C LEU D 71 -46.10 7.16 -13.60
N LYS D 72 -45.07 8.01 -13.78
CA LYS D 72 -44.87 8.83 -15.00
C LYS D 72 -43.42 8.79 -15.51
N ASP D 73 -43.24 8.54 -16.80
CA ASP D 73 -41.94 8.47 -17.51
C ASP D 73 -40.87 7.62 -16.79
N PHE D 74 -41.30 6.53 -16.15
CA PHE D 74 -40.47 5.68 -15.32
C PHE D 74 -40.21 4.37 -16.05
N ARG D 75 -38.92 4.08 -16.33
CA ARG D 75 -38.50 2.95 -17.17
C ARG D 75 -39.37 2.86 -18.44
N ARG D 76 -40.03 1.76 -18.71
CA ARG D 76 -40.77 1.63 -19.97
C ARG D 76 -42.17 2.17 -19.98
N PHE D 77 -42.61 2.82 -18.92
CA PHE D 77 -43.99 3.32 -18.80
C PHE D 77 -44.11 4.83 -19.01
N SER D 78 -45.02 5.27 -19.88
CA SER D 78 -45.35 6.70 -20.05
C SER D 78 -46.23 7.22 -18.92
N LEU D 79 -47.36 6.56 -18.66
CA LEU D 79 -48.31 6.87 -17.57
C LEU D 79 -49.12 5.62 -17.20
N LEU D 80 -49.31 5.34 -15.90
CA LEU D 80 -50.06 4.16 -15.43
C LEU D 80 -50.70 4.39 -14.05
N GLU D 81 -51.88 3.83 -13.79
CA GLU D 81 -52.53 3.74 -12.47
C GLU D 81 -52.95 2.31 -12.06
N ILE D 82 -52.84 2.00 -10.76
CA ILE D 82 -53.14 0.68 -10.17
C ILE D 82 -53.93 0.86 -8.85
N LYS D 83 -54.85 -0.05 -8.56
CA LYS D 83 -55.67 -0.11 -7.34
C LYS D 83 -55.65 -1.51 -6.70
N LEU D 84 -55.51 -1.59 -5.38
CA LEU D 84 -55.16 -2.82 -4.66
C LEU D 84 -56.26 -3.31 -3.70
N GLU D 85 -56.36 -4.62 -3.51
CA GLU D 85 -57.20 -5.24 -2.49
C GLU D 85 -56.56 -5.14 -1.10
N GLU D 86 -57.37 -5.09 -0.03
CA GLU D 86 -56.89 -5.17 1.36
C GLU D 86 -56.59 -6.60 1.84
N ASP D 87 -56.77 -7.64 1.02
CA ASP D 87 -56.36 -9.01 1.42
C ASP D 87 -55.11 -9.41 0.65
N LEU D 88 -55.22 -9.75 -0.64
CA LEU D 88 -54.02 -10.01 -1.45
C LEU D 88 -54.25 -9.61 -2.92
N THR D 89 -53.18 -9.33 -3.66
CA THR D 89 -53.23 -9.02 -5.10
C THR D 89 -52.23 -9.87 -5.89
N VAL D 90 -52.64 -10.46 -7.01
CA VAL D 90 -51.81 -11.32 -7.86
C VAL D 90 -51.63 -10.75 -9.27
N ILE D 91 -50.39 -10.55 -9.71
CA ILE D 91 -50.05 -9.96 -11.01
C ILE D 91 -49.48 -11.02 -11.97
N ILE D 92 -49.99 -11.12 -13.20
CA ILE D 92 -49.64 -12.17 -14.18
C ILE D 92 -49.11 -11.57 -15.48
N GLY D 93 -48.07 -12.15 -16.08
CA GLY D 93 -47.62 -11.83 -17.44
C GLY D 93 -46.32 -12.54 -17.87
N ASN D 94 -46.02 -12.55 -19.17
CA ASN D 94 -44.79 -13.12 -19.74
C ASN D 94 -43.54 -12.26 -19.47
N ASN D 95 -42.36 -12.63 -19.98
CA ASN D 95 -41.14 -11.83 -19.83
C ASN D 95 -41.26 -10.47 -20.55
N GLY D 96 -40.61 -9.43 -20.03
CA GLY D 96 -40.96 -8.05 -20.33
C GLY D 96 -42.21 -7.61 -19.56
N LYS D 97 -42.80 -6.47 -19.89
CA LYS D 97 -44.01 -5.94 -19.22
C LYS D 97 -43.84 -5.51 -17.75
N GLY D 98 -42.62 -5.30 -17.28
CA GLY D 98 -42.36 -4.44 -16.10
C GLY D 98 -42.78 -4.96 -14.72
N LYS D 99 -43.03 -6.26 -14.52
CA LYS D 99 -43.49 -6.87 -13.27
C LYS D 99 -42.50 -6.65 -12.10
N THR D 100 -41.20 -6.80 -12.33
CA THR D 100 -40.18 -6.45 -11.33
C THR D 100 -40.17 -4.94 -11.06
N SER D 101 -40.30 -4.12 -12.10
CA SER D 101 -40.22 -2.67 -11.96
C SER D 101 -41.33 -2.05 -11.10
N ILE D 102 -42.51 -2.66 -11.02
CA ILE D 102 -43.56 -2.23 -10.09
C ILE D 102 -43.13 -2.43 -8.63
N LEU D 103 -42.68 -3.63 -8.23
CA LEU D 103 -42.30 -3.90 -6.84
C LEU D 103 -41.08 -3.09 -6.40
N TYR D 104 -40.15 -2.82 -7.30
CA TYR D 104 -39.02 -1.93 -7.02
C TYR D 104 -39.48 -0.54 -6.57
N ALA D 105 -40.47 0.08 -7.23
CA ALA D 105 -40.98 1.40 -6.87
C ALA D 105 -41.62 1.44 -5.48
N ILE D 106 -42.48 0.47 -5.14
CA ILE D 106 -43.13 0.41 -3.82
C ILE D 106 -42.08 0.33 -2.70
N ALA D 107 -41.01 -0.44 -2.88
CA ALA D 107 -39.95 -0.58 -1.88
C ALA D 107 -39.18 0.73 -1.62
N LYS D 108 -39.03 1.64 -2.59
CA LYS D 108 -38.38 2.95 -2.34
C LYS D 108 -39.21 3.81 -1.37
N THR D 109 -40.54 3.71 -1.44
CA THR D 109 -41.45 4.49 -0.59
C THR D 109 -41.35 4.06 0.88
N LEU D 110 -41.46 2.76 1.17
CA LEU D 110 -41.52 2.26 2.56
C LEU D 110 -40.24 2.52 3.38
N SER D 111 -39.13 2.87 2.72
CA SER D 111 -37.86 3.21 3.39
C SER D 111 -37.99 4.39 4.37
N TRP D 112 -38.80 5.40 4.05
CA TRP D 112 -38.94 6.61 4.88
C TRP D 112 -39.60 6.33 6.23
N PHE D 113 -40.63 5.48 6.28
CA PHE D 113 -41.24 5.06 7.56
C PHE D 113 -40.24 4.34 8.46
N VAL D 114 -39.41 3.44 7.91
CA VAL D 114 -38.40 2.71 8.70
C VAL D 114 -37.30 3.65 9.21
N ALA D 115 -36.84 4.60 8.41
CA ALA D 115 -35.78 5.52 8.81
C ALA D 115 -36.17 6.41 10.00
N ASN D 116 -37.40 6.90 10.07
CA ASN D 116 -37.85 7.78 11.16
C ASN D 116 -38.37 7.06 12.41
N ILE D 117 -38.73 5.78 12.35
CA ILE D 117 -39.08 5.01 13.58
C ILE D 117 -37.84 4.78 14.45
N LEU D 118 -36.66 4.58 13.87
CA LEU D 118 -35.43 4.33 14.63
C LEU D 118 -34.83 5.59 15.30
N LYS D 119 -34.79 6.73 14.60
CA LYS D 119 -34.05 7.92 15.02
C LYS D 119 -34.67 9.22 14.50
N GLU D 120 -34.52 10.31 15.26
CA GLU D 120 -34.98 11.64 14.86
C GLU D 120 -34.20 12.22 13.67
N GLY D 121 -34.88 12.83 12.71
CA GLY D 121 -34.25 13.50 11.56
C GLY D 121 -33.61 12.60 10.50
N GLY D 122 -33.78 11.27 10.59
CA GLY D 122 -33.27 10.31 9.61
C GLY D 122 -33.85 10.47 8.19
N SER D 123 -33.17 9.92 7.20
CA SER D 123 -33.42 10.18 5.77
C SER D 123 -33.43 8.90 4.92
N GLY D 124 -34.35 8.81 3.95
CA GLY D 124 -34.52 7.64 3.08
C GLY D 124 -33.75 7.68 1.76
N GLN D 125 -34.02 6.70 0.90
CA GLN D 125 -33.42 6.56 -0.44
C GLN D 125 -34.09 7.44 -1.51
N ARG D 126 -33.49 7.48 -2.72
CA ARG D 126 -33.92 8.24 -3.90
C ARG D 126 -33.75 7.45 -5.21
N LEU D 127 -34.46 7.85 -6.26
CA LEU D 127 -34.37 7.25 -7.62
C LEU D 127 -33.01 7.55 -8.29
N SER D 128 -32.64 6.78 -9.32
CA SER D 128 -31.33 6.87 -9.98
C SER D 128 -31.38 7.52 -11.37
N GLU D 129 -30.58 8.57 -11.56
CA GLU D 129 -30.49 9.34 -12.81
C GLU D 129 -29.94 8.54 -13.99
N MET D 130 -29.14 7.51 -13.73
CA MET D 130 -28.46 6.72 -14.76
C MET D 130 -29.33 5.62 -15.38
N THR D 131 -30.48 5.28 -14.79
CA THR D 131 -31.26 4.10 -15.17
C THR D 131 -32.76 4.30 -15.21
N ASP D 132 -33.35 5.16 -14.38
CA ASP D 132 -34.80 5.09 -14.12
C ASP D 132 -35.65 6.02 -14.99
N ILE D 133 -35.04 7.08 -15.55
CA ILE D 133 -35.70 7.97 -16.49
C ILE D 133 -35.81 7.27 -17.85
N LYS D 134 -37.00 7.27 -18.46
CA LYS D 134 -37.28 6.62 -19.75
C LYS D 134 -36.26 7.03 -20.83
N ASN D 135 -35.76 6.08 -21.63
CA ASN D 135 -34.69 6.33 -22.60
C ASN D 135 -35.08 7.34 -23.69
N ASP D 136 -36.38 7.49 -23.96
CA ASP D 136 -36.94 8.39 -24.96
C ASP D 136 -38.14 9.16 -24.39
N ALA D 137 -37.90 10.39 -23.94
CA ALA D 137 -38.91 11.28 -23.37
C ALA D 137 -38.53 12.76 -23.53
N GLU D 138 -39.53 13.64 -23.68
CA GLU D 138 -39.34 15.08 -23.89
C GLU D 138 -39.20 15.88 -22.58
N ASP D 139 -39.91 15.49 -21.52
CA ASP D 139 -39.91 16.22 -20.24
C ASP D 139 -38.60 16.10 -19.48
N ARG D 140 -37.93 14.94 -19.58
CA ARG D 140 -36.61 14.64 -18.97
C ARG D 140 -36.59 14.79 -17.44
N TYR D 141 -37.67 14.34 -16.80
CA TYR D 141 -37.78 14.04 -15.37
C TYR D 141 -38.86 12.97 -15.15
N SER D 142 -38.90 12.34 -13.97
CA SER D 142 -39.89 11.32 -13.63
C SER D 142 -40.42 11.47 -12.19
N ASP D 143 -41.69 11.10 -11.98
CA ASP D 143 -42.43 11.22 -10.72
C ASP D 143 -43.15 9.91 -10.35
N VAL D 144 -43.19 9.57 -9.07
CA VAL D 144 -43.88 8.39 -8.50
C VAL D 144 -44.75 8.82 -7.33
N SER D 145 -46.02 8.40 -7.28
CA SER D 145 -47.00 8.91 -6.31
C SER D 145 -47.81 7.81 -5.61
N SER D 146 -48.08 7.96 -4.31
CA SER D 146 -48.67 6.92 -3.43
C SER D 146 -49.67 7.48 -2.40
N THR D 147 -50.54 6.64 -1.84
CA THR D 147 -51.56 7.02 -0.83
C THR D 147 -51.88 5.89 0.14
N PHE D 148 -51.74 6.13 1.44
CA PHE D 148 -52.03 5.19 2.53
C PHE D 148 -53.28 5.58 3.33
N PHE D 149 -53.77 4.65 4.16
CA PHE D 149 -54.93 4.80 5.04
C PHE D 149 -54.64 4.25 6.45
N PHE D 150 -55.17 4.86 7.52
CA PHE D 150 -55.00 4.38 8.91
C PHE D 150 -56.25 4.59 9.79
N GLY D 151 -57.39 4.06 9.37
CA GLY D 151 -58.64 4.13 10.13
C GLY D 151 -59.35 5.50 10.10
N LYS D 152 -60.49 5.60 10.80
CA LYS D 152 -61.42 6.74 10.69
C LYS D 152 -60.82 8.10 11.05
N GLY D 153 -59.78 8.14 11.90
CA GLY D 153 -59.07 9.36 12.28
C GLY D 153 -57.98 9.82 11.30
N LEU D 154 -57.57 8.98 10.34
CA LEU D 154 -56.52 9.26 9.34
C LEU D 154 -56.87 8.59 7.99
N LYS D 155 -57.82 9.19 7.27
CA LYS D 155 -58.36 8.65 6.01
C LYS D 155 -57.40 8.72 4.82
N SER D 156 -56.34 9.53 4.89
CA SER D 156 -55.38 9.72 3.79
C SER D 156 -54.00 10.15 4.29
N VAL D 157 -52.93 9.66 3.65
CA VAL D 157 -51.56 10.15 3.76
C VAL D 157 -50.91 10.10 2.37
N PRO D 158 -50.76 11.23 1.66
CA PRO D 158 -50.18 11.27 0.31
C PRO D 158 -48.66 11.45 0.30
N ILE D 159 -47.95 10.85 -0.66
CA ILE D 159 -46.48 10.97 -0.84
C ILE D 159 -46.11 11.06 -2.32
N ARG D 160 -45.06 11.83 -2.69
CA ARG D 160 -44.44 11.81 -4.02
C ARG D 160 -42.91 11.78 -3.94
N LEU D 161 -42.26 10.99 -4.81
CA LEU D 161 -40.82 11.06 -5.08
C LEU D 161 -40.58 11.49 -6.53
N SER D 162 -39.55 12.29 -6.77
CA SER D 162 -39.26 12.94 -8.07
C SER D 162 -37.76 13.00 -8.39
N ARG D 163 -37.43 13.06 -9.68
CA ARG D 163 -36.03 13.15 -10.12
C ARG D 163 -35.82 13.69 -11.53
N SER D 164 -34.98 14.70 -11.70
CA SER D 164 -34.60 15.27 -12.99
C SER D 164 -33.48 14.50 -13.67
N ALA D 165 -33.31 14.77 -14.96
CA ALA D 165 -32.30 14.07 -15.73
C ALA D 165 -30.90 14.40 -15.31
N LEU D 166 -29.95 13.72 -15.92
CA LEU D 166 -28.56 13.91 -15.59
C LEU D 166 -28.08 15.31 -15.91
N GLY D 167 -28.61 15.90 -16.98
CA GLY D 167 -28.20 17.22 -17.38
C GLY D 167 -29.38 18.14 -17.64
N THR D 168 -29.52 19.17 -16.82
CA THR D 168 -30.63 20.11 -16.98
C THR D 168 -30.51 21.27 -16.02
N ALA D 169 -30.96 22.46 -16.42
CA ALA D 169 -30.91 23.63 -15.53
C ALA D 169 -32.09 23.70 -14.52
N GLU D 170 -33.25 23.15 -14.88
CA GLU D 170 -34.42 23.04 -13.98
C GLU D 170 -34.22 21.94 -12.93
N ARG D 171 -34.95 22.05 -11.82
CA ARG D 171 -34.86 21.03 -10.78
C ARG D 171 -36.18 20.67 -10.10
N ARG D 172 -36.47 19.38 -10.02
CA ARG D 172 -37.65 18.83 -9.33
C ARG D 172 -37.34 18.61 -7.84
N ASP D 173 -38.37 18.41 -7.02
CA ASP D 173 -38.22 18.06 -5.60
C ASP D 173 -39.37 17.17 -5.09
N SER D 174 -39.16 16.46 -3.98
CA SER D 174 -40.07 15.45 -3.40
C SER D 174 -40.76 15.96 -2.13
N GLU D 175 -42.09 15.89 -2.08
CA GLU D 175 -42.89 16.34 -0.93
C GLU D 175 -43.15 15.22 0.10
N VAL D 176 -42.08 14.74 0.74
CA VAL D 176 -42.12 13.58 1.66
C VAL D 176 -42.68 13.87 3.07
N LYS D 177 -42.90 15.15 3.43
CA LYS D 177 -43.16 15.59 4.81
C LYS D 177 -44.32 14.86 5.53
N PRO D 178 -45.53 14.66 4.93
CA PRO D 178 -46.67 14.06 5.63
C PRO D 178 -46.44 12.71 6.30
N ALA D 179 -45.47 11.90 5.83
CA ALA D 179 -45.15 10.61 6.44
C ALA D 179 -44.42 10.73 7.80
N LYS D 180 -43.63 11.80 7.99
CA LYS D 180 -42.82 11.99 9.19
C LYS D 180 -43.66 12.15 10.45
N ASP D 181 -44.77 12.86 10.34
CA ASP D 181 -45.65 13.18 11.47
C ASP D 181 -46.20 11.92 12.16
N LEU D 182 -46.67 10.94 11.38
CA LEU D 182 -47.18 9.67 11.90
C LEU D 182 -46.07 8.79 12.49
N ALA D 183 -44.89 8.77 11.88
CA ALA D 183 -43.77 8.00 12.39
C ALA D 183 -43.29 8.51 13.77
N ASP D 184 -43.34 9.82 13.99
CA ASP D 184 -42.96 10.41 15.29
C ASP D 184 -43.93 10.04 16.42
N ILE D 185 -45.23 9.88 16.15
CA ILE D 185 -46.17 9.41 17.18
C ILE D 185 -45.77 8.02 17.69
N TRP D 186 -45.49 7.07 16.77
CA TRP D 186 -45.08 5.72 17.14
C TRP D 186 -43.77 5.71 17.94
N ARG D 187 -42.84 6.60 17.63
CA ARG D 187 -41.60 6.66 18.41
C ARG D 187 -41.79 7.22 19.79
N VAL D 188 -42.46 8.33 19.89
CA VAL D 188 -42.59 9.04 21.17
C VAL D 188 -43.47 8.28 22.18
N ILE D 189 -44.61 7.71 21.78
CA ILE D 189 -45.46 6.97 22.72
C ILE D 189 -44.74 5.72 23.27
N ASN D 190 -44.00 5.01 22.45
CA ASN D 190 -43.35 3.80 22.92
C ASN D 190 -42.33 4.11 23.99
N GLU D 191 -41.57 5.17 23.79
CA GLU D 191 -40.53 5.56 24.76
C GLU D 191 -41.10 5.82 26.17
N VAL D 192 -42.38 6.20 26.29
CA VAL D 192 -43.07 6.40 27.57
C VAL D 192 -43.64 5.08 28.11
N ASN D 193 -44.37 4.30 27.32
CA ASN D 193 -44.89 2.99 27.71
C ASN D 193 -45.06 2.06 26.49
N THR D 194 -44.97 0.74 26.67
CA THR D 194 -44.88 -0.26 25.59
C THR D 194 -46.09 -0.27 24.65
N ILE D 195 -45.84 -0.44 23.35
CA ILE D 195 -46.84 -0.69 22.28
C ILE D 195 -46.33 -1.71 21.26
N ASN D 196 -47.22 -2.30 20.47
CA ASN D 196 -46.91 -3.18 19.33
C ASN D 196 -46.61 -2.35 18.06
N LEU D 197 -45.73 -2.83 17.18
CA LEU D 197 -45.22 -2.08 16.00
C LEU D 197 -45.41 -2.84 14.67
N PRO D 198 -45.56 -2.14 13.53
CA PRO D 198 -45.79 -2.77 12.23
C PRO D 198 -44.53 -3.44 11.63
N THR D 199 -44.73 -4.37 10.70
CA THR D 199 -43.66 -5.13 10.00
C THR D 199 -43.60 -4.82 8.49
N PHE D 200 -42.40 -4.68 7.93
CA PHE D 200 -42.17 -4.48 6.49
C PHE D 200 -41.05 -5.37 5.93
N ALA D 201 -41.27 -6.07 4.81
CA ALA D 201 -40.27 -6.95 4.20
C ALA D 201 -40.40 -7.09 2.67
N LEU D 202 -39.26 -7.36 2.01
CA LEU D 202 -39.17 -7.68 0.58
C LEU D 202 -38.35 -8.95 0.35
N TYR D 203 -38.89 -9.91 -0.40
CA TYR D 203 -38.17 -11.13 -0.82
C TYR D 203 -38.01 -11.19 -2.33
N ASN D 204 -36.76 -11.25 -2.78
CA ASN D 204 -36.34 -11.07 -4.17
C ASN D 204 -35.83 -12.40 -4.77
N VAL D 205 -35.40 -12.41 -6.02
CA VAL D 205 -34.74 -13.57 -6.67
C VAL D 205 -33.34 -13.83 -6.09
N GLU D 206 -32.70 -12.86 -5.45
CA GLU D 206 -31.37 -13.00 -4.83
C GLU D 206 -31.35 -13.87 -3.54
N ARG D 207 -32.49 -14.44 -3.15
CA ARG D 207 -32.64 -15.27 -1.93
C ARG D 207 -32.10 -16.69 -2.03
N SER D 208 -31.71 -17.17 -3.21
CA SER D 208 -31.14 -18.52 -3.42
C SER D 208 -29.60 -18.50 -3.34
N GLN D 209 -29.03 -19.19 -2.35
CA GLN D 209 -27.60 -19.13 -1.99
C GLN D 209 -27.13 -20.46 -1.36
N PRO D 210 -25.82 -20.77 -1.40
CA PRO D 210 -25.25 -21.88 -0.64
C PRO D 210 -25.16 -21.56 0.86
N PHE D 211 -25.24 -22.58 1.71
CA PHE D 211 -25.12 -22.47 3.17
C PHE D 211 -23.67 -22.66 3.64
N ASN D 212 -23.24 -21.92 4.67
CA ASN D 212 -21.89 -22.01 5.23
C ASN D 212 -21.90 -22.77 6.57
N ARG D 213 -21.06 -23.79 6.70
CA ARG D 213 -21.05 -24.64 7.90
C ARG D 213 -20.46 -24.03 9.12
N ASN D 214 -19.56 -23.09 8.93
CA ASN D 214 -18.96 -22.39 10.06
C ASN D 214 -19.96 -21.40 10.67
N ILE D 215 -20.57 -21.77 11.78
CA ILE D 215 -21.54 -20.89 12.42
C ILE D 215 -20.77 -20.12 13.45
N LYS D 216 -19.47 -20.02 13.25
CA LYS D 216 -18.63 -19.38 14.29
C LYS D 216 -18.56 -17.87 14.48
N ASP D 217 -19.64 -17.29 14.92
CA ASP D 217 -19.61 -15.90 15.23
C ASP D 217 -20.14 -15.89 16.63
N ASN D 218 -19.64 -15.02 17.49
CA ASN D 218 -20.20 -14.94 18.83
C ASN D 218 -20.13 -13.55 19.47
N THR D 219 -21.25 -13.02 19.94
CA THR D 219 -21.29 -11.70 20.58
C THR D 219 -22.55 -11.51 21.41
N GLY D 220 -22.83 -10.28 21.84
CA GLY D 220 -24.06 -9.96 22.56
C GLY D 220 -25.07 -9.13 21.75
N ARG D 221 -24.97 -9.06 20.43
CA ARG D 221 -25.83 -8.11 19.67
C ARG D 221 -27.08 -8.57 18.92
N ARG D 222 -27.49 -9.82 19.07
CA ARG D 222 -28.65 -10.29 18.32
C ARG D 222 -29.85 -10.45 19.21
N GLU D 223 -29.80 -9.97 20.44
CA GLU D 223 -30.98 -10.00 21.32
C GLU D 223 -31.68 -8.65 21.54
N GLU D 224 -31.19 -7.56 20.94
CA GLU D 224 -31.83 -6.23 21.01
C GLU D 224 -33.12 -6.14 20.18
N ARG D 225 -34.19 -5.54 20.72
CA ARG D 225 -35.50 -5.45 20.01
C ARG D 225 -35.38 -4.82 18.62
N PHE D 226 -34.56 -3.78 18.47
CA PHE D 226 -34.40 -3.07 17.20
C PHE D 226 -33.41 -3.71 16.20
N ASP D 227 -32.89 -4.92 16.47
CA ASP D 227 -32.21 -5.72 15.45
C ASP D 227 -33.16 -6.15 14.32
N ALA D 228 -34.46 -6.32 14.64
CA ALA D 228 -35.45 -6.82 13.70
C ALA D 228 -35.70 -5.94 12.46
N TYR D 229 -35.42 -4.64 12.51
CA TYR D 229 -35.50 -3.74 11.35
C TYR D 229 -34.22 -3.73 10.49
N SER D 230 -33.14 -4.37 10.90
CA SER D 230 -31.87 -4.38 10.15
C SER D 230 -31.97 -5.11 8.81
N GLN D 231 -31.60 -4.43 7.72
CA GLN D 231 -31.55 -4.94 6.33
C GLN D 231 -32.87 -5.54 5.81
N THR D 232 -34.01 -5.16 6.37
CA THR D 232 -35.32 -5.79 6.08
C THR D 232 -35.86 -5.50 4.66
N LEU D 233 -35.35 -4.48 3.97
CA LEU D 233 -35.70 -4.14 2.57
C LEU D 233 -34.56 -4.46 1.58
N GLY D 234 -33.53 -5.22 1.98
CA GLY D 234 -32.40 -5.58 1.12
C GLY D 234 -32.69 -6.67 0.07
N GLY D 235 -33.76 -7.46 0.24
CA GLY D 235 -34.26 -8.42 -0.74
C GLY D 235 -33.81 -9.88 -0.53
N ALA D 236 -32.69 -10.13 0.14
CA ALA D 236 -32.14 -11.46 0.37
C ALA D 236 -32.55 -12.12 1.71
N GLY D 237 -33.03 -11.35 2.69
CA GLY D 237 -33.17 -11.81 4.08
C GLY D 237 -31.80 -12.02 4.78
N ARG D 238 -31.78 -12.69 5.90
CA ARG D 238 -30.55 -13.00 6.63
C ARG D 238 -30.74 -14.29 7.44
N PHE D 239 -30.76 -15.43 6.81
CA PHE D 239 -30.90 -16.74 7.44
C PHE D 239 -29.70 -17.13 8.33
N ASP D 240 -28.54 -16.52 8.12
CA ASP D 240 -27.38 -16.69 8.99
C ASP D 240 -27.61 -16.16 10.41
N HIS D 241 -28.34 -15.05 10.60
CA HIS D 241 -28.67 -14.54 11.93
C HIS D 241 -29.65 -15.43 12.69
N PHE D 242 -30.55 -16.14 12.02
CA PHE D 242 -31.51 -17.02 12.68
C PHE D 242 -30.83 -18.17 13.42
N VAL D 243 -29.77 -18.76 12.86
CA VAL D 243 -29.10 -19.92 13.46
C VAL D 243 -28.42 -19.57 14.79
N GLU D 244 -27.73 -18.43 14.87
CA GLU D 244 -27.15 -17.97 16.13
C GLU D 244 -28.20 -17.76 17.22
N TRP D 245 -29.28 -17.07 16.88
CA TRP D 245 -30.35 -16.76 17.83
C TRP D 245 -31.02 -18.04 18.34
N TYR D 246 -31.33 -19.00 17.48
CA TYR D 246 -31.96 -20.25 17.88
C TYR D 246 -31.07 -21.10 18.79
N ILE D 247 -29.74 -21.11 18.60
CA ILE D 247 -28.80 -21.79 19.50
C ILE D 247 -28.79 -21.13 20.88
N TYR D 248 -28.86 -19.79 20.95
CA TYR D 248 -28.85 -19.05 22.21
C TYR D 248 -30.05 -19.41 23.10
N LEU D 249 -31.27 -19.43 22.56
CA LEU D 249 -32.48 -19.84 23.28
C LEU D 249 -32.33 -21.24 23.88
N HIS D 250 -31.77 -22.19 23.13
CA HIS D 250 -31.55 -23.54 23.65
C HIS D 250 -30.55 -23.56 24.79
N LYS D 251 -29.37 -22.93 24.62
CA LYS D 251 -28.31 -22.92 25.63
C LYS D 251 -28.77 -22.28 26.94
N ARG D 252 -29.53 -21.18 26.85
CA ARG D 252 -30.12 -20.47 28.00
C ARG D 252 -31.12 -21.33 28.79
N THR D 253 -31.89 -22.18 28.13
CA THR D 253 -32.95 -22.98 28.76
C THR D 253 -32.50 -24.37 29.22
N VAL D 254 -31.66 -25.08 28.45
CA VAL D 254 -31.19 -26.43 28.86
C VAL D 254 -30.22 -26.40 30.05
N SER D 255 -29.48 -25.30 30.21
CA SER D 255 -28.63 -25.07 31.39
C SER D 255 -29.43 -24.58 32.62
N ASP D 256 -30.67 -24.14 32.42
CA ASP D 256 -31.63 -23.70 33.44
C ASP D 256 -31.09 -22.63 34.43
N ILE D 257 -30.16 -21.79 33.98
CA ILE D 257 -29.51 -20.78 34.83
C ILE D 257 -30.54 -19.79 35.41
N SER D 258 -30.66 -19.86 36.75
CA SER D 258 -31.61 -19.01 37.51
C SER D 258 -31.08 -18.82 38.94
N SER D 259 -30.57 -19.81 39.59
CA SER D 259 -30.07 -19.78 40.96
C SER D 259 -28.79 -18.94 41.18
N SER D 260 -28.18 -18.39 40.13
CA SER D 260 -26.88 -17.69 40.21
C SER D 260 -26.85 -16.54 41.23
N ILE D 261 -27.95 -15.81 41.40
CA ILE D 261 -28.10 -14.79 42.45
C ILE D 261 -27.99 -15.42 43.84
N LYS D 262 -28.77 -16.47 44.13
CA LYS D 262 -28.77 -17.15 45.44
C LYS D 262 -27.46 -17.88 45.73
N GLU D 263 -26.81 -18.42 44.70
CA GLU D 263 -25.46 -19.00 44.82
C GLU D 263 -24.44 -17.93 45.27
N LEU D 264 -24.42 -16.77 44.61
CA LEU D 264 -23.52 -15.68 44.96
C LEU D 264 -23.88 -15.04 46.31
N GLU D 265 -25.16 -14.84 46.65
CA GLU D 265 -25.59 -14.35 47.96
C GLU D 265 -25.16 -15.27 49.11
N GLN D 266 -25.23 -16.60 48.93
CA GLN D 266 -24.68 -17.57 49.88
C GLN D 266 -23.15 -17.49 49.94
N GLN D 267 -22.47 -17.37 48.80
CA GLN D 267 -21.01 -17.23 48.76
C GLN D 267 -20.51 -15.91 49.38
N VAL D 268 -21.29 -14.82 49.40
CA VAL D 268 -20.91 -13.61 50.15
C VAL D 268 -20.77 -13.94 51.64
N ASN D 269 -21.74 -14.66 52.22
CA ASN D 269 -21.66 -15.09 53.61
C ASN D 269 -20.55 -16.14 53.84
N ASP D 270 -20.33 -17.03 52.89
CA ASP D 270 -19.28 -18.06 52.97
C ASP D 270 -17.87 -17.45 52.95
N LEU D 271 -17.57 -16.58 51.97
CA LEU D 271 -16.29 -15.87 51.91
C LEU D 271 -16.16 -14.86 53.06
N GLN D 272 -17.25 -14.25 53.55
CA GLN D 272 -17.17 -13.43 54.77
C GLN D 272 -16.75 -14.28 55.97
N ARG D 273 -17.41 -15.46 56.20
CA ARG D 273 -16.96 -16.35 57.28
C ARG D 273 -15.50 -16.72 57.10
N THR D 274 -15.12 -17.02 55.89
CA THR D 274 -13.73 -17.36 55.55
C THR D 274 -12.75 -16.25 55.95
N VAL D 275 -13.04 -14.98 55.60
CA VAL D 275 -12.23 -13.81 55.97
C VAL D 275 -12.31 -13.50 57.48
N ASP D 276 -13.44 -13.77 58.13
CA ASP D 276 -13.59 -13.77 59.60
C ASP D 276 -12.66 -14.79 60.30
N GLY D 277 -12.12 -15.76 59.57
CA GLY D 277 -11.05 -16.65 60.03
C GLY D 277 -9.70 -15.96 60.28
N GLY D 278 -9.56 -14.69 59.87
CA GLY D 278 -8.43 -13.81 60.22
C GLY D 278 -7.37 -13.61 59.14
N MET D 279 -7.42 -14.35 58.03
CA MET D 279 -6.43 -14.21 56.94
C MET D 279 -6.79 -13.06 55.97
N VAL D 280 -6.24 -11.87 56.21
CA VAL D 280 -6.50 -10.65 55.42
C VAL D 280 -6.05 -10.77 53.96
N SER D 281 -5.15 -11.71 53.66
CA SER D 281 -4.82 -12.16 52.28
C SER D 281 -6.07 -12.46 51.44
N VAL D 282 -7.10 -13.11 52.01
CA VAL D 282 -8.32 -13.55 51.31
C VAL D 282 -9.30 -12.39 51.04
N LYS D 283 -9.06 -11.20 51.60
CA LYS D 283 -9.92 -10.01 51.43
C LYS D 283 -10.17 -9.66 49.95
N SER D 284 -9.14 -9.79 49.11
CA SER D 284 -9.25 -9.55 47.66
C SER D 284 -10.14 -10.58 46.94
N LEU D 285 -10.30 -11.80 47.47
CA LEU D 285 -11.21 -12.81 46.90
C LEU D 285 -12.66 -12.53 47.31
N LEU D 286 -12.89 -12.15 48.57
CA LEU D 286 -14.21 -11.72 49.06
C LEU D 286 -14.73 -10.50 48.30
N GLU D 287 -13.92 -9.44 48.14
CA GLU D 287 -14.39 -8.25 47.41
C GLU D 287 -14.62 -8.53 45.91
N GLN D 288 -13.78 -9.32 45.26
CA GLN D 288 -14.01 -9.71 43.86
C GLN D 288 -15.26 -10.59 43.68
N MET D 289 -15.60 -11.40 44.70
CA MET D 289 -16.86 -12.16 44.63
C MET D 289 -18.02 -11.20 44.77
N LYS D 290 -17.97 -10.34 45.74
CA LYS D 290 -19.01 -9.29 45.89
C LYS D 290 -19.18 -8.49 44.60
N PHE D 291 -18.10 -8.23 43.84
CA PHE D 291 -18.22 -7.64 42.50
C PHE D 291 -19.00 -8.57 41.56
N LYS D 292 -18.75 -9.89 41.58
CA LYS D 292 -19.54 -10.88 40.81
C LYS D 292 -21.03 -10.87 41.21
N LEU D 293 -21.37 -10.76 42.50
CA LEU D 293 -22.76 -10.58 42.92
C LEU D 293 -23.37 -9.28 42.36
N SER D 294 -22.63 -8.16 42.41
CA SER D 294 -23.12 -6.90 41.82
C SER D 294 -23.37 -7.02 40.31
N GLU D 295 -22.49 -7.73 39.59
CA GLU D 295 -22.61 -8.02 38.16
C GLU D 295 -23.81 -8.94 37.85
N ALA D 296 -24.10 -9.93 38.71
CA ALA D 296 -25.33 -10.71 38.62
C ALA D 296 -26.58 -9.85 38.90
N ILE D 297 -26.56 -9.00 39.93
CA ILE D 297 -27.70 -8.12 40.28
C ILE D 297 -28.01 -7.14 39.13
N GLU D 298 -27.01 -6.50 38.54
CA GLU D 298 -27.18 -5.58 37.40
C GLU D 298 -27.87 -6.24 36.19
N ARG D 299 -27.59 -7.52 35.94
CA ARG D 299 -28.25 -8.32 34.89
C ARG D 299 -29.63 -8.82 35.34
N ASN D 300 -29.78 -9.22 36.60
CA ASN D 300 -31.06 -9.66 37.16
C ASN D 300 -32.10 -8.54 37.16
N ASP D 301 -31.70 -7.28 37.38
CA ASP D 301 -32.57 -6.11 37.24
C ASP D 301 -33.17 -5.95 35.84
N ALA D 302 -32.45 -6.38 34.79
CA ALA D 302 -33.02 -6.48 33.44
C ALA D 302 -33.88 -7.73 33.28
N ALA D 303 -33.46 -8.88 33.82
CA ALA D 303 -34.19 -10.14 33.73
C ALA D 303 -35.57 -10.12 34.42
N VAL D 304 -35.74 -9.38 35.51
CA VAL D 304 -37.05 -9.21 36.19
C VAL D 304 -37.93 -8.10 35.58
N SER D 305 -37.52 -7.48 34.46
CA SER D 305 -38.37 -6.50 33.75
C SER D 305 -39.67 -7.14 33.22
N SER D 306 -40.74 -6.35 33.19
CA SER D 306 -42.08 -6.77 32.79
C SER D 306 -42.24 -6.91 31.26
N ARG D 307 -43.47 -7.19 30.81
CA ARG D 307 -43.89 -7.37 29.39
C ARG D 307 -43.37 -8.64 28.71
N VAL D 308 -42.06 -8.85 28.68
CA VAL D 308 -41.38 -9.84 27.85
C VAL D 308 -41.71 -11.30 28.23
N LEU D 309 -41.76 -12.19 27.24
CA LEU D 309 -42.05 -13.63 27.42
C LEU D 309 -40.84 -14.45 27.90
N THR D 310 -41.09 -15.65 28.40
CA THR D 310 -40.04 -16.64 28.74
C THR D 310 -39.45 -17.29 27.48
N GLU D 311 -38.18 -17.66 27.53
CA GLU D 311 -37.47 -18.23 26.39
C GLU D 311 -38.09 -19.54 25.90
N SER D 312 -38.59 -20.40 26.80
CA SER D 312 -39.24 -21.65 26.40
C SER D 312 -40.52 -21.44 25.59
N VAL D 313 -41.29 -20.38 25.85
CA VAL D 313 -42.44 -20.00 25.01
C VAL D 313 -41.98 -19.49 23.65
N GLN D 314 -40.96 -18.62 23.60
CA GLN D 314 -40.43 -18.10 22.34
C GLN D 314 -39.86 -19.23 21.45
N LYS D 315 -39.16 -20.21 22.03
CA LYS D 315 -38.66 -21.39 21.29
C LYS D 315 -39.80 -22.23 20.72
N SER D 316 -40.85 -22.47 21.51
CA SER D 316 -41.97 -23.33 21.11
C SER D 316 -42.76 -22.81 19.91
N ILE D 317 -43.05 -21.50 19.86
CA ILE D 317 -43.85 -20.89 18.79
C ILE D 317 -43.20 -21.08 17.41
N VAL D 318 -41.89 -20.86 17.31
CA VAL D 318 -41.13 -20.98 16.06
C VAL D 318 -41.15 -22.41 15.51
N GLU D 319 -40.94 -23.40 16.35
CA GLU D 319 -40.85 -24.80 15.93
C GLU D 319 -42.18 -25.35 15.40
N LYS D 320 -43.33 -24.95 15.97
CA LYS D 320 -44.63 -25.37 15.43
C LYS D 320 -44.99 -24.70 14.11
N ALA D 321 -44.54 -23.46 13.87
CA ALA D 321 -44.81 -22.76 12.62
C ALA D 321 -44.12 -23.45 11.43
N ILE D 322 -42.83 -23.75 11.53
CA ILE D 322 -42.05 -24.37 10.45
C ILE D 322 -42.62 -25.74 10.07
N CYS D 323 -42.86 -26.62 11.05
CA CYS D 323 -43.32 -27.98 10.80
C CYS D 323 -44.75 -28.07 10.23
N SER D 324 -45.54 -27.01 10.35
CA SER D 324 -46.89 -26.94 9.79
C SER D 324 -46.88 -26.51 8.31
N VAL D 325 -45.99 -25.60 7.91
CA VAL D 325 -45.98 -25.00 6.56
C VAL D 325 -45.14 -25.79 5.55
N VAL D 326 -43.93 -26.24 5.88
CA VAL D 326 -43.07 -26.99 4.95
C VAL D 326 -43.53 -28.45 4.84
N PRO D 327 -43.85 -29.00 3.66
CA PRO D 327 -44.52 -30.31 3.55
C PRO D 327 -43.77 -31.55 4.06
N SER D 328 -42.44 -31.54 4.15
CA SER D 328 -41.62 -32.77 4.35
C SER D 328 -40.57 -32.70 5.45
N ILE D 329 -40.65 -31.72 6.36
CA ILE D 329 -39.89 -31.67 7.60
C ILE D 329 -40.86 -31.97 8.75
N SER D 330 -40.53 -32.94 9.61
CA SER D 330 -41.41 -33.37 10.72
C SER D 330 -40.88 -33.03 12.12
N ASN D 331 -39.58 -32.76 12.27
CA ASN D 331 -38.96 -32.45 13.56
C ASN D 331 -37.65 -31.65 13.38
N ILE D 332 -37.25 -30.88 14.40
CA ILE D 332 -36.01 -30.08 14.44
C ILE D 332 -35.48 -29.97 15.87
N TRP D 333 -34.16 -30.00 16.09
CA TRP D 333 -33.55 -29.83 17.42
C TRP D 333 -32.07 -29.42 17.35
N VAL D 334 -31.51 -29.01 18.50
CA VAL D 334 -30.09 -28.66 18.67
C VAL D 334 -29.34 -29.80 19.37
N GLU D 335 -28.12 -30.09 18.93
CA GLU D 335 -27.29 -31.19 19.40
C GLU D 335 -25.82 -30.77 19.52
N MET D 336 -25.01 -31.54 20.24
CA MET D 336 -23.58 -31.26 20.44
C MET D 336 -22.72 -32.49 20.10
N ILE D 337 -21.68 -32.30 19.28
CA ILE D 337 -20.67 -33.31 18.95
C ILE D 337 -19.26 -32.70 18.90
N THR D 338 -18.25 -33.46 19.30
CA THR D 338 -16.83 -33.05 19.28
C THR D 338 -16.53 -31.67 19.93
N GLY D 339 -17.31 -31.30 20.95
CA GLY D 339 -17.20 -30.00 21.62
C GLY D 339 -17.79 -28.82 20.84
N SER D 340 -18.68 -29.08 19.89
CA SER D 340 -19.34 -28.07 19.03
C SER D 340 -20.85 -28.31 18.93
N ASP D 341 -21.64 -27.24 18.94
CA ASP D 341 -23.10 -27.33 18.78
C ASP D 341 -23.52 -27.24 17.30
N LEU D 342 -24.56 -27.97 16.89
CA LEU D 342 -25.08 -27.99 15.52
C LEU D 342 -26.57 -28.38 15.45
N VAL D 343 -27.23 -28.15 14.31
CA VAL D 343 -28.68 -28.32 14.12
C VAL D 343 -29.00 -29.57 13.30
N LYS D 344 -30.02 -30.33 13.71
CA LYS D 344 -30.52 -31.55 13.06
C LYS D 344 -31.99 -31.41 12.68
N VAL D 345 -32.39 -32.05 11.59
CA VAL D 345 -33.80 -32.13 11.16
C VAL D 345 -34.14 -33.55 10.75
N THR D 346 -35.41 -33.95 10.88
CA THR D 346 -35.91 -35.22 10.34
C THR D 346 -36.72 -34.94 9.09
N ASN D 347 -36.32 -35.55 7.97
CA ASN D 347 -36.78 -35.19 6.62
C ASN D 347 -37.28 -36.43 5.88
N ASP D 348 -38.55 -36.61 5.64
CA ASP D 348 -38.97 -37.84 4.97
C ASP D 348 -38.35 -39.12 5.52
N GLY D 349 -38.38 -39.32 6.82
CA GLY D 349 -37.93 -40.57 7.38
C GLY D 349 -36.52 -40.74 7.89
N HIS D 350 -35.69 -39.72 7.80
CA HIS D 350 -34.32 -39.90 8.23
C HIS D 350 -33.79 -38.62 8.83
N ASP D 351 -32.65 -38.65 9.48
CA ASP D 351 -32.11 -37.49 10.20
C ASP D 351 -30.85 -36.93 9.53
N VAL D 352 -30.79 -35.63 9.27
CA VAL D 352 -29.73 -34.97 8.46
C VAL D 352 -29.34 -33.59 8.99
N THR D 353 -28.19 -33.06 8.56
CA THR D 353 -27.78 -31.66 8.75
C THR D 353 -28.25 -30.75 7.61
N ILE D 354 -28.30 -29.44 7.81
CA ILE D 354 -28.91 -28.47 6.87
C ILE D 354 -28.23 -28.46 5.49
N ASP D 355 -26.92 -28.68 5.43
CA ASP D 355 -26.16 -28.71 4.18
C ASP D 355 -26.42 -29.95 3.29
N GLN D 356 -27.24 -30.91 3.72
CA GLN D 356 -27.62 -32.10 2.95
C GLN D 356 -29.00 -32.01 2.29
N LEU D 357 -29.81 -30.98 2.54
CA LEU D 357 -31.13 -30.78 1.94
C LEU D 357 -31.03 -30.38 0.45
N SER D 358 -32.03 -30.69 -0.37
CA SER D 358 -32.07 -30.19 -1.76
C SER D 358 -32.38 -28.70 -1.82
N ASP D 359 -32.10 -28.03 -2.95
CA ASP D 359 -32.33 -26.58 -3.07
C ASP D 359 -33.80 -26.17 -2.94
N GLY D 360 -34.73 -26.97 -3.47
CA GLY D 360 -36.16 -26.74 -3.31
C GLY D 360 -36.64 -26.85 -1.86
N GLN D 361 -35.95 -27.63 -1.03
CA GLN D 361 -36.22 -27.74 0.41
C GLN D 361 -35.58 -26.59 1.19
N ARG D 362 -34.33 -26.24 0.95
CA ARG D 362 -33.73 -25.17 1.69
C ARG D 362 -34.42 -23.87 1.44
N VAL D 363 -34.60 -23.48 0.20
CA VAL D 363 -35.18 -22.16 -0.10
C VAL D 363 -36.53 -21.95 0.59
N PHE D 364 -37.40 -22.95 0.61
CA PHE D 364 -38.72 -22.83 1.22
C PHE D 364 -38.63 -22.67 2.74
N LEU D 365 -37.73 -23.39 3.41
CA LEU D 365 -37.44 -23.22 4.84
C LEU D 365 -36.92 -21.81 5.16
N SER D 366 -36.00 -21.30 4.35
CA SER D 366 -35.35 -20.00 4.60
C SER D 366 -36.31 -18.82 4.60
N LEU D 367 -37.39 -18.86 3.82
CA LEU D 367 -38.42 -17.81 3.81
C LEU D 367 -39.21 -17.80 5.12
N VAL D 368 -39.69 -18.96 5.59
CA VAL D 368 -40.57 -19.06 6.75
C VAL D 368 -39.85 -18.76 8.06
N ALA D 369 -38.62 -19.22 8.23
CA ALA D 369 -37.87 -19.03 9.47
C ALA D 369 -37.51 -17.56 9.75
N ASP D 370 -37.12 -16.78 8.75
CA ASP D 370 -36.81 -15.35 8.91
C ASP D 370 -38.05 -14.53 9.28
N LEU D 371 -39.19 -14.75 8.63
CA LEU D 371 -40.41 -13.97 8.89
C LEU D 371 -40.94 -14.21 10.30
N ALA D 372 -40.88 -15.44 10.82
CA ALA D 372 -41.34 -15.74 12.16
C ALA D 372 -40.51 -15.04 13.26
N ARG D 373 -39.22 -14.93 13.13
CA ARG D 373 -38.46 -14.30 14.17
C ARG D 373 -38.90 -12.88 14.33
N ARG D 374 -38.89 -12.11 13.26
CA ARG D 374 -39.21 -10.69 13.35
C ARG D 374 -40.55 -10.36 14.01
N MET D 375 -41.57 -11.14 13.75
CA MET D 375 -42.87 -10.91 14.41
C MET D 375 -42.86 -11.27 15.89
N VAL D 376 -42.16 -12.32 16.32
CA VAL D 376 -42.02 -12.67 17.75
C VAL D 376 -41.30 -11.58 18.52
N MET D 377 -40.26 -10.96 17.96
CA MET D 377 -39.58 -9.83 18.62
C MET D 377 -40.41 -8.55 18.68
N LEU D 378 -41.25 -8.25 17.68
CA LEU D 378 -41.99 -6.98 17.62
C LEU D 378 -43.32 -6.95 18.38
N ASN D 379 -44.02 -8.05 18.56
CA ASN D 379 -45.26 -8.07 19.33
C ASN D 379 -45.22 -8.86 20.62
N PRO D 380 -44.64 -8.32 21.70
CA PRO D 380 -44.50 -9.01 22.99
C PRO D 380 -45.80 -9.12 23.82
N LEU D 381 -46.85 -8.41 23.48
CA LEU D 381 -48.09 -8.37 24.30
C LEU D 381 -49.37 -8.94 23.65
N LEU D 382 -49.26 -9.91 22.78
CA LEU D 382 -50.39 -10.67 22.23
C LEU D 382 -50.33 -12.11 22.74
N GLU D 383 -51.47 -12.80 22.82
CA GLU D 383 -51.50 -14.23 23.17
C GLU D 383 -50.87 -15.12 22.07
N ASN D 384 -50.86 -14.63 20.83
CA ASN D 384 -50.14 -15.22 19.70
C ASN D 384 -49.45 -14.08 18.92
N PRO D 385 -48.12 -13.94 19.00
CA PRO D 385 -47.40 -12.85 18.35
C PRO D 385 -47.63 -12.73 16.83
N LEU D 386 -48.00 -13.82 16.16
CA LEU D 386 -48.15 -13.88 14.70
C LEU D 386 -49.44 -13.22 14.17
N GLU D 387 -50.31 -12.69 15.03
CA GLU D 387 -51.58 -12.07 14.63
C GLU D 387 -51.51 -10.53 14.45
N GLY D 388 -50.33 -9.93 14.47
CA GLY D 388 -50.10 -8.49 14.24
C GLY D 388 -50.22 -8.03 12.78
N ARG D 389 -49.82 -6.77 12.56
CA ARG D 389 -49.98 -6.13 11.26
C ARG D 389 -48.76 -5.66 10.48
N GLY D 390 -48.89 -5.51 9.16
CA GLY D 390 -47.75 -5.19 8.29
C GLY D 390 -48.00 -5.42 6.79
N ILE D 391 -46.96 -5.26 5.96
CA ILE D 391 -47.00 -5.43 4.49
C ILE D 391 -45.81 -6.27 4.02
N VAL D 392 -46.03 -7.25 3.13
CA VAL D 392 -44.96 -8.13 2.60
C VAL D 392 -45.03 -8.27 1.08
N LEU D 393 -43.88 -8.13 0.41
CA LEU D 393 -43.72 -8.22 -1.05
C LEU D 393 -42.93 -9.48 -1.45
N ILE D 394 -43.43 -10.24 -2.43
CA ILE D 394 -42.72 -11.44 -2.92
C ILE D 394 -42.72 -11.58 -4.44
N ASP D 395 -41.57 -11.87 -5.05
CA ASP D 395 -41.45 -12.01 -6.50
C ASP D 395 -41.09 -13.41 -6.96
N GLU D 396 -41.85 -14.00 -7.86
CA GLU D 396 -41.64 -15.38 -8.31
C GLU D 396 -41.88 -16.39 -7.21
N ILE D 397 -43.11 -16.75 -6.99
CA ILE D 397 -43.52 -17.76 -6.01
C ILE D 397 -43.16 -19.20 -6.45
N GLU D 398 -43.12 -19.47 -7.74
CA GLU D 398 -42.90 -20.81 -8.32
C GLU D 398 -41.43 -21.28 -8.37
N LEU D 399 -40.46 -20.50 -7.87
CA LEU D 399 -39.02 -20.81 -7.97
C LEU D 399 -38.65 -22.11 -7.23
N HIS D 400 -38.06 -23.09 -7.93
CA HIS D 400 -37.61 -24.40 -7.43
C HIS D 400 -38.69 -25.39 -6.91
N LEU D 401 -39.99 -25.14 -7.08
CA LEU D 401 -41.06 -26.02 -6.57
C LEU D 401 -41.66 -26.88 -7.70
N HIS D 402 -41.88 -28.18 -7.48
CA HIS D 402 -42.50 -29.06 -8.49
C HIS D 402 -44.03 -28.91 -8.52
N PRO D 403 -44.73 -29.33 -9.60
CA PRO D 403 -46.14 -29.04 -9.83
C PRO D 403 -47.11 -29.30 -8.68
N LYS D 404 -46.97 -30.37 -7.91
CA LYS D 404 -47.90 -30.68 -6.82
C LYS D 404 -47.79 -29.76 -5.59
N TRP D 405 -46.62 -29.15 -5.35
CA TRP D 405 -46.47 -28.15 -4.29
C TRP D 405 -46.92 -26.77 -4.73
N GLN D 406 -46.58 -26.32 -5.94
CA GLN D 406 -46.95 -24.98 -6.39
C GLN D 406 -48.46 -24.80 -6.60
N GLN D 407 -49.24 -25.89 -6.58
CA GLN D 407 -50.69 -25.87 -6.60
C GLN D 407 -51.34 -25.36 -5.31
N GLU D 408 -50.64 -25.33 -4.17
CA GLU D 408 -51.29 -25.15 -2.85
C GLU D 408 -50.58 -24.20 -1.87
N VAL D 409 -49.42 -23.62 -2.23
CA VAL D 409 -48.61 -22.81 -1.31
C VAL D 409 -49.34 -21.57 -0.76
N ILE D 410 -50.21 -20.92 -1.54
CA ILE D 410 -50.84 -19.65 -1.15
C ILE D 410 -51.76 -19.83 0.06
N LEU D 411 -52.57 -20.89 0.10
CA LEU D 411 -53.50 -21.10 1.21
C LEU D 411 -52.79 -21.39 2.54
N ASN D 412 -51.69 -22.13 2.53
CA ASN D 412 -50.93 -22.41 3.74
C ASN D 412 -50.30 -21.14 4.33
N LEU D 413 -49.77 -20.22 3.51
CA LEU D 413 -49.27 -18.93 4.00
C LEU D 413 -50.41 -18.09 4.60
N ARG D 414 -51.53 -17.94 3.87
CA ARG D 414 -52.63 -17.10 4.34
C ARG D 414 -53.33 -17.65 5.60
N SER D 415 -53.29 -18.96 5.80
CA SER D 415 -53.77 -19.61 7.03
C SER D 415 -52.86 -19.36 8.25
N ALA D 416 -51.55 -19.16 8.06
CA ALA D 416 -50.58 -18.97 9.14
C ALA D 416 -50.39 -17.52 9.61
N PHE D 417 -50.71 -16.50 8.80
CA PHE D 417 -50.50 -15.08 9.12
C PHE D 417 -51.76 -14.23 8.83
N PRO D 418 -52.82 -14.30 9.67
CA PRO D 418 -54.16 -13.84 9.30
C PRO D 418 -54.35 -12.35 8.94
N ASN D 419 -53.52 -11.43 9.44
CA ASN D 419 -53.77 -9.98 9.33
C ASN D 419 -52.76 -9.20 8.46
N ILE D 420 -51.80 -9.86 7.80
CA ILE D 420 -50.83 -9.23 6.87
C ILE D 420 -51.48 -8.91 5.50
N GLN D 421 -51.02 -7.87 4.79
CA GLN D 421 -51.37 -7.63 3.38
C GLN D 421 -50.24 -8.12 2.45
N PHE D 422 -50.58 -8.95 1.45
CA PHE D 422 -49.64 -9.57 0.51
C PHE D 422 -49.76 -9.04 -0.93
N ILE D 423 -48.63 -8.77 -1.59
CA ILE D 423 -48.55 -8.46 -3.03
C ILE D 423 -47.60 -9.46 -3.71
N ILE D 424 -48.05 -10.18 -4.75
CA ILE D 424 -47.38 -11.37 -5.30
C ILE D 424 -47.39 -11.37 -6.84
N THR D 425 -46.36 -11.93 -7.47
CA THR D 425 -46.26 -12.02 -8.94
C THR D 425 -45.92 -13.43 -9.47
N THR D 426 -46.34 -13.82 -10.68
CA THR D 426 -46.11 -15.16 -11.22
C THR D 426 -46.21 -15.19 -12.75
N HIS D 427 -45.75 -16.25 -13.41
CA HIS D 427 -46.04 -16.52 -14.82
C HIS D 427 -46.54 -17.94 -15.11
N SER D 428 -46.91 -18.71 -14.07
CA SER D 428 -47.40 -20.08 -14.20
C SER D 428 -48.88 -20.19 -13.85
N PRO D 429 -49.76 -20.65 -14.76
CA PRO D 429 -51.21 -20.64 -14.54
C PRO D 429 -51.71 -21.68 -13.53
N ILE D 430 -50.91 -22.67 -13.10
CA ILE D 430 -51.32 -23.64 -12.07
C ILE D 430 -51.59 -22.94 -10.73
N VAL D 431 -50.76 -21.95 -10.36
CA VAL D 431 -50.87 -21.24 -9.07
C VAL D 431 -52.23 -20.57 -8.90
N LEU D 432 -52.78 -20.01 -9.98
CA LEU D 432 -54.05 -19.30 -10.01
C LEU D 432 -55.28 -20.20 -9.85
N SER D 433 -55.14 -21.52 -10.02
CA SER D 433 -56.25 -22.47 -10.13
C SER D 433 -57.08 -22.68 -8.85
N THR D 434 -56.79 -21.91 -7.79
CA THR D 434 -57.46 -21.98 -6.49
C THR D 434 -57.77 -20.60 -5.87
N ILE D 435 -57.73 -19.50 -6.64
CA ILE D 435 -57.93 -18.11 -6.18
C ILE D 435 -59.14 -17.47 -6.88
N GLU D 436 -59.90 -16.63 -6.17
CA GLU D 436 -61.09 -15.95 -6.74
C GLU D 436 -60.78 -14.81 -7.71
N LYS D 437 -61.69 -14.50 -8.61
CA LYS D 437 -61.40 -13.57 -9.72
C LYS D 437 -61.14 -12.12 -9.32
N ARG D 438 -61.69 -11.64 -8.22
CA ARG D 438 -61.38 -10.28 -7.77
C ARG D 438 -59.91 -10.00 -7.47
N CYS D 439 -59.14 -10.98 -7.05
CA CYS D 439 -57.78 -10.79 -6.57
C CYS D 439 -56.73 -10.60 -7.66
N ILE D 440 -57.12 -10.73 -8.94
CA ILE D 440 -56.20 -10.87 -10.07
C ILE D 440 -56.07 -9.56 -10.86
N ARG D 441 -54.87 -9.25 -11.34
CA ARG D 441 -54.59 -8.18 -12.31
C ARG D 441 -53.76 -8.72 -13.47
N GLU D 442 -54.15 -8.47 -14.71
CA GLU D 442 -53.54 -9.10 -15.88
C GLU D 442 -53.19 -8.11 -17.00
N PHE D 443 -51.97 -8.19 -17.52
CA PHE D 443 -51.56 -7.42 -18.71
C PHE D 443 -52.19 -8.01 -19.97
N GLU D 444 -52.59 -7.14 -20.89
CA GLU D 444 -53.08 -7.52 -22.22
C GLU D 444 -51.99 -8.20 -23.10
N PRO D 445 -52.36 -8.99 -24.14
CA PRO D 445 -51.42 -9.75 -24.96
C PRO D 445 -50.31 -8.91 -25.60
N ASN D 446 -50.65 -7.71 -26.09
CA ASN D 446 -49.72 -6.76 -26.73
C ASN D 446 -49.85 -5.36 -26.11
N ASP D 447 -48.74 -4.70 -25.80
CA ASP D 447 -48.69 -3.44 -25.03
C ASP D 447 -47.69 -2.44 -25.65
N ASP D 448 -48.08 -1.17 -25.76
CA ASP D 448 -47.27 -0.06 -26.29
C ASP D 448 -46.61 0.83 -25.20
N GLY D 449 -46.86 0.56 -23.92
CA GLY D 449 -46.23 1.29 -22.79
C GLY D 449 -47.01 2.53 -22.29
N ASP D 450 -48.20 2.77 -22.85
CA ASP D 450 -49.08 3.90 -22.49
C ASP D 450 -50.54 3.46 -22.16
N GLN D 451 -50.76 2.18 -21.86
CA GLN D 451 -52.03 1.70 -21.31
C GLN D 451 -52.30 2.37 -19.96
N SER D 452 -53.53 2.84 -19.73
CA SER D 452 -53.87 3.70 -18.58
C SER D 452 -53.88 2.97 -17.23
N PHE D 453 -54.27 1.70 -17.20
CA PHE D 453 -54.35 0.90 -15.97
C PHE D 453 -54.36 -0.62 -16.22
N LEU D 454 -54.07 -1.40 -15.19
CA LEU D 454 -54.35 -2.83 -15.12
C LEU D 454 -55.84 -3.09 -14.83
N ASP D 455 -56.33 -4.27 -15.17
CA ASP D 455 -57.70 -4.72 -14.85
C ASP D 455 -57.74 -6.23 -14.54
N SER D 456 -58.82 -6.69 -13.92
CA SER D 456 -59.08 -8.12 -13.73
C SER D 456 -59.35 -8.84 -15.07
N PRO D 457 -59.20 -10.18 -15.14
CA PRO D 457 -59.25 -10.94 -16.40
C PRO D 457 -60.51 -10.68 -17.25
N MET E 1 5.10 -90.49 9.46
CA MET E 1 4.29 -89.75 10.45
C MET E 1 4.50 -88.25 10.32
N SER E 2 5.50 -87.68 10.99
CA SER E 2 5.83 -86.24 10.88
C SER E 2 6.44 -85.87 9.52
N VAL E 3 6.26 -84.62 9.09
CA VAL E 3 6.68 -84.17 7.75
C VAL E 3 8.20 -84.19 7.57
N ILE E 4 8.98 -83.88 8.61
CA ILE E 4 10.45 -83.76 8.53
C ILE E 4 11.11 -85.10 8.17
N ARG E 5 10.67 -86.18 8.78
CA ARG E 5 11.18 -87.52 8.40
C ARG E 5 10.72 -87.89 7.00
N GLY E 6 9.45 -87.63 6.69
CA GLY E 6 8.91 -87.91 5.36
C GLY E 6 9.71 -87.24 4.24
N LEU E 7 10.00 -85.94 4.37
CA LEU E 7 10.83 -85.19 3.41
C LEU E 7 12.26 -85.73 3.37
N ALA E 8 12.90 -85.97 4.51
CA ALA E 8 14.26 -86.49 4.58
C ALA E 8 14.42 -87.85 3.87
N ALA E 9 13.44 -88.75 4.05
CA ALA E 9 13.40 -90.03 3.35
C ALA E 9 13.23 -89.87 1.83
N VAL E 10 12.22 -89.11 1.39
CA VAL E 10 11.91 -88.95 -0.05
C VAL E 10 13.01 -88.21 -0.79
N LEU E 11 13.63 -87.19 -0.18
CA LEU E 11 14.78 -86.49 -0.76
C LEU E 11 16.08 -87.30 -0.66
N ARG E 12 16.12 -88.36 0.15
CA ARG E 12 17.30 -89.18 0.45
C ARG E 12 18.44 -88.34 1.05
N GLN E 13 18.14 -87.66 2.16
CA GLN E 13 19.07 -86.79 2.89
C GLN E 13 18.90 -86.96 4.41
N SER E 14 19.91 -86.54 5.19
CA SER E 14 19.84 -86.46 6.66
C SER E 14 18.86 -85.37 7.13
N ASP E 15 18.02 -85.69 8.12
CA ASP E 15 16.88 -84.84 8.50
C ASP E 15 17.25 -83.55 9.27
N SER E 16 18.40 -83.53 9.95
CA SER E 16 18.89 -82.33 10.63
C SER E 16 19.22 -81.19 9.66
N ASP E 17 19.68 -81.50 8.46
CA ASP E 17 19.94 -80.51 7.40
C ASP E 17 18.65 -79.88 6.83
N ILE E 18 17.54 -80.63 6.81
CA ILE E 18 16.22 -80.10 6.46
C ILE E 18 15.79 -79.04 7.48
N SER E 19 15.77 -79.38 8.78
CA SER E 19 15.41 -78.41 9.82
C SER E 19 16.37 -77.22 9.89
N ALA E 20 17.66 -77.40 9.57
CA ALA E 20 18.61 -76.31 9.50
C ALA E 20 18.35 -75.36 8.32
N PHE E 21 17.90 -75.87 7.19
CA PHE E 21 17.61 -74.99 6.05
C PHE E 21 16.30 -74.24 6.20
N LEU E 22 15.27 -74.92 6.66
CA LEU E 22 13.93 -74.33 6.73
C LEU E 22 13.81 -73.10 7.64
N VAL E 23 14.81 -72.75 8.45
CA VAL E 23 14.73 -71.66 9.44
C VAL E 23 14.32 -70.32 8.81
N THR E 24 14.86 -70.04 7.62
CA THR E 24 14.54 -68.81 6.87
C THR E 24 14.12 -69.10 5.40
N ALA E 25 13.31 -70.13 5.19
CA ALA E 25 12.79 -70.45 3.87
C ALA E 25 12.04 -69.27 3.20
N PRO E 26 11.15 -68.53 3.90
CA PRO E 26 10.72 -67.22 3.43
C PRO E 26 11.92 -66.30 3.15
N ARG E 27 11.75 -65.30 2.27
CA ARG E 27 12.81 -64.43 1.70
C ARG E 27 13.71 -65.07 0.62
N LYS E 28 13.72 -66.40 0.42
CA LYS E 28 14.47 -67.05 -0.67
C LYS E 28 13.77 -66.97 -2.04
N TYR E 29 13.68 -65.77 -2.61
CA TYR E 29 12.96 -65.49 -3.86
C TYR E 29 13.71 -64.48 -4.75
N LYS E 30 13.42 -64.47 -6.05
CA LYS E 30 13.88 -63.48 -7.04
C LYS E 30 12.67 -62.79 -7.68
N VAL E 31 12.79 -61.50 -8.02
CA VAL E 31 11.69 -60.64 -8.51
C VAL E 31 12.02 -60.02 -9.87
N TYR E 32 11.06 -59.94 -10.80
CA TYR E 32 11.28 -59.40 -12.16
C TYR E 32 9.97 -58.91 -12.84
N LYS E 33 10.10 -58.22 -13.97
CA LYS E 33 9.01 -57.58 -14.74
C LYS E 33 8.82 -58.23 -16.12
N ILE E 34 7.57 -58.40 -16.58
CA ILE E 34 7.23 -58.88 -17.94
C ILE E 34 6.23 -57.92 -18.63
N PRO E 35 6.31 -57.71 -19.96
CA PRO E 35 5.47 -56.74 -20.68
C PRO E 35 4.03 -57.24 -20.92
N LYS E 36 3.05 -56.34 -20.86
CA LYS E 36 1.65 -56.63 -21.23
C LYS E 36 1.45 -56.56 -22.76
N ARG E 37 0.38 -57.05 -23.33
CA ARG E 37 0.25 -57.06 -24.80
C ARG E 37 -0.02 -55.68 -25.38
N THR E 38 -0.41 -54.72 -24.68
CA THR E 38 -0.67 -53.36 -25.18
C THR E 38 0.38 -52.38 -24.67
N THR E 39 0.28 -51.97 -23.32
CA THR E 39 1.35 -51.11 -22.82
C THR E 39 1.47 -51.15 -21.30
N GLY E 40 2.67 -51.45 -20.77
CA GLY E 40 2.89 -51.52 -19.33
C GLY E 40 3.52 -52.84 -18.91
N PHE E 41 3.66 -53.08 -17.61
CA PHE E 41 4.32 -54.29 -17.10
C PHE E 41 3.50 -55.00 -16.03
N ARG E 42 3.75 -56.30 -15.86
CA ARG E 42 3.25 -57.16 -14.79
C ARG E 42 4.44 -57.66 -13.95
N VAL E 43 4.30 -57.76 -12.62
CA VAL E 43 5.40 -58.06 -11.69
C VAL E 43 5.30 -59.48 -11.13
N ILE E 44 6.38 -60.26 -11.22
CA ILE E 44 6.42 -61.68 -10.86
C ILE E 44 7.54 -61.95 -9.84
N ALA E 45 7.33 -62.92 -8.94
CA ALA E 45 8.35 -63.42 -8.02
C ALA E 45 8.39 -64.97 -8.00
N GLN E 46 9.59 -65.56 -8.05
CA GLN E 46 9.80 -67.01 -8.15
C GLN E 46 10.73 -67.52 -7.05
N PRO E 47 10.48 -68.69 -6.42
CA PRO E 47 11.31 -69.22 -5.34
C PRO E 47 12.66 -69.72 -5.84
N ALA E 48 13.70 -69.58 -5.02
CA ALA E 48 15.06 -69.99 -5.36
C ALA E 48 15.20 -71.51 -5.53
N LYS E 49 16.23 -71.94 -6.27
CA LYS E 49 16.51 -73.35 -6.57
C LYS E 49 16.68 -74.16 -5.28
N GLY E 50 16.22 -75.42 -5.28
CA GLY E 50 16.24 -76.29 -4.10
C GLY E 50 15.00 -76.18 -3.20
N LEU E 51 14.47 -74.98 -2.97
CA LEU E 51 13.16 -74.85 -2.30
C LEU E 51 12.03 -75.40 -3.18
N LYS E 52 12.19 -75.35 -4.52
CA LYS E 52 11.33 -76.03 -5.50
C LYS E 52 11.21 -77.53 -5.22
N ASP E 53 12.33 -78.20 -4.92
CA ASP E 53 12.36 -79.65 -4.67
C ASP E 53 11.54 -80.04 -3.45
N ILE E 54 11.66 -79.27 -2.36
CA ILE E 54 10.89 -79.50 -1.14
C ILE E 54 9.38 -79.35 -1.42
N GLN E 55 8.97 -78.34 -2.19
CA GLN E 55 7.56 -78.18 -2.58
C GLN E 55 7.06 -79.36 -3.43
N ARG E 56 7.78 -79.76 -4.46
CA ARG E 56 7.35 -80.91 -5.26
C ARG E 56 7.27 -82.18 -4.44
N ALA E 57 8.23 -82.39 -3.56
CA ALA E 57 8.20 -83.55 -2.68
C ALA E 57 7.00 -83.55 -1.71
N PHE E 58 6.67 -82.40 -1.11
CA PHE E 58 5.57 -82.30 -0.14
C PHE E 58 4.23 -82.77 -0.74
N VAL E 59 3.93 -82.36 -1.97
CA VAL E 59 2.67 -82.73 -2.66
C VAL E 59 2.60 -84.21 -3.08
N GLN E 60 3.64 -85.02 -2.86
CA GLN E 60 3.55 -86.48 -2.99
C GLN E 60 2.98 -87.16 -1.74
N LEU E 61 3.25 -86.62 -0.55
CA LEU E 61 2.95 -87.29 0.73
C LEU E 61 1.47 -87.24 1.11
N TYR E 62 0.71 -86.29 0.57
CA TYR E 62 -0.66 -85.97 0.97
C TYR E 62 -1.53 -85.63 -0.24
N SER E 63 -2.85 -85.74 -0.08
CA SER E 63 -3.84 -85.43 -1.12
C SER E 63 -5.08 -84.78 -0.51
N LEU E 64 -5.80 -83.97 -1.30
CA LEU E 64 -6.92 -83.14 -0.89
C LEU E 64 -8.05 -83.20 -1.94
N PRO E 65 -9.32 -83.10 -1.53
CA PRO E 65 -10.47 -83.25 -2.42
C PRO E 65 -10.63 -82.09 -3.41
N VAL E 66 -11.16 -82.38 -4.62
CA VAL E 66 -11.50 -81.39 -5.65
C VAL E 66 -12.85 -81.72 -6.29
N HIS E 67 -13.71 -80.71 -6.47
CA HIS E 67 -15.03 -80.87 -7.09
C HIS E 67 -14.94 -81.01 -8.62
N ASP E 68 -15.89 -81.68 -9.26
CA ASP E 68 -15.88 -81.91 -10.72
C ASP E 68 -15.96 -80.63 -11.57
N ALA E 69 -16.62 -79.57 -11.09
CA ALA E 69 -16.84 -78.34 -11.85
C ALA E 69 -15.58 -77.47 -12.04
N SER E 70 -14.46 -77.82 -11.39
CA SER E 70 -13.16 -77.18 -11.61
C SER E 70 -12.53 -77.64 -12.93
N MET E 71 -11.94 -76.71 -13.68
CA MET E 71 -11.36 -76.99 -15.01
C MET E 71 -9.87 -76.65 -15.16
N ALA E 72 -9.24 -76.04 -14.18
CA ALA E 72 -7.85 -75.66 -14.37
C ALA E 72 -6.84 -76.44 -13.58
N TYR E 73 -5.65 -76.57 -14.13
CA TYR E 73 -4.57 -77.22 -13.42
C TYR E 73 -4.86 -78.65 -13.02
N MET E 74 -5.71 -79.34 -13.75
CA MET E 74 -6.00 -80.73 -13.47
C MET E 74 -5.56 -81.54 -14.64
N LYS E 75 -5.12 -82.78 -14.42
CA LYS E 75 -4.60 -83.59 -15.52
C LYS E 75 -5.64 -84.20 -16.42
N GLY E 76 -5.34 -84.30 -17.71
CA GLY E 76 -6.27 -84.89 -18.65
C GLY E 76 -7.27 -83.95 -19.28
N LYS E 77 -7.61 -82.85 -18.60
CA LYS E 77 -8.61 -81.91 -19.10
C LYS E 77 -7.97 -80.69 -19.69
N GLY E 78 -8.78 -79.82 -20.28
CA GLY E 78 -8.27 -78.58 -20.87
C GLY E 78 -9.37 -77.56 -21.22
N ILE E 79 -9.00 -76.43 -21.83
CA ILE E 79 -9.96 -75.34 -22.16
C ILE E 79 -11.06 -75.75 -23.15
N ARG E 80 -10.83 -76.74 -23.99
CA ARG E 80 -11.90 -77.21 -24.89
C ARG E 80 -13.07 -77.82 -24.14
N ASP E 81 -12.80 -78.52 -23.06
CA ASP E 81 -13.85 -79.07 -22.22
C ASP E 81 -14.70 -77.99 -21.55
N ASN E 82 -14.09 -76.88 -21.13
CA ASN E 82 -14.80 -75.75 -20.56
C ASN E 82 -15.69 -75.07 -21.61
N ALA E 83 -15.20 -74.85 -22.83
CA ALA E 83 -16.00 -74.24 -23.88
C ALA E 83 -17.15 -75.14 -24.36
N ALA E 84 -16.93 -76.45 -24.46
CA ALA E 84 -17.91 -77.40 -25.00
C ALA E 84 -19.20 -77.50 -24.16
N ALA E 85 -19.12 -77.33 -22.84
CA ALA E 85 -20.26 -77.55 -21.94
C ALA E 85 -21.40 -76.52 -22.12
N HIS E 86 -21.10 -75.29 -22.53
CA HIS E 86 -22.08 -74.21 -22.68
C HIS E 86 -22.66 -74.07 -24.10
N ALA E 87 -22.15 -74.83 -25.08
CA ALA E 87 -22.39 -74.59 -26.51
C ALA E 87 -23.84 -74.75 -27.00
N GLY E 88 -24.71 -75.39 -26.21
CA GLY E 88 -26.12 -75.63 -26.58
C GLY E 88 -27.14 -74.60 -26.09
N ASN E 89 -26.75 -73.59 -25.32
CA ASN E 89 -27.67 -72.65 -24.65
C ASN E 89 -27.66 -71.25 -25.28
N GLN E 90 -28.83 -70.61 -25.46
CA GLN E 90 -28.94 -69.31 -26.13
C GLN E 90 -28.73 -68.05 -25.25
N TYR E 91 -28.57 -68.17 -23.93
CA TYR E 91 -28.33 -67.04 -23.01
C TYR E 91 -27.09 -67.24 -22.14
N LEU E 92 -26.37 -66.17 -21.79
CA LEU E 92 -25.04 -66.22 -21.17
C LEU E 92 -24.80 -65.13 -20.11
N LEU E 93 -24.06 -65.43 -19.04
CA LEU E 93 -23.64 -64.50 -17.97
C LEU E 93 -22.19 -64.81 -17.50
N LYS E 94 -21.42 -63.76 -17.15
CA LYS E 94 -20.04 -63.87 -16.61
C LYS E 94 -19.75 -62.94 -15.42
N ALA E 95 -18.79 -63.32 -14.57
CA ALA E 95 -18.36 -62.59 -13.35
C ALA E 95 -16.87 -62.82 -13.03
N ASP E 96 -16.30 -62.09 -12.06
CA ASP E 96 -14.87 -62.11 -11.70
C ASP E 96 -14.61 -61.74 -10.21
N LEU E 97 -13.44 -62.07 -9.65
CA LEU E 97 -13.05 -61.87 -8.24
C LEU E 97 -11.85 -60.91 -8.09
N GLU E 98 -11.79 -60.15 -7.00
CA GLU E 98 -10.64 -59.28 -6.68
C GLU E 98 -9.44 -60.06 -6.12
N ASP E 99 -8.23 -59.81 -6.64
CA ASP E 99 -6.92 -60.22 -6.08
C ASP E 99 -6.83 -61.67 -5.59
N PHE E 100 -7.17 -62.64 -6.46
CA PHE E 100 -7.47 -64.00 -6.02
C PHE E 100 -6.33 -64.71 -5.26
N PHE E 101 -5.08 -64.61 -5.69
CA PHE E 101 -3.96 -65.25 -5.00
C PHE E 101 -3.55 -64.50 -3.72
N ASN E 102 -3.26 -63.20 -3.81
CA ASN E 102 -2.75 -62.44 -2.65
C ASN E 102 -3.73 -62.38 -1.47
N SER E 103 -5.02 -62.61 -1.70
CA SER E 103 -6.05 -62.60 -0.66
C SER E 103 -6.01 -63.81 0.30
N ILE E 104 -5.14 -64.80 0.08
CA ILE E 104 -5.10 -66.04 0.89
C ILE E 104 -3.93 -65.98 1.89
N THR E 105 -4.23 -66.29 3.16
CA THR E 105 -3.32 -66.20 4.32
C THR E 105 -3.48 -67.43 5.24
N PRO E 106 -2.51 -67.75 6.12
CA PRO E 106 -2.56 -68.94 6.96
C PRO E 106 -3.86 -69.14 7.75
N ALA E 107 -4.48 -68.07 8.23
CA ALA E 107 -5.73 -68.14 8.99
C ALA E 107 -6.91 -68.70 8.18
N ILE E 108 -6.95 -68.44 6.87
CA ILE E 108 -7.94 -69.02 5.96
C ILE E 108 -7.72 -70.53 5.82
N PHE E 109 -6.47 -70.94 5.60
CA PHE E 109 -6.11 -72.33 5.40
C PHE E 109 -6.42 -73.20 6.63
N TRP E 110 -5.96 -72.80 7.82
CA TRP E 110 -6.17 -73.59 9.06
C TRP E 110 -7.63 -73.69 9.48
N ARG E 111 -8.49 -72.74 9.08
CA ARG E 111 -9.94 -72.88 9.26
C ARG E 111 -10.53 -73.87 8.26
N CYS E 112 -10.20 -73.75 6.97
CA CYS E 112 -10.76 -74.61 5.92
C CYS E 112 -10.37 -76.07 6.06
N ILE E 113 -9.15 -76.38 6.50
CA ILE E 113 -8.71 -77.78 6.68
C ILE E 113 -9.45 -78.47 7.83
N GLU E 114 -9.93 -77.70 8.81
CA GLU E 114 -10.61 -78.20 10.01
C GLU E 114 -12.13 -78.35 9.83
N MET E 115 -12.80 -77.33 9.30
CA MET E 115 -14.26 -77.28 9.17
C MET E 115 -14.84 -78.05 7.96
N SER E 116 -14.00 -78.75 7.20
CA SER E 116 -14.37 -79.33 5.89
C SER E 116 -15.51 -80.35 5.97
N SER E 117 -16.28 -80.44 4.88
CA SER E 117 -17.30 -81.47 4.61
C SER E 117 -16.71 -82.80 4.09
N ALA E 118 -15.38 -82.91 3.98
CA ALA E 118 -14.68 -84.04 3.37
C ALA E 118 -13.42 -84.47 4.16
N GLN E 119 -12.80 -85.58 3.74
CA GLN E 119 -11.80 -86.32 4.52
C GLN E 119 -10.38 -85.72 4.44
N THR E 120 -10.16 -84.56 5.05
CA THR E 120 -8.82 -83.95 5.17
C THR E 120 -7.88 -84.79 6.08
N PRO E 121 -6.57 -84.85 5.81
CA PRO E 121 -5.63 -85.62 6.61
C PRO E 121 -5.29 -84.96 7.95
N GLN E 122 -4.86 -85.76 8.93
CA GLN E 122 -4.41 -85.29 10.26
C GLN E 122 -2.93 -84.88 10.25
N PHE E 123 -2.53 -84.00 11.17
CA PHE E 123 -1.15 -83.51 11.33
C PHE E 123 -0.75 -83.35 12.80
N GLU E 124 0.54 -83.47 13.09
CA GLU E 124 1.13 -83.16 14.39
C GLU E 124 1.09 -81.64 14.68
N PRO E 125 0.61 -81.18 15.86
CA PRO E 125 0.51 -79.75 16.17
C PRO E 125 1.82 -78.97 16.01
N GLN E 126 2.95 -79.56 16.36
CA GLN E 126 4.28 -78.95 16.22
C GLN E 126 4.81 -78.90 14.78
N ASP E 127 4.25 -79.64 13.82
CA ASP E 127 4.67 -79.57 12.41
C ASP E 127 4.14 -78.31 11.70
N LYS E 128 3.13 -77.63 12.26
CA LYS E 128 2.53 -76.42 11.68
C LYS E 128 3.54 -75.31 11.41
N LEU E 129 4.57 -75.18 12.26
CA LEU E 129 5.69 -74.26 12.05
C LEU E 129 6.36 -74.50 10.69
N PHE E 130 6.70 -75.74 10.39
CA PHE E 130 7.38 -76.10 9.15
C PHE E 130 6.44 -76.01 7.95
N ILE E 131 5.17 -76.39 8.10
CA ILE E 131 4.17 -76.26 7.04
C ILE E 131 4.01 -74.79 6.61
N GLU E 132 3.84 -73.86 7.55
CA GLU E 132 3.77 -72.43 7.21
C GLU E 132 5.05 -71.93 6.55
N LYS E 133 6.24 -72.35 6.98
CA LYS E 133 7.51 -71.94 6.36
C LYS E 133 7.74 -72.55 4.98
N ILE E 134 7.06 -73.62 4.60
CA ILE E 134 7.14 -74.19 3.23
C ILE E 134 6.21 -73.43 2.26
N LEU E 135 5.00 -73.07 2.68
CA LEU E 135 3.93 -72.65 1.77
C LEU E 135 3.79 -71.14 1.49
N PHE E 136 4.30 -70.23 2.32
CA PHE E 136 3.99 -68.79 2.24
C PHE E 136 5.20 -67.89 2.02
N TRP E 137 4.97 -66.72 1.42
CA TRP E 137 5.97 -65.68 1.13
C TRP E 137 5.84 -64.49 2.09
N GLN E 138 6.96 -63.95 2.55
CA GLN E 138 7.04 -62.69 3.33
C GLN E 138 7.57 -61.54 2.44
N PRO E 139 6.72 -60.68 1.88
CA PRO E 139 7.13 -59.68 0.90
C PRO E 139 7.93 -58.50 1.47
N ILE E 140 7.59 -58.04 2.68
CA ILE E 140 8.17 -56.84 3.31
C ILE E 140 9.12 -57.26 4.45
N LYS E 141 10.34 -56.71 4.49
CA LYS E 141 11.42 -57.16 5.39
C LYS E 141 11.17 -56.86 6.88
N ARG E 142 10.63 -55.69 7.21
CA ARG E 142 10.37 -55.24 8.60
C ARG E 142 8.99 -55.65 9.15
N ARG E 143 7.94 -55.66 8.32
CA ARG E 143 6.58 -56.10 8.71
C ARG E 143 6.54 -57.61 8.67
N LYS E 144 7.20 -58.25 9.57
CA LYS E 144 7.41 -59.72 9.59
C LYS E 144 6.15 -60.57 9.79
N THR E 145 5.03 -59.99 10.21
CA THR E 145 3.73 -60.67 10.35
C THR E 145 2.97 -60.88 9.03
N LYS E 146 3.31 -60.20 7.92
CA LYS E 146 2.67 -60.48 6.61
C LYS E 146 3.15 -61.79 6.01
N LEU E 147 2.23 -62.70 5.73
CA LEU E 147 2.45 -63.93 4.96
C LEU E 147 1.32 -64.10 3.92
N ILE E 148 1.68 -64.36 2.65
CA ILE E 148 0.73 -64.51 1.53
C ILE E 148 1.15 -65.62 0.56
N LEU E 149 0.21 -66.10 -0.24
CA LEU E 149 0.40 -67.15 -1.24
C LEU E 149 0.84 -66.54 -2.59
N SER E 150 2.03 -66.91 -3.11
CA SER E 150 2.52 -66.43 -4.41
C SER E 150 2.00 -67.25 -5.59
N VAL E 151 1.76 -66.62 -6.74
CA VAL E 151 1.33 -67.30 -7.98
C VAL E 151 2.45 -68.09 -8.66
N GLY E 152 3.72 -67.72 -8.46
CA GLY E 152 4.86 -68.29 -9.19
C GLY E 152 5.50 -69.55 -8.61
N ALA E 153 4.92 -70.18 -7.58
CA ALA E 153 5.52 -71.29 -6.83
C ALA E 153 4.82 -72.64 -7.10
N PRO E 154 5.55 -73.76 -7.35
CA PRO E 154 4.97 -75.02 -7.78
C PRO E 154 3.81 -75.59 -6.95
N SER E 155 3.72 -75.35 -5.65
CA SER E 155 2.64 -75.90 -4.81
C SER E 155 1.33 -75.09 -4.82
N SER E 156 1.34 -73.82 -5.24
CA SER E 156 0.17 -72.93 -5.10
C SER E 156 -1.11 -73.35 -5.85
N PRO E 157 -1.05 -73.91 -7.08
CA PRO E 157 -2.26 -74.34 -7.78
C PRO E 157 -3.14 -75.29 -6.97
N VAL E 158 -2.58 -76.32 -6.35
CA VAL E 158 -3.33 -77.31 -5.57
C VAL E 158 -4.05 -76.69 -4.38
N ILE E 159 -3.36 -75.85 -3.61
CA ILE E 159 -3.93 -75.17 -2.44
C ILE E 159 -5.09 -74.25 -2.84
N SER E 160 -4.95 -73.54 -3.97
CA SER E 160 -5.99 -72.64 -4.46
C SER E 160 -7.27 -73.37 -4.90
N ASN E 161 -7.16 -74.59 -5.45
CA ASN E 161 -8.34 -75.42 -5.72
C ASN E 161 -8.99 -75.89 -4.42
N PHE E 162 -8.22 -76.38 -3.44
CA PHE E 162 -8.80 -76.90 -2.20
C PHE E 162 -9.62 -75.85 -1.43
N CYS E 163 -9.16 -74.60 -1.36
CA CYS E 163 -9.86 -73.54 -0.62
C CYS E 163 -11.27 -73.22 -1.14
N MET E 164 -11.61 -73.58 -2.39
CA MET E 164 -12.91 -73.29 -3.00
C MET E 164 -13.95 -74.42 -2.86
N TYR E 165 -13.61 -75.53 -2.18
CA TYR E 165 -14.38 -76.78 -2.25
C TYR E 165 -15.87 -76.64 -1.87
N GLU E 166 -16.19 -75.97 -0.76
CA GLU E 166 -17.60 -75.79 -0.35
C GLU E 166 -18.37 -74.79 -1.21
N PHE E 167 -17.71 -73.75 -1.74
CA PHE E 167 -18.37 -72.79 -2.63
C PHE E 167 -18.84 -73.50 -3.91
N ASP E 168 -17.98 -74.25 -4.58
CA ASP E 168 -18.37 -75.05 -5.75
C ASP E 168 -19.44 -76.08 -5.41
N ASN E 169 -19.33 -76.75 -4.25
CA ASN E 169 -20.28 -77.78 -3.82
C ASN E 169 -21.72 -77.23 -3.72
N ARG E 170 -21.92 -76.08 -3.10
CA ARG E 170 -23.25 -75.50 -2.88
C ARG E 170 -23.86 -74.87 -4.13
N ILE E 171 -23.11 -74.04 -4.87
CA ILE E 171 -23.69 -73.26 -5.98
C ILE E 171 -24.14 -74.15 -7.15
N HIS E 172 -23.43 -75.26 -7.40
CA HIS E 172 -23.80 -76.24 -8.43
C HIS E 172 -25.10 -76.98 -8.11
N ALA E 173 -25.26 -77.42 -6.86
CA ALA E 173 -26.49 -78.05 -6.39
C ALA E 173 -27.70 -77.11 -6.48
N ALA E 174 -27.51 -75.81 -6.19
CA ALA E 174 -28.55 -74.81 -6.33
C ALA E 174 -28.96 -74.59 -7.80
N CYS E 175 -28.01 -74.46 -8.73
CA CYS E 175 -28.30 -74.23 -10.16
C CYS E 175 -29.06 -75.40 -10.82
N LYS E 176 -28.78 -76.64 -10.42
CA LYS E 176 -29.42 -77.84 -10.99
C LYS E 176 -30.95 -77.84 -10.84
N LYS E 177 -31.49 -77.27 -9.76
CA LYS E 177 -32.93 -77.21 -9.48
C LYS E 177 -33.72 -76.24 -10.38
N VAL E 178 -33.03 -75.43 -11.18
CA VAL E 178 -33.64 -74.34 -11.98
C VAL E 178 -33.16 -74.34 -13.45
N GLU E 179 -32.51 -75.42 -13.91
CA GLU E 179 -32.03 -75.58 -15.28
C GLU E 179 -30.94 -74.58 -15.71
N ILE E 180 -29.91 -74.40 -14.87
CA ILE E 180 -28.75 -73.53 -15.14
C ILE E 180 -27.45 -74.35 -15.09
N THR E 181 -26.50 -74.09 -16.00
CA THR E 181 -25.21 -74.78 -16.12
C THR E 181 -24.06 -73.94 -15.54
N TYR E 182 -23.16 -74.53 -14.76
CA TYR E 182 -22.04 -73.85 -14.07
C TYR E 182 -20.69 -74.55 -14.30
N THR E 183 -19.62 -73.78 -14.58
CA THR E 183 -18.21 -74.23 -14.61
C THR E 183 -17.27 -73.10 -14.15
N ARG E 184 -16.07 -73.48 -13.68
CA ARG E 184 -15.08 -72.49 -13.23
C ARG E 184 -13.64 -72.81 -13.59
N TYR E 185 -12.94 -71.88 -14.20
CA TYR E 185 -11.52 -72.02 -14.58
C TYR E 185 -10.64 -71.57 -13.40
N ALA E 186 -9.53 -70.88 -13.61
CA ALA E 186 -8.68 -70.41 -12.51
C ALA E 186 -9.44 -69.45 -11.57
N ASP E 187 -10.11 -68.43 -12.14
CA ASP E 187 -10.90 -67.42 -11.41
C ASP E 187 -12.10 -66.85 -12.20
N ASP E 188 -12.36 -67.27 -13.44
CA ASP E 188 -13.61 -66.98 -14.17
C ASP E 188 -14.79 -67.83 -13.69
N LEU E 189 -15.97 -67.22 -13.53
CA LEU E 189 -17.25 -67.90 -13.31
C LEU E 189 -18.15 -67.75 -14.54
N THR E 190 -18.76 -68.82 -15.05
CA THR E 190 -19.64 -68.77 -16.24
C THR E 190 -20.97 -69.48 -15.99
N PHE E 191 -22.09 -68.85 -16.36
CA PHE E 191 -23.45 -69.40 -16.22
C PHE E 191 -24.19 -69.33 -17.56
N SER E 192 -24.99 -70.34 -17.89
CA SER E 192 -25.87 -70.33 -19.06
C SER E 192 -27.15 -71.15 -18.86
N SER E 193 -28.18 -70.84 -19.65
CA SER E 193 -29.48 -71.51 -19.63
C SER E 193 -30.27 -71.24 -20.92
N ASN E 194 -31.36 -71.98 -21.16
CA ASN E 194 -32.12 -71.91 -22.41
C ASN E 194 -33.56 -71.39 -22.24
N ILE E 195 -33.92 -70.83 -21.08
CA ILE E 195 -35.20 -70.16 -20.81
C ILE E 195 -34.99 -68.70 -20.32
N PRO E 196 -35.98 -67.85 -20.58
CA PRO E 196 -35.80 -66.42 -20.31
C PRO E 196 -36.07 -65.87 -18.93
N ASP E 197 -35.41 -64.77 -18.59
CA ASP E 197 -35.59 -64.09 -17.30
C ASP E 197 -35.32 -64.94 -16.08
N VAL E 198 -34.34 -65.82 -16.16
CA VAL E 198 -33.95 -66.59 -15.01
C VAL E 198 -32.59 -66.12 -14.54
N LEU E 199 -31.75 -65.69 -15.47
CA LEU E 199 -30.39 -65.31 -15.10
C LEU E 199 -30.30 -64.00 -14.28
N LYS E 200 -31.33 -63.15 -14.26
CA LYS E 200 -31.29 -61.82 -13.59
C LYS E 200 -31.08 -61.90 -12.07
N ALA E 201 -31.47 -63.00 -11.43
CA ALA E 201 -31.41 -63.15 -9.98
C ALA E 201 -30.02 -63.45 -9.42
N VAL E 202 -29.16 -64.10 -10.22
CA VAL E 202 -27.95 -64.78 -9.73
C VAL E 202 -26.94 -63.89 -9.00
N PRO E 203 -26.59 -62.66 -9.46
CA PRO E 203 -25.53 -61.86 -8.82
C PRO E 203 -25.76 -61.59 -7.33
N SER E 204 -27.02 -61.41 -6.91
CA SER E 204 -27.36 -61.18 -5.50
C SER E 204 -27.06 -62.40 -4.60
N THR E 205 -27.26 -63.61 -5.10
CA THR E 205 -27.03 -64.86 -4.36
C THR E 205 -25.55 -65.06 -4.02
N LEU E 206 -24.65 -64.73 -4.96
CA LEU E 206 -23.21 -64.90 -4.80
C LEU E 206 -22.65 -64.04 -3.66
N GLU E 207 -23.12 -62.80 -3.56
CA GLU E 207 -22.59 -61.82 -2.60
C GLU E 207 -22.94 -62.16 -1.15
N VAL E 208 -24.08 -62.81 -0.90
CA VAL E 208 -24.44 -63.35 0.42
C VAL E 208 -23.55 -64.53 0.80
N LEU E 209 -23.43 -65.53 -0.08
CA LEU E 209 -22.64 -66.73 0.16
C LEU E 209 -21.16 -66.43 0.42
N LEU E 210 -20.56 -65.46 -0.29
CA LEU E 210 -19.17 -65.07 -0.09
C LEU E 210 -18.90 -64.56 1.33
N LYS E 211 -19.72 -63.64 1.86
CA LYS E 211 -19.50 -63.12 3.24
C LYS E 211 -19.85 -64.12 4.33
N ASP E 212 -20.75 -65.06 4.05
CA ASP E 212 -21.07 -66.19 4.95
C ASP E 212 -19.86 -67.11 5.17
N LEU E 213 -19.15 -67.47 4.09
CA LEU E 213 -17.96 -68.32 4.17
C LEU E 213 -16.68 -67.58 4.58
N PHE E 214 -16.39 -66.41 3.99
CA PHE E 214 -15.07 -65.74 4.09
C PHE E 214 -15.08 -64.42 4.88
N GLY E 215 -16.25 -63.90 5.19
CA GLY E 215 -16.30 -62.60 5.83
C GLY E 215 -15.87 -61.47 4.89
N SER E 216 -14.85 -60.73 5.28
CA SER E 216 -14.34 -59.60 4.48
C SER E 216 -13.26 -59.98 3.44
N ALA E 217 -12.71 -61.20 3.48
CA ALA E 217 -11.44 -61.50 2.84
C ALA E 217 -11.44 -61.54 1.30
N LEU E 218 -12.50 -62.05 0.66
CA LEU E 218 -12.64 -62.14 -0.81
C LEU E 218 -13.97 -61.52 -1.26
N ARG E 219 -13.91 -60.86 -2.42
CA ARG E 219 -15.09 -60.18 -2.94
C ARG E 219 -15.27 -60.17 -4.46
N LEU E 220 -16.51 -59.98 -4.89
CA LEU E 220 -16.90 -59.93 -6.30
C LEU E 220 -16.52 -58.57 -6.91
N ASN E 221 -15.91 -58.54 -8.10
CA ASN E 221 -15.56 -57.27 -8.77
C ASN E 221 -16.76 -56.71 -9.56
N HIS E 222 -17.48 -55.73 -8.99
CA HIS E 222 -18.74 -55.21 -9.56
C HIS E 222 -18.60 -54.63 -10.98
N SER E 223 -17.42 -54.22 -11.41
CA SER E 223 -17.19 -53.59 -12.71
C SER E 223 -17.18 -54.56 -13.90
N LYS E 224 -17.20 -55.87 -13.69
CA LYS E 224 -17.01 -56.90 -14.74
C LYS E 224 -18.18 -57.84 -15.01
N THR E 225 -19.37 -57.60 -14.45
CA THR E 225 -20.55 -58.40 -14.78
C THR E 225 -21.05 -58.10 -16.19
N VAL E 226 -21.26 -59.11 -17.04
CA VAL E 226 -21.68 -58.96 -18.46
C VAL E 226 -22.78 -59.94 -18.84
N PHE E 227 -23.78 -59.49 -19.60
CA PHE E 227 -24.88 -60.29 -20.19
C PHE E 227 -24.80 -60.28 -21.72
N SER E 228 -25.09 -61.41 -22.37
CA SER E 228 -25.15 -61.52 -23.84
C SER E 228 -26.17 -62.57 -24.31
N SER E 229 -26.50 -62.60 -25.61
CA SER E 229 -27.47 -63.52 -26.22
C SER E 229 -27.08 -63.88 -27.66
N LYS E 230 -27.95 -64.63 -28.35
CA LYS E 230 -27.81 -65.00 -29.75
C LYS E 230 -27.73 -63.81 -30.72
N ALA E 231 -28.10 -62.60 -30.30
CA ALA E 231 -28.08 -61.40 -31.13
C ALA E 231 -26.73 -60.64 -31.16
N HIS E 232 -25.75 -61.03 -30.33
CA HIS E 232 -24.46 -60.34 -30.15
C HIS E 232 -23.29 -61.34 -30.12
N ASN E 233 -22.05 -60.84 -30.07
CA ASN E 233 -20.85 -61.69 -29.96
C ASN E 233 -20.83 -62.51 -28.65
N ARG E 234 -20.32 -63.75 -28.72
CA ARG E 234 -20.15 -64.67 -27.58
C ARG E 234 -18.82 -65.42 -27.65
N HIS E 235 -18.04 -65.45 -26.57
CA HIS E 235 -16.80 -66.22 -26.48
C HIS E 235 -16.51 -66.69 -25.05
N VAL E 236 -15.75 -67.78 -24.90
CA VAL E 236 -15.33 -68.36 -23.61
C VAL E 236 -13.84 -68.68 -23.67
N THR E 237 -13.04 -68.10 -22.75
CA THR E 237 -11.57 -68.30 -22.65
C THR E 237 -10.86 -68.33 -24.00
N GLY E 238 -11.12 -67.35 -24.88
CA GLY E 238 -10.50 -67.23 -26.19
C GLY E 238 -11.12 -68.02 -27.34
N ILE E 239 -12.17 -68.82 -27.11
CA ILE E 239 -12.85 -69.62 -28.13
C ILE E 239 -14.23 -69.03 -28.44
N THR E 240 -14.55 -68.82 -29.73
CA THR E 240 -15.81 -68.22 -30.18
C THR E 240 -16.89 -69.27 -30.42
N ILE E 241 -18.17 -68.96 -30.20
CA ILE E 241 -19.31 -69.83 -30.48
C ILE E 241 -20.17 -69.21 -31.58
N ASN E 242 -20.42 -69.93 -32.69
CA ASN E 242 -21.18 -69.39 -33.82
C ASN E 242 -22.69 -69.69 -33.76
N ASN E 243 -23.48 -69.09 -34.64
CA ASN E 243 -24.96 -69.24 -34.63
C ASN E 243 -25.44 -70.65 -35.01
N GLU E 244 -24.60 -71.47 -35.62
CA GLU E 244 -24.87 -72.89 -35.89
C GLU E 244 -24.56 -73.81 -34.70
N GLU E 245 -24.28 -73.26 -33.52
CA GLU E 245 -24.03 -73.98 -32.28
C GLU E 245 -22.75 -74.85 -32.31
N THR E 246 -21.67 -74.29 -32.87
CA THR E 246 -20.35 -74.95 -32.95
C THR E 246 -19.21 -74.00 -32.59
N LEU E 247 -18.06 -74.55 -32.22
CA LEU E 247 -16.87 -73.78 -31.85
C LEU E 247 -16.13 -73.24 -33.09
N SER E 248 -15.48 -72.09 -32.99
CA SER E 248 -14.88 -71.36 -34.12
C SER E 248 -13.60 -70.62 -33.74
N LEU E 249 -12.64 -70.49 -34.65
CA LEU E 249 -11.48 -69.59 -34.49
C LEU E 249 -11.78 -68.11 -34.81
N GLY E 250 -12.95 -67.81 -35.38
CA GLY E 250 -13.38 -66.45 -35.75
C GLY E 250 -12.85 -65.96 -37.11
N ARG E 251 -13.66 -65.21 -37.87
CA ARG E 251 -13.33 -64.76 -39.23
C ARG E 251 -12.01 -64.00 -39.30
N ASP E 252 -11.77 -63.08 -38.38
CA ASP E 252 -10.60 -62.19 -38.43
C ASP E 252 -9.27 -62.95 -38.34
N ARG E 253 -9.21 -64.03 -37.56
CA ARG E 253 -8.01 -64.85 -37.41
C ARG E 253 -7.79 -65.76 -38.61
N LYS E 254 -8.86 -66.32 -39.16
CA LYS E 254 -8.83 -67.08 -40.41
C LYS E 254 -8.27 -66.25 -41.58
N ARG E 255 -8.70 -65.02 -41.73
CA ARG E 255 -8.20 -64.25 -42.84
C ARG E 255 -6.71 -63.92 -42.66
N PHE E 256 -6.27 -63.64 -41.45
CA PHE E 256 -4.83 -63.41 -41.22
C PHE E 256 -3.96 -64.63 -41.51
N ILE E 257 -4.41 -65.85 -41.23
CA ILE E 257 -3.66 -67.06 -41.56
C ILE E 257 -3.53 -67.25 -43.08
N LYS E 258 -4.59 -66.96 -43.86
CA LYS E 258 -4.53 -67.05 -45.34
C LYS E 258 -3.42 -66.19 -45.94
N HIS E 259 -3.24 -64.97 -45.44
CA HIS E 259 -2.21 -64.05 -45.91
C HIS E 259 -0.79 -64.64 -45.79
N LEU E 260 -0.45 -65.27 -44.66
CA LEU E 260 0.88 -65.84 -44.44
C LEU E 260 1.19 -67.01 -45.38
N ILE E 261 0.22 -67.86 -45.70
CA ILE E 261 0.41 -68.93 -46.70
C ILE E 261 0.70 -68.31 -48.08
N ASN E 262 -0.01 -67.24 -48.46
CA ASN E 262 0.21 -66.58 -49.74
C ASN E 262 1.60 -65.90 -49.84
N GLN E 263 2.17 -65.41 -48.74
CA GLN E 263 3.56 -64.95 -48.71
C GLN E 263 4.55 -66.11 -48.92
N TYR E 264 4.26 -67.29 -48.38
CA TYR E 264 5.12 -68.47 -48.54
C TYR E 264 5.10 -69.04 -49.97
N LYS E 265 3.94 -69.01 -50.65
CA LYS E 265 3.79 -69.46 -52.05
C LYS E 265 4.82 -68.83 -52.99
N TYR E 266 5.12 -67.55 -52.82
CA TYR E 266 6.09 -66.79 -53.64
C TYR E 266 7.45 -66.58 -52.95
N GLY E 267 7.73 -67.29 -51.85
CA GLY E 267 9.04 -67.26 -51.19
C GLY E 267 9.40 -65.93 -50.50
N LEU E 268 8.41 -65.12 -50.12
CA LEU E 268 8.61 -63.81 -49.47
C LEU E 268 8.78 -63.91 -47.94
N LEU E 269 8.35 -65.01 -47.33
CA LEU E 269 8.41 -65.24 -45.89
C LEU E 269 9.85 -65.53 -45.41
N ASP E 270 10.14 -65.32 -44.12
CA ASP E 270 11.45 -65.61 -43.52
C ASP E 270 11.34 -66.36 -42.16
N ASN E 271 12.48 -66.82 -41.63
CA ASN E 271 12.53 -67.90 -40.64
C ASN E 271 11.70 -67.66 -39.37
N GLU E 272 11.65 -66.43 -38.84
CA GLU E 272 10.84 -66.11 -37.67
C GLU E 272 9.34 -66.33 -37.91
N ASP E 273 8.81 -65.74 -38.99
CA ASP E 273 7.39 -65.89 -39.34
C ASP E 273 7.06 -67.32 -39.80
N LYS E 274 8.02 -68.02 -40.42
CA LYS E 274 7.86 -69.44 -40.77
C LYS E 274 7.71 -70.30 -39.52
N ALA E 275 8.52 -70.09 -38.49
CA ALA E 275 8.39 -70.80 -37.23
C ALA E 275 7.03 -70.52 -36.55
N TYR E 276 6.63 -69.25 -36.50
CA TYR E 276 5.36 -68.83 -35.93
C TYR E 276 4.15 -69.46 -36.67
N LEU E 277 4.18 -69.52 -37.99
CA LEU E 277 3.11 -70.14 -38.79
C LEU E 277 2.93 -71.63 -38.48
N ILE E 278 4.03 -72.36 -38.31
CA ILE E 278 3.98 -73.79 -37.94
C ILE E 278 3.33 -73.97 -36.56
N GLY E 279 3.67 -73.14 -35.58
CA GLY E 279 3.09 -73.18 -34.24
C GLY E 279 1.58 -72.91 -34.21
N LEU E 280 1.09 -71.94 -34.99
CA LEU E 280 -0.33 -71.70 -35.11
C LEU E 280 -1.09 -72.88 -35.76
N LEU E 281 -0.58 -73.47 -36.84
CA LEU E 281 -1.25 -74.60 -37.49
C LEU E 281 -1.33 -75.83 -36.58
N ALA E 282 -0.31 -76.07 -35.74
CA ALA E 282 -0.35 -77.14 -34.74
C ALA E 282 -1.47 -76.94 -33.71
N PHE E 283 -1.71 -75.71 -33.25
CA PHE E 283 -2.82 -75.37 -32.36
C PHE E 283 -4.19 -75.46 -33.05
N ALA E 284 -4.34 -74.89 -34.25
CA ALA E 284 -5.63 -74.81 -34.95
C ALA E 284 -6.27 -76.18 -35.23
N SER E 285 -5.44 -77.19 -35.50
CA SER E 285 -5.87 -78.58 -35.75
C SER E 285 -6.66 -79.19 -34.59
N HIS E 286 -6.41 -78.79 -33.33
CA HIS E 286 -7.09 -79.35 -32.17
C HIS E 286 -8.54 -78.84 -32.02
N ILE E 287 -8.82 -77.58 -32.38
CA ILE E 287 -10.12 -76.93 -32.13
C ILE E 287 -11.08 -77.02 -33.33
N GLU E 288 -10.59 -76.85 -34.55
CA GLU E 288 -11.42 -76.78 -35.76
C GLU E 288 -10.79 -77.59 -36.91
N PRO E 289 -10.77 -78.93 -36.83
CA PRO E 289 -9.96 -79.78 -37.72
C PRO E 289 -10.41 -79.77 -39.18
N SER E 290 -11.66 -79.40 -39.46
CA SER E 290 -12.18 -79.23 -40.83
C SER E 290 -11.52 -78.06 -41.59
N PHE E 291 -10.92 -77.09 -40.91
CA PHE E 291 -10.22 -75.96 -41.56
C PHE E 291 -9.04 -76.44 -42.43
N ILE E 292 -8.26 -77.41 -41.97
CA ILE E 292 -7.10 -77.93 -42.70
C ILE E 292 -7.51 -78.58 -44.04
N THR E 293 -8.66 -79.27 -44.05
CA THR E 293 -9.25 -79.86 -45.27
C THR E 293 -9.63 -78.82 -46.34
N ARG E 294 -9.85 -77.59 -45.94
CA ARG E 294 -10.14 -76.59 -46.93
C ARG E 294 -8.85 -75.91 -47.38
N MET E 295 -7.89 -75.75 -46.48
CA MET E 295 -6.61 -75.15 -46.86
C MET E 295 -5.83 -75.98 -47.87
N ASN E 296 -5.78 -77.31 -47.74
CA ASN E 296 -5.20 -78.17 -48.79
C ASN E 296 -6.12 -78.41 -49.99
N GLU E 297 -7.21 -77.65 -50.13
CA GLU E 297 -7.98 -77.53 -51.36
C GLU E 297 -7.73 -76.18 -52.08
N LYS E 298 -7.76 -75.04 -51.37
CA LYS E 298 -7.44 -73.75 -52.00
C LYS E 298 -5.96 -73.65 -52.42
N TYR E 299 -5.07 -74.31 -51.69
CA TYR E 299 -3.67 -74.49 -52.03
C TYR E 299 -3.41 -75.99 -52.28
N SER E 300 -2.43 -76.34 -53.09
CA SER E 300 -2.14 -77.75 -53.39
C SER E 300 -1.63 -78.52 -52.17
N LEU E 301 -1.97 -79.80 -52.06
CA LEU E 301 -1.44 -80.69 -51.02
C LEU E 301 0.09 -80.80 -51.09
N GLU E 302 0.62 -80.77 -52.31
CA GLU E 302 2.05 -80.62 -52.64
C GLU E 302 2.71 -79.46 -51.87
N LEU E 303 2.15 -78.25 -51.90
CA LEU E 303 2.68 -77.12 -51.15
C LEU E 303 2.51 -77.30 -49.65
N MET E 304 1.37 -77.85 -49.23
CA MET E 304 1.05 -77.99 -47.80
C MET E 304 1.97 -79.00 -47.08
N GLU E 305 2.27 -80.13 -47.71
CA GLU E 305 3.24 -81.10 -47.17
C GLU E 305 4.69 -80.60 -47.20
N ARG E 306 5.01 -79.62 -48.02
CA ARG E 306 6.35 -79.07 -47.97
C ARG E 306 6.45 -78.13 -46.77
N LEU E 307 5.42 -77.33 -46.54
CA LEU E 307 5.40 -76.42 -45.41
C LEU E 307 5.45 -77.17 -44.07
N ARG E 308 4.69 -78.25 -43.92
CA ARG E 308 4.58 -79.04 -42.69
C ARG E 308 5.94 -79.57 -42.22
N GLY E 309 6.19 -79.57 -40.91
CA GLY E 309 7.45 -80.00 -40.30
C GLY E 309 7.76 -81.49 -40.51
N MET F 1 -8.29 68.10 54.54
CA MET F 1 -8.96 68.28 53.27
C MET F 1 -9.53 66.97 52.78
N SER F 2 -10.27 67.02 51.69
CA SER F 2 -10.88 65.83 51.15
C SER F 2 -11.18 66.16 49.74
N VAL F 3 -11.21 65.17 48.89
CA VAL F 3 -11.58 65.51 47.51
C VAL F 3 -13.02 66.05 47.44
N ILE F 4 -13.90 65.53 48.29
CA ILE F 4 -15.30 65.97 48.42
C ILE F 4 -15.36 67.45 48.81
N ARG F 5 -14.66 67.85 49.87
CA ARG F 5 -14.66 69.24 50.35
C ARG F 5 -14.04 70.19 49.31
N GLY F 6 -12.95 69.78 48.67
CA GLY F 6 -12.32 70.59 47.61
C GLY F 6 -13.22 70.80 46.39
N LEU F 7 -13.82 69.73 45.85
CA LEU F 7 -14.71 69.81 44.69
C LEU F 7 -15.99 70.60 45.02
N ALA F 8 -16.58 70.39 46.19
CA ALA F 8 -17.73 71.18 46.66
C ALA F 8 -17.40 72.68 46.76
N ALA F 9 -16.21 73.03 47.26
CA ALA F 9 -15.76 74.41 47.41
C ALA F 9 -15.49 75.11 46.06
N VAL F 10 -14.82 74.46 45.10
CA VAL F 10 -14.52 75.09 43.80
C VAL F 10 -15.73 75.12 42.86
N LEU F 11 -16.56 74.08 42.87
CA LEU F 11 -17.72 73.93 41.99
C LEU F 11 -19.02 74.55 42.55
N ARG F 12 -19.01 74.98 43.80
CA ARG F 12 -20.21 75.54 44.44
C ARG F 12 -21.32 74.52 44.50
N GLN F 13 -21.10 73.45 45.25
CA GLN F 13 -22.08 72.35 45.34
C GLN F 13 -22.19 71.79 46.77
N SER F 14 -23.28 71.08 47.05
CA SER F 14 -23.50 70.32 48.29
C SER F 14 -22.59 69.10 48.38
N ASP F 15 -21.93 68.93 49.52
CA ASP F 15 -21.05 67.78 49.69
C ASP F 15 -21.86 66.50 49.62
N SER F 16 -23.00 66.48 50.27
CA SER F 16 -23.86 65.30 50.29
C SER F 16 -24.29 64.89 48.87
N ASP F 17 -24.63 65.87 48.03
CA ASP F 17 -25.09 65.60 46.66
C ASP F 17 -23.99 64.99 45.79
N ILE F 18 -22.76 65.53 45.82
CA ILE F 18 -21.66 64.90 45.07
C ILE F 18 -21.27 63.54 45.69
N SER F 19 -21.37 63.37 47.01
CA SER F 19 -21.15 62.07 47.65
C SER F 19 -22.20 61.02 47.25
N ALA F 20 -23.41 61.43 46.83
CA ALA F 20 -24.38 60.54 46.20
C ALA F 20 -24.09 60.31 44.71
N PHE F 21 -23.80 61.37 43.95
CA PHE F 21 -23.62 61.31 42.50
C PHE F 21 -22.42 60.45 42.04
N LEU F 22 -21.35 60.37 42.84
CA LEU F 22 -20.21 59.49 42.56
C LEU F 22 -20.52 57.98 42.68
N VAL F 23 -21.64 57.59 43.29
CA VAL F 23 -22.05 56.18 43.34
C VAL F 23 -22.64 55.74 41.99
N THR F 24 -22.24 54.57 41.47
CA THR F 24 -22.53 54.08 40.10
C THR F 24 -21.95 54.90 38.93
N ALA F 25 -21.07 55.87 39.19
CA ALA F 25 -20.42 56.67 38.15
C ALA F 25 -19.77 55.88 36.99
N PRO F 26 -19.04 54.77 37.18
CA PRO F 26 -18.35 54.09 36.09
C PRO F 26 -19.25 53.42 35.03
N ARG F 27 -20.58 53.46 35.18
CA ARG F 27 -21.56 53.05 34.16
C ARG F 27 -22.10 54.20 33.29
N LYS F 28 -21.84 55.46 33.65
CA LYS F 28 -22.54 56.64 33.10
C LYS F 28 -21.98 57.15 31.75
N TYR F 29 -21.98 56.28 30.75
CA TYR F 29 -21.35 56.46 29.43
C TYR F 29 -22.29 56.10 28.27
N LYS F 30 -21.98 56.58 27.06
CA LYS F 30 -22.67 56.29 25.78
C LYS F 30 -21.68 55.73 24.76
N VAL F 31 -22.08 54.72 23.98
CA VAL F 31 -21.22 53.99 23.01
C VAL F 31 -21.63 54.27 21.56
N TYR F 32 -20.69 54.60 20.67
CA TYR F 32 -20.96 54.94 19.27
C TYR F 32 -19.81 54.55 18.30
N LYS F 33 -20.10 54.60 16.99
CA LYS F 33 -19.29 54.01 15.91
C LYS F 33 -18.94 55.08 14.84
N ILE F 34 -17.70 55.13 14.35
CA ILE F 34 -17.25 56.08 13.31
C ILE F 34 -16.52 55.38 12.15
N PRO F 35 -16.60 55.87 10.89
CA PRO F 35 -15.91 55.28 9.73
C PRO F 35 -14.38 55.39 9.74
N LYS F 36 -13.68 54.44 9.12
CA LYS F 36 -12.25 54.53 8.73
C LYS F 36 -12.07 55.14 7.33
N ARG F 37 -10.89 55.61 6.94
CA ARG F 37 -10.72 56.30 5.65
C ARG F 37 -10.75 55.36 4.44
N THR F 38 -10.50 54.08 4.62
CA THR F 38 -10.62 53.06 3.55
C THR F 38 -11.95 52.29 3.62
N THR F 39 -12.12 51.36 4.56
CA THR F 39 -13.36 50.59 4.80
C THR F 39 -13.54 50.22 6.28
N GLY F 40 -14.79 49.99 6.71
CA GLY F 40 -15.11 49.57 8.08
C GLY F 40 -15.14 50.70 9.11
N PHE F 41 -15.13 50.35 10.40
CA PHE F 41 -15.44 51.28 11.50
C PHE F 41 -14.53 51.11 12.73
N ARG F 42 -14.64 52.16 13.61
CA ARG F 42 -13.93 52.16 14.88
C ARG F 42 -14.99 52.44 15.94
N VAL F 43 -14.76 52.04 17.20
CA VAL F 43 -15.73 52.20 18.30
C VAL F 43 -15.22 53.12 19.40
N ILE F 44 -16.07 54.06 19.85
CA ILE F 44 -15.77 55.12 20.82
C ILE F 44 -16.80 55.11 21.97
N ALA F 45 -16.39 55.52 23.19
CA ALA F 45 -17.31 55.68 24.33
C ALA F 45 -17.06 56.99 25.09
N GLN F 46 -18.13 57.74 25.43
CA GLN F 46 -18.05 59.09 26.02
C GLN F 46 -18.92 59.25 27.28
N PRO F 47 -18.44 59.93 28.35
CA PRO F 47 -19.20 60.12 29.58
C PRO F 47 -20.31 61.19 29.46
N ALA F 48 -21.35 61.10 30.30
CA ALA F 48 -22.44 62.07 30.36
C ALA F 48 -22.03 63.44 30.96
N LYS F 49 -22.83 64.49 30.70
CA LYS F 49 -22.48 65.91 30.96
C LYS F 49 -22.03 66.22 32.39
N GLY F 50 -22.76 65.72 33.40
CA GLY F 50 -22.43 65.97 34.81
C GLY F 50 -21.07 65.40 35.22
N LEU F 51 -20.66 64.26 34.68
CA LEU F 51 -19.39 63.62 34.98
C LEU F 51 -18.21 64.35 34.32
N LYS F 52 -18.40 64.95 33.14
CA LYS F 52 -17.38 65.79 32.50
C LYS F 52 -16.96 66.95 33.41
N ASP F 53 -17.91 67.63 34.04
CA ASP F 53 -17.62 68.80 34.88
C ASP F 53 -16.80 68.46 36.12
N ILE F 54 -17.14 67.37 36.82
CA ILE F 54 -16.35 66.89 37.96
C ILE F 54 -14.94 66.52 37.52
N GLN F 55 -14.81 65.83 36.39
CA GLN F 55 -13.53 65.39 35.85
C GLN F 55 -12.65 66.55 35.36
N ARG F 56 -13.23 67.59 34.74
CA ARG F 56 -12.55 68.84 34.38
C ARG F 56 -12.10 69.65 35.58
N ALA F 57 -12.84 69.61 36.69
CA ALA F 57 -12.46 70.31 37.93
C ALA F 57 -11.30 69.61 38.66
N PHE F 58 -11.36 68.28 38.78
CA PHE F 58 -10.37 67.51 39.54
C PHE F 58 -8.92 67.75 39.09
N VAL F 59 -8.65 67.82 37.78
CA VAL F 59 -7.31 68.06 37.23
C VAL F 59 -6.77 69.48 37.48
N GLN F 60 -7.55 70.37 38.08
CA GLN F 60 -7.09 71.72 38.45
C GLN F 60 -6.66 71.84 39.92
N LEU F 61 -7.20 70.99 40.81
CA LEU F 61 -6.91 71.00 42.25
C LEU F 61 -5.56 70.36 42.60
N TYR F 62 -4.98 69.58 41.68
CA TYR F 62 -3.77 68.79 41.85
C TYR F 62 -2.85 68.89 40.63
N SER F 63 -1.59 68.48 40.76
CA SER F 63 -0.58 68.55 39.69
C SER F 63 0.35 67.32 39.71
N LEU F 64 0.94 66.99 38.57
CA LEU F 64 1.78 65.80 38.37
C LEU F 64 2.99 66.11 37.46
N PRO F 65 4.13 65.43 37.61
CA PRO F 65 5.32 65.64 36.79
C PRO F 65 5.17 65.10 35.36
N VAL F 66 5.90 65.68 34.41
CA VAL F 66 5.95 65.31 32.98
C VAL F 66 7.39 65.52 32.46
N HIS F 67 7.82 64.80 31.41
CA HIS F 67 9.18 64.89 30.84
C HIS F 67 9.19 65.54 29.45
N ASP F 68 10.21 66.35 29.17
CA ASP F 68 10.32 67.19 27.98
C ASP F 68 10.38 66.45 26.62
N ALA F 69 10.68 65.15 26.59
CA ALA F 69 10.66 64.36 25.37
C ALA F 69 9.24 64.02 24.88
N SER F 70 8.20 64.19 25.71
CA SER F 70 6.79 64.06 25.34
C SER F 70 6.27 65.31 24.61
N MET F 71 5.53 65.14 23.52
CA MET F 71 5.14 66.25 22.63
C MET F 71 3.66 66.23 22.19
N ALA F 72 2.78 65.59 22.96
CA ALA F 72 1.35 65.50 22.68
C ALA F 72 0.49 65.96 23.87
N TYR F 73 -0.72 66.45 23.58
CA TYR F 73 -1.73 66.83 24.57
C TYR F 73 -1.30 67.91 25.58
N MET F 74 -0.35 68.78 25.25
CA MET F 74 0.12 69.85 26.13
C MET F 74 0.31 71.18 25.40
N LYS F 75 0.33 72.27 26.16
CA LYS F 75 0.14 73.65 25.66
C LYS F 75 1.39 74.24 25.01
N GLY F 76 1.22 74.94 23.88
CA GLY F 76 2.28 75.67 23.19
C GLY F 76 3.19 74.85 22.25
N LYS F 77 2.83 73.60 21.93
CA LYS F 77 3.58 72.71 21.01
C LYS F 77 2.65 71.95 20.05
N GLY F 78 3.19 71.37 18.99
CA GLY F 78 2.44 70.52 18.06
C GLY F 78 3.33 69.70 17.11
N ILE F 79 2.73 69.10 16.07
CA ILE F 79 3.44 68.16 15.18
C ILE F 79 4.64 68.78 14.45
N ARG F 80 4.63 70.09 14.15
CA ARG F 80 5.76 70.74 13.48
C ARG F 80 7.04 70.69 14.31
N ASP F 81 6.92 70.76 15.63
CA ASP F 81 8.06 70.70 16.55
C ASP F 81 8.68 69.30 16.60
N ASN F 82 7.85 68.27 16.62
CA ASN F 82 8.27 66.87 16.62
C ASN F 82 8.97 66.50 15.30
N ALA F 83 8.43 66.94 14.16
CA ALA F 83 9.04 66.68 12.86
C ALA F 83 10.37 67.43 12.67
N ALA F 84 10.49 68.67 13.12
CA ALA F 84 11.71 69.46 12.92
C ALA F 84 12.94 68.91 13.67
N ALA F 85 12.76 68.24 14.81
CA ALA F 85 13.88 67.78 15.64
C ALA F 85 14.76 66.69 14.99
N HIS F 86 14.21 65.93 14.04
CA HIS F 86 14.91 64.85 13.33
C HIS F 86 15.49 65.24 11.96
N ALA F 87 15.28 66.46 11.48
CA ALA F 87 15.52 66.81 10.07
C ALA F 87 16.99 66.76 9.60
N GLY F 88 17.96 66.89 10.52
CA GLY F 88 19.40 66.95 10.19
C GLY F 88 20.13 65.61 10.14
N ASN F 89 19.44 64.47 10.05
CA ASN F 89 20.02 63.12 10.16
C ASN F 89 19.74 62.25 8.92
N GLN F 90 20.67 61.37 8.53
CA GLN F 90 20.51 60.50 7.35
C GLN F 90 19.95 59.09 7.61
N TYR F 91 19.90 58.60 8.86
CA TYR F 91 19.34 57.26 9.20
C TYR F 91 18.16 57.35 10.16
N LEU F 92 17.16 56.47 10.02
CA LEU F 92 15.87 56.55 10.73
C LEU F 92 15.35 55.17 11.20
N LEU F 93 14.73 55.09 12.38
CA LEU F 93 14.07 53.91 12.95
C LEU F 93 12.72 54.27 13.58
N LYS F 94 11.70 53.42 13.40
CA LYS F 94 10.32 53.60 13.89
C LYS F 94 9.83 52.40 14.71
N ALA F 95 9.04 52.62 15.77
CA ALA F 95 8.53 51.56 16.66
C ALA F 95 7.16 51.93 17.31
N ASP F 96 6.48 50.96 17.92
CA ASP F 96 5.04 51.03 18.23
C ASP F 96 4.62 50.13 19.43
N LEU F 97 3.43 50.32 20.01
CA LEU F 97 2.91 49.61 21.20
C LEU F 97 1.51 49.02 20.98
N GLU F 98 1.13 48.02 21.78
CA GLU F 98 -0.19 47.35 21.71
C GLU F 98 -1.21 47.91 22.71
N ASP F 99 -2.45 48.17 22.25
CA ASP F 99 -3.64 48.47 23.08
C ASP F 99 -3.42 49.50 24.22
N PHE F 100 -2.75 50.60 23.92
CA PHE F 100 -2.13 51.48 24.93
C PHE F 100 -3.07 51.97 26.03
N PHE F 101 -4.22 52.57 25.70
CA PHE F 101 -5.14 53.08 26.73
C PHE F 101 -5.86 51.96 27.50
N ASN F 102 -6.35 50.93 26.81
CA ASN F 102 -7.06 49.81 27.44
C ASN F 102 -6.17 48.93 28.34
N SER F 103 -4.84 49.10 28.28
CA SER F 103 -3.88 48.36 29.11
C SER F 103 -3.61 48.97 30.50
N ILE F 104 -4.02 50.22 30.75
CA ILE F 104 -3.80 50.89 32.05
C ILE F 104 -4.92 50.54 33.04
N THR F 105 -4.57 50.24 34.30
CA THR F 105 -5.50 49.79 35.35
C THR F 105 -5.16 50.42 36.72
N PRO F 106 -6.10 50.42 37.69
CA PRO F 106 -5.87 51.01 39.02
C PRO F 106 -4.62 50.49 39.73
N ALA F 107 -4.28 49.21 39.56
CA ALA F 107 -3.09 48.61 40.15
C ALA F 107 -1.79 49.27 39.67
N ILE F 108 -1.66 49.54 38.37
CA ILE F 108 -0.49 50.23 37.81
C ILE F 108 -0.41 51.67 38.32
N PHE F 109 -1.55 52.36 38.41
CA PHE F 109 -1.61 53.74 38.87
C PHE F 109 -1.11 53.90 40.32
N TRP F 110 -1.58 53.08 41.26
CA TRP F 110 -1.08 53.15 42.64
C TRP F 110 0.40 52.76 42.74
N ARG F 111 0.86 51.86 41.91
CA ARG F 111 2.26 51.50 41.97
C ARG F 111 3.14 52.65 41.57
N CYS F 112 2.86 53.24 40.42
CA CYS F 112 3.75 54.28 39.90
C CYS F 112 3.81 55.54 40.79
N ILE F 113 2.72 55.92 41.47
CA ILE F 113 2.77 57.02 42.45
C ILE F 113 3.52 56.60 43.72
N GLU F 114 3.36 55.35 44.17
CA GLU F 114 4.08 54.80 45.32
C GLU F 114 5.60 54.78 45.13
N MET F 115 6.10 54.41 43.95
CA MET F 115 7.53 54.39 43.62
C MET F 115 8.04 55.68 42.96
N SER F 116 7.25 56.76 42.93
CA SER F 116 7.55 57.95 42.12
C SER F 116 8.90 58.61 42.45
N SER F 117 9.69 58.89 41.40
CA SER F 117 11.05 59.45 41.45
C SER F 117 11.09 60.99 41.42
N ALA F 118 9.95 61.65 41.68
CA ALA F 118 9.74 63.09 41.63
C ALA F 118 8.63 63.51 42.63
N GLN F 119 8.46 64.82 42.84
CA GLN F 119 7.42 65.36 43.74
C GLN F 119 6.00 64.97 43.28
N THR F 120 5.15 64.57 44.23
CA THR F 120 3.74 64.18 44.00
C THR F 120 2.84 64.58 45.19
N PRO F 121 1.54 64.80 45.00
CA PRO F 121 0.59 65.14 46.07
C PRO F 121 0.25 63.93 46.96
N GLN F 122 -0.06 64.18 48.23
CA GLN F 122 -0.51 63.16 49.18
C GLN F 122 -2.02 62.92 49.09
N PHE F 123 -2.47 61.68 49.27
CA PHE F 123 -3.88 61.31 49.42
C PHE F 123 -4.09 60.42 50.66
N GLU F 124 -5.22 60.56 51.33
CA GLU F 124 -5.55 59.83 52.56
C GLU F 124 -6.34 58.53 52.25
N PRO F 125 -6.30 57.49 53.11
CA PRO F 125 -6.94 56.20 52.82
C PRO F 125 -8.43 56.28 52.43
N GLN F 126 -9.17 57.25 52.95
CA GLN F 126 -10.59 57.46 52.62
C GLN F 126 -10.84 58.16 51.26
N ASP F 127 -9.82 58.75 50.63
CA ASP F 127 -9.94 59.38 49.30
C ASP F 127 -9.94 58.34 48.16
N LYS F 128 -9.15 57.27 48.30
CA LYS F 128 -8.94 56.25 47.26
C LYS F 128 -10.25 55.63 46.78
N LEU F 129 -11.19 55.43 47.69
CA LEU F 129 -12.52 54.88 47.43
C LEU F 129 -13.36 55.75 46.47
N PHE F 130 -13.10 57.06 46.42
CA PHE F 130 -13.74 57.99 45.47
C PHE F 130 -12.92 58.17 44.19
N ILE F 131 -11.60 58.32 44.31
CA ILE F 131 -10.72 58.59 43.15
C ILE F 131 -10.89 57.53 42.06
N GLU F 132 -10.96 56.25 42.44
CA GLU F 132 -11.18 55.15 41.49
C GLU F 132 -12.55 55.19 40.79
N LYS F 133 -13.56 55.89 41.34
CA LYS F 133 -14.87 56.07 40.71
C LYS F 133 -14.94 57.27 39.77
N ILE F 134 -14.08 58.29 39.99
CA ILE F 134 -13.98 59.44 39.09
C ILE F 134 -13.21 59.07 37.80
N LEU F 135 -12.05 58.41 37.93
CA LEU F 135 -11.11 58.22 36.79
C LEU F 135 -11.47 57.07 35.83
N PHE F 136 -11.86 55.90 36.33
CA PHE F 136 -11.91 54.67 35.51
C PHE F 136 -13.31 54.34 34.96
N TRP F 137 -13.36 53.43 33.97
CA TRP F 137 -14.55 52.96 33.27
C TRP F 137 -14.75 51.44 33.44
N GLN F 138 -16.00 50.96 33.51
CA GLN F 138 -16.33 49.55 33.68
C GLN F 138 -17.17 49.01 32.49
N PRO F 139 -16.57 48.31 31.52
CA PRO F 139 -17.22 47.96 30.26
C PRO F 139 -18.22 46.79 30.35
N ILE F 140 -18.11 45.91 31.36
CA ILE F 140 -18.94 44.71 31.53
C ILE F 140 -19.74 44.77 32.86
N LYS F 141 -21.07 44.69 32.83
CA LYS F 141 -21.92 44.88 34.03
C LYS F 141 -21.93 43.71 35.02
N ARG F 142 -21.62 42.51 34.54
CA ARG F 142 -21.60 41.25 35.32
C ARG F 142 -20.30 40.96 36.06
N ARG F 143 -19.18 41.62 35.71
CA ARG F 143 -17.84 41.38 36.29
C ARG F 143 -17.23 42.68 36.82
N LYS F 144 -17.51 42.97 38.09
CA LYS F 144 -17.30 44.27 38.75
C LYS F 144 -15.85 44.74 38.82
N THR F 145 -14.88 43.83 38.68
CA THR F 145 -13.44 44.08 38.86
C THR F 145 -12.71 44.57 37.61
N LYS F 146 -13.31 44.54 36.41
CA LYS F 146 -12.73 45.13 35.18
C LYS F 146 -12.81 46.65 35.23
N LEU F 147 -11.67 47.33 35.36
CA LEU F 147 -11.58 48.80 35.33
C LEU F 147 -10.41 49.25 34.45
N ILE F 148 -10.65 50.22 33.56
CA ILE F 148 -9.71 50.68 32.51
C ILE F 148 -9.86 52.18 32.24
N LEU F 149 -8.85 52.79 31.62
CA LEU F 149 -8.96 54.11 30.98
C LEU F 149 -9.81 54.04 29.71
N SER F 150 -10.23 55.19 29.19
CA SER F 150 -10.88 55.36 27.89
C SER F 150 -10.31 56.58 27.16
N VAL F 151 -10.25 56.54 25.83
CA VAL F 151 -9.72 57.63 25.01
C VAL F 151 -10.65 58.84 25.02
N GLY F 152 -11.95 58.62 25.16
CA GLY F 152 -13.01 59.63 24.99
C GLY F 152 -13.33 60.48 26.22
N ALA F 153 -12.41 60.63 27.19
CA ALA F 153 -12.66 61.30 28.46
C ALA F 153 -11.63 62.42 28.75
N PRO F 154 -12.04 63.61 29.24
CA PRO F 154 -11.16 64.77 29.43
C PRO F 154 -9.86 64.60 30.24
N SER F 155 -9.79 63.66 31.19
CA SER F 155 -8.61 63.46 32.04
C SER F 155 -7.56 62.49 31.50
N SER F 156 -7.90 61.56 30.60
CA SER F 156 -6.99 60.51 30.12
C SER F 156 -5.68 61.02 29.49
N PRO F 157 -5.66 62.14 28.74
CA PRO F 157 -4.40 62.70 28.26
C PRO F 157 -3.39 63.08 29.35
N VAL F 158 -3.85 63.45 30.55
CA VAL F 158 -2.97 63.80 31.68
C VAL F 158 -2.45 62.54 32.37
N ILE F 159 -3.35 61.61 32.71
CA ILE F 159 -2.99 60.38 33.44
C ILE F 159 -2.01 59.52 32.63
N SER F 160 -2.21 59.39 31.33
CA SER F 160 -1.31 58.63 30.45
C SER F 160 0.07 59.30 30.28
N ASN F 161 0.20 60.62 30.39
CA ASN F 161 1.51 61.28 30.41
C ASN F 161 2.26 61.01 31.72
N PHE F 162 1.57 61.00 32.87
CA PHE F 162 2.22 60.75 34.16
C PHE F 162 2.84 59.35 34.26
N CYS F 163 2.11 58.31 33.86
CA CYS F 163 2.53 56.92 34.08
C CYS F 163 3.84 56.53 33.39
N MET F 164 4.28 57.24 32.36
CA MET F 164 5.53 56.95 31.62
C MET F 164 6.72 57.83 32.01
N TYR F 165 6.63 58.66 33.05
CA TYR F 165 7.69 59.59 33.44
C TYR F 165 9.05 58.91 33.65
N GLU F 166 9.11 57.81 34.40
CA GLU F 166 10.38 57.11 34.66
C GLU F 166 10.94 56.42 33.41
N PHE F 167 10.08 55.88 32.53
CA PHE F 167 10.47 55.26 31.26
C PHE F 167 11.13 56.28 30.32
N ASP F 168 10.51 57.45 30.14
CA ASP F 168 11.07 58.53 29.30
C ASP F 168 12.42 59.03 29.81
N ASN F 169 12.60 59.14 31.14
CA ASN F 169 13.90 59.50 31.71
C ASN F 169 14.98 58.48 31.37
N ARG F 170 14.74 57.21 31.61
CA ARG F 170 15.80 56.22 31.40
C ARG F 170 16.27 56.11 29.97
N ILE F 171 15.35 55.89 29.05
CA ILE F 171 15.74 55.67 27.66
C ILE F 171 16.48 56.90 27.08
N HIS F 172 16.06 58.11 27.43
CA HIS F 172 16.68 59.34 26.96
C HIS F 172 18.10 59.51 27.52
N ALA F 173 18.32 59.21 28.80
CA ALA F 173 19.63 59.27 29.41
C ALA F 173 20.61 58.25 28.78
N ALA F 174 20.14 57.04 28.45
CA ALA F 174 20.95 56.01 27.81
C ALA F 174 21.33 56.35 26.36
N CYS F 175 20.39 56.85 25.54
CA CYS F 175 20.65 57.19 24.14
C CYS F 175 21.64 58.36 23.98
N LYS F 176 21.56 59.36 24.85
CA LYS F 176 22.33 60.62 24.72
C LYS F 176 23.85 60.42 24.69
N LYS F 177 24.35 59.36 25.33
CA LYS F 177 25.78 59.02 25.39
C LYS F 177 26.36 58.52 24.06
N VAL F 178 25.53 58.08 23.10
CA VAL F 178 25.97 57.43 21.85
C VAL F 178 25.42 58.08 20.57
N GLU F 179 25.02 59.34 20.65
CA GLU F 179 24.64 60.16 19.48
C GLU F 179 23.37 59.68 18.73
N ILE F 180 22.35 59.30 19.49
CA ILE F 180 21.00 58.96 19.00
C ILE F 180 19.99 59.97 19.57
N THR F 181 19.06 60.46 18.73
CA THR F 181 18.04 61.46 19.13
C THR F 181 16.66 60.82 19.31
N TYR F 182 15.95 61.11 20.42
CA TYR F 182 14.68 60.49 20.80
C TYR F 182 13.56 61.53 21.03
N THR F 183 12.36 61.26 20.52
CA THR F 183 11.12 62.01 20.84
C THR F 183 9.91 61.07 20.82
N ARG F 184 8.86 61.38 21.57
CA ARG F 184 7.62 60.57 21.64
C ARG F 184 6.38 61.43 21.46
N TYR F 185 5.51 61.03 20.53
CA TYR F 185 4.15 61.56 20.42
C TYR F 185 3.19 60.56 21.09
N ALA F 186 1.90 60.86 21.17
CA ALA F 186 0.96 59.92 21.78
C ALA F 186 0.97 58.59 21.02
N ASP F 187 1.35 57.50 21.69
CA ASP F 187 1.34 56.12 21.20
C ASP F 187 2.43 55.71 20.17
N ASP F 188 3.39 56.55 19.76
CA ASP F 188 4.50 56.09 18.89
C ASP F 188 5.88 56.77 19.10
N LEU F 189 6.94 56.02 18.78
CA LEU F 189 8.34 56.30 19.12
C LEU F 189 9.19 56.54 17.87
N THR F 190 10.21 57.42 17.93
CA THR F 190 11.08 57.74 16.78
C THR F 190 12.54 57.90 17.18
N PHE F 191 13.48 57.34 16.41
CA PHE F 191 14.93 57.42 16.65
C PHE F 191 15.71 57.78 15.37
N SER F 192 16.79 58.56 15.47
CA SER F 192 17.62 58.92 14.31
C SER F 192 19.07 59.22 14.67
N SER F 193 19.99 59.12 13.70
CA SER F 193 21.44 59.41 13.86
C SER F 193 22.14 59.61 12.51
N ASN F 194 23.38 60.11 12.50
CA ASN F 194 24.29 60.09 11.34
C ASN F 194 25.34 58.96 11.38
N ILE F 195 25.56 58.29 12.49
CA ILE F 195 26.61 57.27 12.55
C ILE F 195 26.19 55.95 11.95
N PRO F 196 27.10 55.25 11.27
CA PRO F 196 26.66 54.03 10.62
C PRO F 196 26.59 52.82 11.54
N ASP F 197 25.61 51.96 11.37
CA ASP F 197 25.51 50.71 12.12
C ASP F 197 25.39 50.77 13.63
N VAL F 198 24.57 51.66 14.16
CA VAL F 198 24.34 51.70 15.60
C VAL F 198 22.90 51.44 15.94
N LEU F 199 21.99 51.80 15.06
CA LEU F 199 20.56 51.64 15.38
C LEU F 199 20.11 50.19 15.62
N LYS F 200 20.86 49.19 15.15
CA LYS F 200 20.51 47.76 15.24
C LYS F 200 20.40 47.22 16.67
N ALA F 201 21.07 47.85 17.64
CA ALA F 201 21.05 47.45 19.06
C ALA F 201 19.81 47.91 19.84
N VAL F 202 19.03 48.84 19.29
CA VAL F 202 17.92 49.49 20.01
C VAL F 202 16.75 48.54 20.31
N PRO F 203 16.18 47.77 19.36
CA PRO F 203 14.91 47.07 19.58
C PRO F 203 14.90 46.06 20.74
N SER F 204 15.97 45.29 20.93
CA SER F 204 16.08 44.36 22.05
C SER F 204 16.21 45.07 23.40
N THR F 205 16.86 46.23 23.44
CA THR F 205 17.04 47.03 24.66
C THR F 205 15.70 47.53 25.20
N LEU F 206 14.77 47.92 24.34
CA LEU F 206 13.44 48.38 24.73
C LEU F 206 12.66 47.28 25.46
N GLU F 207 12.54 46.08 24.89
CA GLU F 207 11.68 45.04 25.48
C GLU F 207 12.29 44.41 26.75
N VAL F 208 13.61 44.51 26.97
CA VAL F 208 14.24 44.23 28.27
C VAL F 208 13.81 45.24 29.33
N LEU F 209 13.91 46.54 29.05
CA LEU F 209 13.54 47.61 29.98
C LEU F 209 12.03 47.60 30.29
N LEU F 210 11.19 47.38 29.27
CA LEU F 210 9.74 47.37 29.44
C LEU F 210 9.27 46.23 30.36
N LYS F 211 9.92 45.06 30.30
CA LYS F 211 9.66 43.90 31.18
C LYS F 211 10.04 44.16 32.65
N ASP F 212 10.98 45.08 32.90
CA ASP F 212 11.37 45.47 34.26
C ASP F 212 10.28 46.32 34.92
N LEU F 213 9.85 47.40 34.27
CA LEU F 213 8.83 48.31 34.83
C LEU F 213 7.44 47.67 34.95
N PHE F 214 7.04 46.77 34.05
CA PHE F 214 5.67 46.22 34.00
C PHE F 214 5.65 44.69 33.91
N GLY F 215 4.77 44.05 34.67
CA GLY F 215 4.59 42.59 34.65
C GLY F 215 3.73 42.14 33.48
N SER F 216 4.33 42.07 32.29
CA SER F 216 3.61 41.60 31.11
C SER F 216 2.26 42.26 30.92
N ALA F 217 2.26 43.56 30.71
CA ALA F 217 1.02 44.26 30.46
C ALA F 217 1.13 45.14 29.25
N LEU F 218 2.29 45.72 29.03
CA LEU F 218 2.52 46.50 27.84
C LEU F 218 3.55 45.77 27.02
N ARG F 219 3.37 45.75 25.72
CA ARG F 219 4.33 45.09 24.85
C ARG F 219 4.52 45.81 23.50
N LEU F 220 5.74 45.65 22.88
CA LEU F 220 5.94 46.15 21.51
C LEU F 220 5.10 45.34 20.52
N ASN F 221 4.60 45.98 19.47
CA ASN F 221 3.99 45.28 18.35
C ASN F 221 5.06 44.95 17.29
N HIS F 222 5.57 43.71 17.28
CA HIS F 222 6.70 43.31 16.44
C HIS F 222 6.47 43.48 14.93
N SER F 223 5.22 43.47 14.47
CA SER F 223 4.86 43.67 13.07
C SER F 223 5.05 45.11 12.54
N LYS F 224 5.32 46.09 13.42
CA LYS F 224 5.32 47.53 13.10
C LYS F 224 6.70 48.20 13.09
N THR F 225 7.80 47.46 13.31
CA THR F 225 9.15 48.04 13.32
C THR F 225 9.66 48.31 11.90
N VAL F 226 10.18 49.50 11.62
CA VAL F 226 10.60 49.93 10.27
C VAL F 226 11.95 50.66 10.27
N PHE F 227 12.80 50.36 9.29
CA PHE F 227 14.09 51.02 9.03
C PHE F 227 14.05 51.75 7.68
N SER F 228 14.70 52.91 7.55
CA SER F 228 14.77 53.67 6.29
C SER F 228 16.01 54.59 6.23
N SER F 229 16.34 55.12 5.05
CA SER F 229 17.51 55.96 4.81
C SER F 229 17.25 57.00 3.71
N LYS F 230 18.25 57.85 3.42
CA LYS F 230 18.21 58.86 2.35
C LYS F 230 18.05 58.29 0.92
N ALA F 231 18.13 56.98 0.73
CA ALA F 231 17.83 56.32 -0.55
C ALA F 231 16.34 56.04 -0.81
N HIS F 232 15.45 56.22 0.18
CA HIS F 232 14.02 55.87 0.11
C HIS F 232 13.11 57.00 0.64
N ASN F 233 11.79 56.83 0.59
CA ASN F 233 10.84 57.76 1.22
C ASN F 233 11.02 57.82 2.75
N ARG F 234 10.88 59.01 3.35
CA ARG F 234 10.89 59.25 4.81
C ARG F 234 9.80 60.23 5.22
N HIS F 235 8.98 59.91 6.22
CA HIS F 235 7.97 60.81 6.77
C HIS F 235 7.73 60.60 8.27
N VAL F 236 7.24 61.64 8.97
CA VAL F 236 6.96 61.64 10.42
C VAL F 236 5.62 62.32 10.69
N THR F 237 4.66 61.62 11.32
CA THR F 237 3.31 62.16 11.62
C THR F 237 2.65 62.91 10.45
N GLY F 238 2.71 62.37 9.24
CA GLY F 238 2.13 63.00 8.04
C GLY F 238 2.95 64.09 7.35
N ILE F 239 4.15 64.44 7.82
CA ILE F 239 5.04 65.45 7.24
C ILE F 239 6.22 64.76 6.53
N THR F 240 6.56 65.19 5.31
CA THR F 240 7.68 64.62 4.52
C THR F 240 8.98 65.41 4.75
N ILE F 241 10.13 64.73 4.74
CA ILE F 241 11.46 65.35 4.82
C ILE F 241 12.15 65.18 3.47
N ASN F 242 12.50 66.26 2.77
CA ASN F 242 13.12 66.20 1.44
C ASN F 242 14.65 65.99 1.48
N ASN F 243 15.30 65.80 0.34
CA ASN F 243 16.74 65.52 0.29
C ASN F 243 17.63 66.71 0.69
N GLU F 244 17.12 67.95 0.65
CA GLU F 244 17.77 69.16 1.16
C GLU F 244 17.50 69.40 2.67
N GLU F 245 17.16 68.36 3.43
CA GLU F 245 16.93 68.44 4.88
C GLU F 245 15.89 69.53 5.29
N THR F 246 14.76 69.59 4.58
CA THR F 246 13.70 70.59 4.77
C THR F 246 12.30 69.94 4.70
N LEU F 247 11.29 70.56 5.32
CA LEU F 247 9.92 70.02 5.40
C LEU F 247 9.13 70.22 4.09
N SER F 248 8.23 69.30 3.75
CA SER F 248 7.45 69.30 2.51
C SER F 248 6.05 68.68 2.70
N LEU F 249 5.07 69.13 1.92
CA LEU F 249 3.75 68.47 1.81
C LEU F 249 3.75 67.26 0.85
N GLY F 250 4.82 67.06 0.08
CA GLY F 250 4.92 66.01 -0.95
C GLY F 250 4.26 66.38 -2.27
N ARG F 251 4.75 65.82 -3.37
CA ARG F 251 4.37 66.24 -4.74
C ARG F 251 2.91 66.01 -5.07
N ASP F 252 2.32 64.89 -4.64
CA ASP F 252 0.93 64.53 -4.93
C ASP F 252 -0.08 65.55 -4.38
N ARG F 253 0.10 66.02 -3.14
CA ARG F 253 -0.79 67.00 -2.53
C ARG F 253 -0.65 68.37 -3.19
N LYS F 254 0.57 68.74 -3.59
CA LYS F 254 0.81 69.97 -4.38
C LYS F 254 0.11 69.92 -5.74
N ARG F 255 0.22 68.84 -6.51
CA ARG F 255 -0.40 68.81 -7.83
C ARG F 255 -1.90 68.73 -7.73
N PHE F 256 -2.45 68.10 -6.71
CA PHE F 256 -3.90 68.12 -6.48
C PHE F 256 -4.43 69.53 -6.16
N ILE F 257 -3.70 70.36 -5.41
CA ILE F 257 -4.18 71.71 -5.06
C ILE F 257 -4.25 72.63 -6.28
N LYS F 258 -3.27 72.57 -7.20
CA LYS F 258 -3.30 73.36 -8.45
C LYS F 258 -4.60 73.15 -9.24
N HIS F 259 -5.08 71.92 -9.32
CA HIS F 259 -6.32 71.57 -10.02
C HIS F 259 -7.53 72.35 -9.50
N LEU F 260 -7.72 72.43 -8.18
CA LEU F 260 -8.85 73.15 -7.59
C LEU F 260 -8.79 74.67 -7.86
N ILE F 261 -7.60 75.26 -7.90
CA ILE F 261 -7.43 76.68 -8.28
C ILE F 261 -7.76 76.89 -9.77
N ASN F 262 -7.39 75.96 -10.64
CA ASN F 262 -7.75 76.01 -12.06
C ASN F 262 -9.28 75.92 -12.27
N GLN F 263 -10.00 75.11 -11.49
CA GLN F 263 -11.47 75.08 -11.53
C GLN F 263 -12.09 76.41 -11.10
N TYR F 264 -11.55 77.08 -10.08
CA TYR F 264 -12.07 78.35 -9.60
C TYR F 264 -11.96 79.48 -10.63
N LYS F 265 -10.86 79.51 -11.41
CA LYS F 265 -10.59 80.52 -12.44
C LYS F 265 -11.71 80.64 -13.50
N TYR F 266 -12.39 79.54 -13.80
CA TYR F 266 -13.49 79.46 -14.77
C TYR F 266 -14.87 79.29 -14.11
N GLY F 267 -14.98 79.48 -12.78
CA GLY F 267 -16.25 79.45 -12.05
C GLY F 267 -16.87 78.05 -11.89
N LEU F 268 -16.07 76.99 -11.86
CA LEU F 268 -16.55 75.61 -11.85
C LEU F 268 -16.68 74.97 -10.46
N LEU F 269 -16.17 75.57 -9.39
CA LEU F 269 -16.31 75.04 -8.02
C LEU F 269 -17.70 75.23 -7.42
N ASP F 270 -18.22 74.18 -6.76
CA ASP F 270 -19.39 74.24 -5.89
C ASP F 270 -19.03 74.70 -4.47
N ASN F 271 -20.02 75.12 -3.68
CA ASN F 271 -19.79 75.73 -2.38
C ASN F 271 -19.08 74.81 -1.36
N GLU F 272 -19.36 73.51 -1.39
CA GLU F 272 -18.68 72.52 -0.54
C GLU F 272 -17.17 72.48 -0.82
N ASP F 273 -16.79 72.43 -2.10
CA ASP F 273 -15.40 72.32 -2.51
C ASP F 273 -14.65 73.65 -2.39
N LYS F 274 -15.34 74.80 -2.54
CA LYS F 274 -14.79 76.11 -2.19
C LYS F 274 -14.46 76.19 -0.69
N ALA F 275 -15.36 75.75 0.19
CA ALA F 275 -15.13 75.77 1.63
C ALA F 275 -13.95 74.86 2.04
N TYR F 276 -13.90 73.64 1.52
CA TYR F 276 -12.79 72.71 1.73
C TYR F 276 -11.46 73.29 1.26
N LEU F 277 -11.41 73.92 0.08
CA LEU F 277 -10.20 74.55 -0.45
C LEU F 277 -9.67 75.64 0.48
N ILE F 278 -10.55 76.54 0.94
CA ILE F 278 -10.18 77.61 1.87
C ILE F 278 -9.66 77.05 3.20
N GLY F 279 -10.11 75.85 3.61
CA GLY F 279 -9.56 75.13 4.75
C GLY F 279 -8.10 74.66 4.54
N LEU F 280 -7.78 74.03 3.41
CA LEU F 280 -6.42 73.56 3.13
C LEU F 280 -5.39 74.70 2.99
N LEU F 281 -5.78 75.86 2.47
CA LEU F 281 -4.86 77.00 2.37
C LEU F 281 -4.37 77.48 3.75
N ALA F 282 -5.17 77.36 4.81
CA ALA F 282 -4.76 77.74 6.16
C ALA F 282 -3.68 76.82 6.73
N PHE F 283 -3.85 75.50 6.62
CA PHE F 283 -2.86 74.52 7.08
C PHE F 283 -1.52 74.63 6.32
N ALA F 284 -1.56 74.75 4.98
CA ALA F 284 -0.36 74.84 4.16
C ALA F 284 0.55 76.02 4.54
N SER F 285 -0.04 77.15 4.93
CA SER F 285 0.69 78.34 5.36
C SER F 285 1.52 78.13 6.64
N HIS F 286 1.05 77.30 7.58
CA HIS F 286 1.75 77.02 8.85
C HIS F 286 2.95 76.10 8.68
N ILE F 287 2.86 75.13 7.78
CA ILE F 287 3.89 74.09 7.56
C ILE F 287 4.99 74.56 6.58
N GLU F 288 4.64 75.20 5.47
CA GLU F 288 5.63 75.71 4.50
C GLU F 288 5.11 76.96 3.76
N PRO F 289 5.39 78.18 4.25
CA PRO F 289 4.76 79.39 3.75
C PRO F 289 5.26 79.87 2.37
N SER F 290 6.44 79.45 1.90
CA SER F 290 6.95 79.92 0.61
C SER F 290 6.12 79.43 -0.59
N PHE F 291 5.43 78.30 -0.47
CA PHE F 291 4.51 77.81 -1.50
C PHE F 291 3.41 78.83 -1.82
N ILE F 292 2.93 79.56 -0.81
CA ILE F 292 1.90 80.59 -1.01
C ILE F 292 2.44 81.76 -1.85
N THR F 293 3.74 82.07 -1.77
CA THR F 293 4.38 83.08 -2.62
C THR F 293 4.44 82.65 -4.08
N ARG F 294 4.77 81.38 -4.37
CA ARG F 294 4.89 80.88 -5.74
C ARG F 294 3.58 80.98 -6.53
N MET F 295 2.44 80.82 -5.86
CA MET F 295 1.14 80.97 -6.51
C MET F 295 0.91 82.39 -7.05
N ASN F 296 1.44 83.44 -6.40
CA ASN F 296 1.27 84.82 -6.84
C ASN F 296 1.91 85.11 -8.20
N GLU F 297 2.82 84.25 -8.68
CA GLU F 297 3.44 84.37 -10.00
C GLU F 297 2.70 83.56 -11.07
N LYS F 298 2.18 82.38 -10.73
CA LYS F 298 1.42 81.54 -11.68
C LYS F 298 -0.02 82.01 -11.86
N TYR F 299 -0.61 82.64 -10.85
CA TYR F 299 -1.98 83.13 -10.86
C TYR F 299 -2.05 84.59 -10.39
N SER F 300 -3.08 85.32 -10.80
CA SER F 300 -3.24 86.74 -10.43
C SER F 300 -3.42 86.92 -8.91
N LEU F 301 -2.72 87.90 -8.34
CA LEU F 301 -2.86 88.25 -6.92
C LEU F 301 -4.30 88.66 -6.57
N GLU F 302 -4.99 89.32 -7.50
CA GLU F 302 -6.40 89.71 -7.36
C GLU F 302 -7.31 88.48 -7.20
N LEU F 303 -7.05 87.42 -7.98
CA LEU F 303 -7.84 86.19 -7.96
C LEU F 303 -7.80 85.52 -6.58
N MET F 304 -6.63 85.50 -5.95
CA MET F 304 -6.45 84.89 -4.63
C MET F 304 -6.88 85.78 -3.46
N GLU F 305 -6.96 87.10 -3.64
CA GLU F 305 -7.68 87.97 -2.70
C GLU F 305 -9.20 87.82 -2.81
N ARG F 306 -9.75 87.62 -4.02
CA ARG F 306 -11.18 87.30 -4.19
C ARG F 306 -11.55 85.90 -3.69
N LEU F 307 -10.67 84.91 -3.81
CA LEU F 307 -10.91 83.54 -3.36
C LEU F 307 -11.26 83.45 -1.87
N ARG F 308 -10.39 84.07 -1.07
CA ARG F 308 -10.59 84.10 0.36
C ARG F 308 -11.43 85.30 0.64
N GLY F 309 -12.01 85.34 1.82
CA GLY F 309 -12.91 86.44 2.13
C GLY F 309 -14.20 86.25 1.38
N MET G 1 53.62 35.14 8.35
CA MET G 1 53.91 36.31 9.22
C MET G 1 55.22 36.98 8.77
N ARG G 2 55.10 38.11 8.11
CA ARG G 2 56.29 38.85 7.75
C ARG G 2 56.83 39.58 8.96
N GLU G 3 58.08 40.00 8.90
CA GLU G 3 58.71 40.78 9.96
C GLU G 3 58.24 42.25 9.93
N LEU G 4 57.50 42.71 10.95
CA LEU G 4 57.03 44.09 11.06
C LEU G 4 58.07 44.99 11.77
N ALA G 5 57.96 46.30 11.58
CA ALA G 5 58.77 47.31 12.26
C ALA G 5 57.90 48.48 12.77
N ARG G 6 58.21 48.94 13.98
CA ARG G 6 57.42 50.01 14.60
C ARG G 6 58.07 51.37 14.57
N LEU G 7 57.32 52.36 14.10
CA LEU G 7 57.75 53.76 14.03
C LEU G 7 57.06 54.62 15.10
N GLU G 8 57.20 55.94 15.04
CA GLU G 8 56.76 56.86 16.10
C GLU G 8 55.24 56.85 16.35
N ARG G 9 54.85 57.12 17.57
CA ARG G 9 53.44 57.07 17.91
C ARG G 9 52.60 58.17 17.35
N PRO G 10 51.28 57.96 17.28
CA PRO G 10 50.38 59.03 16.87
C PRO G 10 50.08 59.88 18.09
N GLU G 11 50.38 61.18 18.07
CA GLU G 11 50.22 62.06 19.24
C GLU G 11 48.96 61.91 20.08
N ILE G 12 47.84 61.67 19.42
CA ILE G 12 46.56 61.46 20.12
C ILE G 12 46.63 60.40 21.23
N LEU G 13 47.57 59.44 21.18
CA LEU G 13 47.77 58.48 22.28
C LEU G 13 48.25 59.15 23.58
N ASP G 14 48.80 60.37 23.52
CA ASP G 14 49.22 61.13 24.71
C ASP G 14 48.05 61.89 25.38
N GLN G 15 46.89 61.98 24.72
CA GLN G 15 45.77 62.84 25.12
C GLN G 15 44.86 62.23 26.22
N TYR G 16 45.02 60.95 26.54
CA TYR G 16 44.15 60.18 27.44
C TYR G 16 44.96 59.52 28.56
N ILE G 17 44.36 59.35 29.75
CA ILE G 17 44.99 58.75 30.94
C ILE G 17 44.34 57.42 31.29
N ALA G 18 45.14 56.36 31.40
CA ALA G 18 44.67 55.01 31.67
C ALA G 18 43.91 54.91 33.01
N GLY G 19 42.78 54.20 33.02
CA GLY G 19 41.86 54.11 34.15
C GLY G 19 40.94 55.33 34.34
N GLN G 20 41.34 56.52 33.89
CA GLN G 20 40.47 57.71 33.86
C GLN G 20 39.58 57.73 32.62
N ASN G 21 40.13 57.43 31.45
CA ASN G 21 39.42 57.36 30.18
C ASN G 21 39.13 55.92 29.76
N ASP G 22 37.91 55.64 29.32
CA ASP G 22 37.57 54.41 28.61
C ASP G 22 38.15 54.42 27.19
N TRP G 23 38.60 53.27 26.68
CA TRP G 23 39.19 53.20 25.34
C TRP G 23 38.20 53.56 24.22
N MET G 24 36.89 53.47 24.50
CA MET G 24 35.81 53.97 23.65
C MET G 24 35.90 55.48 23.34
N GLU G 25 36.65 56.27 24.11
CA GLU G 25 36.77 57.73 23.95
C GLU G 25 37.75 58.16 22.85
N ILE G 26 38.54 57.24 22.27
CA ILE G 26 39.46 57.56 21.16
C ILE G 26 38.70 57.71 19.84
N ASP G 27 39.03 58.72 19.02
CA ASP G 27 38.63 58.75 17.61
C ASP G 27 39.49 57.78 16.76
N GLN G 28 38.94 56.61 16.44
CA GLN G 28 39.63 55.57 15.67
C GLN G 28 40.00 55.99 14.24
N SER G 29 39.37 57.01 13.67
CA SER G 29 39.74 57.49 12.33
C SER G 29 41.13 58.12 12.29
N ALA G 30 41.66 58.55 13.44
CA ALA G 30 42.98 59.20 13.54
C ALA G 30 44.17 58.23 13.49
N VAL G 31 43.98 56.94 13.80
CA VAL G 31 45.08 55.98 14.01
C VAL G 31 45.32 54.99 12.86
N TRP G 32 44.30 54.64 12.07
CA TRP G 32 44.48 53.79 10.88
C TRP G 32 45.54 54.27 9.86
N PRO G 33 45.81 55.58 9.68
CA PRO G 33 46.92 56.04 8.85
C PRO G 33 48.30 55.50 9.23
N LYS G 34 48.55 55.20 10.52
CA LYS G 34 49.82 54.64 10.98
C LYS G 34 49.88 53.10 11.01
N LEU G 35 48.74 52.45 11.12
CA LEU G 35 48.73 51.01 11.09
C LEU G 35 48.74 50.54 9.66
N THR G 36 48.54 51.44 8.72
CA THR G 36 48.47 51.04 7.34
C THR G 36 49.80 51.19 6.68
N GLU G 37 50.46 52.28 6.98
CA GLU G 37 51.78 52.52 6.42
C GLU G 37 52.69 51.33 6.64
N MET G 38 52.52 50.64 7.76
CA MET G 38 53.41 49.53 8.12
C MET G 38 52.91 48.16 7.62
N GLN G 39 51.60 47.89 7.69
CA GLN G 39 51.02 46.58 7.32
C GLN G 39 50.70 46.45 5.82
N GLY G 40 50.50 47.53 5.08
CA GLY G 40 50.29 47.51 3.63
C GLY G 40 48.94 46.95 3.14
N GLY G 41 47.95 46.78 4.03
CA GLY G 41 46.60 46.32 3.66
C GLY G 41 46.29 44.84 3.92
N PHE G 42 47.15 44.13 4.67
CA PHE G 42 47.03 42.70 4.98
C PHE G 42 46.94 42.40 6.49
N CYS G 43 46.29 41.30 6.86
CA CYS G 43 46.16 40.84 8.24
C CYS G 43 47.52 40.46 8.86
N ALA G 44 47.76 40.85 10.11
CA ALA G 44 49.03 40.64 10.80
C ALA G 44 49.43 39.16 11.00
N TYR G 45 48.45 38.27 11.19
CA TYR G 45 48.71 36.84 11.46
C TYR G 45 48.55 35.96 10.21
N CYS G 46 47.36 35.94 9.59
CA CYS G 46 47.03 35.04 8.48
C CYS G 46 47.34 35.61 7.08
N GLU G 47 47.92 36.81 6.98
CA GLU G 47 48.53 37.36 5.77
C GLU G 47 47.60 37.65 4.56
N CYS G 48 46.27 37.49 4.70
CA CYS G 48 45.28 37.81 3.65
C CYS G 48 44.86 39.29 3.60
N ARG G 49 44.25 39.73 2.50
CA ARG G 49 43.76 41.10 2.27
C ARG G 49 42.66 41.51 3.25
N LEU G 50 42.63 42.79 3.63
CA LEU G 50 41.64 43.27 4.59
C LEU G 50 40.48 44.05 3.97
N ASN G 51 39.25 43.58 4.17
CA ASN G 51 38.06 44.27 3.67
C ASN G 51 37.10 44.62 4.80
N ARG G 52 37.12 43.86 5.88
CA ARG G 52 36.31 44.17 7.05
C ARG G 52 37.32 44.03 8.13
N CYS G 53 37.45 44.98 9.05
CA CYS G 53 38.54 44.88 10.01
C CYS G 53 38.39 45.58 11.36
N HIS G 54 39.34 45.37 12.26
CA HIS G 54 39.35 46.05 13.56
C HIS G 54 40.77 46.14 14.13
N ILE G 55 40.95 46.97 15.17
CA ILE G 55 42.23 47.12 15.88
C ILE G 55 42.22 46.23 17.13
N GLU G 56 43.25 45.42 17.32
CA GLU G 56 43.37 44.45 18.42
C GLU G 56 44.46 44.84 19.44
N HIS G 57 44.11 44.82 20.73
CA HIS G 57 45.06 44.89 21.83
C HIS G 57 45.77 43.54 22.00
N PHE G 58 47.07 43.47 21.74
CA PHE G 58 47.83 42.21 21.74
C PHE G 58 47.83 41.54 23.11
N ARG G 59 48.25 42.27 24.16
CA ARG G 59 47.98 41.95 25.56
C ARG G 59 46.58 42.48 25.90
N PRO G 60 45.63 41.64 26.36
CA PRO G 60 44.23 42.02 26.57
C PRO G 60 44.01 43.21 27.51
N ARG G 61 42.87 43.91 27.36
CA ARG G 61 42.46 45.00 28.27
C ARG G 61 41.98 44.51 29.62
N GLY G 62 41.21 43.43 29.64
CA GLY G 62 40.72 42.91 30.90
C GLY G 62 41.85 42.65 31.87
N LYS G 63 42.68 41.67 31.57
CA LYS G 63 43.75 41.30 32.48
C LYS G 63 44.77 42.40 32.74
N PHE G 64 45.12 43.19 31.74
CA PHE G 64 46.16 44.19 31.94
C PHE G 64 45.69 45.55 31.47
N PRO G 65 44.97 46.28 32.32
CA PRO G 65 44.40 47.54 31.87
C PRO G 65 45.42 48.69 31.75
N ALA G 66 46.56 48.62 32.43
CA ALA G 66 47.64 49.60 32.31
C ALA G 66 48.22 49.74 30.89
N LEU G 67 48.07 48.74 30.01
CA LEU G 67 48.55 48.80 28.63
C LEU G 67 47.53 49.35 27.62
N THR G 68 46.35 49.81 28.06
CA THR G 68 45.25 50.30 27.18
C THR G 68 45.62 51.44 26.22
N PHE G 69 46.71 52.18 26.46
CA PHE G 69 47.14 53.30 25.61
C PHE G 69 48.62 53.22 25.19
N ILE G 70 49.28 52.06 25.36
CA ILE G 70 50.69 51.86 24.97
C ILE G 70 50.78 51.52 23.48
N TRP G 71 51.47 52.36 22.69
CA TRP G 71 51.53 52.23 21.22
C TRP G 71 52.05 50.87 20.73
N ASN G 72 52.94 50.22 21.47
CA ASN G 72 53.46 48.88 21.13
C ASN G 72 52.44 47.74 21.31
N ASN G 73 51.26 47.99 21.85
CA ASN G 73 50.26 46.95 22.15
C ASN G 73 49.14 46.83 21.10
N LEU G 74 49.19 47.56 19.99
CA LEU G 74 48.14 47.59 18.96
C LEU G 74 48.58 46.94 17.63
N PHE G 75 47.68 46.19 16.99
CA PHE G 75 47.81 45.66 15.61
C PHE G 75 46.48 45.71 14.85
N GLY G 76 46.52 45.77 13.51
CA GLY G 76 45.34 45.69 12.64
C GLY G 76 44.99 44.25 12.21
N SER G 77 43.73 43.84 12.34
CA SER G 77 43.28 42.45 12.24
C SER G 77 41.99 42.30 11.41
N CYS G 78 41.74 41.11 10.85
CA CYS G 78 40.62 40.83 9.94
C CYS G 78 39.31 40.46 10.67
N GLY G 79 38.18 40.65 10.01
CA GLY G 79 36.85 40.40 10.55
C GLY G 79 36.34 41.52 11.46
N ASP G 80 35.10 41.40 11.94
CA ASP G 80 34.39 42.40 12.73
C ASP G 80 33.29 41.75 13.60
N SER G 81 32.78 42.48 14.59
CA SER G 81 31.60 42.13 15.39
C SER G 81 30.43 43.11 15.24
N ARG G 82 30.64 44.33 14.71
CA ARG G 82 29.54 45.28 14.44
C ARG G 82 28.72 44.79 13.24
N LYS G 83 29.38 44.36 12.17
CA LYS G 83 28.83 43.34 11.26
C LYS G 83 28.95 42.00 12.00
N SER G 84 27.84 41.33 12.28
CA SER G 84 27.83 40.10 13.09
C SER G 84 28.35 38.88 12.31
N GLY G 85 28.67 37.77 12.99
CA GLY G 85 29.10 36.53 12.35
C GLY G 85 29.66 35.47 13.30
N GLY G 86 29.93 34.28 12.75
CA GLY G 86 30.54 33.12 13.43
C GLY G 86 32.04 32.97 13.18
N TRP G 87 32.78 34.08 13.09
CA TRP G 87 34.19 34.10 12.66
C TRP G 87 35.11 33.26 13.58
N SER G 88 36.09 32.57 13.01
CA SER G 88 36.73 31.40 13.65
C SER G 88 38.25 31.30 13.48
N ARG G 89 38.88 32.48 13.32
CA ARG G 89 40.33 32.57 13.25
C ARG G 89 40.83 33.95 13.69
N CYS G 90 42.14 34.11 13.93
CA CYS G 90 42.74 35.35 14.43
C CYS G 90 42.16 35.80 15.80
N GLY G 91 42.07 37.10 16.07
CA GLY G 91 41.81 37.67 17.39
C GLY G 91 40.45 37.34 18.04
N ILE G 92 39.43 36.98 17.26
CA ILE G 92 38.12 36.58 17.79
C ILE G 92 38.19 35.17 18.40
N TYR G 93 38.85 34.23 17.71
CA TYR G 93 39.04 32.86 18.19
C TYR G 93 39.99 32.79 19.39
N LYS G 94 40.97 33.70 19.45
CA LYS G 94 41.91 33.85 20.59
C LYS G 94 41.18 34.07 21.93
N ASP G 95 40.07 34.80 21.95
CA ASP G 95 39.23 34.91 23.13
C ASP G 95 38.24 33.74 23.26
N ASN G 96 37.48 33.42 22.20
CA ASN G 96 36.28 32.59 22.32
C ASN G 96 36.47 31.08 22.06
N GLY G 97 37.60 30.66 21.50
CA GLY G 97 37.83 29.26 21.10
C GLY G 97 39.12 28.62 21.63
N ALA G 98 40.12 29.42 21.91
CA ALA G 98 41.38 28.89 22.34
C ALA G 98 41.30 28.26 23.72
N GLY G 99 40.56 28.88 24.63
CA GLY G 99 40.49 28.39 25.99
C GLY G 99 41.47 29.14 26.87
N ALA G 100 42.54 28.49 27.32
CA ALA G 100 43.57 29.16 28.11
C ALA G 100 44.82 29.39 27.31
N TYR G 101 45.55 30.46 27.59
CA TYR G 101 46.81 30.69 26.90
C TYR G 101 47.77 31.63 27.61
N ASN G 102 49.04 31.25 27.69
CA ASN G 102 50.05 32.11 28.32
C ASN G 102 50.58 33.13 27.31
N ALA G 103 50.53 34.41 27.64
CA ALA G 103 50.89 35.48 26.71
C ALA G 103 52.37 35.48 26.28
N ASP G 104 53.27 34.93 27.11
CA ASP G 104 54.69 34.80 26.84
C ASP G 104 55.06 33.55 26.01
N ASP G 105 54.12 32.63 25.77
CA ASP G 105 54.33 31.44 24.93
C ASP G 105 54.03 31.66 23.43
N LEU G 106 53.66 32.88 23.01
CA LEU G 106 53.29 33.23 21.63
C LEU G 106 54.35 34.11 20.95
N ILE G 107 54.61 33.88 19.66
CA ILE G 107 55.50 34.71 18.84
C ILE G 107 54.85 36.06 18.49
N LYS G 108 55.57 37.18 18.64
CA LYS G 108 55.12 38.53 18.25
C LYS G 108 55.90 39.05 17.02
N PRO G 109 55.23 39.51 15.96
CA PRO G 109 55.87 39.76 14.66
C PRO G 109 56.78 40.99 14.54
N ASP G 110 56.99 41.78 15.60
CA ASP G 110 57.90 42.95 15.58
C ASP G 110 59.00 42.93 16.66
N GLU G 111 59.25 41.79 17.33
CA GLU G 111 60.42 41.61 18.21
C GLU G 111 61.12 40.24 18.08
N GLU G 112 60.60 39.33 17.26
CA GLU G 112 61.21 38.05 16.87
C GLU G 112 60.99 37.82 15.37
N ASN G 113 61.75 36.89 14.75
CA ASN G 113 61.50 36.48 13.37
C ASN G 113 60.82 35.10 13.32
N PRO G 114 59.58 34.98 12.80
CA PRO G 114 58.90 33.70 12.62
C PRO G 114 59.64 32.68 11.74
N ASP G 115 60.58 33.13 10.89
CA ASP G 115 61.41 32.24 10.08
C ASP G 115 62.32 31.31 10.93
N ASP G 116 62.55 31.65 12.20
CA ASP G 116 63.26 30.81 13.17
C ASP G 116 62.40 29.64 13.71
N TYR G 117 61.10 29.56 13.37
CA TYR G 117 60.16 28.61 13.97
C TYR G 117 59.27 27.83 12.98
N LEU G 118 58.94 28.37 11.80
CA LEU G 118 57.86 27.86 10.94
C LEU G 118 58.32 27.46 9.53
N LEU G 119 57.67 26.43 8.96
CA LEU G 119 57.87 25.89 7.61
C LEU G 119 56.52 25.69 6.89
N PHE G 120 56.45 26.05 5.60
CA PHE G 120 55.26 25.85 4.75
C PHE G 120 55.48 24.72 3.73
N LEU G 121 54.67 23.66 3.76
CA LEU G 121 54.75 22.55 2.80
C LEU G 121 53.96 22.86 1.52
N THR G 122 54.36 22.28 0.39
CA THR G 122 53.73 22.51 -0.92
C THR G 122 52.29 21.99 -1.00
N THR G 123 51.91 21.07 -0.12
CA THR G 123 50.52 20.61 0.07
C THR G 123 49.61 21.64 0.75
N GLY G 124 50.16 22.72 1.31
CA GLY G 124 49.42 23.82 1.96
C GLY G 124 49.39 23.78 3.49
N GLU G 125 49.99 22.79 4.14
CA GLU G 125 50.09 22.69 5.59
C GLU G 125 51.27 23.49 6.20
N VAL G 126 51.10 24.01 7.42
CA VAL G 126 52.16 24.69 8.20
C VAL G 126 52.64 23.82 9.36
N VAL G 127 53.96 23.69 9.51
CA VAL G 127 54.63 22.74 10.42
C VAL G 127 55.80 23.43 11.14
N PRO G 128 56.13 23.10 12.41
CA PRO G 128 57.37 23.55 13.06
C PRO G 128 58.63 23.24 12.23
N ALA G 129 59.61 24.13 12.25
CA ALA G 129 60.84 23.98 11.45
C ALA G 129 61.67 22.74 11.84
N ILE G 130 62.50 22.28 10.89
CA ILE G 130 63.32 21.06 11.05
C ILE G 130 64.44 21.27 12.08
N GLY G 131 64.60 20.33 13.02
CA GLY G 131 65.69 20.33 14.01
C GLY G 131 65.45 21.10 15.31
N LEU G 132 64.21 21.51 15.61
CA LEU G 132 63.86 22.26 16.82
C LEU G 132 63.99 21.42 18.11
N THR G 133 63.96 22.12 19.25
CA THR G 133 64.09 21.58 20.62
C THR G 133 63.10 22.25 21.57
N GLY G 134 62.84 21.65 22.74
CA GLY G 134 61.63 21.84 23.56
C GLY G 134 61.13 23.27 23.74
N ARG G 135 62.00 24.23 24.09
CA ARG G 135 61.59 25.63 24.33
C ARG G 135 61.13 26.35 23.06
N ALA G 136 61.86 26.19 21.96
CA ALA G 136 61.43 26.70 20.66
C ALA G 136 60.20 25.95 20.14
N LEU G 137 60.13 24.63 20.37
CA LEU G 137 59.04 23.78 19.93
C LEU G 137 57.69 24.21 20.51
N LYS G 138 57.60 24.48 21.83
CA LYS G 138 56.32 24.92 22.42
C LYS G 138 55.83 26.28 21.89
N LYS G 139 56.73 27.22 21.56
CA LYS G 139 56.35 28.48 20.90
C LYS G 139 55.69 28.21 19.55
N ALA G 140 56.30 27.37 18.71
CA ALA G 140 55.75 27.04 17.41
C ALA G 140 54.37 26.37 17.54
N GLN G 141 54.24 25.38 18.42
CA GLN G 141 52.99 24.65 18.63
C GLN G 141 51.84 25.54 19.13
N GLU G 142 52.02 26.31 20.20
CA GLU G 142 50.94 27.16 20.72
C GLU G 142 50.57 28.29 19.75
N THR G 143 51.54 28.85 19.02
CA THR G 143 51.26 29.88 18.01
C THR G 143 50.38 29.35 16.88
N ILE G 144 50.61 28.11 16.43
CA ILE G 144 49.76 27.47 15.41
C ILE G 144 48.37 27.15 15.97
N ARG G 145 48.24 26.76 17.22
CA ARG G 145 46.91 26.39 17.73
C ARG G 145 46.04 27.57 18.10
N VAL G 146 46.57 28.54 18.83
CA VAL G 146 45.75 29.64 19.34
C VAL G 146 45.16 30.50 18.22
N PHE G 147 45.88 30.71 17.11
CA PHE G 147 45.38 31.42 15.94
C PHE G 147 44.67 30.52 14.90
N ASN G 148 44.55 29.21 15.14
CA ASN G 148 43.81 28.26 14.29
C ASN G 148 44.36 28.13 12.84
N LEU G 149 45.68 28.20 12.64
CA LEU G 149 46.29 28.40 11.30
C LEU G 149 46.19 27.21 10.33
N ASN G 150 45.85 26.01 10.81
CA ASN G 150 45.58 24.82 9.97
C ASN G 150 44.11 24.35 10.03
N GLY G 151 43.25 24.96 10.86
CA GLY G 151 41.90 24.44 11.17
C GLY G 151 40.73 25.12 10.46
N ASP G 152 40.84 26.36 9.99
CA ASP G 152 39.80 26.99 9.19
C ASP G 152 39.86 26.50 7.73
N ILE G 153 38.86 25.74 7.29
CA ILE G 153 38.86 25.09 5.96
C ILE G 153 38.90 26.11 4.82
N LYS G 154 38.28 27.30 4.99
CA LYS G 154 38.37 28.38 4.00
C LYS G 154 39.80 28.90 3.82
N LEU G 155 40.58 28.98 4.89
CA LEU G 155 41.98 29.40 4.82
C LEU G 155 42.84 28.30 4.20
N PHE G 156 42.67 27.05 4.64
CA PHE G 156 43.43 25.91 4.11
C PHE G 156 43.25 25.74 2.61
N GLY G 157 42.01 25.73 2.11
CA GLY G 157 41.70 25.56 0.70
C GLY G 157 42.21 26.69 -0.20
N SER G 158 42.09 27.94 0.26
CA SER G 158 42.62 29.10 -0.47
C SER G 158 44.14 29.08 -0.55
N ARG G 159 44.85 28.85 0.54
CA ARG G 159 46.29 28.86 0.48
C ARG G 159 46.81 27.74 -0.40
N ARG G 160 46.30 26.53 -0.22
CA ARG G 160 46.70 25.41 -1.08
C ARG G 160 46.55 25.72 -2.57
N THR G 161 45.42 26.32 -2.97
CA THR G 161 45.14 26.62 -4.38
C THR G 161 46.08 27.69 -4.94
N ALA G 162 46.45 28.70 -4.15
CA ALA G 162 47.35 29.77 -4.57
C ALA G 162 48.75 29.27 -4.93
N VAL G 163 49.34 28.35 -4.15
CA VAL G 163 50.66 27.77 -4.44
C VAL G 163 50.58 26.81 -5.63
N GLN G 164 49.56 25.97 -5.71
CA GLN G 164 49.44 24.96 -6.78
C GLN G 164 49.32 25.59 -8.19
N ALA G 165 48.85 26.83 -8.31
CA ALA G 165 48.76 27.54 -9.60
C ALA G 165 50.11 28.01 -10.19
N ILE G 166 51.17 28.19 -9.38
CA ILE G 166 52.46 28.69 -9.87
C ILE G 166 53.45 27.60 -10.31
N MET G 167 53.21 26.33 -9.97
CA MET G 167 54.21 25.27 -10.12
C MET G 167 54.73 25.04 -11.56
N PRO G 168 53.90 25.09 -12.62
CA PRO G 168 54.38 24.99 -14.00
C PRO G 168 55.38 26.09 -14.41
N ASN G 169 55.31 27.25 -13.76
CA ASN G 169 56.25 28.36 -13.94
C ASN G 169 57.58 28.08 -13.22
N VAL G 170 57.51 27.60 -11.98
CA VAL G 170 58.71 27.26 -11.17
C VAL G 170 59.56 26.17 -11.83
N GLU G 171 58.99 25.26 -12.59
CA GLU G 171 59.83 24.24 -13.19
C GLU G 171 60.41 24.62 -14.53
N TYR G 172 59.95 25.69 -15.12
CA TYR G 172 60.43 26.10 -16.44
C TYR G 172 61.73 26.76 -16.25
N LEU G 173 61.82 27.59 -15.24
CA LEU G 173 63.08 28.16 -14.91
C LEU G 173 63.69 27.04 -14.09
N TYR G 174 64.80 27.27 -13.44
CA TYR G 174 65.50 26.24 -12.63
C TYR G 174 65.89 25.05 -13.43
N THR G 175 65.79 25.18 -14.76
CA THR G 175 66.10 24.05 -15.62
C THR G 175 66.65 24.63 -16.91
N LEU G 176 67.22 25.83 -16.85
CA LEU G 176 67.80 26.46 -17.99
C LEU G 176 69.12 27.04 -17.58
N LEU G 177 69.61 26.64 -16.42
CA LEU G 177 70.84 27.25 -15.88
C LEU G 177 72.11 26.88 -16.67
N GLU G 178 72.04 25.87 -17.54
CA GLU G 178 73.09 25.55 -18.52
C GLU G 178 73.06 26.41 -19.80
N GLU G 179 71.94 27.08 -20.11
CA GLU G 179 71.84 27.98 -21.27
C GLU G 179 72.23 29.43 -20.94
N PHE G 180 71.90 29.93 -19.75
CA PHE G 180 72.15 31.32 -19.33
C PHE G 180 73.52 31.52 -18.65
N ASP G 181 74.03 32.74 -18.74
CA ASP G 181 75.24 33.16 -18.03
C ASP G 181 75.00 33.26 -16.50
N GLU G 182 76.07 33.16 -15.73
CA GLU G 182 76.01 33.02 -14.27
C GLU G 182 75.35 34.21 -13.54
N ASP G 183 75.43 35.41 -14.11
CA ASP G 183 74.74 36.61 -13.63
C ASP G 183 73.36 36.77 -14.27
N ASP G 184 73.20 36.51 -15.57
CA ASP G 184 71.89 36.55 -16.24
C ASP G 184 70.86 35.63 -15.57
N TRP G 185 71.27 34.44 -15.13
CA TRP G 185 70.37 33.53 -14.42
C TRP G 185 69.94 34.07 -13.04
N ASN G 186 70.76 34.91 -12.38
CA ASN G 186 70.32 35.61 -11.18
C ASN G 186 69.23 36.65 -11.50
N GLU G 187 69.43 37.46 -12.54
CA GLU G 187 68.44 38.46 -12.95
C GLU G 187 67.10 37.80 -13.33
N MET G 188 67.16 36.65 -14.01
CA MET G 188 65.99 35.84 -14.34
C MET G 188 65.21 35.31 -13.12
N LEU G 189 65.80 35.53 -11.89
CA LEU G 189 65.13 35.15 -10.65
C LEU G 189 64.65 36.36 -9.88
N ARG G 190 65.37 37.44 -9.90
CA ARG G 190 64.96 38.69 -9.20
C ARG G 190 63.68 39.27 -9.77
N ASP G 191 63.50 39.17 -11.07
CA ASP G 191 62.25 39.60 -11.72
C ASP G 191 61.01 38.84 -11.21
N GLU G 192 61.16 37.71 -10.53
CA GLU G 192 60.05 37.01 -9.90
C GLU G 192 59.79 37.53 -8.49
N LEU G 193 60.80 37.51 -7.62
CA LEU G 193 60.69 37.96 -6.23
C LEU G 193 60.28 39.44 -6.10
N GLU G 194 60.54 40.27 -7.11
CA GLU G 194 60.10 41.67 -7.12
C GLU G 194 58.58 41.83 -7.20
N LYS G 195 57.83 40.91 -7.83
CA LYS G 195 56.36 40.99 -7.88
C LYS G 195 55.71 40.58 -6.55
N ILE G 196 56.25 39.54 -5.90
CA ILE G 196 55.60 38.82 -4.79
C ILE G 196 55.30 39.71 -3.57
N GLU G 197 56.00 40.84 -3.41
CA GLU G 197 55.68 41.83 -2.36
C GLU G 197 54.28 42.45 -2.51
N SER G 198 53.64 42.33 -3.68
CA SER G 198 52.30 42.85 -3.99
C SER G 198 51.17 41.80 -4.01
N ASP G 199 51.43 40.52 -3.79
CA ASP G 199 50.32 39.56 -3.77
C ASP G 199 49.96 39.01 -2.40
N GLU G 200 48.97 38.01 -2.46
CA GLU G 200 48.50 37.43 -1.23
C GLU G 200 49.31 36.27 -0.74
N TYR G 201 49.24 36.05 0.62
CA TYR G 201 49.95 34.90 1.11
C TYR G 201 51.34 34.88 0.53
N LYS G 202 52.16 35.87 0.85
CA LYS G 202 53.49 35.95 0.23
C LYS G 202 54.49 34.93 0.75
N THR G 203 54.50 34.72 2.06
CA THR G 203 55.47 33.81 2.67
C THR G 203 55.49 32.44 2.00
N ALA G 204 54.33 31.85 1.72
CA ALA G 204 54.26 30.55 1.05
C ALA G 204 54.84 30.60 -0.37
N LEU G 205 54.60 31.69 -1.11
CA LEU G 205 55.16 31.88 -2.45
C LEU G 205 56.69 32.03 -2.41
N LYS G 206 57.24 32.72 -1.41
CA LYS G 206 58.69 32.84 -1.20
C LYS G 206 59.36 31.49 -0.95
N HIS G 207 58.76 30.61 -0.14
CA HIS G 207 59.32 29.28 0.16
C HIS G 207 59.37 28.34 -1.06
N ALA G 208 58.60 28.57 -2.12
CA ALA G 208 58.73 27.81 -3.36
C ALA G 208 59.94 28.24 -4.20
N TRP G 209 60.10 29.55 -4.45
CA TRP G 209 61.18 30.08 -5.30
C TRP G 209 62.58 30.01 -4.69
N THR G 210 62.74 30.30 -3.40
CA THR G 210 64.06 30.47 -2.77
C THR G 210 64.88 29.18 -2.66
N PHE G 211 66.19 29.28 -2.39
CA PHE G 211 67.06 28.13 -2.09
C PHE G 211 67.88 28.26 -0.79
N ASN G 212 67.97 29.45 -0.19
CA ASN G 212 68.66 29.71 1.08
C ASN G 212 68.21 31.06 1.67
N GLN G 213 68.49 31.36 2.95
CA GLN G 213 68.38 32.72 3.50
C GLN G 213 69.32 33.71 2.80
N GLU G 214 70.42 33.23 2.19
CA GLU G 214 71.23 33.98 1.23
C GLU G 214 70.45 34.24 -0.08
N PHE G 215 70.21 35.51 -0.41
CA PHE G 215 69.63 35.94 -1.68
C PHE G 215 70.63 35.85 -2.85
N ALA G 216 70.11 35.75 -4.08
CA ALA G 216 70.92 35.74 -5.32
C ALA G 216 70.19 36.42 -6.49
#